data_4D0Z
#
_entry.id   4D0Z
#
_cell.length_a   116.485
_cell.length_b   121.143
_cell.length_c   249.387
_cell.angle_alpha   90.00
_cell.angle_beta   90.00
_cell.angle_gamma   90.00
#
_symmetry.space_group_name_H-M   'P 21 21 21'
#
loop_
_entity.id
_entity.type
_entity.pdbx_description
1 polymer 'POLYPEPTIDE N-ACETYLGALACTOSAMINYLTRANSFERASE 2'
2 polymer PEPTIDE
3 non-polymer 'MANGANESE (II) ION'
4 non-polymer 1,2-ETHANEDIOL
5 non-polymer 2-acetamido-2-deoxy-5-thio-alpha-D-galactopyranose
6 non-polymer '(2R,3R,4R,5R,6R)-3-(acetylamino)-4,5-dihydroxy-6-(hydroxymethyl)tetrahydro-2H-thiopyran-2-yl [(2R,3S,4R,5R)-5-(2,4-dioxo-3,4-dihydropyrimidin-1(2H)-yl)-3,4-dihydroxytetrahydrofuran-2-yl]methyl dihydrogen diphosphate'
7 water water
#
loop_
_entity_poly.entity_id
_entity_poly.type
_entity_poly.pdbx_seq_one_letter_code
_entity_poly.pdbx_strand_id
1 'polypeptide(L)'
;MRRRSRMLLCFAFLWVLGIAYYMYSGGGSALAGGAGGGAGRKEDWNEIDPIKKKDLHHSNGEEKAQSMETLPPGKVRWPD
FNQEAYVGGTMVRSGQDPYARNKFNQVESDKLRMDRAIPDTRHDQCQRKQWRVDLPATSVVITFHNEARSALLRTVVSVL
KKSPPHLIKEIILVDDYSNDPEDGALLGKIEKVRVLRNDRREGLMRSRVRGADAAQAKVLTFLDSHCECNEHWLEPLLER
VAEDRTRVVSPIIDVINMDNFQYVGASADLKGGFDWNLVFKWDYMTPEQRRSRQGNPVAPIKTPMIAGGLFVMDKFYFEE
LGKYDMMMDVWGGENLEISFRVWQCGGSLEIIPCSRVGHVFRKQHPYTFPGGSGTVFARNTRRAAEVWMDEYKNFYYAAV
PSARNVPYGNIQSRLELRKKLSCKPFKWYLENVYPELRVPDHQDIAFGALQQGTNCLDTLGHFADGVVGVYECHNAGGNQ
EWALTKEKSVKHMDLCLTVVDRAPGSLIKLQGCREDDSRQKWEQIEGNSKLRHVGSNLCLDSRTAKSGGLSVEVCGPALS
QQWKFTLNLQQ
;
A,B,C,D,E,F
2 'polypeptide(L)' STCPAA X,Y
#
# COMPACT_ATOMS: atom_id res chain seq x y z
N LYS A 75 71.23 41.42 -1.14
CA LYS A 75 69.78 41.68 -0.98
C LYS A 75 69.20 42.19 -2.29
N VAL A 76 67.96 41.80 -2.60
CA VAL A 76 67.40 42.01 -3.94
C VAL A 76 66.03 42.65 -3.80
N ARG A 77 65.74 43.63 -4.64
CA ARG A 77 64.43 44.24 -4.60
C ARG A 77 63.39 43.18 -5.03
N TRP A 78 62.16 43.28 -4.54
CA TRP A 78 61.21 42.16 -4.76
C TRP A 78 60.91 41.87 -6.20
N PRO A 79 60.82 42.91 -7.06
CA PRO A 79 60.59 42.55 -8.46
C PRO A 79 61.71 41.73 -9.11
N ASP A 80 62.90 41.80 -8.54
CA ASP A 80 64.01 41.04 -9.08
C ASP A 80 64.05 39.60 -8.54
N PHE A 81 63.21 39.27 -7.58
CA PHE A 81 63.27 37.92 -6.99
C PHE A 81 62.81 36.89 -8.00
N ASN A 82 63.51 35.76 -8.03
CA ASN A 82 63.25 34.76 -9.07
C ASN A 82 62.17 33.80 -8.63
N GLN A 83 60.92 34.19 -8.88
CA GLN A 83 59.78 33.40 -8.50
C GLN A 83 59.79 32.01 -9.07
N GLU A 84 60.14 31.89 -10.35
CA GLU A 84 60.05 30.60 -11.05
C GLU A 84 61.05 29.63 -10.44
N ALA A 85 62.25 30.09 -10.08
CA ALA A 85 63.22 29.21 -9.47
C ALA A 85 62.74 28.77 -8.06
N TYR A 86 62.24 29.73 -7.29
CA TYR A 86 61.80 29.51 -5.92
C TYR A 86 60.63 28.51 -5.89
N VAL A 87 59.57 28.80 -6.63
CA VAL A 87 58.38 27.94 -6.64
C VAL A 87 58.62 26.61 -7.40
N GLY A 88 59.42 26.67 -8.45
CA GLY A 88 59.75 25.49 -9.24
C GLY A 88 60.42 24.49 -8.33
N GLY A 89 60.17 23.22 -8.54
CA GLY A 89 60.80 22.26 -7.63
C GLY A 89 60.19 22.14 -6.22
N THR A 90 59.09 22.83 -5.96
CA THR A 90 58.11 22.30 -5.00
C THR A 90 56.75 22.12 -5.69
N MET A 91 56.73 22.17 -7.03
CA MET A 91 55.47 22.11 -7.74
C MET A 91 54.84 20.74 -7.62
N VAL A 92 53.54 20.68 -7.81
CA VAL A 92 52.79 19.46 -7.76
C VAL A 92 53.23 18.61 -8.93
N ARG A 93 53.70 17.39 -8.67
CA ARG A 93 54.15 16.51 -9.76
C ARG A 93 52.99 15.94 -10.52
N SER A 94 53.26 15.54 -11.75
CA SER A 94 52.24 15.03 -12.63
C SER A 94 51.56 13.81 -11.99
N GLY A 95 50.23 13.82 -12.01
CA GLY A 95 49.42 12.78 -11.40
C GLY A 95 49.29 12.83 -9.88
N GLN A 96 49.82 13.86 -9.22
CA GLN A 96 49.64 13.96 -7.77
C GLN A 96 48.45 14.83 -7.39
N ASP A 97 47.99 14.70 -6.16
CA ASP A 97 46.82 15.37 -5.67
C ASP A 97 47.16 16.82 -5.31
N PRO A 98 46.51 17.81 -5.94
CA PRO A 98 46.97 19.18 -5.75
C PRO A 98 46.56 19.81 -4.41
N TYR A 99 45.73 19.10 -3.65
CA TYR A 99 45.23 19.51 -2.36
C TYR A 99 45.91 18.87 -1.14
N ALA A 100 46.69 17.81 -1.35
CA ALA A 100 47.16 16.99 -0.20
C ALA A 100 48.08 17.75 0.80
N ARG A 101 49.07 18.46 0.29
CA ARG A 101 50.04 19.15 1.12
C ARG A 101 49.46 20.32 1.91
N ASN A 102 48.57 21.11 1.30
CA ASN A 102 48.14 22.36 1.89
C ASN A 102 46.66 22.47 2.23
N LYS A 103 45.87 21.54 1.76
CA LYS A 103 44.42 21.63 1.89
C LYS A 103 43.81 22.82 1.14
N PHE A 104 44.54 23.27 0.13
CA PHE A 104 44.06 24.16 -0.87
C PHE A 104 44.73 23.76 -2.20
N ASN A 105 44.26 24.31 -3.29
CA ASN A 105 44.72 23.88 -4.60
C ASN A 105 46.03 24.51 -4.94
N GLN A 106 47.12 23.74 -4.80
CA GLN A 106 48.45 24.31 -5.01
C GLN A 106 48.72 24.58 -6.48
N VAL A 107 48.09 23.85 -7.36
CA VAL A 107 48.31 24.07 -8.78
C VAL A 107 47.82 25.48 -9.11
N GLU A 108 46.65 25.84 -8.60
CA GLU A 108 46.12 27.18 -8.90
C GLU A 108 46.93 28.27 -8.22
N SER A 109 47.42 28.02 -6.99
CA SER A 109 48.30 28.98 -6.33
C SER A 109 49.59 29.18 -7.09
N ASP A 110 50.16 28.08 -7.58
CA ASP A 110 51.44 28.14 -8.30
C ASP A 110 51.37 28.80 -9.71
N LYS A 111 50.23 28.81 -10.36
CA LYS A 111 50.06 29.53 -11.66
C LYS A 111 50.10 31.06 -11.54
N LEU A 112 49.84 31.60 -10.36
CA LEU A 112 49.68 33.03 -10.15
C LEU A 112 51.00 33.73 -10.07
N ARG A 113 51.07 34.92 -10.64
CA ARG A 113 52.22 35.78 -10.41
C ARG A 113 52.33 36.22 -8.94
N MET A 114 53.56 36.40 -8.47
CA MET A 114 53.80 36.79 -7.13
C MET A 114 53.15 38.16 -6.77
N ASP A 115 52.89 38.98 -7.79
CA ASP A 115 52.25 40.25 -7.63
C ASP A 115 51.01 40.38 -8.49
N ARG A 116 50.24 39.31 -8.59
CA ARG A 116 49.05 39.34 -9.45
C ARG A 116 48.09 40.42 -9.07
N ALA A 117 47.40 40.95 -10.05
CA ALA A 117 46.43 42.01 -9.84
C ALA A 117 45.20 41.44 -9.21
N ILE A 118 44.59 42.19 -8.31
CA ILE A 118 43.41 41.79 -7.61
C ILE A 118 42.44 42.96 -7.64
N PRO A 119 41.15 42.67 -7.57
CA PRO A 119 40.19 43.76 -7.63
C PRO A 119 40.21 44.61 -6.35
N ASP A 120 39.95 45.90 -6.51
CA ASP A 120 39.89 46.84 -5.40
C ASP A 120 38.51 46.70 -4.80
N THR A 121 38.42 46.08 -3.63
CA THR A 121 37.15 45.77 -3.02
C THR A 121 36.69 46.80 -2.00
N ARG A 122 37.47 47.87 -1.82
CA ARG A 122 37.11 48.92 -0.86
C ARG A 122 35.87 49.72 -1.27
N HIS A 123 35.12 50.18 -0.28
CA HIS A 123 34.09 51.20 -0.51
C HIS A 123 34.64 52.42 -1.29
N ASP A 124 33.79 53.01 -2.11
CA ASP A 124 34.17 54.20 -2.92
C ASP A 124 34.78 55.35 -2.12
N GLN A 125 34.24 55.57 -0.94
CA GLN A 125 34.70 56.58 -0.02
C GLN A 125 36.17 56.39 0.36
N CYS A 126 36.63 55.13 0.47
CA CYS A 126 38.03 54.85 0.82
C CYS A 126 38.90 55.21 -0.32
N GLN A 127 38.41 54.92 -1.51
CA GLN A 127 39.18 55.09 -2.72
C GLN A 127 39.51 56.57 -2.96
N ARG A 128 38.69 57.48 -2.42
CA ARG A 128 38.89 58.93 -2.61
C ARG A 128 39.76 59.57 -1.53
N LYS A 129 39.76 58.98 -0.33
CA LYS A 129 40.57 59.52 0.75
C LYS A 129 42.06 59.54 0.40
N GLN A 130 42.77 60.55 0.90
CA GLN A 130 44.21 60.62 0.80
C GLN A 130 44.74 60.36 2.18
N TRP A 131 45.47 59.26 2.30
CA TRP A 131 45.84 58.73 3.61
C TRP A 131 47.08 59.45 4.11
N ARG A 132 47.07 59.82 5.37
CA ARG A 132 48.30 60.24 6.02
C ARG A 132 49.37 59.17 5.87
N VAL A 133 50.58 59.62 5.99
CA VAL A 133 51.72 58.81 5.76
C VAL A 133 52.83 59.17 6.81
N ASP A 134 52.58 60.19 7.65
CA ASP A 134 53.41 60.58 8.81
C ASP A 134 52.99 59.76 10.03
N LEU A 135 53.28 58.47 9.91
CA LEU A 135 52.73 57.45 10.78
C LEU A 135 53.89 56.62 11.22
N PRO A 136 53.74 55.91 12.30
CA PRO A 136 54.83 55.04 12.67
C PRO A 136 54.98 53.84 11.72
N ALA A 137 56.22 53.45 11.44
CA ALA A 137 56.46 52.26 10.69
C ALA A 137 56.08 51.01 11.48
N THR A 138 55.84 49.90 10.76
CA THR A 138 55.52 48.62 11.42
C THR A 138 56.52 47.54 11.09
N SER A 139 56.66 46.60 12.00
CA SER A 139 57.32 45.33 11.75
C SER A 139 56.21 44.29 11.52
N VAL A 140 56.22 43.67 10.34
CA VAL A 140 55.24 42.67 9.93
C VAL A 140 55.72 41.28 10.29
N VAL A 141 54.95 40.57 11.11
CA VAL A 141 55.37 39.26 11.56
C VAL A 141 54.49 38.19 10.89
N ILE A 142 55.13 37.24 10.21
CA ILE A 142 54.40 36.18 9.50
C ILE A 142 55.02 34.83 9.92
N THR A 143 54.27 34.01 10.64
CA THR A 143 54.74 32.73 11.07
C THR A 143 54.24 31.71 10.05
N PHE A 144 54.95 30.62 9.87
CA PHE A 144 54.50 29.57 8.95
C PHE A 144 55.11 28.24 9.27
N HIS A 145 54.36 27.18 9.00
CA HIS A 145 54.83 25.81 9.11
C HIS A 145 54.42 25.04 7.84
N ASN A 146 55.39 24.72 6.98
CA ASN A 146 55.12 24.04 5.72
C ASN A 146 54.08 24.70 4.79
N GLU A 147 54.29 25.99 4.53
CA GLU A 147 53.38 26.77 3.68
C GLU A 147 53.78 26.47 2.25
N ALA A 148 52.84 26.58 1.33
CA ALA A 148 53.20 26.54 -0.09
C ALA A 148 54.07 27.76 -0.42
N ARG A 149 55.15 27.52 -1.09
CA ARG A 149 56.04 28.57 -1.52
C ARG A 149 55.32 29.69 -2.28
N SER A 150 54.42 29.35 -3.18
CA SER A 150 53.76 30.40 -4.00
C SER A 150 52.96 31.32 -3.13
N ALA A 151 52.26 30.76 -2.18
CA ALA A 151 51.42 31.59 -1.30
C ALA A 151 52.25 32.44 -0.30
N LEU A 152 53.29 31.85 0.24
CA LEU A 152 54.19 32.57 1.18
C LEU A 152 54.82 33.76 0.48
N LEU A 153 55.39 33.50 -0.69
CA LEU A 153 56.01 34.59 -1.50
C LEU A 153 55.02 35.68 -1.85
N ARG A 154 53.80 35.28 -2.23
CA ARG A 154 52.81 36.25 -2.59
C ARG A 154 52.42 37.14 -1.39
N THR A 155 52.36 36.53 -0.21
CA THR A 155 52.02 37.29 0.94
C THR A 155 53.08 38.38 1.14
N VAL A 156 54.32 37.99 1.11
CA VAL A 156 55.43 38.91 1.30
C VAL A 156 55.46 40.00 0.22
N VAL A 157 55.29 39.61 -1.06
CA VAL A 157 55.25 40.66 -2.04
C VAL A 157 54.06 41.59 -1.99
N SER A 158 52.87 41.12 -1.61
CA SER A 158 51.78 42.02 -1.49
C SER A 158 52.06 43.09 -0.38
N VAL A 159 52.70 42.69 0.68
CA VAL A 159 53.07 43.67 1.70
C VAL A 159 54.01 44.75 1.10
N LEU A 160 55.05 44.30 0.43
CA LEU A 160 56.06 45.23 -0.05
C LEU A 160 55.51 46.09 -1.18
N LYS A 161 54.65 45.53 -2.01
CA LYS A 161 54.13 46.29 -3.12
C LYS A 161 53.05 47.28 -2.71
N LYS A 162 52.18 46.91 -1.78
CA LYS A 162 51.01 47.73 -1.54
C LYS A 162 51.22 48.74 -0.39
N SER A 163 52.35 48.66 0.30
CA SER A 163 52.59 49.50 1.47
C SER A 163 53.56 50.64 1.12
N PRO A 164 53.33 51.87 1.60
CA PRO A 164 54.44 52.88 1.47
C PRO A 164 55.71 52.36 2.08
N PRO A 165 56.79 52.39 1.33
CA PRO A 165 58.01 51.76 1.80
C PRO A 165 58.50 52.25 3.15
N HIS A 166 58.37 53.54 3.43
CA HIS A 166 58.88 54.06 4.72
C HIS A 166 58.06 53.53 5.91
N LEU A 167 56.89 52.92 5.66
CA LEU A 167 56.07 52.42 6.77
C LEU A 167 56.30 50.93 7.02
N ILE A 168 57.14 50.30 6.19
CA ILE A 168 57.56 48.94 6.45
C ILE A 168 59.01 48.95 6.94
N LYS A 169 59.16 48.74 8.23
CA LYS A 169 60.47 48.68 8.82
C LYS A 169 61.13 47.38 8.43
N GLU A 170 60.37 46.29 8.51
CA GLU A 170 60.89 44.97 8.22
C GLU A 170 59.72 43.97 8.08
N ILE A 171 59.99 42.83 7.44
CA ILE A 171 59.07 41.70 7.46
C ILE A 171 59.79 40.54 8.10
N ILE A 172 59.27 40.04 9.21
CA ILE A 172 59.91 38.97 9.96
C ILE A 172 59.14 37.72 9.73
N LEU A 173 59.79 36.78 9.08
CA LEU A 173 59.25 35.50 8.81
C LEU A 173 59.73 34.54 9.89
N VAL A 174 58.80 33.95 10.63
CA VAL A 174 59.14 32.93 11.58
C VAL A 174 58.81 31.55 11.05
N ASP A 175 59.84 30.86 10.63
CA ASP A 175 59.73 29.51 10.12
C ASP A 175 59.57 28.57 11.28
N ASP A 176 58.36 28.10 11.52
CA ASP A 176 58.09 27.25 12.67
C ASP A 176 58.35 25.79 12.34
N TYR A 177 59.64 25.47 12.19
CA TYR A 177 60.13 24.12 11.99
C TYR A 177 59.55 23.43 10.75
N SER A 178 59.59 24.13 9.62
CA SER A 178 59.16 23.57 8.33
C SER A 178 60.08 22.43 7.97
N ASN A 179 59.57 21.40 7.31
CA ASN A 179 60.43 20.30 6.85
C ASN A 179 61.68 20.84 6.08
N ASP A 180 61.47 21.75 5.13
CA ASP A 180 62.56 22.30 4.33
C ASP A 180 62.93 23.76 4.76
N PRO A 181 64.12 23.95 5.34
CA PRO A 181 64.50 25.26 5.81
C PRO A 181 64.64 26.27 4.69
N GLU A 182 64.79 25.79 3.44
CA GLU A 182 64.93 26.70 2.30
C GLU A 182 63.69 27.49 1.95
N ASP A 183 62.49 27.00 2.34
CA ASP A 183 61.26 27.78 2.14
C ASP A 183 61.45 29.21 2.69
N GLY A 184 61.91 29.30 3.92
CA GLY A 184 62.16 30.57 4.52
C GLY A 184 63.48 31.21 4.07
N ALA A 185 64.56 30.44 4.05
CA ALA A 185 65.88 31.02 3.94
C ALA A 185 66.02 31.71 2.59
N LEU A 186 65.45 31.12 1.53
CA LEU A 186 65.56 31.73 0.20
C LEU A 186 64.86 33.11 0.12
N LEU A 187 63.81 33.32 0.92
CA LEU A 187 63.15 34.63 0.91
C LEU A 187 63.98 35.70 1.63
N GLY A 188 64.96 35.25 2.40
CA GLY A 188 65.89 36.14 3.13
C GLY A 188 66.71 37.06 2.23
N LYS A 189 66.88 36.69 0.97
CA LYS A 189 67.49 37.57 -0.02
C LYS A 189 66.70 38.86 -0.28
N ILE A 190 65.40 38.86 -0.02
CA ILE A 190 64.57 39.98 -0.41
C ILE A 190 64.73 41.10 0.58
N GLU A 191 64.80 42.31 0.03
CA GLU A 191 64.87 43.56 0.79
C GLU A 191 63.88 43.51 1.93
N LYS A 192 64.34 43.90 3.10
CA LYS A 192 63.52 44.05 4.29
C LYS A 192 63.07 42.75 4.97
N VAL A 193 63.36 41.59 4.36
CA VAL A 193 62.99 40.33 4.94
C VAL A 193 64.04 39.74 5.87
N ARG A 194 63.60 39.41 7.06
CA ARG A 194 64.43 38.72 8.04
CA ARG A 194 64.44 38.73 8.05
C ARG A 194 63.81 37.38 8.32
N VAL A 195 64.60 36.34 8.37
CA VAL A 195 64.08 35.04 8.74
C VAL A 195 64.66 34.41 9.99
N LEU A 196 63.74 33.95 10.83
CA LEU A 196 64.04 33.38 12.13
C LEU A 196 63.51 31.96 12.05
N ARG A 197 64.35 30.96 12.28
CA ARG A 197 63.93 29.58 12.25
C ARG A 197 63.82 28.99 13.62
N ASN A 198 62.65 28.43 13.95
CA ASN A 198 62.54 27.64 15.16
C ASN A 198 63.19 26.29 14.90
N ASP A 199 64.02 25.83 15.83
CA ASP A 199 64.75 24.60 15.64
C ASP A 199 63.98 23.44 16.24
N ARG A 200 62.85 23.72 16.84
CA ARG A 200 61.78 22.71 17.01
C ARG A 200 60.39 23.33 16.80
N ARG A 201 59.36 22.51 16.64
CA ARG A 201 58.01 23.03 16.48
C ARG A 201 57.55 23.79 17.74
N GLU A 202 57.05 25.01 17.58
CA GLU A 202 56.61 25.85 18.69
C GLU A 202 55.16 26.25 18.62
N GLY A 203 54.55 26.19 17.43
CA GLY A 203 53.18 26.61 17.29
C GLY A 203 53.07 28.08 17.07
N LEU A 204 51.87 28.50 16.75
CA LEU A 204 51.75 29.89 16.25
C LEU A 204 51.85 30.95 17.36
N MET A 205 51.42 30.62 18.57
CA MET A 205 51.45 31.59 19.65
C MET A 205 52.90 31.93 20.05
N ARG A 206 53.72 30.91 20.27
CA ARG A 206 55.12 31.13 20.61
C ARG A 206 55.91 31.71 19.42
N SER A 207 55.55 31.33 18.20
CA SER A 207 56.23 31.87 17.02
C SER A 207 55.91 33.34 16.86
N ARG A 208 54.66 33.73 17.07
CA ARG A 208 54.34 35.13 17.02
C ARG A 208 55.10 35.93 18.09
N VAL A 209 55.19 35.38 19.30
CA VAL A 209 55.88 36.10 20.36
C VAL A 209 57.35 36.26 19.99
N ARG A 210 57.96 35.20 19.46
CA ARG A 210 59.34 35.31 19.06
C ARG A 210 59.52 36.44 18.01
N GLY A 211 58.61 36.55 17.06
CA GLY A 211 58.71 37.55 16.04
C GLY A 211 58.55 38.93 16.66
N ALA A 212 57.57 39.05 17.52
CA ALA A 212 57.33 40.30 18.22
C ALA A 212 58.52 40.74 19.05
N ASP A 213 59.17 39.80 19.73
CA ASP A 213 60.37 40.12 20.54
C ASP A 213 61.51 40.65 19.67
N ALA A 214 61.61 40.15 18.44
CA ALA A 214 62.69 40.56 17.53
C ALA A 214 62.41 41.88 16.80
N ALA A 215 61.16 42.33 16.84
CA ALA A 215 60.75 43.48 16.08
C ALA A 215 61.42 44.79 16.55
N GLN A 216 61.78 45.63 15.60
CA GLN A 216 62.42 46.90 15.89
C GLN A 216 61.48 48.07 15.80
N ALA A 217 60.32 47.93 15.14
CA ALA A 217 59.43 49.07 14.99
C ALA A 217 58.55 49.25 16.23
N LYS A 218 57.85 50.37 16.29
CA LYS A 218 56.93 50.63 17.38
C LYS A 218 55.62 49.89 17.26
N VAL A 219 55.26 49.49 16.05
CA VAL A 219 53.92 48.86 15.81
C VAL A 219 54.10 47.49 15.19
N LEU A 220 53.40 46.51 15.72
CA LEU A 220 53.38 45.16 15.17
C LEU A 220 52.21 44.92 14.21
N THR A 221 52.47 44.23 13.11
CA THR A 221 51.41 43.78 12.22
C THR A 221 51.55 42.23 12.07
N PHE A 222 50.50 41.47 12.36
CA PHE A 222 50.50 40.04 12.14
C PHE A 222 49.66 39.67 10.92
N LEU A 223 50.20 38.79 10.07
CA LEU A 223 49.48 38.20 8.96
C LEU A 223 49.74 36.70 8.85
N ASP A 224 48.72 35.91 8.46
CA ASP A 224 48.91 34.51 8.10
C ASP A 224 49.77 34.44 6.87
N SER A 225 50.36 33.27 6.63
CA SER A 225 51.26 33.06 5.50
C SER A 225 50.63 32.74 4.13
N HIS A 226 49.35 33.06 3.96
CA HIS A 226 48.63 32.90 2.68
C HIS A 226 47.62 34.04 2.59
N CYS A 227 48.11 35.28 2.58
CA CYS A 227 47.29 36.49 2.49
C CYS A 227 47.71 37.34 1.30
N GLU A 228 46.86 38.28 0.91
CA GLU A 228 47.19 39.24 -0.15
C GLU A 228 46.62 40.58 0.20
N CYS A 229 47.49 41.54 0.52
CA CYS A 229 47.05 42.89 0.91
C CYS A 229 46.52 43.65 -0.25
N ASN A 230 45.52 44.45 -0.04
CA ASN A 230 44.92 45.26 -1.14
C ASN A 230 45.44 46.74 -1.08
N GLU A 231 44.91 47.58 -1.95
CA GLU A 231 45.30 48.99 -2.06
C GLU A 231 45.14 49.75 -0.75
N HIS A 232 46.19 50.44 -0.34
CA HIS A 232 46.17 51.28 0.89
C HIS A 232 45.56 50.56 2.06
N TRP A 233 46.02 49.32 2.22
CA TRP A 233 45.55 48.50 3.35
C TRP A 233 46.12 48.96 4.71
N LEU A 234 47.33 49.46 4.68
CA LEU A 234 48.07 49.69 5.94
C LEU A 234 47.79 51.05 6.65
N GLU A 235 47.71 52.14 5.89
CA GLU A 235 47.56 53.47 6.50
C GLU A 235 46.30 53.55 7.38
N PRO A 236 45.16 52.97 6.93
CA PRO A 236 43.99 53.11 7.76
C PRO A 236 44.14 52.44 9.08
N LEU A 237 44.97 51.41 9.15
CA LEU A 237 45.13 50.67 10.40
C LEU A 237 46.08 51.48 11.31
N LEU A 238 47.19 51.88 10.75
CA LEU A 238 48.19 52.62 11.51
C LEU A 238 47.64 53.94 12.09
N GLU A 239 46.80 54.64 11.34
CA GLU A 239 46.14 55.88 11.80
C GLU A 239 45.42 55.61 13.07
N ARG A 240 44.66 54.52 13.13
CA ARG A 240 43.89 54.23 14.34
C ARG A 240 44.82 54.07 15.53
N VAL A 241 45.90 53.31 15.37
CA VAL A 241 46.71 53.06 16.58
C VAL A 241 47.64 54.22 16.88
N ALA A 242 48.00 55.05 15.89
CA ALA A 242 48.82 56.23 16.20
C ALA A 242 48.00 57.21 17.01
N GLU A 243 46.71 57.33 16.71
CA GLU A 243 45.83 58.17 17.50
C GLU A 243 45.64 57.65 18.93
N ASP A 244 45.57 56.33 19.12
CA ASP A 244 45.31 55.76 20.45
C ASP A 244 45.84 54.37 20.50
N ARG A 245 46.93 54.20 21.22
CA ARG A 245 47.67 52.96 21.22
C ARG A 245 46.96 51.77 21.89
N THR A 246 45.77 51.99 22.44
CA THR A 246 45.03 50.93 23.12
C THR A 246 44.05 50.27 22.17
N ARG A 247 44.00 50.77 20.94
CA ARG A 247 43.19 50.15 19.90
C ARG A 247 43.99 49.08 19.18
N VAL A 248 43.39 47.90 19.09
CA VAL A 248 43.92 46.76 18.34
C VAL A 248 42.97 46.58 17.18
N VAL A 249 43.51 46.65 15.97
CA VAL A 249 42.70 46.82 14.81
C VAL A 249 42.99 45.80 13.71
N SER A 250 41.96 45.52 12.93
CA SER A 250 41.91 44.45 11.92
C SER A 250 41.35 44.98 10.62
N PRO A 251 41.85 44.50 9.48
CA PRO A 251 41.20 44.78 8.23
C PRO A 251 39.96 43.97 8.08
N ILE A 252 39.16 44.34 7.11
CA ILE A 252 38.18 43.41 6.58
C ILE A 252 38.97 42.33 5.88
N ILE A 253 38.66 41.10 6.19
CA ILE A 253 39.35 39.99 5.60
C ILE A 253 38.59 39.49 4.35
N ASP A 254 39.12 39.78 3.16
CA ASP A 254 38.55 39.26 1.91
C ASP A 254 38.85 37.75 1.77
N VAL A 255 38.09 37.08 0.90
CA VAL A 255 38.19 35.63 0.71
C VAL A 255 38.99 35.29 -0.54
N ILE A 256 40.06 34.51 -0.38
CA ILE A 256 40.77 33.92 -1.50
C ILE A 256 40.30 32.46 -1.57
N ASN A 257 39.60 32.12 -2.62
CA ASN A 257 38.96 30.80 -2.73
C ASN A 257 39.96 29.70 -2.79
N MET A 258 39.75 28.69 -1.98
CA MET A 258 40.76 27.60 -1.82
C MET A 258 40.90 26.67 -3.01
N ASP A 259 39.87 26.66 -3.88
CA ASP A 259 39.88 25.84 -5.08
C ASP A 259 40.42 26.55 -6.27
N ASN A 260 39.97 27.77 -6.49
CA ASN A 260 40.33 28.45 -7.74
C ASN A 260 41.17 29.73 -7.53
N PHE A 261 41.42 30.07 -6.27
CA PHE A 261 42.25 31.23 -5.95
C PHE A 261 41.74 32.59 -6.43
N GLN A 262 40.44 32.70 -6.75
CA GLN A 262 39.88 33.99 -6.99
C GLN A 262 39.79 34.83 -5.70
N TYR A 263 40.04 36.12 -5.83
CA TYR A 263 40.03 37.05 -4.72
C TYR A 263 38.63 37.64 -4.67
N VAL A 264 37.93 37.46 -3.58
CA VAL A 264 36.55 37.84 -3.47
C VAL A 264 36.34 38.85 -2.35
N GLY A 265 35.65 39.95 -2.64
CA GLY A 265 35.36 40.93 -1.60
C GLY A 265 34.39 40.43 -0.57
N ALA A 266 34.72 40.55 0.71
CA ALA A 266 33.83 40.15 1.78
C ALA A 266 32.82 41.23 2.09
N SER A 267 31.85 40.90 2.94
CA SER A 267 30.89 41.85 3.47
C SER A 267 31.54 42.72 4.52
N ALA A 268 31.16 44.01 4.53
CA ALA A 268 31.60 44.97 5.53
C ALA A 268 30.61 45.06 6.67
N ASP A 269 29.53 44.28 6.64
CA ASP A 269 28.48 44.39 7.65
C ASP A 269 28.61 43.37 8.75
N LEU A 270 29.81 42.83 8.92
CA LEU A 270 30.06 41.77 9.89
C LEU A 270 30.91 42.18 11.05
N LYS A 271 30.74 41.47 12.16
CA LYS A 271 31.51 41.64 13.40
C LYS A 271 31.93 40.24 13.83
N GLY A 272 32.95 40.14 14.66
CA GLY A 272 33.42 38.87 15.16
C GLY A 272 32.60 38.48 16.36
N GLY A 273 32.43 37.19 16.63
CA GLY A 273 31.68 36.75 17.78
C GLY A 273 31.96 35.30 18.10
N PHE A 274 31.11 34.73 18.97
CA PHE A 274 31.22 33.33 19.37
C PHE A 274 29.96 32.90 20.13
N ASP A 275 29.71 31.58 20.12
CA ASP A 275 28.68 30.94 20.96
C ASP A 275 29.38 30.34 22.18
N TRP A 276 28.60 29.69 23.05
CA TRP A 276 29.14 29.20 24.32
C TRP A 276 30.13 28.10 24.18
N ASN A 277 30.24 27.52 22.99
CA ASN A 277 31.36 26.65 22.71
C ASN A 277 32.69 27.32 22.45
N LEU A 278 32.69 28.66 22.44
CA LEU A 278 33.90 29.45 22.27
C LEU A 278 34.62 29.25 20.95
N VAL A 279 33.83 29.00 19.92
CA VAL A 279 34.39 28.90 18.57
C VAL A 279 34.05 30.20 17.84
N PHE A 280 35.05 30.81 17.23
CA PHE A 280 34.86 32.06 16.51
C PHE A 280 33.80 31.92 15.43
N LYS A 281 32.93 32.92 15.32
CA LYS A 281 31.99 32.98 14.17
C LYS A 281 31.74 34.45 13.77
N TRP A 282 31.32 34.67 12.54
CA TRP A 282 30.92 35.99 12.06
C TRP A 282 29.45 36.25 12.39
N ASP A 283 29.14 37.45 12.89
CA ASP A 283 27.77 37.92 13.20
C ASP A 283 27.51 39.10 12.28
N TYR A 284 26.30 39.26 11.76
CA TYR A 284 25.91 40.52 11.09
C TYR A 284 25.71 41.55 12.18
N MET A 285 25.98 42.82 11.90
CA MET A 285 25.56 43.91 12.77
C MET A 285 24.07 43.89 12.89
N THR A 286 23.53 44.42 14.00
CA THR A 286 22.08 44.57 14.15
C THR A 286 21.55 45.65 13.21
N PRO A 287 20.23 45.58 12.89
CA PRO A 287 19.66 46.68 12.10
C PRO A 287 19.92 48.06 12.72
N GLU A 288 19.95 48.15 14.05
CA GLU A 288 20.17 49.44 14.73
C GLU A 288 21.63 49.92 14.56
N GLN A 289 22.59 49.02 14.74
CA GLN A 289 24.00 49.36 14.53
C GLN A 289 24.25 49.84 13.11
N ARG A 290 23.68 49.15 12.13
CA ARG A 290 23.76 49.57 10.72
C ARG A 290 23.18 50.96 10.47
N ARG A 291 21.99 51.20 11.01
CA ARG A 291 21.36 52.49 10.82
C ARG A 291 22.22 53.64 11.40
N SER A 292 22.82 53.43 12.58
CA SER A 292 23.61 54.49 13.22
C SER A 292 24.92 54.82 12.48
N ARG A 293 25.28 53.98 11.51
CA ARG A 293 26.48 54.19 10.69
C ARG A 293 26.17 54.82 9.33
N GLN A 294 24.90 54.89 8.97
CA GLN A 294 24.46 55.41 7.66
C GLN A 294 25.16 56.74 7.33
N GLY A 295 25.39 57.55 8.35
CA GLY A 295 26.16 58.80 8.19
C GLY A 295 27.62 58.63 7.75
N ASN A 296 28.29 57.58 8.26
CA ASN A 296 29.66 57.25 7.83
C ASN A 296 29.84 55.74 7.71
N PRO A 297 29.62 55.19 6.51
CA PRO A 297 29.59 53.76 6.38
C PRO A 297 30.96 53.08 6.39
N VAL A 298 32.07 53.82 6.31
CA VAL A 298 33.38 53.20 6.49
C VAL A 298 34.00 53.52 7.85
N ALA A 299 33.19 53.84 8.83
CA ALA A 299 33.70 54.12 10.16
C ALA A 299 34.15 52.83 10.78
N PRO A 300 35.08 52.90 11.73
CA PRO A 300 35.54 51.73 12.46
C PRO A 300 34.39 50.95 13.04
N ILE A 301 34.53 49.63 13.10
CA ILE A 301 33.52 48.80 13.72
C ILE A 301 34.10 48.19 14.98
N LYS A 302 33.42 48.40 16.09
CA LYS A 302 33.80 47.75 17.35
C LYS A 302 33.42 46.29 17.26
N THR A 303 34.31 45.39 17.66
CA THR A 303 34.05 43.96 17.54
C THR A 303 34.42 43.27 18.82
N PRO A 304 33.58 42.32 19.27
CA PRO A 304 33.81 41.62 20.54
C PRO A 304 35.01 40.73 20.46
N MET A 305 35.32 40.28 19.25
CA MET A 305 36.38 39.37 19.03
C MET A 305 36.97 39.56 17.66
N ILE A 306 38.29 39.36 17.54
CA ILE A 306 38.93 39.45 16.22
C ILE A 306 39.09 38.04 15.71
N ALA A 307 39.19 37.90 14.41
CA ALA A 307 39.40 36.56 13.81
C ALA A 307 40.72 35.97 14.28
N GLY A 308 41.77 36.80 14.36
CA GLY A 308 42.95 36.38 15.09
C GLY A 308 44.25 36.49 14.34
N GLY A 309 44.22 36.29 13.03
CA GLY A 309 45.44 36.21 12.29
C GLY A 309 45.91 37.49 11.62
N LEU A 310 45.00 38.45 11.47
CA LEU A 310 45.34 39.68 10.78
C LEU A 310 45.01 40.81 11.71
N PHE A 311 46.01 41.36 12.40
CA PHE A 311 45.79 42.57 13.18
C PHE A 311 47.04 43.42 13.41
N VAL A 312 46.80 44.65 13.87
CA VAL A 312 47.82 45.63 14.07
C VAL A 312 47.68 46.08 15.47
N MET A 313 48.83 46.16 16.15
CA MET A 313 48.86 46.49 17.61
C MET A 313 50.13 47.20 17.96
N ASP A 314 50.00 48.24 18.77
CA ASP A 314 51.19 48.97 19.29
C ASP A 314 52.09 47.96 20.00
N LYS A 315 53.37 47.95 19.66
CA LYS A 315 54.24 46.95 20.25
C LYS A 315 54.38 47.02 21.80
N PHE A 316 54.49 48.23 22.34
CA PHE A 316 54.63 48.37 23.78
C PHE A 316 53.36 47.87 24.44
N TYR A 317 52.21 48.20 23.84
CA TYR A 317 50.91 47.78 24.38
C TYR A 317 50.84 46.27 24.39
N PHE A 318 51.29 45.66 23.32
CA PHE A 318 51.32 44.20 23.23
C PHE A 318 52.15 43.62 24.36
N GLU A 319 53.30 44.23 24.62
CA GLU A 319 54.17 43.74 25.72
C GLU A 319 53.55 43.98 27.10
N GLU A 320 53.00 45.16 27.27
CA GLU A 320 52.36 45.58 28.48
C GLU A 320 51.26 44.62 28.87
N LEU A 321 50.31 44.42 27.98
CA LEU A 321 49.18 43.50 28.24
C LEU A 321 50.12 42.32 28.16
N GLY A 322 49.85 41.08 28.36
CA GLY A 322 51.06 40.21 28.33
C GLY A 322 51.26 39.34 27.08
N LYS A 323 51.59 39.96 25.96
CA LYS A 323 51.95 39.23 24.76
C LYS A 323 50.87 38.23 24.33
N TYR A 324 51.24 36.96 24.24
CA TYR A 324 50.26 35.88 24.26
C TYR A 324 50.63 34.94 25.43
N ASP A 325 49.69 34.06 25.76
CA ASP A 325 49.90 32.98 26.68
C ASP A 325 50.85 32.00 26.07
N MET A 326 52.08 31.99 26.57
CA MET A 326 53.15 31.15 26.02
C MET A 326 52.95 29.64 26.16
N MET A 327 51.98 29.21 26.95
CA MET A 327 51.72 27.81 27.08
C MET A 327 50.62 27.27 26.15
N MET A 328 50.04 28.15 25.34
CA MET A 328 49.14 27.67 24.28
C MET A 328 49.96 27.00 23.14
N ASP A 329 49.45 25.91 22.60
CA ASP A 329 50.14 25.09 21.64
C ASP A 329 49.44 25.05 20.29
N VAL A 330 50.27 24.91 19.26
CA VAL A 330 49.91 24.90 17.83
C VAL A 330 48.91 25.90 17.22
N TRP A 331 47.63 25.80 17.53
CA TRP A 331 46.60 26.60 16.90
C TRP A 331 45.35 26.59 17.76
N GLY A 332 44.61 27.69 17.79
CA GLY A 332 43.30 27.73 18.42
C GLY A 332 43.35 28.36 19.82
N GLY A 333 42.36 29.18 20.14
CA GLY A 333 42.20 29.79 21.46
C GLY A 333 42.87 31.13 21.76
N GLU A 334 43.93 31.47 21.06
CA GLU A 334 44.68 32.68 21.38
C GLU A 334 43.92 33.88 20.95
N ASN A 335 43.16 33.76 19.86
CA ASN A 335 42.28 34.87 19.41
C ASN A 335 41.20 35.26 20.45
N LEU A 336 40.67 34.24 21.08
CA LEU A 336 39.68 34.39 22.12
C LEU A 336 40.35 35.09 23.34
N GLU A 337 41.50 34.57 23.72
CA GLU A 337 42.20 35.07 24.89
C GLU A 337 42.58 36.55 24.73
N ILE A 338 43.18 36.91 23.60
CA ILE A 338 43.62 38.26 23.43
C ILE A 338 42.42 39.18 23.31
N SER A 339 41.33 38.72 22.75
CA SER A 339 40.13 39.58 22.62
C SER A 339 39.53 39.93 23.99
N PHE A 340 39.42 38.93 24.85
CA PHE A 340 38.91 39.13 26.20
C PHE A 340 39.86 40.07 26.93
N ARG A 341 41.15 39.78 26.82
CA ARG A 341 42.16 40.52 27.60
C ARG A 341 42.17 41.99 27.21
N VAL A 342 42.18 42.27 25.93
CA VAL A 342 42.16 43.67 25.48
C VAL A 342 40.91 44.46 25.96
N TRP A 343 39.73 43.87 25.79
CA TRP A 343 38.53 44.57 26.20
C TRP A 343 38.46 44.73 27.73
N GLN A 344 38.73 43.64 28.44
CA GLN A 344 38.56 43.68 29.87
C GLN A 344 39.58 44.62 30.53
N CYS A 345 40.75 44.76 29.91
CA CYS A 345 41.80 45.52 30.55
C CYS A 345 41.94 46.93 30.00
N GLY A 346 40.91 47.44 29.34
CA GLY A 346 40.90 48.88 28.97
C GLY A 346 41.10 49.28 27.52
N GLY A 347 41.47 48.34 26.64
CA GLY A 347 41.64 48.65 25.23
C GLY A 347 40.37 48.38 24.43
N SER A 348 40.50 48.41 23.11
CA SER A 348 39.39 48.08 22.26
C SER A 348 39.86 47.34 21.02
N LEU A 349 38.89 46.72 20.35
CA LEU A 349 39.10 45.90 19.16
C LEU A 349 38.28 46.49 18.07
N GLU A 350 38.87 46.70 16.91
CA GLU A 350 38.11 47.26 15.79
C GLU A 350 38.38 46.48 14.50
N ILE A 351 37.41 46.60 13.59
CA ILE A 351 37.54 46.26 12.21
C ILE A 351 37.43 47.54 11.42
N ILE A 352 38.33 47.71 10.45
CA ILE A 352 38.48 48.94 9.70
C ILE A 352 38.17 48.74 8.23
N PRO A 353 37.01 49.21 7.79
CA PRO A 353 36.52 48.83 6.50
C PRO A 353 37.38 49.28 5.35
N CYS A 354 38.14 50.37 5.52
CA CYS A 354 38.98 50.81 4.40
C CYS A 354 40.22 49.97 4.22
N SER A 355 40.55 49.13 5.19
CA SER A 355 41.63 48.19 5.08
C SER A 355 41.09 46.81 4.63
N ARG A 356 41.64 46.31 3.53
CA ARG A 356 41.23 45.05 2.95
C ARG A 356 42.42 44.17 2.75
N VAL A 357 42.34 42.93 3.28
CA VAL A 357 43.37 41.92 3.05
C VAL A 357 42.72 40.58 2.77
N GLY A 358 43.15 39.93 1.69
CA GLY A 358 42.60 38.63 1.36
C GLY A 358 43.33 37.51 2.10
N HIS A 359 42.61 36.43 2.36
CA HIS A 359 43.09 35.30 3.11
C HIS A 359 42.51 33.99 2.53
N VAL A 360 43.37 32.99 2.37
CA VAL A 360 42.93 31.65 1.88
C VAL A 360 42.24 30.87 3.01
N PHE A 361 40.93 30.95 3.08
CA PHE A 361 40.18 30.18 4.06
C PHE A 361 40.15 28.71 3.61
N ARG A 362 40.47 27.80 4.51
CA ARG A 362 40.36 26.39 4.18
C ARG A 362 39.46 25.65 5.17
N LYS A 363 39.14 24.41 4.84
CA LYS A 363 38.23 23.60 5.66
C LYS A 363 38.97 22.65 6.61
N GLN A 364 40.21 22.28 6.30
CA GLN A 364 41.02 21.38 7.12
C GLN A 364 42.43 21.95 7.35
N HIS A 365 43.02 21.55 8.47
CA HIS A 365 44.38 21.87 8.75
C HIS A 365 45.22 20.92 7.96
N PRO A 366 46.28 21.41 7.32
CA PRO A 366 47.20 20.51 6.63
C PRO A 366 48.34 19.95 7.50
N TYR A 367 48.49 20.44 8.73
CA TYR A 367 49.60 20.06 9.59
C TYR A 367 49.11 19.25 10.80
N THR A 368 50.08 18.67 11.45
CA THR A 368 49.95 17.86 12.66
C THR A 368 49.65 18.66 13.92
N PHE A 369 48.84 18.07 14.80
CA PHE A 369 48.62 18.56 16.17
C PHE A 369 49.10 17.49 17.19
N PRO A 370 50.34 17.62 17.71
CA PRO A 370 50.80 16.72 18.79
C PRO A 370 49.81 16.59 19.96
N GLY A 371 49.23 15.41 20.11
CA GLY A 371 48.23 15.14 21.12
C GLY A 371 46.82 15.07 20.58
N GLY A 372 46.65 15.41 19.29
CA GLY A 372 45.32 15.47 18.69
C GLY A 372 44.75 16.87 18.72
N SER A 373 44.15 17.26 17.61
CA SER A 373 43.66 18.62 17.43
C SER A 373 42.51 18.98 18.38
N GLY A 374 41.62 18.02 18.64
CA GLY A 374 40.51 18.23 19.58
C GLY A 374 41.03 18.55 20.96
N THR A 375 42.07 17.85 21.37
CA THR A 375 42.58 18.06 22.71
C THR A 375 43.36 19.37 22.85
N VAL A 376 44.18 19.68 21.85
CA VAL A 376 44.95 20.92 21.86
C VAL A 376 44.00 22.11 21.90
N PHE A 377 42.96 22.05 21.06
CA PHE A 377 42.04 23.19 20.97
C PHE A 377 41.34 23.41 22.29
N ALA A 378 40.91 22.32 22.88
CA ALA A 378 40.25 22.36 24.19
C ALA A 378 41.20 22.84 25.28
N ARG A 379 42.43 22.35 25.28
CA ARG A 379 43.41 22.81 26.27
C ARG A 379 43.60 24.34 26.18
N ASN A 380 43.89 24.84 24.97
CA ASN A 380 44.06 26.26 24.79
C ASN A 380 42.84 27.06 25.21
N THR A 381 41.65 26.58 24.81
CA THR A 381 40.41 27.27 25.14
C THR A 381 40.16 27.31 26.67
N ARG A 382 40.51 26.23 27.35
CA ARG A 382 40.37 26.20 28.83
C ARG A 382 41.25 27.23 29.46
N ARG A 383 42.47 27.34 28.95
CA ARG A 383 43.39 28.29 29.55
C ARG A 383 42.82 29.69 29.46
N ALA A 384 42.15 30.02 28.34
CA ALA A 384 41.51 31.32 28.23
C ALA A 384 40.30 31.43 29.17
N ALA A 385 39.45 30.42 29.17
CA ALA A 385 38.21 30.49 29.94
C ALA A 385 38.50 30.57 31.45
N GLU A 386 39.44 29.77 31.93
CA GLU A 386 39.79 29.77 33.36
C GLU A 386 40.40 31.06 33.84
N VAL A 387 41.01 31.84 32.96
CA VAL A 387 41.64 33.08 33.40
C VAL A 387 40.64 34.23 33.38
N TRP A 388 39.79 34.28 32.36
CA TRP A 388 39.09 35.53 32.01
C TRP A 388 37.60 35.52 32.24
N MET A 389 36.98 34.33 32.23
CA MET A 389 35.55 34.27 32.10
C MET A 389 34.82 34.19 33.45
N ASP A 390 35.57 34.15 34.55
CA ASP A 390 34.98 34.06 35.88
C ASP A 390 34.01 32.86 35.89
N GLU A 391 32.81 33.02 36.45
CA GLU A 391 31.88 31.88 36.63
C GLU A 391 31.26 31.50 35.29
N TYR A 392 31.33 32.39 34.31
CA TYR A 392 30.71 32.15 33.02
C TYR A 392 31.41 31.02 32.25
N LYS A 393 32.58 30.61 32.73
CA LYS A 393 33.24 29.44 32.18
C LYS A 393 32.36 28.20 32.23
N ASN A 394 31.46 28.15 33.20
CA ASN A 394 30.59 26.98 33.34
C ASN A 394 29.62 26.84 32.20
N PHE A 395 29.27 27.94 31.54
CA PHE A 395 28.47 27.86 30.33
C PHE A 395 29.22 27.22 29.15
N TYR A 396 30.55 27.40 29.09
CA TYR A 396 31.38 26.69 28.12
C TYR A 396 31.44 25.16 28.44
N TYR A 397 31.70 24.81 29.68
CA TYR A 397 31.68 23.41 30.09
C TYR A 397 30.33 22.74 29.94
N ALA A 398 29.26 23.49 30.11
CA ALA A 398 27.93 22.98 29.77
C ALA A 398 27.78 22.69 28.26
N ALA A 399 28.34 23.54 27.38
CA ALA A 399 28.27 23.32 25.95
C ALA A 399 29.20 22.22 25.49
N VAL A 400 30.35 22.09 26.13
CA VAL A 400 31.40 21.13 25.72
C VAL A 400 31.83 20.37 26.98
N PRO A 401 30.98 19.47 27.51
CA PRO A 401 31.32 18.80 28.77
C PRO A 401 32.61 17.98 28.69
N SER A 402 32.95 17.45 27.54
CA SER A 402 34.21 16.71 27.42
C SER A 402 35.48 17.58 27.68
N ALA A 403 35.37 18.91 27.60
CA ALA A 403 36.50 19.77 27.92
C ALA A 403 36.89 19.73 29.38
N ARG A 404 35.97 19.38 30.29
CA ARG A 404 36.32 19.31 31.73
C ARG A 404 37.40 18.26 32.04
N ASN A 405 37.56 17.28 31.16
CA ASN A 405 38.55 16.23 31.38
C ASN A 405 39.92 16.51 30.77
N VAL A 406 40.09 17.66 30.13
CA VAL A 406 41.34 17.97 29.46
C VAL A 406 42.25 18.77 30.35
N PRO A 407 43.37 18.18 30.75
CA PRO A 407 44.27 18.99 31.58
C PRO A 407 44.81 20.21 30.82
N TYR A 408 44.94 21.34 31.51
CA TYR A 408 45.35 22.57 30.88
C TYR A 408 46.60 23.24 31.42
N GLY A 409 47.27 22.64 32.40
CA GLY A 409 48.53 23.20 32.91
C GLY A 409 48.35 24.41 33.83
N ASN A 410 49.44 25.13 34.04
CA ASN A 410 49.52 26.13 35.10
C ASN A 410 49.18 27.49 34.52
N ILE A 411 48.28 28.23 35.17
CA ILE A 411 47.82 29.54 34.69
C ILE A 411 48.14 30.68 35.64
N GLN A 412 48.99 30.40 36.60
CA GLN A 412 49.24 31.39 37.65
C GLN A 412 49.77 32.72 37.12
N SER A 413 50.72 32.69 36.20
CA SER A 413 51.26 33.96 35.70
C SER A 413 50.19 34.75 34.91
N ARG A 414 49.25 34.05 34.28
CA ARG A 414 48.17 34.73 33.59
C ARG A 414 47.21 35.36 34.61
N LEU A 415 46.88 34.62 35.66
CA LEU A 415 46.07 35.19 36.74
C LEU A 415 46.75 36.44 37.35
N GLU A 416 48.06 36.36 37.60
CA GLU A 416 48.78 37.50 38.18
C GLU A 416 48.79 38.68 37.22
N LEU A 417 48.90 38.40 35.91
CA LEU A 417 48.81 39.44 34.93
C LEU A 417 47.47 40.17 35.04
N ARG A 418 46.39 39.41 35.12
CA ARG A 418 45.04 39.98 35.20
C ARG A 418 44.88 40.86 36.45
N LYS A 419 45.40 40.38 37.56
CA LYS A 419 45.44 41.14 38.81
C LYS A 419 46.17 42.47 38.60
N LYS A 420 47.40 42.37 38.14
CA LYS A 420 48.30 43.52 37.98
C LYS A 420 47.71 44.62 37.09
N LEU A 421 46.96 44.23 36.05
CA LEU A 421 46.33 45.19 35.16
C LEU A 421 45.03 45.80 35.69
N SER A 422 44.47 45.30 36.78
CA SER A 422 43.13 45.73 37.20
C SER A 422 42.13 45.65 36.04
N CYS A 423 41.82 44.43 35.61
CA CYS A 423 40.91 44.23 34.51
C CYS A 423 39.49 44.11 35.05
N LYS A 424 38.52 44.52 34.25
CA LYS A 424 37.12 44.38 34.59
C LYS A 424 36.66 42.91 34.54
N PRO A 425 35.57 42.57 35.26
CA PRO A 425 35.07 41.19 35.25
C PRO A 425 34.37 40.83 33.94
N PHE A 426 34.24 39.55 33.70
CA PHE A 426 33.63 39.09 32.44
C PHE A 426 32.20 39.60 32.29
N LYS A 427 31.50 39.75 33.41
CA LYS A 427 30.15 40.27 33.36
C LYS A 427 30.11 41.63 32.70
N TRP A 428 31.10 42.44 33.00
CA TRP A 428 31.20 43.73 32.34
C TRP A 428 31.37 43.54 30.83
N TYR A 429 32.20 42.59 30.43
CA TYR A 429 32.39 42.30 28.98
C TYR A 429 31.08 41.92 28.32
N LEU A 430 30.33 41.02 28.97
CA LEU A 430 29.06 40.61 28.42
C LEU A 430 28.08 41.77 28.29
N GLU A 431 28.03 42.64 29.30
CA GLU A 431 27.09 43.76 29.30
C GLU A 431 27.47 44.90 28.39
N ASN A 432 28.76 45.22 28.28
CA ASN A 432 29.21 46.40 27.54
C ASN A 432 29.86 46.17 26.18
N VAL A 433 30.44 44.99 25.99
CA VAL A 433 31.09 44.65 24.71
C VAL A 433 30.29 43.69 23.86
N TYR A 434 29.76 42.60 24.45
CA TYR A 434 29.03 41.58 23.66
C TYR A 434 27.66 41.29 24.25
N PRO A 435 26.83 42.32 24.37
CA PRO A 435 25.53 42.13 24.95
C PRO A 435 24.63 41.20 24.13
N GLU A 436 24.87 41.06 22.83
CA GLU A 436 23.97 40.28 21.99
C GLU A 436 24.16 38.78 22.20
N LEU A 437 25.19 38.37 22.93
CA LEU A 437 25.34 36.96 23.28
C LEU A 437 24.29 36.61 24.34
N ARG A 438 23.47 35.61 24.07
CA ARG A 438 22.39 35.24 24.98
C ARG A 438 22.95 34.46 26.17
N VAL A 439 22.71 34.92 27.38
CA VAL A 439 23.26 34.25 28.56
C VAL A 439 22.17 33.62 29.46
N PRO A 440 22.37 32.38 29.88
CA PRO A 440 21.41 31.70 30.75
C PRO A 440 21.27 32.38 32.07
N ASP A 441 20.08 32.30 32.67
CA ASP A 441 19.95 32.71 34.06
C ASP A 441 20.87 31.79 34.88
N HIS A 442 21.44 32.33 35.96
CA HIS A 442 22.36 31.55 36.79
C HIS A 442 21.71 30.32 37.46
N GLN A 443 20.38 30.28 37.56
CA GLN A 443 19.68 29.10 38.09
C GLN A 443 19.00 28.19 37.03
N ASP A 444 19.17 28.48 35.76
CA ASP A 444 18.62 27.62 34.74
C ASP A 444 19.27 26.23 34.89
N ILE A 445 18.47 25.20 34.64
CA ILE A 445 18.91 23.82 34.67
C ILE A 445 19.53 23.44 33.32
N ALA A 446 19.01 24.01 32.24
CA ALA A 446 19.48 23.71 30.90
C ALA A 446 19.09 24.86 29.97
N PHE A 447 19.69 24.93 28.80
CA PHE A 447 19.54 26.09 27.96
C PHE A 447 19.99 25.80 26.54
N GLY A 448 19.43 26.55 25.60
CA GLY A 448 19.92 26.57 24.24
C GLY A 448 18.89 26.08 23.27
N ALA A 449 19.30 25.18 22.38
CA ALA A 449 18.37 24.55 21.51
C ALA A 449 17.99 23.21 22.12
N LEU A 450 16.81 22.71 21.76
CA LEU A 450 16.37 21.41 22.23
C LEU A 450 16.28 20.51 21.00
N GLN A 451 17.25 19.61 20.88
CA GLN A 451 17.50 18.88 19.64
C GLN A 451 16.96 17.50 19.65
N GLN A 452 16.42 17.10 18.52
CA GLN A 452 16.07 15.74 18.24
C GLN A 452 16.62 15.41 16.83
N GLY A 453 17.71 14.63 16.80
CA GLY A 453 18.40 14.36 15.54
C GLY A 453 18.89 15.68 14.96
N THR A 454 18.54 15.99 13.72
CA THR A 454 18.93 17.29 13.16
C THR A 454 17.80 18.30 13.25
N ASN A 455 16.71 17.95 13.94
CA ASN A 455 15.63 18.87 14.22
C ASN A 455 15.70 19.49 15.58
N CYS A 456 15.09 20.65 15.69
CA CYS A 456 15.06 21.46 16.90
C CYS A 456 13.62 21.91 17.22
N LEU A 457 13.27 21.94 18.51
CA LEU A 457 12.04 22.54 19.00
C LEU A 457 11.94 23.99 18.53
N ASP A 458 10.80 24.36 17.97
CA ASP A 458 10.68 25.64 17.29
C ASP A 458 9.30 26.24 17.47
N THR A 459 9.20 27.51 17.85
CA THR A 459 7.87 28.15 18.04
C THR A 459 7.10 28.31 16.74
N LEU A 460 7.82 28.27 15.62
CA LEU A 460 7.23 28.49 14.29
C LEU A 460 6.68 29.90 14.15
N GLY A 461 7.12 30.82 15.00
CA GLY A 461 6.59 32.18 15.03
C GLY A 461 5.27 32.36 15.77
N HIS A 462 4.79 31.29 16.42
CA HIS A 462 3.56 31.37 17.19
C HIS A 462 3.74 32.10 18.54
N PHE A 463 2.63 32.61 19.05
CA PHE A 463 2.62 33.28 20.36
C PHE A 463 1.64 32.54 21.25
N ALA A 464 1.14 33.20 22.29
CA ALA A 464 0.33 32.52 23.27
C ALA A 464 -0.91 31.88 22.64
N ASP A 465 -1.25 30.70 23.14
CA ASP A 465 -2.35 29.86 22.60
C ASP A 465 -2.03 29.17 21.27
N GLY A 466 -0.79 29.28 20.80
CA GLY A 466 -0.37 28.61 19.57
C GLY A 466 0.33 27.27 19.84
N VAL A 467 0.37 26.43 18.81
CA VAL A 467 1.08 25.16 18.91
C VAL A 467 2.54 25.36 18.72
N VAL A 468 3.30 24.30 18.96
CA VAL A 468 4.74 24.34 18.82
C VAL A 468 5.15 23.21 17.88
N GLY A 469 6.32 23.31 17.26
CA GLY A 469 6.78 22.27 16.32
C GLY A 469 8.26 21.98 16.34
N VAL A 470 8.72 21.34 15.27
CA VAL A 470 10.16 21.16 15.01
C VAL A 470 10.51 21.68 13.61
N TYR A 471 11.77 22.02 13.46
CA TYR A 471 12.29 22.59 12.24
C TYR A 471 13.77 22.20 12.26
N GLU A 472 14.39 22.11 11.10
CA GLU A 472 15.82 21.82 11.00
C GLU A 472 16.63 22.80 11.87
N CYS A 473 17.56 22.27 12.66
CA CYS A 473 18.37 23.10 13.56
C CYS A 473 19.19 24.07 12.72
N HIS A 474 19.16 25.33 13.06
CA HIS A 474 19.93 26.33 12.36
C HIS A 474 20.99 26.99 13.18
N ASN A 475 21.05 26.67 14.45
CA ASN A 475 22.04 27.27 15.33
C ASN A 475 22.04 28.77 15.32
N ALA A 476 20.91 29.35 15.01
CA ALA A 476 20.82 30.78 14.97
C ALA A 476 19.87 31.37 15.98
N GLY A 477 19.47 30.60 16.99
CA GLY A 477 18.67 31.17 18.04
C GLY A 477 17.28 31.53 17.62
N GLY A 478 16.82 32.72 17.98
CA GLY A 478 15.44 33.13 17.80
C GLY A 478 14.39 32.08 18.21
N ASN A 479 13.55 31.64 17.27
CA ASN A 479 12.48 30.73 17.61
C ASN A 479 12.91 29.33 18.06
N GLN A 480 14.23 29.05 18.02
CA GLN A 480 14.76 27.77 18.50
C GLN A 480 15.47 27.89 19.84
N GLU A 481 15.36 29.04 20.47
CA GLU A 481 15.97 29.25 21.78
C GLU A 481 15.04 28.93 22.98
N TRP A 482 15.51 28.07 23.88
CA TRP A 482 14.73 27.58 25.03
C TRP A 482 15.57 27.50 26.28
N ALA A 483 14.89 27.46 27.41
CA ALA A 483 15.54 27.16 28.68
C ALA A 483 14.67 26.18 29.48
N LEU A 484 15.30 25.37 30.32
CA LEU A 484 14.63 24.64 31.38
C LEU A 484 14.94 25.37 32.66
N THR A 485 13.94 25.97 33.25
CA THR A 485 14.18 26.89 34.40
C THR A 485 14.22 26.20 35.73
N LYS A 486 14.65 26.91 36.76
CA LYS A 486 14.62 26.43 38.15
C LYS A 486 13.19 26.06 38.57
N GLU A 487 12.16 26.75 38.03
CA GLU A 487 10.74 26.41 38.28
C GLU A 487 10.26 25.19 37.45
N LYS A 488 11.16 24.57 36.68
CA LYS A 488 10.86 23.35 35.90
C LYS A 488 9.99 23.64 34.67
N SER A 489 10.05 24.86 34.17
CA SER A 489 9.30 25.14 32.95
C SER A 489 10.25 25.15 31.75
N VAL A 490 9.69 24.83 30.61
CA VAL A 490 10.44 24.91 29.36
C VAL A 490 9.97 26.14 28.60
N LYS A 491 10.82 27.15 28.57
CA LYS A 491 10.39 28.47 28.13
C LYS A 491 11.20 29.07 27.03
N HIS A 492 10.47 29.89 26.26
CA HIS A 492 11.02 30.76 25.22
C HIS A 492 10.47 32.14 25.50
N MET A 493 11.35 33.11 25.73
CA MET A 493 10.94 34.45 26.17
C MET A 493 10.15 34.29 27.46
N ASP A 494 8.91 34.76 27.52
CA ASP A 494 8.08 34.53 28.70
C ASP A 494 6.93 33.55 28.43
N LEU A 495 7.08 32.72 27.40
CA LEU A 495 6.08 31.71 27.04
C LEU A 495 6.59 30.33 27.42
N CYS A 496 5.70 29.44 27.84
CA CYS A 496 6.08 28.14 28.43
C CYS A 496 5.30 27.03 27.78
N LEU A 497 5.91 25.87 27.63
CA LEU A 497 5.20 24.70 27.09
C LEU A 497 4.17 24.25 28.12
N THR A 498 2.90 24.15 27.69
CA THR A 498 1.81 23.94 28.60
C THR A 498 0.98 22.73 28.22
N VAL A 499 0.84 21.81 29.17
CA VAL A 499 0.04 20.62 28.96
C VAL A 499 -1.43 20.98 29.24
N VAL A 500 -2.14 21.34 28.21
CA VAL A 500 -3.44 21.89 28.29
C VAL A 500 -4.45 20.74 28.40
N ASP A 501 -4.03 19.54 28.00
CA ASP A 501 -4.89 18.37 28.05
C ASP A 501 -4.01 17.12 28.22
N ARG A 502 -4.28 16.32 29.25
CA ARG A 502 -3.44 15.13 29.57
C ARG A 502 -3.77 13.88 28.79
N ALA A 503 -4.81 13.90 27.95
CA ALA A 503 -5.10 12.71 27.16
C ALA A 503 -3.93 12.48 26.23
N PRO A 504 -3.36 11.26 26.22
CA PRO A 504 -2.33 10.94 25.24
C PRO A 504 -2.67 11.34 23.82
N GLY A 505 -1.70 11.95 23.15
CA GLY A 505 -1.91 12.45 21.78
C GLY A 505 -2.33 13.91 21.70
N SER A 506 -2.62 14.55 22.83
CA SER A 506 -3.03 15.96 22.86
C SER A 506 -1.90 16.92 22.52
N LEU A 507 -2.21 17.97 21.76
CA LEU A 507 -1.27 19.01 21.45
C LEU A 507 -0.97 19.86 22.69
N ILE A 508 0.28 20.27 22.84
CA ILE A 508 0.62 21.20 23.85
C ILE A 508 0.53 22.62 23.28
N LYS A 509 0.50 23.61 24.17
CA LYS A 509 0.32 24.98 23.77
C LYS A 509 1.28 25.85 24.50
N LEU A 510 1.65 26.94 23.82
CA LEU A 510 2.41 28.02 24.43
C LEU A 510 1.48 28.90 25.26
N GLN A 511 1.80 29.14 26.51
CA GLN A 511 1.07 30.09 27.34
C GLN A 511 2.07 30.91 28.14
N GLY A 512 1.65 32.10 28.59
CA GLY A 512 2.47 32.92 29.49
C GLY A 512 2.92 32.06 30.65
N CYS A 513 4.19 32.16 31.02
CA CYS A 513 4.71 31.41 32.17
C CYS A 513 4.13 31.89 33.50
N ARG A 514 3.63 30.95 34.30
CA ARG A 514 3.20 31.20 35.69
C ARG A 514 3.77 30.11 36.59
N GLU A 515 4.50 30.45 37.63
CA GLU A 515 5.10 29.43 38.46
C GLU A 515 4.10 28.56 39.17
N ASP A 516 2.85 28.98 39.23
CA ASP A 516 1.85 28.17 39.89
C ASP A 516 0.94 27.33 39.01
N ASP A 517 1.34 27.10 37.78
CA ASP A 517 0.57 26.32 36.88
C ASP A 517 1.29 25.01 36.70
N SER A 518 0.82 23.97 37.38
CA SER A 518 1.41 22.64 37.34
C SER A 518 1.39 22.03 35.91
N ARG A 519 0.57 22.58 35.03
CA ARG A 519 0.53 22.16 33.64
C ARG A 519 1.82 22.55 32.83
N GLN A 520 2.68 23.37 33.40
CA GLN A 520 3.89 23.82 32.76
C GLN A 520 5.19 23.23 33.34
N LYS A 521 5.07 22.22 34.20
CA LYS A 521 6.26 21.57 34.82
C LYS A 521 6.75 20.32 34.07
N TRP A 522 8.04 20.30 33.78
CA TRP A 522 8.71 19.27 33.04
C TRP A 522 9.99 18.88 33.76
N GLU A 523 10.45 17.65 33.52
CA GLU A 523 11.72 17.15 34.10
C GLU A 523 12.48 16.24 33.17
N GLN A 524 13.80 16.38 33.19
CA GLN A 524 14.66 15.57 32.32
C GLN A 524 14.73 14.21 32.90
N ILE A 525 14.62 13.18 32.04
CA ILE A 525 14.82 11.80 32.46
C ILE A 525 15.78 11.04 31.53
N GLU A 526 16.14 9.85 31.97
CA GLU A 526 16.98 8.91 31.20
C GLU A 526 18.25 9.53 30.72
N GLY A 527 19.06 10.02 31.66
CA GLY A 527 20.34 10.61 31.25
C GLY A 527 20.19 11.90 30.47
N ASN A 528 19.21 12.72 30.85
CA ASN A 528 18.95 13.98 30.16
C ASN A 528 18.67 13.81 28.66
N SER A 529 17.92 12.76 28.34
CA SER A 529 17.65 12.42 26.93
C SER A 529 16.15 12.51 26.58
N LYS A 530 15.28 12.74 27.58
CA LYS A 530 13.85 12.92 27.35
C LYS A 530 13.25 13.98 28.30
N LEU A 531 12.02 14.39 28.02
CA LEU A 531 11.29 15.32 28.85
C LEU A 531 9.93 14.78 29.23
N ARG A 532 9.73 14.60 30.53
CA ARG A 532 8.48 14.08 31.06
C ARG A 532 7.71 15.19 31.82
N HIS A 533 6.41 15.26 31.62
CA HIS A 533 5.59 16.15 32.33
C HIS A 533 5.44 15.68 33.80
N VAL A 534 5.87 16.53 34.72
CA VAL A 534 5.96 16.22 36.17
C VAL A 534 4.61 15.77 36.70
N GLY A 535 4.60 14.68 37.44
CA GLY A 535 3.36 14.12 38.00
C GLY A 535 2.56 13.25 37.04
N SER A 536 3.18 12.81 35.93
CA SER A 536 2.46 12.05 34.93
C SER A 536 3.38 10.99 34.35
N ASN A 537 2.83 10.14 33.51
CA ASN A 537 3.63 9.29 32.65
C ASN A 537 3.59 9.77 31.18
N LEU A 538 3.59 11.09 30.99
CA LEU A 538 3.54 11.68 29.68
C LEU A 538 4.86 12.30 29.30
N CYS A 539 5.31 12.06 28.08
CA CYS A 539 6.56 12.60 27.56
C CYS A 539 6.34 13.49 26.34
N LEU A 540 7.20 14.47 26.13
CA LEU A 540 7.13 15.34 24.97
C LEU A 540 7.47 14.49 23.70
N ASP A 541 6.60 14.59 22.70
CA ASP A 541 6.63 13.70 21.53
C ASP A 541 6.42 14.51 20.25
N SER A 542 7.33 14.30 19.29
CA SER A 542 7.29 14.97 18.01
C SER A 542 6.53 14.22 16.92
N ARG A 543 5.94 13.06 17.18
CA ARG A 543 5.40 12.29 16.07
C ARG A 543 4.21 12.98 15.39
N THR A 544 3.60 13.94 16.09
CA THR A 544 2.44 14.64 15.62
C THR A 544 2.83 15.96 15.00
N ALA A 545 4.13 16.22 14.90
CA ALA A 545 4.63 17.53 14.50
C ALA A 545 4.10 18.00 13.16
N LYS A 546 3.86 17.07 12.21
CA LYS A 546 3.39 17.43 10.84
C LYS A 546 1.88 17.25 10.71
N SER A 547 1.20 16.92 11.80
CA SER A 547 -0.22 16.84 11.77
C SER A 547 -0.82 17.61 12.93
N GLY A 548 -0.25 18.77 13.23
CA GLY A 548 -0.81 19.63 14.27
C GLY A 548 0.19 20.36 15.17
N GLY A 549 1.27 19.67 15.54
CA GLY A 549 2.26 20.22 16.49
C GLY A 549 2.73 19.17 17.51
N LEU A 550 3.65 19.54 18.39
CA LEU A 550 4.14 18.62 19.41
C LEU A 550 2.99 18.23 20.33
N SER A 551 3.09 17.00 20.83
CA SER A 551 2.09 16.46 21.69
C SER A 551 2.72 15.86 22.95
N VAL A 552 1.83 15.46 23.82
CA VAL A 552 2.18 14.73 24.99
C VAL A 552 1.74 13.29 24.69
N GLU A 553 2.58 12.30 25.00
CA GLU A 553 2.26 10.90 24.73
C GLU A 553 2.77 10.03 25.86
N VAL A 554 2.25 8.82 26.02
CA VAL A 554 2.71 8.00 27.14
C VAL A 554 4.19 7.68 26.94
N CYS A 555 4.99 7.83 27.99
CA CYS A 555 6.43 7.58 27.91
C CYS A 555 6.71 6.12 27.49
N GLY A 556 7.61 5.97 26.53
CA GLY A 556 8.02 4.70 26.04
C GLY A 556 9.27 4.85 25.20
N PRO A 557 9.76 3.73 24.65
CA PRO A 557 11.01 3.72 23.90
C PRO A 557 10.86 4.16 22.45
N ALA A 558 10.28 5.34 22.24
CA ALA A 558 10.08 5.89 20.89
C ALA A 558 11.12 6.96 20.64
N LEU A 559 11.68 6.99 19.46
CA LEU A 559 12.70 7.96 19.12
C LEU A 559 12.15 9.36 19.07
N SER A 560 10.86 9.48 18.85
CA SER A 560 10.22 10.80 18.75
C SER A 560 10.10 11.49 20.15
N GLN A 561 10.50 10.78 21.21
CA GLN A 561 10.54 11.29 22.58
C GLN A 561 11.96 11.57 23.06
N GLN A 562 12.92 11.56 22.13
CA GLN A 562 14.32 11.93 22.45
C GLN A 562 14.58 13.41 22.25
N TRP A 563 15.12 14.05 23.29
CA TRP A 563 15.36 15.50 23.27
C TRP A 563 16.58 15.80 24.13
N LYS A 564 17.45 16.66 23.63
CA LYS A 564 18.67 17.05 24.34
C LYS A 564 18.92 18.58 24.22
N PHE A 565 19.07 19.25 25.34
CA PHE A 565 19.44 20.64 25.33
C PHE A 565 20.90 20.75 24.93
N THR A 566 21.29 21.83 24.26
CA THR A 566 22.68 22.04 23.94
C THR A 566 23.56 22.43 25.14
N LEU A 567 23.04 23.15 26.13
CA LEU A 567 23.76 23.28 27.38
C LEU A 567 23.01 22.64 28.50
N ASN A 568 23.68 21.76 29.22
CA ASN A 568 23.19 21.17 30.45
C ASN A 568 24.07 21.66 31.59
N LEU A 569 23.46 22.31 32.57
CA LEU A 569 24.19 23.07 33.62
C LEU A 569 24.52 22.19 34.80
N LYS B 75 15.17 -0.42 -66.62
CA LYS B 75 15.68 -0.68 -65.23
C LYS B 75 17.14 -0.24 -65.13
N VAL B 76 17.52 0.34 -63.99
CA VAL B 76 18.77 1.03 -63.86
C VAL B 76 19.54 0.51 -62.64
N ARG B 77 20.85 0.32 -62.77
CA ARG B 77 21.63 -0.12 -61.64
C ARG B 77 21.56 0.99 -60.58
N TRP B 78 21.62 0.65 -59.30
CA TRP B 78 21.40 1.68 -58.27
C TRP B 78 22.37 2.85 -58.39
N PRO B 79 23.65 2.61 -58.72
CA PRO B 79 24.51 3.79 -58.76
C PRO B 79 24.15 4.80 -59.88
N ASP B 80 23.41 4.35 -60.89
CA ASP B 80 22.94 5.24 -61.96
C ASP B 80 21.64 5.95 -61.62
N PHE B 81 21.07 5.67 -60.46
CA PHE B 81 19.83 6.33 -60.11
C PHE B 81 20.10 7.77 -59.78
N ASN B 82 19.21 8.66 -60.21
CA ASN B 82 19.41 10.06 -59.97
C ASN B 82 18.89 10.56 -58.65
N GLN B 83 19.72 10.43 -57.62
CA GLN B 83 19.32 10.78 -56.27
C GLN B 83 18.93 12.23 -56.13
N GLU B 84 19.67 13.09 -56.79
CA GLU B 84 19.49 14.51 -56.67
C GLU B 84 18.16 14.93 -57.17
N ALA B 85 17.79 14.41 -58.31
CA ALA B 85 16.46 14.69 -58.84
C ALA B 85 15.36 14.14 -57.93
N TYR B 86 15.52 12.90 -57.47
CA TYR B 86 14.50 12.19 -56.67
C TYR B 86 14.24 12.94 -55.37
N VAL B 87 15.29 13.21 -54.62
CA VAL B 87 15.18 13.89 -53.33
C VAL B 87 14.90 15.40 -53.46
N GLY B 88 15.47 16.01 -54.51
CA GLY B 88 15.18 17.42 -54.82
C GLY B 88 13.69 17.60 -55.02
N GLY B 89 13.15 18.72 -54.61
CA GLY B 89 11.71 18.88 -54.83
C GLY B 89 10.79 18.08 -53.91
N THR B 90 11.34 17.41 -52.89
CA THR B 90 10.62 17.24 -51.63
C THR B 90 11.45 17.85 -50.50
N MET B 91 12.45 18.65 -50.81
CA MET B 91 13.33 19.20 -49.77
C MET B 91 12.64 20.23 -48.87
N VAL B 92 13.14 20.36 -47.65
CA VAL B 92 12.58 21.30 -46.69
C VAL B 92 12.84 22.72 -47.19
N ARG B 93 11.77 23.50 -47.34
CA ARG B 93 11.94 24.87 -47.84
C ARG B 93 12.54 25.77 -46.77
N SER B 94 13.15 26.86 -47.23
CA SER B 94 13.82 27.79 -46.34
C SER B 94 12.84 28.34 -45.30
N GLY B 95 13.27 28.32 -44.04
CA GLY B 95 12.43 28.74 -42.92
C GLY B 95 11.36 27.77 -42.43
N GLN B 96 11.25 26.59 -43.04
CA GLN B 96 10.27 25.60 -42.58
C GLN B 96 10.86 24.67 -41.54
N ASP B 97 9.99 24.01 -40.80
CA ASP B 97 10.39 23.15 -39.68
C ASP B 97 10.90 21.80 -40.24
N PRO B 98 12.18 21.48 -40.01
CA PRO B 98 12.73 20.26 -40.61
C PRO B 98 12.27 18.93 -39.99
N TYR B 99 11.52 19.01 -38.89
CA TYR B 99 10.96 17.87 -38.16
C TYR B 99 9.49 17.60 -38.39
N ALA B 100 8.76 18.52 -39.00
CA ALA B 100 7.30 18.41 -39.03
C ALA B 100 6.75 17.21 -39.80
N ARG B 101 7.24 16.98 -41.01
CA ARG B 101 6.73 15.93 -41.85
C ARG B 101 7.05 14.53 -41.32
N ASN B 102 8.24 14.31 -40.79
CA ASN B 102 8.71 12.94 -40.45
C ASN B 102 8.96 12.68 -38.97
N LYS B 103 8.97 13.72 -38.14
CA LYS B 103 9.40 13.61 -36.75
C LYS B 103 10.84 13.12 -36.62
N PHE B 104 11.61 13.35 -37.68
CA PHE B 104 13.08 13.35 -37.62
C PHE B 104 13.60 14.46 -38.54
N ASN B 105 14.88 14.75 -38.44
CA ASN B 105 15.43 15.92 -39.09
C ASN B 105 15.65 15.64 -40.57
N GLN B 106 14.75 16.14 -41.38
CA GLN B 106 14.82 15.85 -42.80
C GLN B 106 15.95 16.57 -43.52
N VAL B 107 16.38 17.70 -42.98
CA VAL B 107 17.49 18.40 -43.60
C VAL B 107 18.73 17.52 -43.51
N GLU B 108 18.97 16.96 -42.32
CA GLU B 108 20.16 16.14 -42.16
C GLU B 108 20.05 14.84 -42.98
N SER B 109 18.85 14.26 -43.09
CA SER B 109 18.67 13.05 -43.91
C SER B 109 18.93 13.35 -45.38
N ASP B 110 18.43 14.48 -45.85
CA ASP B 110 18.61 14.88 -47.23
C ASP B 110 20.06 15.24 -47.63
N LYS B 111 20.90 15.66 -46.70
CA LYS B 111 22.31 15.93 -47.02
C LYS B 111 23.12 14.68 -47.34
N LEU B 112 22.66 13.52 -46.88
CA LEU B 112 23.43 12.29 -46.94
C LEU B 112 23.39 11.66 -48.31
N ARG B 113 24.52 11.14 -48.76
CA ARG B 113 24.53 10.31 -49.96
C ARG B 113 23.69 9.03 -49.76
N MET B 114 23.11 8.55 -50.85
CA MET B 114 22.24 7.36 -50.79
C MET B 114 23.00 6.12 -50.37
N ASP B 115 24.31 6.12 -50.55
CA ASP B 115 25.19 5.05 -50.10
C ASP B 115 26.29 5.54 -49.13
N ARG B 116 25.95 6.45 -48.24
CA ARG B 116 26.96 6.98 -47.29
C ARG B 116 27.60 5.89 -46.51
N ALA B 117 28.86 6.08 -46.20
CA ALA B 117 29.63 5.12 -45.41
C ALA B 117 29.21 5.23 -43.96
N ILE B 118 29.20 4.09 -43.28
CA ILE B 118 28.82 4.02 -41.89
C ILE B 118 29.82 3.13 -41.17
N PRO B 119 29.99 3.35 -39.88
CA PRO B 119 31.02 2.54 -39.18
C PRO B 119 30.59 1.08 -39.06
N ASP B 120 31.56 0.19 -39.07
CA ASP B 120 31.36 -1.23 -38.83
C ASP B 120 31.29 -1.46 -37.32
N THR B 121 30.08 -1.74 -36.82
CA THR B 121 29.84 -1.81 -35.37
C THR B 121 29.88 -3.24 -34.83
N ARG B 122 30.17 -4.21 -35.71
CA ARG B 122 30.19 -5.62 -35.33
C ARG B 122 31.34 -5.95 -34.37
N HIS B 123 31.13 -6.92 -33.52
CA HIS B 123 32.20 -7.53 -32.77
C HIS B 123 33.35 -8.02 -33.66
N ASP B 124 34.57 -7.95 -33.16
CA ASP B 124 35.77 -8.38 -33.91
C ASP B 124 35.71 -9.77 -34.50
N GLN B 125 35.13 -10.67 -33.74
CA GLN B 125 34.93 -12.06 -34.10
C GLN B 125 34.09 -12.20 -35.36
N CYS B 126 33.09 -11.34 -35.55
CA CYS B 126 32.26 -11.36 -36.76
C CYS B 126 33.08 -10.95 -37.95
N GLN B 127 33.91 -9.94 -37.72
CA GLN B 127 34.67 -9.30 -38.79
C GLN B 127 35.63 -10.31 -39.42
N ARG B 128 36.02 -11.33 -38.67
CA ARG B 128 36.99 -12.34 -39.15
C ARG B 128 36.31 -13.52 -39.82
N LYS B 129 35.09 -13.84 -39.41
CA LYS B 129 34.39 -14.97 -40.00
C LYS B 129 34.20 -14.82 -41.51
N GLN B 130 34.22 -15.95 -42.21
CA GLN B 130 33.92 -16.01 -43.64
C GLN B 130 32.58 -16.70 -43.79
N TRP B 131 31.60 -15.96 -44.30
CA TRP B 131 30.20 -16.38 -44.24
C TRP B 131 29.89 -17.33 -45.38
N ARG B 132 29.26 -18.48 -45.08
CA ARG B 132 28.81 -19.44 -46.12
C ARG B 132 27.99 -18.82 -47.25
N VAL B 133 27.97 -19.50 -48.40
CA VAL B 133 27.80 -19.02 -49.78
C VAL B 133 26.48 -19.48 -50.41
N ASP B 134 26.30 -20.79 -50.28
CA ASP B 134 25.08 -21.48 -50.73
C ASP B 134 23.97 -21.33 -49.67
N LEU B 135 23.31 -20.19 -49.71
CA LEU B 135 22.26 -19.88 -48.77
C LEU B 135 21.07 -19.54 -49.63
N PRO B 136 19.87 -19.72 -49.12
CA PRO B 136 18.72 -19.31 -49.93
C PRO B 136 18.61 -17.81 -50.09
N ALA B 137 18.20 -17.35 -51.26
CA ALA B 137 17.96 -15.94 -51.47
C ALA B 137 16.74 -15.48 -50.69
N THR B 138 16.64 -14.16 -50.48
CA THR B 138 15.48 -13.60 -49.80
C THR B 138 14.75 -12.56 -50.64
N SER B 139 13.47 -12.41 -50.37
CA SER B 139 12.68 -11.29 -50.84
C SER B 139 12.57 -10.30 -49.66
N VAL B 140 13.01 -9.07 -49.86
CA VAL B 140 12.96 -8.02 -48.87
C VAL B 140 11.70 -7.20 -49.00
N VAL B 141 10.91 -7.13 -47.94
CA VAL B 141 9.66 -6.40 -47.97
C VAL B 141 9.78 -5.13 -47.11
N ILE B 142 9.50 -3.99 -47.71
CA ILE B 142 9.52 -2.73 -47.01
C ILE B 142 8.24 -1.98 -47.23
N THR B 143 7.44 -1.79 -46.21
CA THR B 143 6.25 -0.96 -46.33
C THR B 143 6.48 0.47 -45.89
N PHE B 144 5.75 1.42 -46.45
CA PHE B 144 5.93 2.81 -46.05
C PHE B 144 4.69 3.65 -46.32
N HIS B 145 4.49 4.65 -45.49
CA HIS B 145 3.41 5.64 -45.61
C HIS B 145 3.99 7.02 -45.38
N ASN B 146 4.14 7.80 -46.44
CA ASN B 146 4.76 9.11 -46.36
C ASN B 146 6.14 9.13 -45.71
N GLU B 147 7.05 8.33 -46.24
CA GLU B 147 8.43 8.32 -45.77
C GLU B 147 9.18 9.43 -46.48
N ALA B 148 10.24 9.93 -45.84
CA ALA B 148 11.14 10.86 -46.52
C ALA B 148 11.85 10.17 -47.63
N ARG B 149 11.88 10.80 -48.81
CA ARG B 149 12.53 10.19 -49.95
C ARG B 149 13.96 9.81 -49.71
N SER B 150 14.71 10.67 -49.00
CA SER B 150 16.11 10.37 -48.77
C SER B 150 16.24 9.08 -47.98
N ALA B 151 15.41 8.92 -46.96
CA ALA B 151 15.55 7.77 -46.05
C ALA B 151 15.08 6.45 -46.75
N LEU B 152 14.03 6.55 -47.55
CA LEU B 152 13.52 5.40 -48.28
C LEU B 152 14.56 4.90 -49.27
N LEU B 153 15.10 5.83 -50.06
CA LEU B 153 16.15 5.49 -51.04
C LEU B 153 17.35 4.88 -50.37
N ARG B 154 17.77 5.45 -49.23
CA ARG B 154 18.93 4.95 -48.55
C ARG B 154 18.73 3.56 -48.00
N THR B 155 17.53 3.27 -47.55
CA THR B 155 17.25 1.94 -47.06
C THR B 155 17.42 0.93 -48.21
N VAL B 156 16.81 1.26 -49.36
CA VAL B 156 16.91 0.39 -50.54
C VAL B 156 18.35 0.23 -51.01
N VAL B 157 19.11 1.32 -51.12
CA VAL B 157 20.46 1.12 -51.54
C VAL B 157 21.35 0.39 -50.53
N SER B 158 21.11 0.53 -49.22
CA SER B 158 21.96 -0.22 -48.29
C SER B 158 21.73 -1.71 -48.46
N VAL B 159 20.49 -2.10 -48.74
CA VAL B 159 20.22 -3.50 -49.00
C VAL B 159 20.98 -3.99 -50.24
N LEU B 160 20.91 -3.21 -51.31
CA LEU B 160 21.58 -3.59 -52.56
C LEU B 160 23.09 -3.57 -52.44
N LYS B 161 23.63 -2.62 -51.68
CA LYS B 161 25.05 -2.47 -51.67
C LYS B 161 25.71 -3.44 -50.70
N LYS B 162 25.06 -3.73 -49.55
CA LYS B 162 25.70 -4.52 -48.52
C LYS B 162 25.37 -6.02 -48.55
N SER B 163 24.48 -6.42 -49.44
CA SER B 163 24.07 -7.83 -49.56
C SER B 163 24.74 -8.48 -50.77
N PRO B 164 25.23 -9.72 -50.64
CA PRO B 164 25.65 -10.40 -51.88
C PRO B 164 24.52 -10.45 -52.87
N PRO B 165 24.80 -10.06 -54.10
CA PRO B 165 23.67 -9.89 -55.05
C PRO B 165 22.85 -11.12 -55.30
N HIS B 166 23.49 -12.28 -55.30
CA HIS B 166 22.72 -13.52 -55.52
C HIS B 166 21.77 -13.89 -54.37
N LEU B 167 21.92 -13.25 -53.22
CA LEU B 167 21.04 -13.53 -52.08
C LEU B 167 19.86 -12.55 -51.99
N ILE B 168 19.82 -11.55 -52.86
CA ILE B 168 18.66 -10.66 -52.97
C ILE B 168 17.87 -11.00 -54.25
N LYS B 169 16.73 -11.64 -54.04
CA LYS B 169 15.88 -12.01 -55.18
C LYS B 169 15.19 -10.78 -55.67
N GLU B 170 14.73 -9.96 -54.73
CA GLU B 170 13.96 -8.77 -55.03
C GLU B 170 13.74 -7.92 -53.77
N ILE B 171 13.38 -6.66 -53.98
CA ILE B 171 12.97 -5.76 -52.93
C ILE B 171 11.59 -5.28 -53.27
N ILE B 172 10.62 -5.62 -52.43
CA ILE B 172 9.26 -5.25 -52.62
C ILE B 172 8.87 -4.09 -51.71
N LEU B 173 8.49 -3.01 -52.31
CA LEU B 173 8.12 -1.82 -51.64
C LEU B 173 6.64 -1.74 -51.65
N VAL B 174 6.03 -1.68 -50.48
CA VAL B 174 4.59 -1.49 -50.41
C VAL B 174 4.24 -0.10 -49.98
N ASP B 175 3.79 0.70 -50.95
CA ASP B 175 3.38 2.09 -50.71
C ASP B 175 2.00 2.07 -50.10
N ASP B 176 1.93 2.32 -48.79
CA ASP B 176 0.65 2.26 -48.11
C ASP B 176 -0.08 3.59 -48.18
N TYR B 177 -0.56 3.91 -49.39
CA TYR B 177 -1.38 5.08 -49.62
C TYR B 177 -0.68 6.39 -49.20
N SER B 178 0.57 6.55 -49.63
CA SER B 178 1.29 7.82 -49.48
C SER B 178 0.59 8.94 -50.25
N ASN B 179 0.65 10.16 -49.73
CA ASN B 179 0.07 11.33 -50.43
C ASN B 179 0.52 11.41 -51.88
N ASP B 180 1.81 11.26 -52.11
CA ASP B 180 2.40 11.31 -53.44
C ASP B 180 2.82 9.92 -53.95
N PRO B 181 2.09 9.35 -54.92
CA PRO B 181 2.45 8.04 -55.46
C PRO B 181 3.86 7.95 -56.07
N GLU B 182 4.44 9.08 -56.45
CA GLU B 182 5.77 9.08 -57.06
C GLU B 182 6.91 8.70 -56.12
N ASP B 183 6.73 8.88 -54.80
CA ASP B 183 7.74 8.45 -53.84
C ASP B 183 8.12 6.99 -54.17
N GLY B 184 7.12 6.14 -54.29
CA GLY B 184 7.36 4.75 -54.62
C GLY B 184 7.65 4.51 -56.09
N ALA B 185 6.85 5.10 -56.96
CA ALA B 185 6.90 4.71 -58.36
C ALA B 185 8.22 5.03 -58.98
N LEU B 186 8.83 6.17 -58.62
CA LEU B 186 10.15 6.52 -59.17
C LEU B 186 11.23 5.48 -58.79
N LEU B 187 11.08 4.81 -57.67
CA LEU B 187 12.11 3.83 -57.28
C LEU B 187 11.98 2.55 -58.10
N GLY B 188 10.83 2.39 -58.75
CA GLY B 188 10.54 1.16 -59.56
C GLY B 188 11.49 0.99 -60.71
N LYS B 189 12.15 2.09 -61.13
CA LYS B 189 13.22 2.01 -62.12
C LYS B 189 14.43 1.17 -61.65
N ILE B 190 14.66 1.10 -60.34
CA ILE B 190 15.91 0.50 -59.85
C ILE B 190 15.84 -1.01 -59.97
N GLU B 191 16.95 -1.59 -60.42
CA GLU B 191 17.17 -3.03 -60.47
C GLU B 191 16.59 -3.69 -59.20
N LYS B 192 15.82 -4.77 -59.39
CA LYS B 192 15.32 -5.63 -58.39
C LYS B 192 14.19 -5.05 -57.58
N VAL B 193 13.83 -3.79 -57.80
CA VAL B 193 12.76 -3.16 -57.05
C VAL B 193 11.41 -3.34 -57.70
N ARG B 194 10.45 -3.80 -56.93
CA ARG B 194 9.09 -3.91 -57.33
C ARG B 194 8.25 -3.06 -56.44
N VAL B 195 7.34 -2.29 -57.00
CA VAL B 195 6.45 -1.48 -56.17
C VAL B 195 4.98 -1.79 -56.27
N LEU B 196 4.36 -1.87 -55.10
CA LEU B 196 2.96 -2.23 -54.99
C LEU B 196 2.33 -1.05 -54.30
N ARG B 197 1.27 -0.48 -54.82
CA ARG B 197 0.59 0.63 -54.18
C ARG B 197 -0.77 0.25 -53.66
N ASN B 198 -1.01 0.48 -52.37
CA ASN B 198 -2.36 0.33 -51.81
C ASN B 198 -3.21 1.52 -52.25
N ASP B 199 -4.43 1.24 -52.71
CA ASP B 199 -5.30 2.32 -53.19
C ASP B 199 -6.14 2.91 -52.08
N ARG B 200 -6.06 2.33 -50.88
CA ARG B 200 -6.45 3.04 -49.65
C ARG B 200 -5.45 2.69 -48.52
N ARG B 201 -5.52 3.44 -47.43
CA ARG B 201 -4.71 3.15 -46.25
C ARG B 201 -5.04 1.78 -45.66
N GLU B 202 -4.04 0.91 -45.54
CA GLU B 202 -4.25 -0.43 -45.03
C GLU B 202 -3.52 -0.67 -43.71
N GLY B 203 -2.48 0.11 -43.43
CA GLY B 203 -1.65 -0.11 -42.25
C GLY B 203 -0.54 -1.12 -42.49
N LEU B 204 0.33 -1.24 -41.51
CA LEU B 204 1.57 -2.03 -41.71
C LEU B 204 1.39 -3.53 -41.71
N MET B 205 0.41 -4.02 -41.02
CA MET B 205 0.15 -5.44 -40.98
C MET B 205 -0.37 -5.97 -42.31
N ARG B 206 -1.39 -5.35 -42.85
CA ARG B 206 -1.93 -5.76 -44.15
C ARG B 206 -0.96 -5.47 -45.28
N SER B 207 -0.16 -4.41 -45.15
CA SER B 207 0.82 -4.11 -46.15
C SER B 207 1.93 -5.10 -46.19
N ARG B 208 2.41 -5.53 -45.01
CA ARG B 208 3.39 -6.58 -45.01
C ARG B 208 2.88 -7.89 -45.60
N VAL B 209 1.64 -8.26 -45.30
CA VAL B 209 1.07 -9.50 -45.82
C VAL B 209 0.99 -9.42 -47.37
N ARG B 210 0.59 -8.26 -47.88
CA ARG B 210 0.52 -8.09 -49.33
C ARG B 210 1.92 -8.24 -49.97
N GLY B 211 2.95 -7.69 -49.33
CA GLY B 211 4.31 -7.89 -49.85
C GLY B 211 4.78 -9.34 -49.78
N ALA B 212 4.52 -9.99 -48.65
CA ALA B 212 4.86 -11.38 -48.50
C ALA B 212 4.19 -12.21 -49.59
N ASP B 213 2.92 -11.91 -49.88
CA ASP B 213 2.13 -12.71 -50.82
C ASP B 213 2.74 -12.61 -52.23
N ALA B 214 3.36 -11.45 -52.51
CA ALA B 214 3.93 -11.21 -53.79
C ALA B 214 5.32 -11.78 -53.91
N ALA B 215 5.92 -12.19 -52.80
CA ALA B 215 7.31 -12.63 -52.78
C ALA B 215 7.59 -13.94 -53.51
N GLN B 216 8.71 -13.99 -54.22
CA GLN B 216 9.08 -15.18 -55.00
C GLN B 216 10.12 -16.05 -54.34
N ALA B 217 10.85 -15.54 -53.33
CA ALA B 217 11.94 -16.30 -52.75
C ALA B 217 11.40 -17.19 -51.67
N LYS B 218 12.26 -18.05 -51.16
CA LYS B 218 11.91 -18.97 -50.08
C LYS B 218 11.98 -18.31 -48.68
N VAL B 219 12.68 -17.20 -48.55
CA VAL B 219 12.89 -16.51 -47.25
C VAL B 219 12.48 -15.07 -47.32
N LEU B 220 11.73 -14.62 -46.31
CA LEU B 220 11.28 -13.23 -46.26
C LEU B 220 12.14 -12.42 -45.34
N THR B 221 12.39 -11.17 -45.71
CA THR B 221 13.09 -10.23 -44.84
C THR B 221 12.26 -8.97 -44.75
N PHE B 222 11.90 -8.55 -43.53
CA PHE B 222 11.17 -7.26 -43.35
C PHE B 222 12.07 -6.17 -42.80
N LEU B 223 11.99 -4.97 -43.35
CA LEU B 223 12.71 -3.77 -42.83
C LEU B 223 11.76 -2.56 -42.81
N ASP B 224 11.90 -1.68 -41.82
CA ASP B 224 11.25 -0.40 -41.82
C ASP B 224 11.84 0.41 -42.96
N SER B 225 11.11 1.44 -43.36
CA SER B 225 11.56 2.32 -44.47
C SER B 225 12.58 3.43 -44.13
N HIS B 226 13.29 3.30 -43.03
CA HIS B 226 14.34 4.25 -42.64
C HIS B 226 15.43 3.48 -41.91
N CYS B 227 16.06 2.55 -42.61
CA CYS B 227 17.10 1.68 -42.05
C CYS B 227 18.34 1.75 -42.90
N GLU B 228 19.46 1.31 -42.35
CA GLU B 228 20.69 1.22 -43.10
C GLU B 228 21.38 -0.07 -42.67
N CYS B 229 21.46 -1.03 -43.59
CA CYS B 229 22.18 -2.28 -43.35
C CYS B 229 23.69 -2.11 -43.25
N ASN B 230 24.34 -2.84 -42.34
CA ASN B 230 25.78 -2.78 -42.21
C ASN B 230 26.48 -3.95 -42.94
N GLU B 231 27.81 -4.03 -42.81
CA GLU B 231 28.60 -5.07 -43.44
C GLU B 231 28.16 -6.52 -43.10
N HIS B 232 27.99 -7.34 -44.13
CA HIS B 232 27.63 -8.78 -43.97
C HIS B 232 26.48 -8.97 -42.94
N TRP B 233 25.47 -8.10 -43.05
CA TRP B 233 24.29 -8.15 -42.21
C TRP B 233 23.43 -9.37 -42.52
N LEU B 234 23.39 -9.77 -43.78
CA LEU B 234 22.37 -10.76 -44.20
C LEU B 234 22.77 -12.24 -43.96
N GLU B 235 24.01 -12.60 -44.24
CA GLU B 235 24.42 -13.99 -44.20
C GLU B 235 24.22 -14.61 -42.84
N PRO B 236 24.55 -13.86 -41.78
CA PRO B 236 24.34 -14.48 -40.47
C PRO B 236 22.88 -14.83 -40.17
N LEU B 237 21.94 -14.08 -40.74
CA LEU B 237 20.54 -14.26 -40.47
C LEU B 237 20.06 -15.46 -41.30
N LEU B 238 20.41 -15.45 -42.58
CA LEU B 238 20.02 -16.53 -43.47
C LEU B 238 20.55 -17.90 -43.05
N GLU B 239 21.76 -17.94 -42.49
CA GLU B 239 22.36 -19.15 -41.99
C GLU B 239 21.51 -19.78 -40.93
N ARG B 240 21.00 -18.98 -40.01
CA ARG B 240 20.20 -19.52 -38.93
C ARG B 240 18.95 -20.18 -39.52
N VAL B 241 18.29 -19.52 -40.46
CA VAL B 241 17.03 -20.05 -40.90
C VAL B 241 17.22 -21.17 -41.93
N ALA B 242 18.33 -21.18 -42.65
CA ALA B 242 18.62 -22.32 -43.54
C ALA B 242 18.85 -23.59 -42.69
N GLU B 243 19.49 -23.47 -41.53
CA GLU B 243 19.66 -24.62 -40.68
C GLU B 243 18.33 -25.11 -40.06
N ASP B 244 17.42 -24.21 -39.73
CA ASP B 244 16.18 -24.59 -39.04
C ASP B 244 15.14 -23.53 -39.31
N ARG B 245 14.20 -23.89 -40.16
CA ARG B 245 13.23 -22.93 -40.68
C ARG B 245 12.20 -22.43 -39.64
N THR B 246 12.23 -22.94 -38.42
CA THR B 246 11.33 -22.50 -37.37
C THR B 246 11.97 -21.38 -36.53
N ARG B 247 13.19 -21.00 -36.85
CA ARG B 247 13.81 -19.81 -36.24
C ARG B 247 13.44 -18.55 -36.97
N VAL B 248 12.97 -17.58 -36.23
CA VAL B 248 12.67 -16.26 -36.72
C VAL B 248 13.71 -15.33 -36.08
N VAL B 249 14.49 -14.66 -36.91
CA VAL B 249 15.70 -14.02 -36.43
C VAL B 249 15.81 -12.53 -36.81
N SER B 250 16.53 -11.79 -35.97
CA SER B 250 16.64 -10.33 -35.98
C SER B 250 18.07 -9.92 -35.86
N PRO B 251 18.48 -8.90 -36.56
CA PRO B 251 19.76 -8.28 -36.24
C PRO B 251 19.73 -7.50 -34.92
N ILE B 252 20.92 -7.17 -34.44
CA ILE B 252 21.06 -6.06 -33.50
C ILE B 252 20.73 -4.77 -34.26
N ILE B 253 19.84 -3.98 -33.66
CA ILE B 253 19.34 -2.79 -34.32
C ILE B 253 20.17 -1.57 -33.83
N ASP B 254 21.05 -1.06 -34.67
CA ASP B 254 21.86 0.11 -34.34
C ASP B 254 20.97 1.35 -34.41
N VAL B 255 21.41 2.43 -33.81
CA VAL B 255 20.60 3.65 -33.69
C VAL B 255 21.08 4.68 -34.71
N ILE B 256 20.17 5.18 -35.54
CA ILE B 256 20.46 6.31 -36.42
C ILE B 256 19.78 7.49 -35.75
N ASN B 257 20.60 8.43 -35.28
CA ASN B 257 20.08 9.54 -34.44
C ASN B 257 19.12 10.44 -35.20
N MET B 258 17.93 10.65 -34.65
CA MET B 258 16.88 11.38 -35.34
C MET B 258 17.17 12.87 -35.58
N ASP B 259 18.15 13.44 -34.86
CA ASP B 259 18.51 14.83 -35.00
C ASP B 259 19.68 15.07 -35.94
N ASN B 260 20.72 14.26 -35.83
CA ASN B 260 21.92 14.48 -36.62
C ASN B 260 22.26 13.36 -37.58
N PHE B 261 21.47 12.28 -37.56
CA PHE B 261 21.67 11.15 -38.45
C PHE B 261 22.97 10.41 -38.33
N GLN B 262 23.70 10.59 -37.24
CA GLN B 262 24.84 9.75 -36.99
C GLN B 262 24.42 8.30 -36.71
N TYR B 263 25.23 7.39 -37.18
CA TYR B 263 24.97 5.97 -37.03
C TYR B 263 25.70 5.51 -35.78
N VAL B 264 24.99 4.97 -34.80
CA VAL B 264 25.55 4.62 -33.50
C VAL B 264 25.39 3.15 -33.14
N GLY B 265 26.49 2.49 -32.79
CA GLY B 265 26.46 1.07 -32.44
C GLY B 265 25.70 0.80 -31.13
N ALA B 266 24.71 -0.09 -31.19
CA ALA B 266 23.91 -0.42 -30.03
C ALA B 266 24.61 -1.41 -29.15
N SER B 267 24.08 -1.61 -27.94
CA SER B 267 24.56 -2.66 -27.04
C SER B 267 24.11 -4.04 -27.58
N ALA B 268 24.99 -5.03 -27.46
CA ALA B 268 24.71 -6.44 -27.77
C ALA B 268 24.25 -7.20 -26.55
N ASP B 269 24.09 -6.54 -25.41
CA ASP B 269 23.71 -7.22 -24.20
C ASP B 269 22.21 -7.18 -23.90
N LEU B 270 21.39 -6.90 -24.91
CA LEU B 270 19.97 -6.65 -24.74
C LEU B 270 19.11 -7.79 -25.28
N LYS B 271 17.90 -7.92 -24.73
CA LYS B 271 16.86 -8.85 -25.18
C LYS B 271 15.58 -8.03 -25.28
N GLY B 272 14.63 -8.48 -26.10
CA GLY B 272 13.32 -7.81 -26.20
C GLY B 272 12.39 -8.28 -25.09
N GLY B 273 11.49 -7.42 -24.62
CA GLY B 273 10.59 -7.75 -23.53
C GLY B 273 9.42 -6.81 -23.48
N PHE B 274 8.67 -6.87 -22.38
CA PHE B 274 7.49 -6.07 -22.15
C PHE B 274 7.05 -6.18 -20.68
N ASP B 275 6.33 -5.18 -20.24
CA ASP B 275 5.61 -5.19 -18.98
C ASP B 275 4.13 -5.54 -19.23
N TRP B 276 3.33 -5.60 -18.15
CA TRP B 276 1.95 -6.00 -18.26
C TRP B 276 1.05 -5.04 -19.06
N ASN B 277 1.53 -3.83 -19.32
CA ASN B 277 0.87 -3.00 -20.33
C ASN B 277 1.07 -3.43 -21.80
N LEU B 278 1.87 -4.49 -22.01
CA LEU B 278 2.14 -5.02 -23.33
C LEU B 278 2.79 -4.03 -24.32
N VAL B 279 3.63 -3.14 -23.80
CA VAL B 279 4.41 -2.22 -24.62
C VAL B 279 5.82 -2.78 -24.70
N PHE B 280 6.37 -2.89 -25.91
CA PHE B 280 7.70 -3.43 -26.09
C PHE B 280 8.76 -2.62 -25.30
N LYS B 281 9.71 -3.29 -24.70
CA LYS B 281 10.90 -2.60 -24.07
C LYS B 281 12.14 -3.47 -24.16
N TRP B 282 13.31 -2.86 -24.13
CA TRP B 282 14.58 -3.60 -24.09
C TRP B 282 14.94 -3.96 -22.65
N ASP B 283 15.40 -5.18 -22.41
CA ASP B 283 15.86 -5.66 -21.10
C ASP B 283 17.35 -5.99 -21.27
N TYR B 284 18.17 -5.75 -20.27
CA TYR B 284 19.55 -6.26 -20.26
C TYR B 284 19.45 -7.74 -19.93
N MET B 285 20.36 -8.54 -20.46
CA MET B 285 20.53 -9.90 -20.01
C MET B 285 20.91 -9.86 -18.54
N THR B 286 20.61 -10.94 -17.80
CA THR B 286 21.02 -11.03 -16.40
C THR B 286 22.52 -11.23 -16.30
N PRO B 287 23.10 -10.90 -15.14
CA PRO B 287 24.53 -11.20 -14.96
C PRO B 287 24.88 -12.66 -15.23
N GLU B 288 23.99 -13.58 -14.89
CA GLU B 288 24.27 -15.01 -15.12
C GLU B 288 24.22 -15.33 -16.62
N GLN B 289 23.25 -14.79 -17.34
CA GLN B 289 23.17 -15.04 -18.80
C GLN B 289 24.45 -14.57 -19.48
N ARG B 290 24.91 -13.38 -19.08
CA ARG B 290 26.11 -12.79 -19.64
C ARG B 290 27.32 -13.64 -19.39
N ARG B 291 27.44 -14.09 -18.14
CA ARG B 291 28.57 -14.94 -17.79
C ARG B 291 28.60 -16.25 -18.62
N SER B 292 27.44 -16.88 -18.83
CA SER B 292 27.41 -18.13 -19.58
C SER B 292 27.73 -17.99 -21.09
N ARG B 293 27.80 -16.75 -21.58
CA ARG B 293 28.13 -16.48 -23.01
C ARG B 293 29.58 -16.07 -23.21
N GLN B 294 30.31 -15.83 -22.10
CA GLN B 294 31.71 -15.40 -22.13
C GLN B 294 32.54 -16.27 -23.08
N GLY B 295 32.22 -17.55 -23.14
CA GLY B 295 32.83 -18.47 -24.13
C GLY B 295 32.60 -18.16 -25.62
N ASN B 296 31.38 -17.74 -25.97
CA ASN B 296 31.07 -17.31 -27.37
C ASN B 296 30.18 -16.07 -27.35
N PRO B 297 30.79 -14.90 -27.34
CA PRO B 297 30.01 -13.68 -27.13
C PRO B 297 29.16 -13.25 -28.32
N VAL B 298 29.31 -13.86 -29.49
CA VAL B 298 28.44 -13.55 -30.61
C VAL B 298 27.48 -14.68 -30.94
N ALA B 299 27.20 -15.52 -29.97
CA ALA B 299 26.22 -16.57 -30.15
C ALA B 299 24.83 -15.94 -30.23
N PRO B 300 23.92 -16.57 -30.96
CA PRO B 300 22.53 -16.16 -30.97
C PRO B 300 21.97 -15.91 -29.59
N ILE B 301 21.09 -14.93 -29.49
CA ILE B 301 20.41 -14.63 -28.22
C ILE B 301 18.92 -14.93 -28.34
N LYS B 302 18.41 -15.79 -27.49
CA LYS B 302 17.00 -16.10 -27.48
C LYS B 302 16.30 -14.90 -26.93
N THR B 303 15.21 -14.45 -27.56
CA THR B 303 14.51 -13.29 -27.07
C THR B 303 13.02 -13.64 -26.96
N PRO B 304 12.36 -13.19 -25.90
CA PRO B 304 10.92 -13.39 -25.71
C PRO B 304 10.08 -12.67 -26.76
N MET B 305 10.61 -11.59 -27.30
CA MET B 305 9.89 -10.74 -28.15
C MET B 305 10.82 -10.03 -29.07
N ILE B 306 10.42 -9.86 -30.34
CA ILE B 306 11.22 -9.10 -31.29
C ILE B 306 10.69 -7.70 -31.32
N ALA B 307 11.54 -6.77 -31.70
CA ALA B 307 11.11 -5.39 -31.79
C ALA B 307 10.00 -5.28 -32.83
N GLY B 308 10.13 -6.00 -33.94
CA GLY B 308 8.99 -6.14 -34.84
C GLY B 308 9.24 -5.79 -36.30
N GLY B 309 10.09 -4.82 -36.55
CA GLY B 309 10.22 -4.28 -37.92
C GLY B 309 11.36 -4.86 -38.71
N LEU B 310 12.33 -5.51 -38.04
CA LEU B 310 13.49 -6.06 -38.70
C LEU B 310 13.62 -7.50 -38.35
N PHE B 311 13.21 -8.38 -39.26
CA PHE B 311 13.43 -9.80 -39.04
C PHE B 311 13.39 -10.60 -40.33
N VAL B 312 13.90 -11.82 -40.20
CA VAL B 312 14.00 -12.74 -41.27
C VAL B 312 13.23 -13.99 -40.87
N MET B 313 12.44 -14.54 -41.82
CA MET B 313 11.60 -15.70 -41.56
C MET B 313 11.42 -16.51 -42.84
N ASP B 314 11.50 -17.81 -42.72
CA ASP B 314 11.16 -18.74 -43.80
C ASP B 314 9.76 -18.44 -44.33
N LYS B 315 9.62 -18.26 -45.63
CA LYS B 315 8.33 -17.83 -46.16
C LYS B 315 7.20 -18.84 -45.99
N PHE B 316 7.48 -20.11 -46.17
CA PHE B 316 6.45 -21.16 -45.98
C PHE B 316 6.05 -21.22 -44.47
N TYR B 317 7.03 -21.09 -43.60
CA TYR B 317 6.74 -20.98 -42.18
C TYR B 317 5.83 -19.79 -41.85
N PHE B 318 6.15 -18.63 -42.38
CA PHE B 318 5.32 -17.43 -42.18
C PHE B 318 3.90 -17.71 -42.61
N GLU B 319 3.74 -18.40 -43.73
CA GLU B 319 2.39 -18.72 -44.21
C GLU B 319 1.70 -19.74 -43.34
N GLU B 320 2.39 -20.81 -43.01
CA GLU B 320 1.78 -21.86 -42.20
C GLU B 320 1.35 -21.37 -40.86
N LEU B 321 2.15 -20.51 -40.22
CA LEU B 321 1.77 -19.97 -38.90
C LEU B 321 0.68 -18.91 -38.96
N GLY B 322 0.22 -18.53 -40.14
CA GLY B 322 -0.90 -17.58 -40.25
C GLY B 322 -0.50 -16.12 -40.43
N LYS B 323 0.66 -15.88 -41.05
CA LYS B 323 1.01 -14.58 -41.56
C LYS B 323 0.97 -13.52 -40.42
N TYR B 324 0.12 -12.50 -40.56
CA TYR B 324 -0.29 -11.64 -39.47
C TYR B 324 -1.82 -11.62 -39.38
N ASP B 325 -2.33 -11.15 -38.24
CA ASP B 325 -3.76 -10.90 -38.02
C ASP B 325 -4.21 -9.74 -38.90
N MET B 326 -4.93 -10.06 -39.97
CA MET B 326 -5.32 -9.10 -40.98
C MET B 326 -6.29 -8.04 -40.49
N MET B 327 -6.88 -8.23 -39.32
CA MET B 327 -7.76 -7.21 -38.75
C MET B 327 -7.06 -6.19 -37.82
N MET B 328 -5.75 -6.32 -37.64
CA MET B 328 -5.00 -5.25 -36.97
C MET B 328 -4.85 -4.04 -37.91
N ASP B 329 -4.93 -2.83 -37.36
CA ASP B 329 -4.87 -1.58 -38.12
C ASP B 329 -3.68 -0.69 -37.76
N VAL B 330 -3.16 -0.03 -38.78
CA VAL B 330 -2.11 0.97 -38.74
C VAL B 330 -0.76 0.52 -38.16
N TRP B 331 -0.67 0.40 -36.84
CA TRP B 331 0.60 0.23 -36.12
C TRP B 331 0.27 -0.32 -34.72
N GLY B 332 1.14 -1.18 -34.19
CA GLY B 332 1.10 -1.54 -32.80
C GLY B 332 0.46 -2.89 -32.66
N GLY B 333 1.01 -3.70 -31.73
CA GLY B 333 0.45 -4.99 -31.39
C GLY B 333 0.85 -6.22 -32.21
N GLU B 334 1.28 -6.05 -33.47
CA GLU B 334 1.57 -7.20 -34.27
C GLU B 334 2.87 -7.88 -33.88
N ASN B 335 3.83 -7.10 -33.43
CA ASN B 335 5.08 -7.64 -32.90
C ASN B 335 4.87 -8.55 -31.69
N LEU B 336 3.94 -8.15 -30.84
CA LEU B 336 3.55 -8.92 -29.68
C LEU B 336 2.84 -10.23 -30.11
N GLU B 337 1.89 -10.09 -31.03
CA GLU B 337 1.13 -11.24 -31.52
C GLU B 337 2.03 -12.29 -32.19
N ILE B 338 2.92 -11.87 -33.09
CA ILE B 338 3.75 -12.83 -33.77
C ILE B 338 4.78 -13.45 -32.84
N SER B 339 5.25 -12.69 -31.83
CA SER B 339 6.21 -13.27 -30.87
C SER B 339 5.56 -14.39 -30.06
N PHE B 340 4.36 -14.12 -29.57
CA PHE B 340 3.63 -15.11 -28.79
C PHE B 340 3.32 -16.32 -29.66
N ARG B 341 2.85 -16.06 -30.86
CA ARG B 341 2.48 -17.16 -31.76
C ARG B 341 3.67 -18.05 -32.10
N VAL B 342 4.80 -17.46 -32.49
CA VAL B 342 5.96 -18.27 -32.84
C VAL B 342 6.41 -19.14 -31.67
N TRP B 343 6.52 -18.55 -30.48
CA TRP B 343 7.01 -19.33 -29.33
C TRP B 343 6.01 -20.41 -28.92
N GLN B 344 4.76 -20.03 -28.79
CA GLN B 344 3.77 -20.95 -28.33
C GLN B 344 3.53 -22.09 -29.31
N CYS B 345 3.73 -21.84 -30.60
CA CYS B 345 3.41 -22.84 -31.59
C CYS B 345 4.65 -23.58 -32.11
N GLY B 346 5.76 -23.57 -31.36
CA GLY B 346 6.88 -24.46 -31.67
C GLY B 346 8.12 -23.88 -32.34
N GLY B 347 8.12 -22.60 -32.73
CA GLY B 347 9.35 -21.97 -33.24
C GLY B 347 10.16 -21.24 -32.18
N SER B 348 11.12 -20.43 -32.61
CA SER B 348 11.86 -19.61 -31.70
C SER B 348 12.20 -18.26 -32.33
N LEU B 349 12.60 -17.32 -31.47
CA LEU B 349 12.93 -15.94 -31.83
C LEU B 349 14.36 -15.71 -31.37
N GLU B 350 15.20 -15.20 -32.25
CA GLU B 350 16.58 -14.92 -31.91
C GLU B 350 17.03 -13.52 -32.37
N ILE B 351 18.03 -12.99 -31.64
CA ILE B 351 18.79 -11.84 -32.03
C ILE B 351 20.18 -12.33 -32.33
N ILE B 352 20.73 -11.90 -33.45
CA ILE B 352 22.00 -12.37 -34.00
C ILE B 352 23.04 -11.25 -34.02
N PRO B 353 24.00 -11.33 -33.09
CA PRO B 353 24.89 -10.20 -32.88
C PRO B 353 25.77 -9.83 -34.09
N CYS B 354 26.09 -10.80 -34.94
CA CYS B 354 26.93 -10.49 -36.10
C CYS B 354 26.16 -9.72 -37.19
N SER B 355 24.86 -9.62 -37.06
CA SER B 355 24.03 -8.89 -38.00
C SER B 355 23.68 -7.55 -37.37
N ARG B 356 23.99 -6.48 -38.07
CA ARG B 356 23.77 -5.14 -37.63
C ARG B 356 23.04 -4.31 -38.67
N VAL B 357 21.95 -3.69 -38.26
CA VAL B 357 21.20 -2.81 -39.13
C VAL B 357 20.78 -1.57 -38.33
N GLY B 358 21.05 -0.40 -38.87
CA GLY B 358 20.64 0.83 -38.20
C GLY B 358 19.19 1.15 -38.49
N HIS B 359 18.57 1.87 -37.56
CA HIS B 359 17.21 2.31 -37.66
C HIS B 359 17.01 3.68 -37.04
N VAL B 360 16.24 4.53 -37.71
CA VAL B 360 15.89 5.83 -37.19
C VAL B 360 14.80 5.70 -36.15
N PHE B 361 15.19 5.65 -34.88
CA PHE B 361 14.24 5.67 -33.78
C PHE B 361 13.72 7.09 -33.55
N ARG B 362 12.41 7.22 -33.41
CA ARG B 362 11.85 8.54 -33.17
C ARG B 362 10.92 8.50 -31.98
N LYS B 363 10.49 9.67 -31.54
CA LYS B 363 9.71 9.80 -30.30
C LYS B 363 8.23 9.96 -30.56
N GLN B 364 7.86 10.40 -31.76
CA GLN B 364 6.46 10.55 -32.16
C GLN B 364 6.17 9.93 -33.55
N HIS B 365 4.94 9.48 -33.75
CA HIS B 365 4.47 9.04 -35.06
C HIS B 365 4.22 10.27 -35.91
N PRO B 366 4.68 10.28 -37.17
CA PRO B 366 4.39 11.40 -38.04
C PRO B 366 3.05 11.28 -38.81
N TYR B 367 2.36 10.13 -38.72
CA TYR B 367 1.16 9.87 -39.50
C TYR B 367 -0.06 9.73 -38.60
N THR B 368 -1.20 9.74 -39.27
CA THR B 368 -2.52 9.62 -38.63
C THR B 368 -2.86 8.19 -38.26
N PHE B 369 -3.67 8.11 -37.22
CA PHE B 369 -4.33 6.89 -36.82
C PHE B 369 -5.84 7.11 -36.88
N PRO B 370 -6.50 6.66 -37.97
CA PRO B 370 -7.98 6.69 -37.99
C PRO B 370 -8.64 6.07 -36.74
N GLY B 371 -9.32 6.92 -35.97
CA GLY B 371 -9.97 6.49 -34.73
C GLY B 371 -9.20 6.92 -33.50
N GLY B 372 -7.99 7.44 -33.69
CA GLY B 372 -7.14 7.80 -32.58
C GLY B 372 -6.12 6.71 -32.24
N SER B 373 -4.89 7.13 -31.99
CA SER B 373 -3.80 6.21 -31.81
C SER B 373 -3.96 5.35 -30.55
N GLY B 374 -4.48 5.95 -29.48
CA GLY B 374 -4.71 5.22 -28.23
C GLY B 374 -5.73 4.09 -28.43
N THR B 375 -6.78 4.36 -29.19
CA THR B 375 -7.79 3.34 -29.36
C THR B 375 -7.31 2.22 -30.34
N VAL B 376 -6.60 2.59 -31.40
CA VAL B 376 -6.08 1.59 -32.34
C VAL B 376 -5.09 0.65 -31.66
N PHE B 377 -4.16 1.23 -30.92
CA PHE B 377 -3.13 0.44 -30.25
C PHE B 377 -3.79 -0.54 -29.30
N ALA B 378 -4.78 -0.06 -28.58
CA ALA B 378 -5.51 -0.89 -27.64
C ALA B 378 -6.29 -1.98 -28.37
N ARG B 379 -6.95 -1.63 -29.46
CA ARG B 379 -7.70 -2.62 -30.21
C ARG B 379 -6.78 -3.75 -30.65
N ASN B 380 -5.68 -3.38 -31.32
CA ASN B 380 -4.75 -4.39 -31.81
C ASN B 380 -4.26 -5.27 -30.64
N THR B 381 -3.89 -4.63 -29.54
CA THR B 381 -3.29 -5.35 -28.41
C THR B 381 -4.33 -6.32 -27.81
N ARG B 382 -5.60 -5.90 -27.77
CA ARG B 382 -6.67 -6.78 -27.28
C ARG B 382 -6.80 -7.99 -28.15
N ARG B 383 -6.72 -7.79 -29.47
CA ARG B 383 -6.84 -8.91 -30.38
C ARG B 383 -5.74 -9.93 -30.10
N ALA B 384 -4.52 -9.48 -29.82
CA ALA B 384 -3.44 -10.39 -29.44
C ALA B 384 -3.71 -11.03 -28.09
N ALA B 385 -4.05 -10.23 -27.08
CA ALA B 385 -4.21 -10.75 -25.74
C ALA B 385 -5.35 -11.77 -25.66
N GLU B 386 -6.48 -11.48 -26.30
CA GLU B 386 -7.64 -12.38 -26.29
C GLU B 386 -7.40 -13.70 -27.01
N VAL B 387 -6.46 -13.76 -27.94
CA VAL B 387 -6.22 -15.02 -28.65
C VAL B 387 -5.16 -15.87 -27.95
N TRP B 388 -4.12 -15.23 -27.40
CA TRP B 388 -2.89 -15.96 -26.99
C TRP B 388 -2.64 -16.05 -25.51
N MET B 389 -3.17 -15.13 -24.73
CA MET B 389 -2.69 -14.95 -23.35
C MET B 389 -3.49 -15.73 -22.30
N ASP B 390 -4.57 -16.43 -22.73
CA ASP B 390 -5.45 -17.18 -21.82
C ASP B 390 -5.92 -16.25 -20.69
N GLU B 391 -5.88 -16.71 -19.44
CA GLU B 391 -6.35 -15.90 -18.28
C GLU B 391 -5.40 -14.73 -17.94
N TYR B 392 -4.15 -14.81 -18.41
CA TYR B 392 -3.18 -13.75 -18.10
C TYR B 392 -3.52 -12.44 -18.76
N LYS B 393 -4.48 -12.46 -19.69
CA LYS B 393 -4.98 -11.23 -20.26
C LYS B 393 -5.51 -10.29 -19.20
N ASN B 394 -5.97 -10.84 -18.09
CA ASN B 394 -6.49 -9.99 -17.02
C ASN B 394 -5.44 -9.09 -16.37
N PHE B 395 -4.17 -9.48 -16.44
CA PHE B 395 -3.10 -8.66 -15.93
C PHE B 395 -2.86 -7.46 -16.82
N TYR B 396 -3.12 -7.62 -18.11
CA TYR B 396 -3.10 -6.45 -19.05
C TYR B 396 -4.26 -5.52 -18.77
N TYR B 397 -5.46 -6.05 -18.63
CA TYR B 397 -6.61 -5.22 -18.27
C TYR B 397 -6.43 -4.53 -16.88
N ALA B 398 -5.72 -5.18 -15.97
CA ALA B 398 -5.41 -4.53 -14.66
C ALA B 398 -4.44 -3.39 -14.80
N ALA B 399 -3.48 -3.50 -15.73
CA ALA B 399 -2.56 -2.38 -16.01
C ALA B 399 -3.20 -1.26 -16.84
N VAL B 400 -4.13 -1.62 -17.73
CA VAL B 400 -4.74 -0.66 -18.67
C VAL B 400 -6.25 -0.85 -18.65
N PRO B 401 -6.91 -0.43 -17.56
CA PRO B 401 -8.32 -0.76 -17.43
C PRO B 401 -9.16 -0.11 -18.54
N SER B 402 -8.75 1.02 -19.06
CA SER B 402 -9.47 1.64 -20.16
C SER B 402 -9.55 0.77 -21.43
N ALA B 403 -8.67 -0.22 -21.58
CA ALA B 403 -8.73 -1.12 -22.73
C ALA B 403 -9.96 -2.01 -22.73
N ARG B 404 -10.56 -2.26 -21.58
CA ARG B 404 -11.75 -3.13 -21.52
C ARG B 404 -12.94 -2.54 -22.29
N ASN B 405 -12.95 -1.23 -22.50
CA ASN B 405 -14.04 -0.56 -23.20
C ASN B 405 -13.82 -0.44 -24.72
N VAL B 406 -12.70 -0.96 -25.23
CA VAL B 406 -12.39 -0.82 -26.66
C VAL B 406 -12.83 -2.05 -27.45
N PRO B 407 -13.79 -1.86 -28.37
CA PRO B 407 -14.23 -3.02 -29.14
C PRO B 407 -13.13 -3.46 -30.10
N TYR B 408 -13.00 -4.78 -30.23
CA TYR B 408 -11.89 -5.35 -30.96
C TYR B 408 -12.27 -6.24 -32.15
N GLY B 409 -13.57 -6.42 -32.40
CA GLY B 409 -14.02 -7.17 -33.58
C GLY B 409 -14.00 -8.68 -33.38
N ASN B 410 -14.00 -9.39 -34.49
CA ASN B 410 -14.13 -10.83 -34.54
C ASN B 410 -12.77 -11.53 -34.59
N ILE B 411 -12.52 -12.49 -33.70
CA ILE B 411 -11.22 -13.17 -33.59
C ILE B 411 -11.31 -14.66 -33.89
N GLN B 412 -12.44 -15.10 -34.41
CA GLN B 412 -12.69 -16.50 -34.62
C GLN B 412 -11.66 -17.19 -35.50
N SER B 413 -11.27 -16.56 -36.61
CA SER B 413 -10.27 -17.21 -37.45
C SER B 413 -8.89 -17.32 -36.77
N ARG B 414 -8.58 -16.36 -35.90
CA ARG B 414 -7.33 -16.47 -35.13
C ARG B 414 -7.41 -17.58 -34.07
N LEU B 415 -8.54 -17.68 -33.40
CA LEU B 415 -8.75 -18.79 -32.47
C LEU B 415 -8.64 -20.12 -33.19
N GLU B 416 -9.27 -20.22 -34.36
CA GLU B 416 -9.20 -21.47 -35.14
C GLU B 416 -7.80 -21.81 -35.62
N LEU B 417 -7.04 -20.77 -35.98
CA LEU B 417 -5.62 -20.96 -36.25
C LEU B 417 -4.86 -21.58 -35.09
N ARG B 418 -5.07 -21.02 -33.89
CA ARG B 418 -4.40 -21.54 -32.71
C ARG B 418 -4.73 -23.01 -32.43
N LYS B 419 -6.02 -23.33 -32.58
CA LYS B 419 -6.51 -24.72 -32.42
C LYS B 419 -5.81 -25.66 -33.39
N LYS B 420 -5.85 -25.28 -34.65
CA LYS B 420 -5.25 -26.05 -35.72
C LYS B 420 -3.74 -26.34 -35.54
N LEU B 421 -3.00 -25.36 -35.05
CA LEU B 421 -1.56 -25.54 -34.80
C LEU B 421 -1.22 -26.31 -33.51
N SER B 422 -2.17 -26.61 -32.66
CA SER B 422 -1.81 -27.20 -31.33
C SER B 422 -0.68 -26.38 -30.61
N CYS B 423 -1.01 -25.19 -30.18
CA CYS B 423 -0.04 -24.31 -29.54
C CYS B 423 -0.08 -24.53 -28.05
N LYS B 424 1.07 -24.33 -27.38
CA LYS B 424 1.18 -24.39 -25.91
C LYS B 424 0.48 -23.21 -25.25
N PRO B 425 0.03 -23.38 -24.00
CA PRO B 425 -0.65 -22.29 -23.32
C PRO B 425 0.29 -21.17 -22.89
N PHE B 426 -0.29 -20.02 -22.58
CA PHE B 426 0.54 -18.87 -22.23
C PHE B 426 1.40 -19.10 -20.98
N LYS B 427 0.88 -19.91 -20.06
CA LYS B 427 1.63 -20.24 -18.88
C LYS B 427 2.96 -20.87 -19.25
N TRP B 428 2.93 -21.74 -20.25
CA TRP B 428 4.17 -22.33 -20.71
C TRP B 428 5.15 -21.25 -21.24
N TYR B 429 4.63 -20.26 -21.96
CA TYR B 429 5.46 -19.16 -22.44
C TYR B 429 6.12 -18.40 -21.27
N LEU B 430 5.33 -18.06 -20.26
CA LEU B 430 5.86 -17.38 -19.11
C LEU B 430 6.94 -18.17 -18.41
N GLU B 431 6.73 -19.47 -18.24
CA GLU B 431 7.67 -20.31 -17.48
C GLU B 431 8.93 -20.62 -18.26
N ASN B 432 8.82 -20.77 -19.58
CA ASN B 432 9.95 -21.27 -20.38
C ASN B 432 10.61 -20.27 -21.27
N VAL B 433 9.88 -19.26 -21.68
CA VAL B 433 10.42 -18.26 -22.55
C VAL B 433 10.72 -16.97 -21.82
N TYR B 434 9.77 -16.45 -21.01
CA TYR B 434 9.96 -15.15 -20.38
C TYR B 434 9.78 -15.23 -18.86
N PRO B 435 10.58 -16.08 -18.21
CA PRO B 435 10.43 -16.26 -16.76
C PRO B 435 10.75 -15.03 -15.95
N GLU B 436 11.51 -14.12 -16.52
CA GLU B 436 11.93 -12.92 -15.76
C GLU B 436 10.83 -11.90 -15.65
N LEU B 437 9.74 -12.05 -16.43
CA LEU B 437 8.59 -11.18 -16.24
C LEU B 437 7.91 -11.55 -14.91
N ARG B 438 7.75 -10.59 -14.01
CA ARG B 438 7.20 -10.84 -12.70
C ARG B 438 5.70 -11.02 -12.80
N VAL B 439 5.19 -12.16 -12.39
CA VAL B 439 3.74 -12.36 -12.48
C VAL B 439 3.06 -12.37 -11.11
N PRO B 440 1.95 -11.62 -10.98
CA PRO B 440 1.18 -11.63 -9.71
C PRO B 440 0.66 -12.99 -9.35
N ASP B 441 0.55 -13.25 -8.06
CA ASP B 441 -0.16 -14.44 -7.62
C ASP B 441 -1.57 -14.32 -8.12
N HIS B 442 -2.18 -15.43 -8.45
CA HIS B 442 -3.52 -15.42 -9.06
C HIS B 442 -4.59 -14.82 -8.10
N GLN B 443 -4.30 -14.81 -6.80
CA GLN B 443 -5.22 -14.18 -5.82
C GLN B 443 -4.80 -12.81 -5.27
N ASP B 444 -3.73 -12.24 -5.80
CA ASP B 444 -3.36 -10.86 -5.44
C ASP B 444 -4.49 -9.91 -5.82
N ILE B 445 -4.72 -8.94 -4.95
CA ILE B 445 -5.76 -7.93 -5.13
C ILE B 445 -5.20 -6.81 -6.02
N ALA B 446 -3.91 -6.53 -5.87
CA ALA B 446 -3.25 -5.47 -6.61
C ALA B 446 -1.76 -5.76 -6.63
N PHE B 447 -1.02 -5.11 -7.52
CA PHE B 447 0.36 -5.46 -7.78
C PHE B 447 1.10 -4.33 -8.47
N GLY B 448 2.42 -4.30 -8.30
CA GLY B 448 3.31 -3.50 -9.13
C GLY B 448 3.98 -2.45 -8.28
N ALA B 449 3.92 -1.21 -8.72
CA ALA B 449 4.47 -0.11 -7.95
C ALA B 449 3.31 0.55 -7.28
N LEU B 450 3.59 1.20 -6.17
CA LEU B 450 2.59 1.96 -5.46
C LEU B 450 2.98 3.42 -5.56
N GLN B 451 2.26 4.16 -6.41
CA GLN B 451 2.65 5.50 -6.84
C GLN B 451 1.93 6.58 -6.15
N GLN B 452 2.67 7.64 -5.89
CA GLN B 452 2.11 8.87 -5.38
C GLN B 452 2.80 9.97 -6.21
N GLY B 453 2.05 10.53 -7.17
CA GLY B 453 2.63 11.53 -8.08
C GLY B 453 3.74 10.87 -8.87
N THR B 454 4.93 11.44 -8.88
CA THR B 454 6.05 10.77 -9.55
C THR B 454 6.94 10.01 -8.56
N ASN B 455 6.51 9.88 -7.31
CA ASN B 455 7.16 9.02 -6.32
C ASN B 455 6.50 7.65 -6.16
N CYS B 456 7.31 6.71 -5.73
CA CYS B 456 6.89 5.31 -5.52
C CYS B 456 7.34 4.84 -4.11
N LEU B 457 6.51 4.04 -3.46
CA LEU B 457 6.86 3.31 -2.24
C LEU B 457 8.11 2.50 -2.47
N ASP B 458 9.08 2.64 -1.58
CA ASP B 458 10.39 2.06 -1.81
C ASP B 458 10.97 1.55 -0.50
N THR B 459 11.51 0.33 -0.49
CA THR B 459 12.16 -0.17 0.72
C THR B 459 13.43 0.55 1.11
N LEU B 460 14.06 1.25 0.16
CA LEU B 460 15.31 1.95 0.39
C LEU B 460 16.46 0.97 0.66
N GLY B 461 16.30 -0.29 0.28
CA GLY B 461 17.24 -1.31 0.63
C GLY B 461 17.15 -1.83 2.07
N HIS B 462 16.16 -1.42 2.82
CA HIS B 462 15.99 -1.90 4.20
C HIS B 462 15.37 -3.31 4.25
N PHE B 463 15.60 -3.98 5.37
CA PHE B 463 15.04 -5.32 5.62
C PHE B 463 14.20 -5.26 6.88
N ALA B 464 14.00 -6.40 7.56
CA ALA B 464 13.08 -6.43 8.65
C ALA B 464 13.50 -5.47 9.75
N ASP B 465 12.49 -4.83 10.35
CA ASP B 465 12.66 -3.80 11.38
C ASP B 465 13.06 -2.41 10.85
N GLY B 466 13.14 -2.26 9.55
CA GLY B 466 13.54 -1.01 8.97
C GLY B 466 12.33 -0.21 8.51
N VAL B 467 12.52 1.09 8.40
CA VAL B 467 11.51 1.98 7.91
C VAL B 467 11.41 1.87 6.39
N VAL B 468 10.35 2.47 5.87
CA VAL B 468 10.10 2.44 4.45
C VAL B 468 9.95 3.91 3.98
N GLY B 469 10.17 4.17 2.70
CA GLY B 469 10.10 5.53 2.22
C GLY B 469 9.48 5.65 0.82
N VAL B 470 9.73 6.79 0.20
CA VAL B 470 9.42 7.02 -1.22
C VAL B 470 10.67 7.48 -1.95
N TYR B 471 10.67 7.25 -3.25
CA TYR B 471 11.78 7.54 -4.10
C TYR B 471 11.13 7.73 -5.48
N GLU B 472 11.78 8.50 -6.36
CA GLU B 472 11.28 8.74 -7.70
C GLU B 472 11.00 7.41 -8.39
N CYS B 473 9.84 7.28 -9.02
CA CYS B 473 9.47 6.03 -9.70
C CYS B 473 10.46 5.79 -10.83
N HIS B 474 10.92 4.57 -10.96
CA HIS B 474 11.90 4.27 -11.96
C HIS B 474 11.53 3.12 -12.87
N ASN B 475 10.43 2.46 -12.60
CA ASN B 475 9.91 1.38 -13.42
C ASN B 475 10.85 0.23 -13.67
N ALA B 476 11.80 0.05 -12.79
CA ALA B 476 12.78 -1.06 -12.85
C ALA B 476 12.56 -2.12 -11.75
N GLY B 477 11.40 -2.10 -11.10
CA GLY B 477 11.08 -3.14 -10.12
C GLY B 477 11.92 -3.02 -8.85
N GLY B 478 12.58 -4.11 -8.49
CA GLY B 478 13.35 -4.26 -7.24
C GLY B 478 12.69 -3.67 -6.02
N ASN B 479 13.32 -2.67 -5.40
CA ASN B 479 12.83 -2.11 -4.15
C ASN B 479 11.53 -1.36 -4.26
N GLN B 480 11.00 -1.22 -5.51
CA GLN B 480 9.72 -0.56 -5.72
C GLN B 480 8.63 -1.53 -6.14
N GLU B 481 8.91 -2.81 -6.07
CA GLU B 481 7.88 -3.87 -6.34
C GLU B 481 7.08 -4.35 -5.11
N TRP B 482 5.75 -4.25 -5.19
CA TRP B 482 4.85 -4.57 -4.10
C TRP B 482 3.64 -5.37 -4.57
N ALA B 483 2.94 -5.98 -3.64
CA ALA B 483 1.65 -6.57 -3.91
C ALA B 483 0.72 -6.33 -2.74
N LEU B 484 -0.58 -6.22 -3.02
CA LEU B 484 -1.59 -6.28 -2.01
C LEU B 484 -2.13 -7.69 -2.13
N THR B 485 -1.90 -8.51 -1.12
CA THR B 485 -2.23 -9.91 -1.17
C THR B 485 -3.71 -10.24 -0.82
N LYS B 486 -4.12 -11.49 -1.10
CA LYS B 486 -5.43 -12.02 -0.61
C LYS B 486 -5.55 -11.93 0.92
N GLU B 487 -4.45 -12.01 1.66
CA GLU B 487 -4.46 -11.83 3.13
C GLU B 487 -4.49 -10.34 3.54
N LYS B 488 -4.60 -9.43 2.57
CA LYS B 488 -4.66 -7.98 2.83
C LYS B 488 -3.33 -7.35 3.29
N SER B 489 -2.21 -7.98 2.97
CA SER B 489 -0.93 -7.43 3.37
C SER B 489 -0.28 -6.72 2.17
N VAL B 490 0.48 -5.68 2.44
CA VAL B 490 1.22 -4.99 1.44
C VAL B 490 2.66 -5.45 1.53
N LYS B 491 3.07 -6.27 0.58
CA LYS B 491 4.32 -6.97 0.70
C LYS B 491 5.30 -6.81 -0.42
N HIS B 492 6.55 -6.94 -0.02
CA HIS B 492 7.68 -6.97 -0.89
C HIS B 492 8.49 -8.18 -0.49
N MET B 493 8.77 -9.11 -1.44
CA MET B 493 9.39 -10.36 -1.07
C MET B 493 8.56 -11.00 0.05
N ASP B 494 9.16 -11.34 1.19
CA ASP B 494 8.39 -11.88 2.30
C ASP B 494 8.33 -10.90 3.48
N LEU B 495 8.48 -9.61 3.19
CA LEU B 495 8.33 -8.53 4.20
C LEU B 495 7.05 -7.75 3.97
N CYS B 496 6.42 -7.30 5.05
CA CYS B 496 5.11 -6.69 4.99
C CYS B 496 5.13 -5.34 5.73
N LEU B 497 4.34 -4.38 5.26
CA LEU B 497 4.16 -3.11 6.01
C LEU B 497 3.37 -3.35 7.29
N THR B 498 3.95 -2.97 8.42
CA THR B 498 3.44 -3.33 9.67
C THR B 498 3.19 -2.07 10.51
N VAL B 499 1.98 -1.99 11.03
CA VAL B 499 1.60 -0.90 11.94
C VAL B 499 2.00 -1.27 13.32
N VAL B 500 3.19 -0.84 13.73
CA VAL B 500 3.77 -1.26 14.96
C VAL B 500 3.21 -0.44 16.08
N ASP B 501 2.63 0.71 15.74
CA ASP B 501 2.13 1.66 16.78
C ASP B 501 1.01 2.49 16.18
N ARG B 502 -0.18 2.43 16.79
CA ARG B 502 -1.37 3.06 16.22
C ARG B 502 -1.55 4.57 16.59
N ALA B 503 -0.68 5.14 17.42
CA ALA B 503 -0.72 6.60 17.66
C ALA B 503 -0.43 7.33 16.34
N PRO B 504 -1.29 8.32 15.97
CA PRO B 504 -1.14 9.03 14.70
C PRO B 504 0.21 9.67 14.63
N GLY B 505 0.85 9.59 13.49
CA GLY B 505 2.21 10.06 13.33
C GLY B 505 3.32 9.00 13.52
N SER B 506 2.95 7.79 13.98
CA SER B 506 3.93 6.71 14.15
C SER B 506 4.47 6.19 12.83
N LEU B 507 5.80 5.92 12.80
CA LEU B 507 6.40 5.25 11.66
C LEU B 507 5.92 3.80 11.56
N ILE B 508 5.79 3.30 10.33
CA ILE B 508 5.57 1.90 10.11
C ILE B 508 6.89 1.19 9.86
N LYS B 509 6.87 -0.12 9.95
CA LYS B 509 8.05 -0.93 9.80
C LYS B 509 7.78 -2.12 8.90
N LEU B 510 8.83 -2.54 8.24
CA LEU B 510 8.88 -3.83 7.53
C LEU B 510 9.08 -4.98 8.52
N GLN B 511 8.25 -6.03 8.44
CA GLN B 511 8.43 -7.25 9.25
C GLN B 511 8.08 -8.45 8.39
N GLY B 512 8.61 -9.63 8.75
CA GLY B 512 8.23 -10.88 8.11
C GLY B 512 6.72 -11.04 8.09
N CYS B 513 6.17 -11.36 6.91
CA CYS B 513 4.73 -11.52 6.75
C CYS B 513 4.20 -12.71 7.57
N ARG B 514 3.17 -12.48 8.37
CA ARG B 514 2.43 -13.53 9.10
C ARG B 514 0.94 -13.27 8.92
N GLU B 515 0.22 -14.24 8.37
CA GLU B 515 -1.22 -14.12 8.09
C GLU B 515 -2.03 -13.75 9.33
N ASP B 516 -1.60 -14.20 10.49
CA ASP B 516 -2.34 -13.98 11.70
C ASP B 516 -2.01 -12.67 12.41
N ASP B 517 -1.21 -11.80 11.81
CA ASP B 517 -0.84 -10.50 12.40
C ASP B 517 -1.72 -9.37 11.88
N SER B 518 -2.64 -8.94 12.73
CA SER B 518 -3.61 -7.92 12.32
C SER B 518 -2.93 -6.56 12.05
N ARG B 519 -1.72 -6.37 12.56
CA ARG B 519 -0.99 -5.13 12.33
C ARG B 519 -0.57 -4.95 10.87
N GLN B 520 -0.66 -6.01 10.09
CA GLN B 520 -0.21 -6.01 8.72
C GLN B 520 -1.36 -5.94 7.68
N LYS B 521 -2.58 -5.67 8.13
CA LYS B 521 -3.76 -5.65 7.24
C LYS B 521 -4.15 -4.28 6.77
N TRP B 522 -4.29 -4.17 5.48
CA TRP B 522 -4.57 -2.93 4.79
C TRP B 522 -5.71 -3.16 3.81
N GLU B 523 -6.42 -2.09 3.47
CA GLU B 523 -7.45 -2.12 2.45
C GLU B 523 -7.49 -0.84 1.61
N GLN B 524 -7.78 -1.01 0.32
CA GLN B 524 -7.92 0.13 -0.61
C GLN B 524 -9.22 0.81 -0.37
N ILE B 525 -9.20 2.14 -0.29
CA ILE B 525 -10.44 2.93 -0.18
C ILE B 525 -10.49 4.08 -1.21
N GLU B 526 -11.67 4.70 -1.29
CA GLU B 526 -11.94 5.87 -2.17
C GLU B 526 -11.53 5.64 -3.60
N GLY B 527 -12.10 4.60 -4.20
CA GLY B 527 -11.80 4.33 -5.60
C GLY B 527 -10.38 3.86 -5.82
N ASN B 528 -9.86 3.05 -4.91
CA ASN B 528 -8.50 2.54 -5.01
C ASN B 528 -7.45 3.66 -5.11
N SER B 529 -7.67 4.68 -4.30
CA SER B 529 -6.78 5.83 -4.28
C SER B 529 -6.07 6.06 -2.93
N LYS B 530 -6.42 5.29 -1.90
CA LYS B 530 -5.74 5.36 -0.61
C LYS B 530 -5.62 3.98 0.05
N LEU B 531 -4.84 3.90 1.12
CA LEU B 531 -4.65 2.65 1.88
C LEU B 531 -4.86 2.85 3.33
N ARG B 532 -5.87 2.17 3.85
CA ARG B 532 -6.25 2.32 5.24
C ARG B 532 -5.93 1.05 6.01
N HIS B 533 -5.45 1.21 7.22
CA HIS B 533 -5.18 0.10 8.04
C HIS B 533 -6.49 -0.46 8.58
N VAL B 534 -6.72 -1.75 8.30
CA VAL B 534 -7.99 -2.42 8.63
C VAL B 534 -8.29 -2.33 10.11
N GLY B 535 -9.51 -1.94 10.44
CA GLY B 535 -9.96 -1.84 11.83
C GLY B 535 -9.58 -0.52 12.47
N SER B 536 -9.21 0.48 11.66
CA SER B 536 -8.77 1.75 12.22
C SER B 536 -9.27 2.88 11.33
N ASN B 537 -9.04 4.11 11.77
CA ASN B 537 -9.18 5.27 10.88
C ASN B 537 -7.79 5.83 10.51
N LEU B 538 -6.82 4.95 10.29
CA LEU B 538 -5.45 5.33 9.97
C LEU B 538 -5.11 5.01 8.55
N CYS B 539 -4.47 5.97 7.87
CA CYS B 539 -4.13 5.80 6.46
C CYS B 539 -2.61 5.89 6.26
N LEU B 540 -2.10 5.23 5.23
CA LEU B 540 -0.71 5.31 4.92
C LEU B 540 -0.36 6.74 4.42
N ASP B 541 0.68 7.35 5.03
CA ASP B 541 0.97 8.76 4.83
C ASP B 541 2.48 9.00 4.63
N SER B 542 2.82 9.78 3.60
CA SER B 542 4.19 10.07 3.24
C SER B 542 4.73 11.39 3.79
N ARG B 543 3.96 12.13 4.58
CA ARG B 543 4.39 13.49 4.94
C ARG B 543 5.66 13.51 5.79
N THR B 544 5.99 12.38 6.37
CA THR B 544 7.19 12.34 7.22
C THR B 544 8.29 11.55 6.51
N ALA B 545 8.13 11.30 5.21
CA ALA B 545 9.07 10.44 4.47
C ALA B 545 10.55 10.83 4.52
N LYS B 546 10.84 12.13 4.59
CA LYS B 546 12.23 12.61 4.60
C LYS B 546 12.71 12.92 6.00
N SER B 547 11.87 12.71 6.99
CA SER B 547 12.27 12.93 8.33
C SER B 547 11.97 11.67 9.15
N GLY B 548 12.21 10.48 8.57
CA GLY B 548 11.98 9.25 9.34
C GLY B 548 11.44 8.04 8.57
N GLY B 549 10.44 8.27 7.71
CA GLY B 549 9.83 7.23 6.89
C GLY B 549 8.32 7.40 6.76
N LEU B 550 7.68 6.48 6.03
CA LEU B 550 6.23 6.48 6.01
C LEU B 550 5.63 6.27 7.37
N SER B 551 4.46 6.85 7.57
CA SER B 551 3.77 6.78 8.80
C SER B 551 2.30 6.40 8.59
N VAL B 552 1.64 6.24 9.72
CA VAL B 552 0.24 6.05 9.79
C VAL B 552 -0.31 7.39 10.33
N GLU B 553 -1.33 7.95 9.70
CA GLU B 553 -1.97 9.21 10.19
C GLU B 553 -3.49 9.09 10.07
N VAL B 554 -4.24 9.90 10.81
CA VAL B 554 -5.71 9.81 10.70
C VAL B 554 -6.17 10.13 9.27
N CYS B 555 -7.05 9.31 8.72
CA CYS B 555 -7.46 9.46 7.32
C CYS B 555 -8.11 10.86 7.15
N GLY B 556 -7.70 11.54 6.11
CA GLY B 556 -8.12 12.89 5.88
C GLY B 556 -7.72 13.31 4.50
N PRO B 557 -7.98 14.59 4.19
CA PRO B 557 -7.93 15.03 2.81
C PRO B 557 -6.56 15.54 2.44
N ALA B 558 -5.56 14.72 2.68
CA ALA B 558 -4.16 15.11 2.46
C ALA B 558 -3.62 14.39 1.25
N LEU B 559 -2.87 15.10 0.43
CA LEU B 559 -2.31 14.52 -0.77
C LEU B 559 -1.26 13.45 -0.46
N SER B 560 -0.67 13.55 0.74
CA SER B 560 0.34 12.62 1.17
C SER B 560 -0.27 11.24 1.54
N GLN B 561 -1.61 11.11 1.48
CA GLN B 561 -2.31 9.82 1.67
C GLN B 561 -2.81 9.20 0.37
N GLN B 562 -2.37 9.73 -0.78
CA GLN B 562 -2.80 9.22 -2.10
C GLN B 562 -1.81 8.22 -2.60
N TRP B 563 -2.33 7.06 -2.99
CA TRP B 563 -1.53 5.95 -3.43
C TRP B 563 -2.33 5.11 -4.44
N LYS B 564 -1.68 4.72 -5.51
CA LYS B 564 -2.28 3.88 -6.56
C LYS B 564 -1.34 2.79 -7.02
N PHE B 565 -1.80 1.54 -6.98
CA PHE B 565 -1.04 0.45 -7.54
C PHE B 565 -1.09 0.50 -9.04
N THR B 566 -0.04 0.05 -9.72
CA THR B 566 -0.07 0.07 -11.18
C THR B 566 -0.96 -1.01 -11.77
N LEU B 567 -1.08 -2.18 -11.13
CA LEU B 567 -2.17 -3.10 -11.49
C LEU B 567 -3.18 -3.28 -10.39
N ASN B 568 -4.45 -3.07 -10.74
CA ASN B 568 -5.57 -3.36 -9.88
C ASN B 568 -6.40 -4.50 -10.44
N LEU B 569 -6.53 -5.60 -9.70
CA LEU B 569 -7.09 -6.84 -10.23
C LEU B 569 -8.60 -6.86 -10.10
N LYS C 75 -9.46 2.58 29.77
CA LYS C 75 -9.92 1.78 28.62
C LYS C 75 -8.75 1.53 27.66
N VAL C 76 -8.75 0.37 27.00
CA VAL C 76 -7.60 -0.04 26.21
C VAL C 76 -8.07 -0.50 24.80
N ARG C 77 -7.25 -0.23 23.79
CA ARG C 77 -7.49 -0.67 22.42
C ARG C 77 -7.35 -2.19 22.29
N TRP C 78 -8.27 -2.86 21.63
CA TRP C 78 -8.25 -4.33 21.71
C TRP C 78 -6.87 -4.95 21.44
N PRO C 79 -6.07 -4.40 20.48
CA PRO C 79 -4.76 -5.04 20.31
C PRO C 79 -3.81 -4.92 21.55
N ASP C 80 -4.07 -3.96 22.43
CA ASP C 80 -3.29 -3.83 23.65
C ASP C 80 -3.80 -4.71 24.77
N PHE C 81 -4.92 -5.41 24.59
CA PHE C 81 -5.44 -6.24 25.66
C PHE C 81 -4.51 -7.43 25.89
N ASN C 82 -4.29 -7.77 27.14
CA ASN C 82 -3.35 -8.82 27.47
C ASN C 82 -4.03 -10.18 27.49
N GLN C 83 -4.11 -10.78 26.30
CA GLN C 83 -4.76 -12.07 26.13
C GLN C 83 -4.14 -13.19 26.98
N GLU C 84 -2.81 -13.21 27.06
CA GLU C 84 -2.10 -14.28 27.78
C GLU C 84 -2.42 -14.21 29.29
N ALA C 85 -2.48 -13.01 29.86
CA ALA C 85 -2.89 -12.88 31.27
C ALA C 85 -4.35 -13.30 31.50
N TYR C 86 -5.24 -12.83 30.60
CA TYR C 86 -6.68 -13.10 30.71
C TYR C 86 -6.97 -14.60 30.63
N VAL C 87 -6.50 -15.24 29.58
CA VAL C 87 -6.76 -16.66 29.34
C VAL C 87 -5.93 -17.57 30.29
N GLY C 88 -4.71 -17.15 30.60
CA GLY C 88 -3.83 -17.89 31.50
C GLY C 88 -4.40 -18.30 32.84
N GLY C 89 -5.29 -17.50 33.43
CA GLY C 89 -5.90 -17.90 34.70
C GLY C 89 -6.83 -19.14 34.69
N THR C 90 -7.18 -19.66 33.51
CA THR C 90 -8.27 -20.65 33.39
C THR C 90 -7.93 -21.80 32.46
N MET C 91 -6.65 -22.00 32.16
CA MET C 91 -6.28 -23.04 31.16
C MET C 91 -6.50 -24.47 31.65
N ASP C 97 -9.43 -33.31 31.69
CA ASP C 97 -10.29 -33.42 30.48
C ASP C 97 -10.53 -32.05 29.77
N PRO C 98 -10.03 -31.90 28.53
CA PRO C 98 -10.22 -30.58 27.84
C PRO C 98 -11.63 -30.23 27.35
N TYR C 99 -12.58 -31.18 27.44
CA TYR C 99 -13.98 -31.02 27.06
C TYR C 99 -14.98 -30.78 28.20
N ALA C 100 -14.57 -30.97 29.46
CA ALA C 100 -15.55 -31.05 30.56
C ALA C 100 -16.26 -29.75 30.84
N ARG C 101 -15.53 -28.66 30.94
CA ARG C 101 -16.13 -27.37 31.27
C ARG C 101 -17.04 -26.76 30.18
N ASN C 102 -16.69 -26.93 28.91
CA ASN C 102 -17.41 -26.25 27.83
C ASN C 102 -18.12 -27.16 26.81
N LYS C 103 -17.84 -28.47 26.84
CA LYS C 103 -18.31 -29.39 25.79
C LYS C 103 -17.76 -29.07 24.41
N PHE C 104 -16.63 -28.35 24.42
CA PHE C 104 -15.77 -28.25 23.28
C PHE C 104 -14.32 -28.31 23.78
N ASN C 105 -13.38 -28.45 22.86
CA ASN C 105 -11.99 -28.63 23.22
C ASN C 105 -11.33 -27.31 23.63
N GLN C 106 -11.20 -27.09 24.94
CA GLN C 106 -10.69 -25.82 25.40
C GLN C 106 -9.21 -25.67 25.11
N VAL C 107 -8.48 -26.77 25.01
CA VAL C 107 -7.03 -26.69 24.76
C VAL C 107 -6.85 -26.08 23.37
N GLU C 108 -7.60 -26.56 22.40
CA GLU C 108 -7.49 -26.00 21.06
C GLU C 108 -7.98 -24.54 21.01
N SER C 109 -9.03 -24.20 21.75
CA SER C 109 -9.51 -22.82 21.78
C SER C 109 -8.45 -21.89 22.37
N ASP C 110 -7.82 -22.35 23.46
CA ASP C 110 -6.82 -21.54 24.16
C ASP C 110 -5.50 -21.33 23.37
N LYS C 111 -5.16 -22.24 22.45
CA LYS C 111 -3.97 -22.06 21.58
C LYS C 111 -4.10 -20.93 20.55
N LEU C 112 -5.33 -20.53 20.24
CA LEU C 112 -5.59 -19.59 19.17
C LEU C 112 -5.36 -18.17 19.60
N ARG C 113 -4.77 -17.38 18.71
CA ARG C 113 -4.68 -15.95 18.92
C ARG C 113 -6.11 -15.31 18.91
N MET C 114 -6.28 -14.27 19.74
CA MET C 114 -7.59 -13.61 19.88
C MET C 114 -8.13 -13.07 18.55
N ASP C 115 -7.22 -12.83 17.60
CA ASP C 115 -7.54 -12.32 16.29
C ASP C 115 -7.04 -13.23 15.17
N ARG C 116 -7.15 -14.53 15.37
CA ARG C 116 -6.59 -15.46 14.40
C ARG C 116 -7.21 -15.29 13.04
N ALA C 117 -6.42 -15.54 12.00
CA ALA C 117 -6.88 -15.43 10.62
C ALA C 117 -7.80 -16.62 10.31
N ILE C 118 -8.85 -16.36 9.54
CA ILE C 118 -9.79 -17.38 9.14
C ILE C 118 -10.02 -17.25 7.63
N PRO C 119 -10.38 -18.36 6.98
CA PRO C 119 -10.61 -18.26 5.53
C PRO C 119 -11.85 -17.43 5.21
N ASP C 120 -11.78 -16.74 4.09
CA ASP C 120 -12.89 -15.96 3.58
C ASP C 120 -13.81 -16.94 2.83
N THR C 121 -14.96 -17.23 3.41
CA THR C 121 -15.85 -18.26 2.91
C THR C 121 -16.99 -17.68 2.07
N ARG C 122 -16.97 -16.38 1.84
CA ARG C 122 -18.01 -15.73 1.02
C ARG C 122 -17.94 -16.13 -0.47
N HIS C 123 -19.10 -16.18 -1.13
CA HIS C 123 -19.17 -16.25 -2.58
C HIS C 123 -18.29 -15.16 -3.23
N ASP C 124 -17.71 -15.49 -4.38
CA ASP C 124 -16.85 -14.55 -5.13
C ASP C 124 -17.46 -13.18 -5.40
N GLN C 125 -18.75 -13.18 -5.69
CA GLN C 125 -19.51 -11.99 -5.96
C GLN C 125 -19.58 -11.03 -4.77
N CYS C 126 -19.61 -11.56 -3.53
CA CYS C 126 -19.53 -10.73 -2.31
C CYS C 126 -18.17 -10.11 -2.18
N GLN C 127 -17.15 -10.89 -2.50
CA GLN C 127 -15.77 -10.45 -2.35
C GLN C 127 -15.44 -9.26 -3.25
N ARG C 128 -16.17 -9.11 -4.36
CA ARG C 128 -15.93 -7.98 -5.28
C ARG C 128 -16.76 -6.73 -4.94
N LYS C 129 -17.92 -6.92 -4.29
CA LYS C 129 -18.74 -5.76 -3.90
C LYS C 129 -17.98 -4.83 -2.95
N GLN C 130 -18.24 -3.54 -3.07
CA GLN C 130 -17.71 -2.57 -2.14
C GLN C 130 -18.90 -2.13 -1.31
N TRP C 131 -18.85 -2.39 -0.01
CA TRP C 131 -20.02 -2.24 0.85
C TRP C 131 -20.14 -0.81 1.31
N ARG C 132 -21.36 -0.29 1.22
CA ARG C 132 -21.68 0.94 1.91
C ARG C 132 -21.24 0.90 3.36
N VAL C 133 -21.07 2.08 3.90
CA VAL C 133 -20.62 2.26 5.25
C VAL C 133 -21.35 3.46 5.93
N ASP C 134 -22.16 4.17 5.16
CA ASP C 134 -23.03 5.25 5.63
C ASP C 134 -24.38 4.61 6.06
N LEU C 135 -24.30 3.92 7.18
CA LEU C 135 -25.32 3.02 7.70
C LEU C 135 -25.49 3.30 9.19
N PRO C 136 -26.64 2.96 9.78
CA PRO C 136 -26.75 3.13 11.22
C PRO C 136 -25.86 2.19 12.04
N ALA C 137 -25.30 2.72 13.11
CA ALA C 137 -24.47 1.90 13.98
C ALA C 137 -25.33 0.91 14.75
N THR C 138 -24.70 -0.16 15.28
CA THR C 138 -25.41 -1.16 16.03
C THR C 138 -24.83 -1.34 17.46
N SER C 139 -25.69 -1.76 18.35
CA SER C 139 -25.28 -2.23 19.66
C SER C 139 -25.30 -3.74 19.64
N VAL C 140 -24.15 -4.35 19.90
CA VAL C 140 -24.02 -5.80 19.81
C VAL C 140 -24.24 -6.36 21.19
N VAL C 141 -25.20 -7.28 21.31
CA VAL C 141 -25.53 -7.87 22.58
C VAL C 141 -25.08 -9.33 22.62
N ILE C 142 -24.20 -9.64 23.57
CA ILE C 142 -23.68 -10.97 23.73
C ILE C 142 -23.82 -11.42 25.16
N THR C 143 -24.69 -12.39 25.38
CA THR C 143 -24.84 -13.00 26.69
C THR C 143 -23.76 -14.07 26.89
N PHE C 144 -23.56 -14.50 28.13
CA PHE C 144 -22.73 -15.67 28.38
C PHE C 144 -22.90 -16.16 29.80
N HIS C 145 -22.97 -17.49 29.96
CA HIS C 145 -22.95 -18.12 31.27
C HIS C 145 -21.80 -19.12 31.24
N ASN C 146 -20.71 -18.79 31.93
CA ASN C 146 -19.55 -19.69 32.03
C ASN C 146 -18.93 -20.09 30.69
N GLU C 147 -18.62 -19.08 29.91
CA GLU C 147 -18.01 -19.30 28.59
C GLU C 147 -16.52 -19.42 28.81
N ALA C 148 -15.83 -20.15 27.93
CA ALA C 148 -14.38 -20.17 27.93
C ALA C 148 -13.85 -18.80 27.62
N ARG C 149 -12.91 -18.33 28.45
CA ARG C 149 -12.31 -17.00 28.24
C ARG C 149 -11.76 -16.83 26.81
N SER C 150 -11.09 -17.84 26.26
CA SER C 150 -10.48 -17.69 24.92
C SER C 150 -11.57 -17.46 23.84
N ALA C 151 -12.70 -18.20 23.92
CA ALA C 151 -13.79 -18.04 22.97
C ALA C 151 -14.56 -16.71 23.13
N LEU C 152 -14.82 -16.30 24.38
CA LEU C 152 -15.51 -15.06 24.61
C LEU C 152 -14.68 -13.87 24.07
N LEU C 153 -13.40 -13.84 24.43
CA LEU C 153 -12.49 -12.80 23.96
C LEU C 153 -12.45 -12.75 22.44
N ARG C 154 -12.38 -13.91 21.82
CA ARG C 154 -12.25 -14.00 20.40
C ARG C 154 -13.53 -13.47 19.72
N THR C 155 -14.69 -13.74 20.33
CA THR C 155 -15.95 -13.24 19.81
C THR C 155 -15.90 -11.72 19.82
N VAL C 156 -15.52 -11.16 20.94
CA VAL C 156 -15.46 -9.72 21.06
C VAL C 156 -14.44 -9.13 20.07
N VAL C 157 -13.24 -9.70 20.00
CA VAL C 157 -12.29 -9.07 19.09
C VAL C 157 -12.66 -9.26 17.60
N SER C 158 -13.31 -10.35 17.22
CA SER C 158 -13.69 -10.48 15.83
C SER C 158 -14.69 -9.36 15.47
N VAL C 159 -15.55 -8.98 16.43
CA VAL C 159 -16.49 -7.91 16.20
C VAL C 159 -15.73 -6.63 15.96
N LEU C 160 -14.79 -6.33 16.85
CA LEU C 160 -14.06 -5.08 16.76
C LEU C 160 -13.14 -5.04 15.57
N LYS C 161 -12.57 -6.16 15.21
CA LYS C 161 -11.61 -6.17 14.14
C LYS C 161 -12.26 -6.18 12.74
N LYS C 162 -13.37 -6.90 12.59
CA LYS C 162 -13.97 -7.09 11.27
C LYS C 162 -15.09 -6.11 10.94
N SER C 163 -15.45 -5.25 11.90
CA SER C 163 -16.49 -4.27 11.71
C SER C 163 -15.92 -2.88 11.51
N PRO C 164 -16.44 -2.11 10.55
CA PRO C 164 -15.98 -0.71 10.56
C PRO C 164 -16.25 -0.09 11.93
N PRO C 165 -15.23 0.54 12.53
CA PRO C 165 -15.40 1.05 13.88
C PRO C 165 -16.60 1.97 14.09
N HIS C 166 -16.90 2.85 13.14
CA HIS C 166 -18.02 3.77 13.34
C HIS C 166 -19.38 3.05 13.42
N LEU C 167 -19.43 1.78 13.04
CA LEU C 167 -20.72 1.05 12.97
C LEU C 167 -20.93 0.24 14.22
N ILE C 168 -19.93 0.23 15.08
CA ILE C 168 -20.07 -0.43 16.38
C ILE C 168 -20.20 0.63 17.45
N LYS C 169 -21.42 0.79 17.96
CA LYS C 169 -21.67 1.80 18.97
C LYS C 169 -21.08 1.29 20.26
N GLU C 170 -21.31 0.01 20.52
CA GLU C 170 -20.92 -0.59 21.76
C GLU C 170 -21.12 -2.09 21.66
N ILE C 171 -20.45 -2.82 22.53
CA ILE C 171 -20.65 -4.25 22.68
C ILE C 171 -21.07 -4.47 24.11
N ILE C 172 -22.27 -5.00 24.31
CA ILE C 172 -22.82 -5.20 25.62
C ILE C 172 -22.77 -6.66 25.96
N LEU C 173 -21.97 -6.97 26.96
CA LEU C 173 -21.79 -8.32 27.45
C LEU C 173 -22.70 -8.50 28.64
N VAL C 174 -23.65 -9.41 28.54
CA VAL C 174 -24.50 -9.71 29.66
C VAL C 174 -24.01 -11.02 30.30
N ASP C 175 -23.31 -10.86 31.42
CA ASP C 175 -22.82 -12.00 32.23
C ASP C 175 -24.02 -12.57 32.98
N ASP C 176 -24.55 -13.69 32.50
CA ASP C 176 -25.71 -14.31 33.12
C ASP C 176 -25.28 -15.22 34.28
N TYR C 177 -24.80 -14.59 35.37
CA TYR C 177 -24.47 -15.28 36.65
C TYR C 177 -23.39 -16.36 36.49
N SER C 178 -22.28 -16.01 35.82
CA SER C 178 -21.12 -16.89 35.67
C SER C 178 -20.51 -17.12 37.06
N ASN C 179 -19.95 -18.32 37.29
CA ASN C 179 -19.27 -18.61 38.55
C ASN C 179 -18.27 -17.51 38.90
N ASP C 180 -17.43 -17.13 37.94
CA ASP C 180 -16.41 -16.13 38.15
C ASP C 180 -16.76 -14.77 37.46
N PRO C 181 -17.11 -13.75 38.27
CA PRO C 181 -17.46 -12.46 37.68
C PRO C 181 -16.35 -11.82 36.83
N GLU C 182 -15.11 -12.25 37.05
CA GLU C 182 -13.98 -11.66 36.32
C GLU C 182 -13.96 -11.99 34.83
N ASP C 183 -14.58 -13.10 34.42
CA ASP C 183 -14.65 -13.46 33.00
C ASP C 183 -15.17 -12.22 32.25
N GLY C 184 -16.26 -11.64 32.74
CA GLY C 184 -16.83 -10.46 32.12
C GLY C 184 -16.10 -9.18 32.48
N ALA C 185 -15.83 -8.99 33.77
CA ALA C 185 -15.37 -7.69 34.24
C ALA C 185 -14.02 -7.29 33.63
N LEU C 186 -13.11 -8.25 33.47
CA LEU C 186 -11.80 -7.98 32.86
C LEU C 186 -11.93 -7.50 31.37
N LEU C 187 -12.97 -7.93 30.67
CA LEU C 187 -13.17 -7.45 29.28
C LEU C 187 -13.69 -6.03 29.25
N GLY C 188 -14.19 -5.55 30.39
CA GLY C 188 -14.69 -4.18 30.49
C GLY C 188 -13.63 -3.13 30.24
N LYS C 189 -12.35 -3.48 30.39
CA LYS C 189 -11.24 -2.58 30.03
C LYS C 189 -11.18 -2.25 28.55
N ILE C 190 -11.73 -3.13 27.71
CA ILE C 190 -11.59 -2.95 26.26
C ILE C 190 -12.54 -1.86 25.78
N GLU C 191 -12.00 -1.01 24.90
CA GLU C 191 -12.76 0.02 24.17
C GLU C 191 -14.10 -0.54 23.73
N LYS C 192 -15.15 0.24 23.99
CA LYS C 192 -16.51 -0.03 23.53
C LYS C 192 -17.25 -1.13 24.27
N VAL C 193 -16.56 -1.84 25.17
CA VAL C 193 -17.21 -2.94 25.90
C VAL C 193 -17.85 -2.48 27.20
N ARG C 194 -19.12 -2.84 27.37
CA ARG C 194 -19.87 -2.59 28.58
C ARG C 194 -20.28 -3.90 29.12
N VAL C 195 -20.14 -4.08 30.43
CA VAL C 195 -20.59 -5.33 31.02
C VAL C 195 -21.66 -5.18 32.09
N LEU C 196 -22.67 -6.03 31.97
CA LEU C 196 -23.83 -6.04 32.82
C LEU C 196 -23.84 -7.41 33.42
N ARG C 197 -23.86 -7.49 34.76
CA ARG C 197 -23.90 -8.78 35.44
C ARG C 197 -25.27 -9.06 36.06
N ASN C 198 -25.89 -10.19 35.73
CA ASN C 198 -27.09 -10.63 36.43
C ASN C 198 -26.66 -11.18 37.78
N ASP C 199 -27.35 -10.76 38.84
CA ASP C 199 -26.99 -11.20 40.20
C ASP C 199 -27.68 -12.52 40.55
N ARG C 200 -28.55 -13.02 39.66
CA ARG C 200 -28.95 -14.42 39.65
C ARG C 200 -29.07 -14.95 38.20
N ARG C 201 -28.89 -16.23 38.00
CA ARG C 201 -28.85 -16.77 36.67
C ARG C 201 -30.17 -16.49 36.04
N GLU C 202 -30.14 -15.94 34.84
CA GLU C 202 -31.33 -15.44 34.19
C GLU C 202 -31.64 -16.16 32.91
N GLY C 203 -30.63 -16.76 32.30
CA GLY C 203 -30.87 -17.49 31.07
C GLY C 203 -30.93 -16.50 29.94
N LEU C 204 -31.13 -16.98 28.72
CA LEU C 204 -30.74 -16.20 27.55
C LEU C 204 -31.82 -15.21 27.06
N MET C 205 -33.09 -15.52 27.24
CA MET C 205 -34.16 -14.62 26.81
C MET C 205 -34.17 -13.32 27.62
N ARG C 206 -34.21 -13.46 28.94
CA ARG C 206 -34.21 -12.30 29.80
C ARG C 206 -32.89 -11.54 29.73
N SER C 207 -31.79 -12.25 29.54
CA SER C 207 -30.48 -11.57 29.43
C SER C 207 -30.43 -10.75 28.16
N ARG C 208 -30.95 -11.30 27.06
CA ARG C 208 -30.99 -10.55 25.82
C ARG C 208 -31.85 -9.31 25.96
N VAL C 209 -32.97 -9.44 26.65
CA VAL C 209 -33.86 -8.27 26.79
C VAL C 209 -33.16 -7.21 27.63
N ARG C 210 -32.46 -7.64 28.67
CA ARG C 210 -31.72 -6.68 29.48
C ARG C 210 -30.68 -5.94 28.62
N GLY C 211 -29.98 -6.66 27.77
CA GLY C 211 -28.96 -6.02 26.91
C GLY C 211 -29.59 -5.07 25.90
N ALA C 212 -30.72 -5.50 25.31
CA ALA C 212 -31.47 -4.66 24.39
C ALA C 212 -31.96 -3.38 25.07
N ASP C 213 -32.45 -3.49 26.30
CA ASP C 213 -32.96 -2.31 27.03
C ASP C 213 -31.86 -1.30 27.28
N ALA C 214 -30.64 -1.79 27.47
CA ALA C 214 -29.49 -0.91 27.74
C ALA C 214 -28.89 -0.28 26.51
N ALA C 215 -29.26 -0.78 25.32
CA ALA C 215 -28.61 -0.39 24.08
C ALA C 215 -28.90 1.03 23.67
N GLN C 216 -27.89 1.73 23.19
CA GLN C 216 -28.01 3.11 22.81
C GLN C 216 -28.18 3.29 21.29
N ALA C 217 -27.85 2.29 20.49
CA ALA C 217 -27.93 2.46 19.02
C ALA C 217 -29.34 2.16 18.49
N LYS C 218 -29.57 2.48 17.21
CA LYS C 218 -30.86 2.26 16.56
C LYS C 218 -31.06 0.84 16.14
N VAL C 219 -29.97 0.08 16.02
CA VAL C 219 -30.05 -1.30 15.56
C VAL C 219 -29.41 -2.25 16.57
N LEU C 220 -30.08 -3.37 16.82
CA LEU C 220 -29.54 -4.42 17.68
C LEU C 220 -28.92 -5.57 16.89
N THR C 221 -27.79 -6.07 17.37
CA THR C 221 -27.18 -7.29 16.82
C THR C 221 -26.99 -8.28 17.96
N PHE C 222 -27.52 -9.49 17.81
CA PHE C 222 -27.28 -10.56 18.77
C PHE C 222 -26.29 -11.59 18.28
N LEU C 223 -24.99 -11.58 19.26
CA LEU C 223 -24.06 -12.67 18.93
C LEU C 223 -23.89 -13.61 20.14
N ASP C 224 -23.28 -14.98 20.16
CA ASP C 224 -22.95 -15.99 21.15
C ASP C 224 -21.52 -15.75 21.65
N SER C 225 -21.46 -15.93 22.50
CA SER C 225 -20.12 -15.67 23.01
C SER C 225 -19.62 -16.88 22.29
N HIS C 226 -18.78 -17.16 21.82
CA HIS C 226 -18.27 -18.25 20.87
C HIS C 226 -18.57 -18.24 19.33
N CYS C 227 -18.45 -17.05 18.78
CA CYS C 227 -18.58 -16.80 17.35
C CYS C 227 -17.34 -16.10 16.83
N GLU C 228 -17.13 -16.12 15.52
CA GLU C 228 -16.05 -15.37 14.90
C GLU C 228 -16.63 -14.77 13.61
N CYS C 229 -16.74 -13.45 13.59
CA CYS C 229 -17.21 -12.73 12.42
C CYS C 229 -16.20 -12.77 11.27
N ASN C 230 -16.67 -12.91 10.04
CA ASN C 230 -15.77 -12.91 8.88
C ASN C 230 -15.75 -11.54 8.20
N GLU C 231 -15.04 -11.47 7.07
CA GLU C 231 -14.86 -10.24 6.32
C GLU C 231 -16.18 -9.62 5.92
N HIS C 232 -16.33 -8.34 6.24
CA HIS C 232 -17.50 -7.54 5.83
C HIS C 232 -18.82 -8.22 6.18
N TRP C 233 -18.86 -8.76 7.41
CA TRP C 233 -20.03 -9.50 7.90
C TRP C 233 -21.18 -8.57 8.28
N LEU C 234 -20.86 -7.37 8.74
CA LEU C 234 -21.88 -6.50 9.26
C LEU C 234 -22.64 -5.61 8.21
N GLU C 235 -21.93 -5.05 7.25
CA GLU C 235 -22.56 -4.11 6.30
C GLU C 235 -23.73 -4.72 5.55
N PRO C 236 -23.60 -5.94 5.06
CA PRO C 236 -24.70 -6.48 4.31
C PRO C 236 -25.94 -6.64 5.16
N LEU C 237 -25.80 -6.81 6.48
CA LEU C 237 -26.95 -7.01 7.33
C LEU C 237 -27.60 -5.65 7.60
N LEU C 238 -26.78 -4.68 7.94
CA LEU C 238 -27.25 -3.36 8.24
C LEU C 238 -27.93 -2.68 7.05
N GLU C 239 -27.42 -2.91 5.86
CA GLU C 239 -28.00 -2.40 4.62
C GLU C 239 -29.46 -2.85 4.52
N ARG C 240 -29.72 -4.12 4.75
CA ARG C 240 -31.10 -4.63 4.65
C ARG C 240 -32.03 -3.91 5.60
N VAL C 241 -31.63 -3.73 6.85
CA VAL C 241 -32.56 -3.15 7.79
C VAL C 241 -32.60 -1.61 7.68
N ALA C 242 -31.56 -0.97 7.16
CA ALA C 242 -31.63 0.46 6.90
C ALA C 242 -32.64 0.77 5.78
N GLU C 243 -32.69 -0.07 4.76
CA GLU C 243 -33.72 0.07 3.74
C GLU C 243 -35.14 -0.20 4.26
N ASP C 244 -35.33 -1.16 5.15
CA ASP C 244 -36.68 -1.53 5.62
C ASP C 244 -36.56 -2.14 6.99
N ARG C 245 -37.02 -1.39 7.99
CA ARG C 245 -36.85 -1.76 9.38
C ARG C 245 -37.70 -2.93 9.86
N THR C 246 -38.53 -3.51 9.00
CA THR C 246 -39.34 -4.69 9.37
C THR C 246 -38.65 -6.00 8.96
N ARG C 247 -37.47 -5.90 8.34
CA ARG C 247 -36.66 -7.07 8.06
C ARG C 247 -35.78 -7.43 9.26
N VAL C 248 -35.83 -8.69 9.63
CA VAL C 248 -34.97 -9.27 10.64
C VAL C 248 -34.04 -10.23 9.90
N VAL C 249 -32.73 -9.99 9.99
CA VAL C 249 -31.80 -10.65 9.10
C VAL C 249 -30.68 -11.36 9.83
N SER C 250 -30.16 -12.41 9.17
CA SER C 250 -29.16 -13.35 9.70
C SER C 250 -28.04 -13.57 8.74
N PRO C 251 -26.82 -13.77 9.24
CA PRO C 251 -25.76 -14.24 8.38
C PRO C 251 -25.92 -15.70 8.09
N ILE C 252 -25.17 -16.16 7.09
CA ILE C 252 -24.87 -17.57 7.00
C ILE C 252 -23.93 -17.92 8.16
N ILE C 253 -24.27 -18.96 8.87
CA ILE C 253 -23.53 -19.34 10.05
C ILE C 253 -22.50 -20.42 9.68
N ASP C 254 -21.23 -20.02 9.60
CA ASP C 254 -20.15 -20.97 9.34
C ASP C 254 -19.87 -21.83 10.60
N VAL C 255 -19.20 -22.96 10.40
CA VAL C 255 -18.99 -23.96 11.46
C VAL C 255 -17.58 -23.81 12.03
N ILE C 256 -17.48 -23.58 13.33
CA ILE C 256 -16.20 -23.71 14.03
C ILE C 256 -16.20 -25.09 14.70
N ASN C 257 -15.33 -25.99 14.23
CA ASN C 257 -15.32 -27.38 14.70
C ASN C 257 -15.00 -27.47 16.21
N MET C 258 -15.85 -28.15 16.95
CA MET C 258 -15.73 -28.23 18.41
C MET C 258 -14.52 -29.02 18.94
N ASP C 259 -13.92 -29.85 18.08
CA ASP C 259 -12.74 -30.63 18.43
C ASP C 259 -11.42 -29.97 18.07
N ASN C 260 -11.33 -29.44 16.85
CA ASN C 260 -10.05 -28.87 16.40
C ASN C 260 -10.11 -27.35 16.13
N PHE C 261 -11.28 -26.74 16.28
CA PHE C 261 -11.45 -25.30 16.09
C PHE C 261 -11.14 -24.75 14.71
N GLN C 262 -11.09 -25.62 13.71
CA GLN C 262 -11.03 -25.16 12.33
C GLN C 262 -12.34 -24.47 11.92
N TYR C 263 -12.17 -23.39 11.16
CA TYR C 263 -13.29 -22.58 10.69
C TYR C 263 -13.70 -23.12 9.33
N VAL C 264 -14.93 -23.59 9.20
CA VAL C 264 -15.39 -24.27 7.99
C VAL C 264 -16.56 -23.54 7.35
N GLY C 265 -16.46 -23.26 6.06
CA GLY C 265 -17.56 -22.61 5.34
C GLY C 265 -18.78 -23.50 5.27
N ALA C 266 -19.93 -22.96 5.65
CA ALA C 266 -21.22 -23.66 5.48
C ALA C 266 -21.76 -23.54 4.03
N SER C 267 -22.79 -24.32 3.72
CA SER C 267 -23.50 -24.20 2.43
C SER C 267 -24.43 -22.97 2.47
N ALA C 268 -24.53 -22.28 1.34
CA ALA C 268 -25.43 -21.13 1.15
C ALA C 268 -26.78 -21.54 0.59
N ASP C 269 -26.99 -22.84 0.40
CA ASP C 269 -28.23 -23.30 -0.22
C ASP C 269 -29.28 -23.72 0.79
N LEU C 270 -29.17 -23.24 2.03
CA LEU C 270 -30.02 -23.68 3.13
C LEU C 270 -30.99 -22.62 3.58
N LYS C 271 -32.09 -23.06 4.17
CA LYS C 271 -33.08 -22.23 4.85
C LYS C 271 -33.31 -22.84 6.21
N GLY C 272 -33.84 -22.05 7.14
CA GLY C 272 -34.22 -22.57 8.47
C GLY C 272 -35.60 -23.19 8.40
N GLY C 273 -35.85 -24.20 9.22
CA GLY C 273 -37.13 -24.89 9.23
C GLY C 273 -37.33 -25.68 10.50
N PHE C 274 -38.35 -26.53 10.49
CA PHE C 274 -38.68 -27.39 11.61
C PHE C 274 -39.69 -28.44 11.17
N ASP C 275 -39.71 -29.56 11.91
CA ASP C 275 -40.75 -30.56 11.81
C ASP C 275 -41.75 -30.33 12.92
N TRP C 276 -42.78 -31.16 12.97
CA TRP C 276 -43.86 -30.96 13.93
C TRP C 276 -43.46 -31.11 15.39
N ASN C 277 -42.29 -31.67 15.66
CA ASN C 277 -41.71 -31.57 17.00
C ASN C 277 -41.16 -30.18 17.40
N LEU C 278 -41.22 -29.21 16.48
CA LEU C 278 -40.79 -27.84 16.71
C LEU C 278 -39.31 -27.70 17.11
N VAL C 279 -38.48 -28.60 16.60
CA VAL C 279 -37.02 -28.47 16.81
C VAL C 279 -36.47 -27.88 15.51
N PHE C 280 -35.64 -26.86 15.66
CA PHE C 280 -35.03 -26.23 14.51
C PHE C 280 -34.23 -27.22 13.67
N LYS C 281 -34.33 -27.12 12.35
CA LYS C 281 -33.47 -27.89 11.46
C LYS C 281 -33.20 -27.08 10.16
N TRP C 282 -32.11 -27.42 9.48
CA TRP C 282 -31.77 -26.81 8.19
C TRP C 282 -32.44 -27.58 7.07
N ASP C 283 -33.05 -26.87 6.12
CA ASP C 283 -33.66 -27.44 4.90
C ASP C 283 -32.86 -26.93 3.72
N TYR C 284 -32.66 -27.75 2.69
CA TYR C 284 -32.11 -27.26 1.42
C TYR C 284 -33.24 -26.52 0.72
N MET C 285 -32.91 -25.49 -0.05
CA MET C 285 -33.88 -24.86 -0.95
C MET C 285 -34.33 -25.91 -1.93
N THR C 286 -35.53 -25.74 -2.48
CA THR C 286 -35.99 -26.64 -3.54
C THR C 286 -35.20 -26.40 -4.83
N PRO C 287 -35.15 -27.41 -5.72
CA PRO C 287 -34.56 -27.17 -7.04
C PRO C 287 -35.12 -25.92 -7.75
N GLU C 288 -36.41 -25.64 -7.59
CA GLU C 288 -37.03 -24.49 -8.26
C GLU C 288 -36.55 -23.16 -7.64
N GLN C 289 -36.49 -23.10 -6.31
CA GLN C 289 -35.99 -21.90 -5.62
C GLN C 289 -34.56 -21.60 -6.04
N ARG C 290 -33.72 -22.62 -6.09
CA ARG C 290 -32.33 -22.50 -6.57
C ARG C 290 -32.22 -21.96 -8.00
N ARG C 291 -33.00 -22.56 -8.90
CA ARG C 291 -32.99 -22.11 -10.26
C ARG C 291 -33.41 -20.63 -10.40
N SER C 292 -34.41 -20.19 -9.64
CA SER C 292 -34.89 -18.79 -9.77
C SER C 292 -33.89 -17.75 -9.25
N ARG C 293 -32.85 -18.22 -8.55
CA ARG C 293 -31.81 -17.37 -8.00
C ARG C 293 -30.56 -17.33 -8.88
N GLN C 294 -30.49 -18.21 -9.89
CA GLN C 294 -29.34 -18.32 -10.79
C GLN C 294 -28.87 -16.95 -11.28
N GLY C 295 -29.83 -16.05 -11.50
CA GLY C 295 -29.52 -14.66 -11.87
C GLY C 295 -28.75 -13.86 -10.82
N ASN C 296 -29.07 -14.06 -9.54
CA ASN C 296 -28.33 -13.43 -8.45
C ASN C 296 -28.17 -14.41 -7.28
N PRO C 297 -27.08 -15.17 -7.27
CA PRO C 297 -26.96 -16.23 -6.27
C PRO C 297 -26.64 -15.76 -4.84
N VAL C 298 -26.30 -14.48 -4.64
CA VAL C 298 -26.13 -13.97 -3.29
C VAL C 298 -27.27 -13.06 -2.84
N ALA C 299 -28.44 -13.24 -3.44
CA ALA C 299 -29.58 -12.45 -3.04
C ALA C 299 -30.05 -12.94 -1.68
N PRO C 300 -30.71 -12.07 -0.92
CA PRO C 300 -31.32 -12.48 0.34
C PRO C 300 -32.19 -13.72 0.21
N ILE C 301 -32.21 -14.54 1.25
CA ILE C 301 -33.04 -15.72 1.27
C ILE C 301 -34.15 -15.58 2.33
N LYS C 302 -35.42 -15.73 1.94
CA LYS C 302 -36.59 -15.63 2.87
C LYS C 302 -37.07 -16.66 3.90
N THR C 303 -36.14 -17.14 4.63
CA THR C 303 -36.39 -18.15 5.67
C THR C 303 -37.65 -18.15 6.62
N PRO C 304 -38.31 -19.30 6.77
CA PRO C 304 -39.43 -19.49 7.74
C PRO C 304 -39.03 -19.30 9.19
N MET C 305 -37.78 -19.58 9.50
CA MET C 305 -37.29 -19.55 10.84
C MET C 305 -35.81 -19.20 10.85
N ILE C 306 -35.39 -18.45 11.85
CA ILE C 306 -33.97 -18.19 12.03
C ILE C 306 -33.39 -19.15 13.08
N ALA C 307 -32.10 -19.40 13.00
CA ALA C 307 -31.47 -20.30 13.94
C ALA C 307 -31.61 -19.73 15.36
N GLY C 308 -31.48 -18.42 15.49
CA GLY C 308 -31.88 -17.76 16.72
C GLY C 308 -30.83 -16.90 17.40
N GLY C 309 -29.58 -17.30 17.30
CA GLY C 309 -28.54 -16.65 18.09
C GLY C 309 -27.81 -15.54 17.38
N LEU C 310 -27.91 -15.51 16.04
CA LEU C 310 -27.20 -14.53 15.27
C LEU C 310 -28.19 -13.80 14.37
N PHE C 311 -28.58 -12.58 14.75
CA PHE C 311 -29.44 -11.76 13.90
C PHE C 311 -29.40 -10.29 14.24
N VAL C 312 -29.90 -9.51 13.29
CA VAL C 312 -29.84 -8.06 13.34
C VAL C 312 -31.25 -7.53 13.11
N MET C 313 -31.63 -6.58 13.96
CA MET C 313 -33.01 -6.14 14.05
C MET C 313 -33.06 -4.73 14.50
N ASP C 314 -33.91 -3.95 13.85
CA ASP C 314 -34.15 -2.54 14.24
C ASP C 314 -34.61 -2.49 15.68
N LYS C 315 -33.99 -1.65 16.50
CA LYS C 315 -34.28 -1.69 17.92
C LYS C 315 -35.71 -1.29 18.28
N PHE C 316 -36.24 -0.27 17.61
CA PHE C 316 -37.62 0.16 17.84
C PHE C 316 -38.60 -0.94 17.42
N TYR C 317 -38.30 -1.58 16.30
CA TYR C 317 -39.11 -2.71 15.85
C TYR C 317 -39.10 -3.85 16.86
N PHE C 318 -37.94 -4.17 17.40
CA PHE C 318 -37.83 -5.23 18.43
C PHE C 318 -38.71 -4.88 19.63
N GLU C 319 -38.71 -3.61 20.04
CA GLU C 319 -39.54 -3.17 21.15
C GLU C 319 -41.04 -3.19 20.81
N GLU C 320 -41.42 -2.66 19.65
CA GLU C 320 -42.83 -2.67 19.24
C GLU C 320 -43.43 -4.04 19.09
N LEU C 321 -42.68 -5.00 18.54
CA LEU C 321 -43.20 -6.38 18.46
C LEU C 321 -43.19 -7.17 19.76
N GLY C 322 -42.71 -6.60 20.86
CA GLY C 322 -42.77 -7.27 22.17
C GLY C 322 -41.53 -8.05 22.58
N LYS C 323 -40.37 -7.60 22.11
CA LYS C 323 -39.10 -8.07 22.64
C LYS C 323 -38.99 -9.60 22.56
N TYR C 324 -38.81 -10.27 23.70
CA TYR C 324 -39.02 -11.71 23.81
C TYR C 324 -40.02 -11.96 24.93
N ASP C 325 -40.57 -13.18 24.96
CA ASP C 325 -41.42 -13.68 26.05
C ASP C 325 -40.56 -13.83 27.31
N MET C 326 -40.75 -12.91 28.26
CA MET C 326 -39.92 -12.85 29.47
C MET C 326 -40.09 -14.04 30.42
N MET C 327 -41.09 -14.87 30.21
CA MET C 327 -41.26 -16.04 31.04
C MET C 327 -40.60 -17.30 30.49
N MET C 328 -39.95 -17.20 29.33
CA MET C 328 -39.14 -18.33 28.88
C MET C 328 -37.85 -18.41 29.70
N ASP C 329 -37.41 -19.64 30.00
CA ASP C 329 -36.24 -19.88 30.84
C ASP C 329 -35.14 -20.59 30.05
N VAL C 330 -33.91 -20.20 30.22
CA VAL C 330 -32.95 -20.76 29.14
C VAL C 330 -33.08 -22.28 28.91
N TRP C 331 -33.07 -22.79 27.67
CA TRP C 331 -32.83 -22.10 26.45
C TRP C 331 -33.79 -22.55 25.33
N GLY C 332 -34.96 -21.92 25.36
CA GLY C 332 -36.16 -22.45 24.82
C GLY C 332 -36.32 -22.67 23.36
N GLY C 333 -37.52 -22.30 22.92
CA GLY C 333 -37.89 -22.08 21.55
C GLY C 333 -38.18 -20.61 21.44
N GLU C 334 -37.28 -19.74 21.93
CA GLU C 334 -37.46 -18.30 21.71
C GLU C 334 -37.24 -17.98 20.23
N ASN C 335 -36.35 -18.74 19.59
CA ASN C 335 -36.16 -18.66 18.14
C ASN C 335 -37.43 -18.96 17.32
N LEU C 336 -38.17 -19.96 17.80
CA LEU C 336 -39.43 -20.37 17.21
C LEU C 336 -40.45 -19.26 17.39
N GLU C 337 -40.55 -18.77 18.62
CA GLU C 337 -41.52 -17.75 18.96
C GLU C 337 -41.31 -16.46 18.17
N ILE C 338 -40.08 -15.97 18.11
CA ILE C 338 -39.83 -14.70 17.42
C ILE C 338 -40.01 -14.87 15.90
N SER C 339 -39.70 -16.05 15.38
CA SER C 339 -39.89 -16.30 13.94
C SER C 339 -41.37 -16.25 13.55
N PHE C 340 -42.19 -16.92 14.33
CA PHE C 340 -43.62 -16.89 14.12
C PHE C 340 -44.16 -15.48 14.28
N ARG C 341 -43.77 -14.82 15.35
CA ARG C 341 -44.27 -13.47 15.63
C ARG C 341 -43.92 -12.49 14.52
N VAL C 342 -42.67 -12.48 14.07
CA VAL C 342 -42.29 -11.54 13.01
C VAL C 342 -43.09 -11.76 11.72
N TRP C 343 -43.18 -13.02 11.29
CA TRP C 343 -43.86 -13.28 10.03
C TRP C 343 -45.36 -12.99 10.15
N GLN C 344 -45.97 -13.49 11.22
CA GLN C 344 -47.41 -13.35 11.38
C GLN C 344 -47.82 -11.88 11.55
N CYS C 345 -46.93 -11.06 12.11
CA CYS C 345 -47.32 -9.70 12.42
C CYS C 345 -46.79 -8.69 11.42
N GLY C 346 -46.41 -9.13 10.23
CA GLY C 346 -46.09 -8.17 9.15
C GLY C 346 -44.64 -7.89 8.77
N GLY C 347 -43.66 -8.47 9.48
CA GLY C 347 -42.24 -8.34 9.06
C GLY C 347 -41.77 -9.52 8.22
N SER C 348 -40.46 -9.64 8.05
CA SER C 348 -39.90 -10.80 7.38
C SER C 348 -38.57 -11.21 8.01
N LEU C 349 -38.16 -12.42 7.66
CA LEU C 349 -36.95 -13.03 8.14
C LEU C 349 -36.07 -13.33 6.91
N GLU C 350 -34.79 -12.93 6.94
CA GLU C 350 -33.89 -13.23 5.83
C GLU C 350 -32.54 -13.78 6.30
N ILE C 351 -31.93 -14.57 5.42
CA ILE C 351 -30.54 -15.01 5.52
C ILE C 351 -29.82 -14.31 4.42
N ILE C 352 -28.69 -13.68 4.74
CA ILE C 352 -27.93 -12.85 3.83
C ILE C 352 -26.59 -13.53 3.52
N PRO C 353 -26.48 -14.13 2.33
CA PRO C 353 -25.29 -14.92 1.98
C PRO C 353 -23.98 -14.21 2.05
N CYS C 354 -23.95 -12.91 1.84
CA CYS C 354 -22.68 -12.21 1.90
C CYS C 354 -22.18 -11.99 3.33
N SER C 355 -23.02 -12.24 4.31
CA SER C 355 -22.63 -12.11 5.72
C SER C 355 -22.32 -13.49 6.25
N ARG C 356 -21.09 -13.65 6.75
CA ARG C 356 -20.62 -14.92 7.26
C ARG C 356 -20.10 -14.78 8.68
N VAL C 357 -20.61 -15.61 9.58
CA VAL C 357 -20.15 -15.60 10.97
C VAL C 357 -20.02 -17.04 11.48
N GLY C 358 -18.84 -17.40 11.96
CA GLY C 358 -18.62 -18.75 12.44
C GLY C 358 -19.22 -18.90 13.84
N HIS C 359 -19.62 -20.12 14.15
CA HIS C 359 -20.17 -20.47 15.43
C HIS C 359 -19.68 -21.89 15.86
N VAL C 360 -19.30 -22.02 17.13
CA VAL C 360 -18.94 -23.31 17.69
C VAL C 360 -20.20 -24.12 17.97
N PHE C 361 -20.57 -24.96 17.04
CA PHE C 361 -21.68 -25.90 17.25
C PHE C 361 -21.24 -27.05 18.15
N ARG C 362 -22.06 -27.35 19.14
CA ARG C 362 -21.76 -28.46 20.03
C ARG C 362 -22.82 -29.49 20.03
N LYS C 363 -22.53 -30.62 20.68
CA LYS C 363 -23.50 -31.68 20.82
C LYS C 363 -24.18 -31.71 22.20
N GLN C 364 -23.57 -31.14 23.23
CA GLN C 364 -24.14 -31.10 24.59
C GLN C 364 -24.03 -29.71 25.22
N HIS C 365 -24.97 -29.40 26.10
CA HIS C 365 -24.99 -28.12 26.85
C HIS C 365 -24.12 -28.27 28.09
N PRO C 366 -23.46 -27.20 28.58
CA PRO C 366 -22.85 -27.43 29.92
C PRO C 366 -23.82 -27.25 31.12
N ASN C 380 -40.95 -24.03 27.41
CA ASN C 380 -40.81 -22.81 26.49
C ASN C 380 -41.54 -22.99 25.14
N THR C 381 -41.44 -24.20 24.58
CA THR C 381 -42.03 -24.50 23.28
C THR C 381 -43.56 -24.43 23.35
N ARG C 382 -44.12 -24.91 24.47
CA ARG C 382 -45.55 -24.79 24.70
C ARG C 382 -45.98 -23.34 24.70
N ARG C 383 -45.23 -22.49 25.40
CA ARG C 383 -45.59 -21.09 25.46
C ARG C 383 -45.67 -20.49 24.05
N ALA C 384 -44.76 -20.88 23.17
CA ALA C 384 -44.82 -20.41 21.78
C ALA C 384 -46.02 -21.02 21.04
N ALA C 385 -46.19 -22.34 21.16
CA ALA C 385 -47.23 -23.02 20.41
C ALA C 385 -48.61 -22.53 20.81
N GLU C 386 -48.84 -22.37 22.11
CA GLU C 386 -50.16 -21.93 22.61
C GLU C 386 -50.51 -20.48 22.25
N VAL C 387 -49.51 -19.65 21.97
CA VAL C 387 -49.82 -18.27 21.60
C VAL C 387 -50.02 -18.11 20.10
N TRP C 388 -49.22 -18.83 19.29
CA TRP C 388 -49.09 -18.49 17.86
C TRP C 388 -49.66 -19.48 16.87
N MET C 389 -49.78 -20.75 17.28
CA MET C 389 -50.03 -21.82 16.32
C MET C 389 -51.50 -22.17 16.11
N ASP C 390 -52.40 -21.53 16.88
CA ASP C 390 -53.84 -21.81 16.78
C ASP C 390 -54.05 -23.35 16.94
N GLU C 391 -54.88 -23.97 16.10
CA GLU C 391 -55.23 -25.39 16.26
C GLU C 391 -54.08 -26.31 15.85
N TYR C 392 -53.14 -25.76 15.09
CA TYR C 392 -52.02 -26.58 14.61
C TYR C 392 -51.09 -27.03 15.74
N LYS C 393 -51.26 -26.44 16.92
CA LYS C 393 -50.52 -26.88 18.10
C LYS C 393 -50.75 -28.36 18.35
N ASN C 394 -51.90 -28.87 17.93
CA ASN C 394 -52.20 -30.27 18.17
C ASN C 394 -51.31 -31.23 17.38
N PHE C 395 -50.77 -30.77 16.25
CA PHE C 395 -49.80 -31.58 15.53
C PHE C 395 -48.47 -31.69 16.29
N TYR C 396 -48.11 -30.65 17.05
CA TYR C 396 -46.95 -30.71 17.96
C TYR C 396 -47.20 -31.70 19.13
N TYR C 397 -48.35 -31.60 19.77
CA TYR C 397 -48.70 -32.55 20.83
C TYR C 397 -48.80 -33.99 20.30
N ALA C 398 -49.22 -34.17 19.05
CA ALA C 398 -49.19 -35.49 18.43
C ALA C 398 -47.77 -36.02 18.26
N ALA C 399 -46.84 -35.15 17.88
CA ALA C 399 -45.43 -35.56 17.74
C ALA C 399 -44.72 -35.76 19.08
N VAL C 400 -45.10 -34.98 20.09
CA VAL C 400 -44.46 -34.99 21.41
C VAL C 400 -45.55 -35.05 22.48
N PRO C 401 -46.20 -36.22 22.60
CA PRO C 401 -47.31 -36.28 23.55
C PRO C 401 -46.94 -35.96 25.00
N SER C 402 -45.70 -36.27 25.40
CA SER C 402 -45.27 -35.95 26.76
C SER C 402 -45.29 -34.44 27.09
N ALA C 403 -45.31 -33.58 26.07
CA ALA C 403 -45.38 -32.15 26.32
C ALA C 403 -46.73 -31.70 26.91
N ARG C 404 -47.80 -32.45 26.67
CA ARG C 404 -49.11 -32.07 27.20
C ARG C 404 -49.13 -32.02 28.73
N ASN C 405 -48.21 -32.73 29.37
CA ASN C 405 -48.18 -32.79 30.83
C ASN C 405 -47.31 -31.72 31.48
N VAL C 406 -46.67 -30.86 30.68
CA VAL C 406 -45.75 -29.86 31.23
C VAL C 406 -46.46 -28.53 31.46
N PRO C 407 -46.54 -28.09 32.72
CA PRO C 407 -47.18 -26.80 32.94
C PRO C 407 -46.33 -25.66 32.35
N TYR C 408 -47.00 -24.66 31.79
CA TYR C 408 -46.31 -23.59 31.06
C TYR C 408 -46.56 -22.17 31.56
N GLY C 409 -47.36 -22.01 32.63
CA GLY C 409 -47.57 -20.69 33.23
C GLY C 409 -48.58 -19.83 32.50
N ASN C 410 -48.53 -18.54 32.77
CA ASN C 410 -49.51 -17.57 32.29
C ASN C 410 -49.05 -16.92 30.96
N ILE C 411 -49.89 -16.93 29.93
CA ILE C 411 -49.54 -16.40 28.59
C ILE C 411 -50.42 -15.21 28.18
N GLN C 412 -51.17 -14.67 29.13
CA GLN C 412 -52.13 -13.62 28.82
C GLN C 412 -51.50 -12.40 28.16
N SER C 413 -50.38 -11.90 28.68
CA SER C 413 -49.78 -10.70 28.06
C SER C 413 -49.29 -10.98 26.63
N ARG C 414 -48.86 -12.22 26.35
CA ARG C 414 -48.47 -12.60 24.98
C ARG C 414 -49.70 -12.67 24.06
N LEU C 415 -50.80 -13.25 24.56
CA LEU C 415 -52.06 -13.24 23.80
C LEU C 415 -52.52 -11.81 23.52
N GLU C 416 -52.46 -10.94 24.52
CA GLU C 416 -52.85 -9.54 24.33
C GLU C 416 -51.95 -8.83 23.33
N LEU C 417 -50.66 -9.13 23.35
CA LEU C 417 -49.72 -8.59 22.36
C LEU C 417 -50.17 -8.98 20.93
N ARG C 418 -50.50 -10.25 20.74
CA ARG C 418 -50.92 -10.73 19.43
C ARG C 418 -52.18 -10.03 18.94
N LYS C 419 -53.13 -9.85 19.85
CA LYS C 419 -54.36 -9.10 19.59
C LYS C 419 -54.04 -7.69 19.13
N LYS C 420 -53.28 -6.99 19.96
CA LYS C 420 -52.93 -5.59 19.72
C LYS C 420 -52.25 -5.34 18.37
N LEU C 421 -51.40 -6.28 17.94
CA LEU C 421 -50.69 -6.15 16.66
C LEU C 421 -51.52 -6.54 15.43
N SER C 422 -52.71 -7.11 15.60
CA SER C 422 -53.45 -7.63 14.45
C SER C 422 -52.56 -8.54 13.60
N CYS C 423 -52.21 -9.69 14.16
CA CYS C 423 -51.36 -10.63 13.47
C CYS C 423 -52.21 -11.61 12.68
N LYS C 424 -51.67 -12.13 11.59
CA LYS C 424 -52.33 -13.15 10.79
C LYS C 424 -52.35 -14.50 11.52
N PRO C 425 -53.31 -15.38 11.15
CA PRO C 425 -53.36 -16.72 11.75
C PRO C 425 -52.25 -17.65 11.26
N PHE C 426 -52.00 -18.70 12.03
CA PHE C 426 -50.94 -19.62 11.70
C PHE C 426 -51.14 -20.28 10.34
N LYS C 427 -52.40 -20.49 9.97
CA LYS C 427 -52.71 -21.04 8.65
C LYS C 427 -52.11 -20.17 7.55
N TRP C 428 -52.19 -18.87 7.69
CA TRP C 428 -51.57 -17.96 6.75
C TRP C 428 -50.04 -18.19 6.70
N TYR C 429 -49.42 -18.38 7.86
CA TYR C 429 -47.98 -18.68 7.93
C TYR C 429 -47.64 -19.95 7.15
N LEU C 430 -48.39 -21.02 7.40
CA LEU C 430 -48.16 -22.28 6.71
C LEU C 430 -48.30 -22.13 5.19
N GLU C 431 -49.33 -21.38 4.74
CA GLU C 431 -49.60 -21.24 3.31
C GLU C 431 -48.63 -20.31 2.60
N ASN C 432 -48.23 -19.23 3.26
CA ASN C 432 -47.45 -18.18 2.61
C ASN C 432 -45.96 -18.14 2.94
N VAL C 433 -45.60 -18.62 4.12
CA VAL C 433 -44.21 -18.58 4.57
C VAL C 433 -43.54 -19.95 4.54
N TYR C 434 -44.21 -20.99 5.04
CA TYR C 434 -43.59 -22.33 5.10
C TYR C 434 -44.48 -23.39 4.45
N PRO C 435 -44.82 -23.21 3.14
CA PRO C 435 -45.68 -24.15 2.47
C PRO C 435 -45.09 -25.57 2.31
N GLU C 436 -43.77 -25.69 2.35
CA GLU C 436 -43.15 -26.99 2.16
C GLU C 436 -43.22 -27.89 3.41
N LEU C 437 -43.64 -27.34 4.55
CA LEU C 437 -43.90 -28.18 5.72
C LEU C 437 -45.18 -28.96 5.44
N ARG C 438 -45.07 -30.29 5.50
CA ARG C 438 -46.17 -31.14 5.12
C ARG C 438 -47.17 -31.18 6.25
N VAL C 439 -48.39 -30.75 5.99
CA VAL C 439 -49.36 -30.75 7.06
C VAL C 439 -50.18 -31.99 6.71
N PRO C 440 -49.84 -33.15 7.37
CA PRO C 440 -50.72 -34.30 7.19
C PRO C 440 -52.08 -33.72 6.91
N ASP C 441 -52.94 -34.44 6.20
CA ASP C 441 -54.33 -34.04 6.11
C ASP C 441 -54.88 -34.05 7.54
N HIS C 442 -55.81 -33.14 7.83
CA HIS C 442 -56.35 -33.01 9.18
C HIS C 442 -57.07 -34.28 9.67
N GLN C 443 -57.49 -35.16 8.75
CA GLN C 443 -58.12 -36.43 9.12
C GLN C 443 -57.25 -37.69 8.93
N ASP C 444 -55.97 -37.53 8.59
CA ASP C 444 -55.07 -38.67 8.55
C ASP C 444 -54.98 -39.32 9.92
N ILE C 445 -54.90 -40.65 9.93
CA ILE C 445 -54.76 -41.45 11.15
C ILE C 445 -53.29 -41.55 11.55
N ALA C 446 -52.41 -41.59 10.56
CA ALA C 446 -50.97 -41.66 10.80
C ALA C 446 -50.25 -41.12 9.58
N PHE C 447 -48.95 -40.86 9.72
CA PHE C 447 -48.21 -40.19 8.67
C PHE C 447 -46.71 -40.34 8.83
N GLY C 448 -45.99 -40.23 7.72
CA GLY C 448 -44.52 -40.13 7.72
C GLY C 448 -43.86 -41.31 7.06
N ALA C 449 -42.86 -41.89 7.73
CA ALA C 449 -42.23 -43.12 7.25
C ALA C 449 -42.85 -44.28 7.99
N LEU C 450 -42.80 -45.45 7.37
CA LEU C 450 -43.32 -46.67 7.97
C LEU C 450 -42.12 -47.58 8.19
N GLN C 451 -41.69 -47.67 9.45
CA GLN C 451 -40.40 -48.26 9.79
C GLN C 451 -40.51 -49.69 10.28
N GLN C 452 -39.54 -50.49 9.87
CA GLN C 452 -39.31 -51.80 10.41
C GLN C 452 -37.81 -51.93 10.73
N GLY C 453 -37.44 -51.83 12.02
CA GLY C 453 -36.03 -51.78 12.41
C GLY C 453 -35.38 -50.55 11.81
N THR C 454 -34.29 -50.72 11.07
CA THR C 454 -33.70 -49.58 10.36
C THR C 454 -34.15 -49.49 8.90
N ASN C 455 -35.10 -50.32 8.51
CA ASN C 455 -35.70 -50.26 7.18
C ASN C 455 -37.03 -49.53 7.15
N CYS C 456 -37.36 -49.01 5.98
CA CYS C 456 -38.57 -48.23 5.72
C CYS C 456 -39.28 -48.71 4.46
N LEU C 457 -40.62 -48.72 4.51
CA LEU C 457 -41.47 -49.00 3.34
C LEU C 457 -41.09 -48.02 2.24
N ASP C 458 -40.85 -48.55 1.05
CA ASP C 458 -40.30 -47.76 -0.03
C ASP C 458 -40.94 -48.18 -1.36
N THR C 459 -41.39 -47.21 -2.18
CA THR C 459 -41.93 -47.55 -3.51
C THR C 459 -40.89 -48.12 -4.48
N LEU C 460 -39.61 -47.86 -4.21
CA LEU C 460 -38.52 -48.26 -5.10
C LEU C 460 -38.58 -47.54 -6.45
N GLY C 461 -39.28 -46.41 -6.50
CA GLY C 461 -39.49 -45.71 -7.76
C GLY C 461 -40.54 -46.35 -8.66
N HIS C 462 -41.29 -47.34 -8.15
CA HIS C 462 -42.38 -47.96 -8.92
C HIS C 462 -43.66 -47.11 -8.93
N PHE C 463 -44.49 -47.34 -9.95
CA PHE C 463 -45.77 -46.65 -10.11
C PHE C 463 -46.87 -47.67 -10.14
N ALA C 464 -48.04 -47.35 -10.67
CA ALA C 464 -49.18 -48.24 -10.57
C ALA C 464 -48.90 -49.63 -11.22
N ASP C 465 -49.42 -50.67 -10.58
CA ASP C 465 -49.16 -52.08 -10.94
C ASP C 465 -47.76 -52.60 -10.55
N GLY C 466 -46.97 -51.79 -9.84
CA GLY C 466 -45.64 -52.23 -9.41
C GLY C 466 -45.67 -52.75 -7.98
N VAL C 467 -44.67 -53.55 -7.66
CA VAL C 467 -44.49 -54.04 -6.30
C VAL C 467 -43.87 -52.96 -5.41
N VAL C 468 -43.85 -53.26 -4.12
CA VAL C 468 -43.36 -52.31 -3.13
C VAL C 468 -42.30 -53.07 -2.29
N GLY C 469 -41.36 -52.34 -1.66
CA GLY C 469 -40.29 -52.99 -0.91
C GLY C 469 -39.89 -52.24 0.34
N VAL C 470 -38.70 -52.59 0.83
CA VAL C 470 -38.05 -51.86 1.93
C VAL C 470 -36.64 -51.46 1.53
N TYR C 471 -36.14 -50.43 2.18
CA TYR C 471 -34.85 -49.82 1.87
C TYR C 471 -34.47 -49.18 3.21
N GLU C 472 -33.18 -49.04 3.45
CA GLU C 472 -32.68 -48.39 4.65
C GLU C 472 -33.34 -47.00 4.82
N CYS C 473 -33.82 -46.70 6.04
CA CYS C 473 -34.48 -45.42 6.30
C CYS C 473 -33.50 -44.29 6.09
N HIS C 474 -33.91 -43.26 5.37
CA HIS C 474 -33.03 -42.14 5.06
C HIS C 474 -33.53 -40.81 5.61
N ASN C 475 -34.76 -40.75 6.10
CA ASN C 475 -35.36 -39.53 6.66
C ASN C 475 -35.45 -38.33 5.71
N ALA C 476 -35.45 -38.61 4.42
CA ALA C 476 -35.51 -37.59 3.36
C ALA C 476 -36.86 -37.58 2.63
N GLY C 477 -37.85 -38.30 3.14
CA GLY C 477 -39.21 -38.19 2.62
C GLY C 477 -39.61 -38.34 1.16
N GLY C 478 -38.97 -39.13 0.31
CA GLY C 478 -39.52 -39.15 -1.07
C GLY C 478 -40.35 -40.42 -1.20
N ASN C 479 -39.72 -41.42 -1.78
CA ASN C 479 -40.32 -42.73 -1.93
C ASN C 479 -40.56 -43.45 -0.60
N GLN C 480 -40.17 -42.83 0.51
CA GLN C 480 -40.44 -43.35 1.85
C GLN C 480 -41.51 -42.56 2.61
N GLU C 481 -42.20 -41.64 1.94
CA GLU C 481 -43.33 -40.92 2.56
C GLU C 481 -44.71 -41.56 2.34
N TRP C 482 -45.43 -41.80 3.44
CA TRP C 482 -46.72 -42.50 3.44
C TRP C 482 -47.71 -41.85 4.41
N ALA C 483 -48.99 -42.15 4.20
CA ALA C 483 -50.03 -41.78 5.16
C ALA C 483 -51.01 -42.92 5.30
N LEU C 484 -51.58 -43.04 6.50
CA LEU C 484 -52.73 -43.91 6.74
C LEU C 484 -53.89 -42.94 6.79
N THR C 485 -54.76 -42.99 5.78
CA THR C 485 -55.84 -41.99 5.63
C THR C 485 -57.10 -42.31 6.45
N LYS C 486 -58.01 -41.34 6.53
CA LYS C 486 -59.36 -41.54 7.12
C LYS C 486 -60.11 -42.67 6.41
N GLU C 487 -59.85 -42.88 5.12
CA GLU C 487 -60.46 -44.00 4.37
C GLU C 487 -59.75 -45.35 4.64
N LYS C 488 -58.75 -45.36 5.52
CA LYS C 488 -58.02 -46.59 5.90
C LYS C 488 -57.06 -47.11 4.80
N SER C 489 -56.61 -46.21 3.92
CA SER C 489 -55.67 -46.62 2.90
C SER C 489 -54.25 -46.19 3.28
N VAL C 490 -53.27 -46.97 2.85
CA VAL C 490 -51.87 -46.64 3.06
C VAL C 490 -51.35 -46.10 1.73
N LYS C 491 -51.15 -44.79 1.69
CA LYS C 491 -50.90 -44.13 0.41
C LYS C 491 -49.65 -43.29 0.32
N HIS C 492 -49.14 -43.26 -0.89
CA HIS C 492 -48.02 -42.43 -1.30
C HIS C 492 -48.49 -41.69 -2.56
N MET C 493 -48.47 -40.36 -2.54
CA MET C 493 -49.07 -39.55 -3.63
C MET C 493 -50.55 -39.97 -3.77
N ASP C 494 -50.97 -40.40 -4.97
CA ASP C 494 -52.31 -40.95 -5.14
C ASP C 494 -52.32 -42.47 -5.42
N LEU C 495 -51.26 -43.16 -4.99
CA LEU C 495 -51.15 -44.63 -5.10
C LEU C 495 -51.31 -45.28 -3.72
N CYS C 496 -51.94 -46.45 -3.68
CA CYS C 496 -52.35 -47.10 -2.43
C CYS C 496 -51.90 -48.56 -2.43
N LEU C 497 -51.52 -49.07 -1.26
CA LEU C 497 -51.17 -50.50 -1.13
C LEU C 497 -52.43 -51.30 -1.35
N THR C 498 -52.38 -52.24 -2.29
CA THR C 498 -53.56 -52.97 -2.74
C THR C 498 -53.35 -54.47 -2.63
N VAL C 499 -54.27 -55.12 -1.90
CA VAL C 499 -54.23 -56.56 -1.74
C VAL C 499 -54.93 -57.12 -2.96
N VAL C 500 -54.13 -57.46 -3.95
CA VAL C 500 -54.60 -57.89 -5.23
C VAL C 500 -55.00 -59.38 -5.18
N ASP C 501 -54.47 -60.10 -4.19
CA ASP C 501 -54.69 -61.53 -4.05
C ASP C 501 -54.55 -61.90 -2.58
N ARG C 502 -55.58 -62.53 -2.01
CA ARG C 502 -55.62 -62.86 -0.57
C ARG C 502 -54.93 -64.18 -0.17
N ALA C 503 -54.46 -64.98 -1.13
CA ALA C 503 -53.71 -66.20 -0.78
C ALA C 503 -52.44 -65.78 -0.03
N PRO C 504 -52.18 -66.42 1.15
CA PRO C 504 -50.98 -66.06 1.93
C PRO C 504 -49.73 -66.21 1.10
N GLY C 505 -48.83 -65.23 1.21
CA GLY C 505 -47.61 -65.21 0.40
C GLY C 505 -47.71 -64.34 -0.85
N SER C 506 -48.91 -63.86 -1.20
CA SER C 506 -49.12 -63.04 -2.40
C SER C 506 -48.49 -61.63 -2.28
N LEU C 507 -47.86 -61.17 -3.36
CA LEU C 507 -47.34 -59.81 -3.42
C LEU C 507 -48.48 -58.80 -3.44
N ILE C 508 -48.28 -57.68 -2.78
CA ILE C 508 -49.21 -56.57 -2.90
C ILE C 508 -48.73 -55.64 -4.03
N LYS C 509 -49.63 -54.78 -4.47
CA LYS C 509 -49.34 -53.88 -5.58
C LYS C 509 -49.79 -52.47 -5.23
N LEU C 510 -49.07 -51.53 -5.81
CA LEU C 510 -49.51 -50.14 -5.88
C LEU C 510 -50.63 -49.98 -6.94
N GLN C 511 -51.75 -49.37 -6.58
CA GLN C 511 -52.79 -48.98 -7.54
C GLN C 511 -53.34 -47.60 -7.17
N GLY C 512 -53.92 -46.90 -8.15
CA GLY C 512 -54.59 -45.63 -7.89
C GLY C 512 -55.58 -45.78 -6.75
N CYS C 513 -55.57 -44.84 -5.82
CA CYS C 513 -56.47 -44.90 -4.66
C CYS C 513 -57.94 -44.71 -5.09
N ARG C 514 -58.81 -45.61 -4.62
CA ARG C 514 -60.27 -45.48 -4.76
C ARG C 514 -60.90 -45.80 -3.40
N GLU C 515 -61.56 -44.85 -2.76
CA GLU C 515 -62.07 -45.10 -1.42
C GLU C 515 -62.87 -46.39 -1.32
N ASP C 516 -63.96 -46.49 -2.04
CA ASP C 516 -64.83 -47.64 -1.92
C ASP C 516 -64.14 -48.98 -2.16
N ASP C 517 -62.86 -48.96 -2.46
CA ASP C 517 -62.17 -50.20 -2.76
C ASP C 517 -61.78 -50.95 -1.49
N SER C 518 -62.28 -52.17 -1.32
CA SER C 518 -61.99 -52.87 -0.07
C SER C 518 -60.61 -53.56 -0.05
N ARG C 519 -60.01 -53.80 -1.21
CA ARG C 519 -58.65 -54.36 -1.29
C ARG C 519 -57.54 -53.38 -0.80
N GLN C 520 -57.89 -52.11 -0.58
CA GLN C 520 -56.93 -51.09 -0.16
C GLN C 520 -57.07 -50.69 1.31
N LYS C 521 -57.87 -51.42 2.10
CA LYS C 521 -58.15 -51.05 3.50
C LYS C 521 -57.23 -51.79 4.47
N TRP C 522 -56.58 -50.99 5.34
CA TRP C 522 -55.62 -51.48 6.33
C TRP C 522 -55.95 -50.84 7.67
N GLU C 523 -55.55 -51.53 8.74
CA GLU C 523 -55.72 -51.04 10.11
C GLU C 523 -54.51 -51.37 10.99
N GLN C 524 -54.16 -50.45 11.86
CA GLN C 524 -53.11 -50.67 12.84
C GLN C 524 -53.59 -51.56 13.95
N ILE C 525 -52.76 -52.52 14.34
CA ILE C 525 -53.07 -53.40 15.47
C ILE C 525 -51.88 -53.54 16.44
N GLU C 526 -52.16 -54.17 17.58
CA GLU C 526 -51.16 -54.49 18.61
C GLU C 526 -50.36 -53.26 19.02
N GLY C 527 -51.06 -52.22 19.49
CA GLY C 527 -50.37 -51.03 19.94
C GLY C 527 -49.72 -50.25 18.81
N ASN C 528 -50.36 -50.21 17.65
CA ASN C 528 -49.82 -49.52 16.48
C ASN C 528 -48.45 -50.05 16.04
N SER C 529 -48.32 -51.37 16.09
CA SER C 529 -47.03 -52.02 15.78
C SER C 529 -47.10 -52.93 14.55
N LYS C 530 -48.31 -53.14 13.99
CA LYS C 530 -48.51 -53.97 12.79
C LYS C 530 -49.62 -53.40 11.92
N LEU C 531 -49.72 -53.92 10.70
CA LEU C 531 -50.76 -53.52 9.76
C LEU C 531 -51.47 -54.71 9.20
N ARG C 532 -52.75 -54.77 9.50
CA ARG C 532 -53.59 -55.87 9.09
C ARG C 532 -54.54 -55.40 7.98
N HIS C 533 -54.73 -56.24 6.97
CA HIS C 533 -55.72 -55.96 5.95
C HIS C 533 -57.14 -56.17 6.53
N VAL C 534 -57.94 -55.10 6.49
CA VAL C 534 -59.30 -55.08 7.09
C VAL C 534 -60.17 -56.19 6.53
N GLY C 535 -60.85 -56.93 7.41
CA GLY C 535 -61.72 -58.03 7.01
C GLY C 535 -60.98 -59.34 6.75
N SER C 536 -59.74 -59.44 7.22
CA SER C 536 -58.92 -60.64 6.97
C SER C 536 -58.07 -60.95 8.19
N ASN C 537 -57.38 -62.09 8.15
CA ASN C 537 -56.30 -62.37 9.11
C ASN C 537 -54.95 -62.25 8.41
N LEU C 538 -54.82 -61.29 7.50
CA LEU C 538 -53.58 -61.08 6.75
C LEU C 538 -52.89 -59.81 7.22
N CYS C 539 -51.57 -59.90 7.37
CA CYS C 539 -50.75 -58.77 7.82
C CYS C 539 -49.69 -58.43 6.80
N LEU C 540 -49.30 -57.16 6.75
CA LEU C 540 -48.23 -56.74 5.87
C LEU C 540 -46.90 -57.36 6.32
N ASP C 541 -46.19 -57.97 5.38
CA ASP C 541 -45.02 -58.81 5.68
C ASP C 541 -43.86 -58.55 4.71
N SER C 542 -42.66 -58.36 5.27
CA SER C 542 -41.46 -58.05 4.48
C SER C 542 -40.58 -59.26 4.18
N ARG C 543 -40.97 -60.47 4.57
CA ARG C 543 -40.04 -61.61 4.42
C ARG C 543 -39.75 -61.94 2.95
N THR C 544 -40.61 -61.46 2.07
CA THR C 544 -40.50 -61.67 0.64
C THR C 544 -39.83 -60.48 -0.07
N ALA C 545 -39.36 -59.49 0.69
CA ALA C 545 -38.92 -58.20 0.12
C ALA C 545 -37.79 -58.33 -0.89
N LYS C 546 -36.91 -59.30 -0.70
CA LYS C 546 -35.76 -59.53 -1.61
C LYS C 546 -36.03 -60.63 -2.65
N SER C 547 -37.22 -61.21 -2.66
CA SER C 547 -37.56 -62.20 -3.66
C SER C 547 -38.88 -61.83 -4.34
N GLY C 548 -39.12 -60.54 -4.59
CA GLY C 548 -40.36 -60.11 -5.24
C GLY C 548 -41.00 -58.81 -4.75
N GLY C 549 -41.01 -58.58 -3.43
CA GLY C 549 -41.63 -57.39 -2.82
C GLY C 549 -42.40 -57.72 -1.54
N LEU C 550 -43.02 -56.71 -0.92
CA LEU C 550 -43.86 -56.94 0.25
C LEU C 550 -45.05 -57.81 -0.10
N SER C 551 -45.46 -58.61 0.88
CA SER C 551 -46.55 -59.55 0.72
C SER C 551 -47.54 -59.43 1.84
N VAL C 552 -48.60 -60.18 1.67
CA VAL C 552 -49.62 -60.34 2.66
C VAL C 552 -49.41 -61.79 3.20
N GLU C 553 -49.41 -61.96 4.51
CA GLU C 553 -49.17 -63.27 5.13
C GLU C 553 -50.09 -63.42 6.34
N VAL C 554 -50.39 -64.64 6.77
CA VAL C 554 -51.30 -64.79 7.92
C VAL C 554 -50.64 -64.14 9.16
N CYS C 555 -51.43 -63.37 9.92
CA CYS C 555 -50.90 -62.63 11.07
C CYS C 555 -50.35 -63.61 12.10
N GLY C 556 -49.16 -63.30 12.60
CA GLY C 556 -48.45 -64.16 13.52
C GLY C 556 -47.28 -63.42 14.14
N PRO C 557 -46.54 -64.10 15.01
CA PRO C 557 -45.47 -63.48 15.79
C PRO C 557 -44.14 -63.39 15.04
N ALA C 558 -44.16 -62.82 13.85
CA ALA C 558 -42.97 -62.70 13.01
C ALA C 558 -42.47 -61.26 13.02
N LEU C 559 -41.15 -61.06 13.08
CA LEU C 559 -40.55 -59.72 13.07
C LEU C 559 -40.77 -59.00 11.77
N SER C 560 -40.97 -59.78 10.71
CA SER C 560 -41.18 -59.23 9.40
C SER C 560 -42.59 -58.60 9.24
N GLN C 561 -43.45 -58.71 10.27
CA GLN C 561 -44.77 -58.05 10.28
C GLN C 561 -44.84 -56.85 11.21
N GLN C 562 -43.69 -56.38 11.70
CA GLN C 562 -43.63 -55.19 12.57
C GLN C 562 -43.46 -53.92 11.74
N TRP C 563 -44.32 -52.93 12.00
CA TRP C 563 -44.34 -51.67 11.26
C TRP C 563 -44.86 -50.55 12.16
N LYS C 564 -44.18 -49.40 12.13
CA LYS C 564 -44.53 -48.23 12.94
C LYS C 564 -44.43 -46.96 12.11
N PHE C 565 -45.53 -46.20 12.05
CA PHE C 565 -45.48 -44.87 11.44
C PHE C 565 -44.70 -43.92 12.35
N THR C 566 -44.01 -42.95 11.78
CA THR C 566 -43.32 -41.95 12.61
C THR C 566 -44.27 -40.92 13.31
N LEU C 567 -45.39 -40.52 12.72
CA LEU C 567 -46.44 -39.79 13.51
C LEU C 567 -47.73 -40.61 13.58
N ASN C 568 -48.28 -40.76 14.79
CA ASN C 568 -49.66 -41.21 15.00
C ASN C 568 -50.50 -40.01 15.47
N LYS D 75 -31.06 52.92 40.12
CA LYS D 75 -29.69 52.45 39.77
C LYS D 75 -29.28 51.33 40.74
N VAL D 76 -28.53 50.36 40.25
CA VAL D 76 -28.30 49.14 40.99
C VAL D 76 -26.79 48.83 41.00
N ARG D 77 -26.27 48.37 42.14
CA ARG D 77 -24.87 48.00 42.24
C ARG D 77 -24.67 46.77 41.32
N TRP D 78 -23.50 46.61 40.73
CA TRP D 78 -23.34 45.57 39.74
C TRP D 78 -23.59 44.17 40.25
N PRO D 79 -23.21 43.85 41.53
CA PRO D 79 -23.59 42.48 41.98
C PRO D 79 -25.09 42.24 42.07
N ASP D 80 -25.89 43.30 42.16
CA ASP D 80 -27.37 43.15 42.15
C ASP D 80 -28.00 43.12 40.75
N PHE D 81 -27.20 43.25 39.71
CA PHE D 81 -27.76 43.15 38.36
C PHE D 81 -28.19 41.75 38.05
N ASN D 82 -29.34 41.61 37.46
CA ASN D 82 -29.87 40.30 37.12
C ASN D 82 -29.33 39.76 35.76
N GLN D 83 -28.18 39.12 35.84
CA GLN D 83 -27.50 38.58 34.70
C GLN D 83 -28.32 37.54 33.96
N GLU D 84 -29.01 36.68 34.68
CA GLU D 84 -29.80 35.65 34.05
C GLU D 84 -30.97 36.21 33.25
N ALA D 85 -31.63 37.22 33.75
CA ALA D 85 -32.72 37.84 32.97
C ALA D 85 -32.17 38.57 31.71
N TYR D 86 -31.07 39.30 31.88
CA TYR D 86 -30.41 40.00 30.79
C TYR D 86 -29.94 39.09 29.67
N VAL D 87 -29.10 38.11 30.01
CA VAL D 87 -28.55 37.18 29.03
C VAL D 87 -29.59 36.18 28.51
N GLY D 88 -30.53 35.80 29.37
CA GLY D 88 -31.61 34.84 29.02
C GLY D 88 -32.43 35.18 27.82
N GLY D 89 -32.70 36.46 27.56
CA GLY D 89 -33.47 36.83 26.37
C GLY D 89 -32.82 36.54 25.01
N THR D 90 -31.53 36.17 24.97
CA THR D 90 -30.80 36.09 23.71
C THR D 90 -29.98 34.81 23.59
N MET D 91 -30.24 33.80 24.41
CA MET D 91 -29.43 32.59 24.39
C MET D 91 -29.63 31.78 23.14
N VAL D 92 -28.60 31.02 22.80
CA VAL D 92 -28.65 30.19 21.65
C VAL D 92 -29.66 29.05 21.93
N ARG D 93 -30.69 28.90 21.09
CA ARG D 93 -31.65 27.82 21.28
C ARG D 93 -31.08 26.47 20.89
N SER D 94 -31.69 25.44 21.43
CA SER D 94 -31.22 24.06 21.22
C SER D 94 -31.24 23.71 19.73
N GLY D 95 -30.13 23.13 19.26
CA GLY D 95 -29.90 22.88 17.84
C GLY D 95 -29.51 24.06 16.92
N GLN D 96 -29.40 25.26 17.44
CA GLN D 96 -29.00 26.43 16.63
C GLN D 96 -27.54 26.66 16.65
N ASP D 97 -27.05 27.45 15.69
CA ASP D 97 -25.62 27.62 15.52
C ASP D 97 -25.07 28.59 16.57
N PRO D 98 -23.99 28.18 17.28
CA PRO D 98 -23.51 29.08 18.34
C PRO D 98 -22.51 30.17 17.93
N TYR D 99 -21.98 30.10 16.71
CA TYR D 99 -20.97 31.03 16.16
C TYR D 99 -21.50 32.14 15.23
N ALA D 100 -22.72 32.01 14.75
CA ALA D 100 -23.15 32.81 13.60
C ALA D 100 -23.25 34.28 13.92
N ARG D 101 -23.89 34.61 15.04
CA ARG D 101 -24.14 35.99 15.36
C ARG D 101 -22.85 36.75 15.66
N ASN D 102 -21.87 36.11 16.29
CA ASN D 102 -20.73 36.87 16.90
C ASN D 102 -19.40 36.46 16.36
N LYS D 103 -19.34 35.35 15.62
CA LYS D 103 -18.07 34.79 15.20
C LYS D 103 -17.18 34.41 16.40
N PHE D 104 -17.83 34.14 17.53
CA PHE D 104 -17.26 33.37 18.60
C PHE D 104 -18.36 32.48 19.23
N ASN D 105 -17.97 31.57 20.11
CA ASN D 105 -18.93 30.63 20.63
C ASN D 105 -19.79 31.21 21.71
N GLN D 106 -21.02 31.59 21.35
CA GLN D 106 -21.87 32.26 22.30
C GLN D 106 -22.34 31.33 23.43
N VAL D 107 -22.37 30.02 23.18
CA VAL D 107 -22.83 29.11 24.21
C VAL D 107 -21.81 29.14 25.34
N GLU D 108 -20.54 29.08 25.00
CA GLU D 108 -19.51 29.11 26.02
C GLU D 108 -19.45 30.48 26.72
N SER D 109 -19.68 31.57 25.99
CA SER D 109 -19.73 32.87 26.61
C SER D 109 -20.89 32.98 27.59
N ASP D 110 -22.03 32.49 27.20
CA ASP D 110 -23.23 32.60 28.02
C ASP D 110 -23.18 31.70 29.30
N LYS D 111 -22.39 30.65 29.31
CA LYS D 111 -22.24 29.77 30.53
C LYS D 111 -21.46 30.44 31.67
N LEU D 112 -20.69 31.47 31.33
CA LEU D 112 -19.80 32.12 32.28
C LEU D 112 -20.54 33.08 33.18
N ARG D 113 -20.17 33.06 34.44
CA ARG D 113 -20.55 34.10 35.38
C ARG D 113 -20.01 35.51 35.01
N MET D 114 -20.83 36.55 35.24
CA MET D 114 -20.48 37.91 34.81
C MET D 114 -19.15 38.40 35.40
N ASP D 115 -18.74 37.82 36.52
CA ASP D 115 -17.50 38.18 37.19
C ASP D 115 -16.60 36.94 37.41
N ARG D 116 -16.61 36.04 36.45
CA ARG D 116 -15.90 34.77 36.61
C ARG D 116 -14.45 35.00 36.96
N ALA D 117 -13.87 34.04 37.64
CA ALA D 117 -12.48 34.11 38.05
C ALA D 117 -11.59 33.81 36.89
N ILE D 118 -10.49 34.55 36.79
CA ILE D 118 -9.56 34.37 35.74
C ILE D 118 -8.19 34.32 36.38
N PRO D 119 -7.24 33.65 35.73
CA PRO D 119 -5.92 33.56 36.32
C PRO D 119 -5.21 34.91 36.28
N ASP D 120 -4.40 35.14 37.32
CA ASP D 120 -3.63 36.33 37.42
C ASP D 120 -2.36 36.11 36.59
N THR D 121 -2.27 36.77 35.43
CA THR D 121 -1.23 36.51 34.45
C THR D 121 -0.08 37.52 34.54
N ARG D 122 -0.17 38.43 35.47
CA ARG D 122 0.89 39.43 35.72
C ARG D 122 2.21 38.83 36.26
N HIS D 123 3.31 39.42 35.88
CA HIS D 123 4.60 39.06 36.40
C HIS D 123 4.53 39.11 37.94
N ASP D 124 5.33 38.27 38.58
CA ASP D 124 5.43 38.26 40.06
C ASP D 124 5.69 39.60 40.71
N GLN D 125 6.55 40.38 40.08
CA GLN D 125 6.90 41.71 40.53
C GLN D 125 5.69 42.61 40.60
N CYS D 126 4.73 42.49 39.66
CA CYS D 126 3.52 43.30 39.69
C CYS D 126 2.62 42.90 40.81
N GLN D 127 2.57 41.60 41.07
CA GLN D 127 1.72 41.04 42.11
C GLN D 127 2.15 41.47 43.50
N ARG D 128 3.41 41.83 43.67
CA ARG D 128 3.89 42.32 45.00
C ARG D 128 3.71 43.82 45.18
N LYS D 129 3.74 44.59 44.09
CA LYS D 129 3.63 46.06 44.22
C LYS D 129 2.30 46.42 44.89
N GLN D 130 2.30 47.51 45.62
CA GLN D 130 1.07 48.10 46.13
C GLN D 130 0.87 49.36 45.34
N TRP D 131 -0.23 49.42 44.60
CA TRP D 131 -0.40 50.49 43.61
C TRP D 131 -0.98 51.71 44.27
N ARG D 132 -0.36 52.86 44.01
CA ARG D 132 -0.99 54.09 44.40
C ARG D 132 -2.41 54.15 43.84
N VAL D 133 -3.16 55.04 44.44
CA VAL D 133 -4.58 55.19 44.21
C VAL D 133 -4.97 56.69 44.25
N ASP D 134 -3.97 57.55 44.51
CA ASP D 134 -4.07 59.02 44.38
C ASP D 134 -3.79 59.41 42.94
N LEU D 135 -4.78 59.15 42.11
CA LEU D 135 -4.64 59.26 40.66
C LEU D 135 -5.92 59.87 40.09
N PRO D 136 -5.86 60.43 38.89
CA PRO D 136 -7.09 60.98 38.36
C PRO D 136 -8.07 59.90 37.95
N ALA D 137 -9.35 60.16 38.12
CA ALA D 137 -10.36 59.20 37.69
C ALA D 137 -10.46 59.15 36.15
N THR D 138 -11.03 58.06 35.61
CA THR D 138 -11.21 57.96 34.17
C THR D 138 -12.64 57.76 33.80
N SER D 139 -12.98 58.17 32.58
CA SER D 139 -14.21 57.82 31.93
C SER D 139 -13.88 56.69 30.96
N VAL D 140 -14.50 55.55 31.14
CA VAL D 140 -14.31 54.39 30.27
C VAL D 140 -15.30 54.43 29.11
N VAL D 141 -14.80 54.43 27.87
CA VAL D 141 -15.69 54.43 26.69
C VAL D 141 -15.68 53.09 25.96
N ILE D 142 -16.84 52.52 25.77
CA ILE D 142 -17.00 51.25 25.13
C ILE D 142 -18.09 51.34 24.10
N THR D 143 -17.71 51.16 22.86
CA THR D 143 -18.65 51.19 21.77
C THR D 143 -18.95 49.78 21.34
N PHE D 144 -20.12 49.58 20.79
CA PHE D 144 -20.50 48.24 20.36
C PHE D 144 -21.63 48.27 19.32
N HIS D 145 -21.62 47.29 18.43
CA HIS D 145 -22.62 47.10 17.43
C HIS D 145 -22.98 45.62 17.39
N ASN D 146 -24.17 45.27 17.92
CA ASN D 146 -24.59 43.88 18.03
C ASN D 146 -23.63 42.94 18.79
N GLU D 147 -23.24 43.32 19.99
CA GLU D 147 -22.34 42.48 20.80
C GLU D 147 -23.16 41.46 21.51
N ALA D 148 -22.59 40.32 21.83
CA ALA D 148 -23.28 39.35 22.71
C ALA D 148 -23.49 39.94 24.06
N ARG D 149 -24.69 39.84 24.57
CA ARG D 149 -24.99 40.35 25.89
C ARG D 149 -24.02 39.82 26.98
N SER D 150 -23.70 38.53 26.97
CA SER D 150 -22.87 37.97 28.05
C SER D 150 -21.50 38.67 28.01
N ALA D 151 -20.95 38.87 26.82
CA ALA D 151 -19.60 39.45 26.71
C ALA D 151 -19.57 40.95 27.04
N LEU D 152 -20.61 41.65 26.63
CA LEU D 152 -20.73 43.09 26.96
C LEU D 152 -20.82 43.27 28.47
N LEU D 153 -21.74 42.50 29.08
CA LEU D 153 -21.93 42.62 30.54
C LEU D 153 -20.62 42.31 31.29
N ARG D 154 -19.91 41.30 30.83
CA ARG D 154 -18.68 40.89 31.50
C ARG D 154 -17.60 41.95 31.38
N THR D 155 -17.58 42.66 30.25
CA THR D 155 -16.65 43.75 30.06
C THR D 155 -16.94 44.84 31.10
N VAL D 156 -18.19 45.23 31.20
CA VAL D 156 -18.56 46.23 32.13
C VAL D 156 -18.25 45.78 33.57
N VAL D 157 -18.64 44.56 33.94
CA VAL D 157 -18.41 44.19 35.33
C VAL D 157 -16.94 44.06 35.65
N SER D 158 -16.10 43.62 34.72
CA SER D 158 -14.70 43.49 35.03
C SER D 158 -14.13 44.86 35.35
N VAL D 159 -14.62 45.89 34.67
CA VAL D 159 -14.17 47.24 34.94
C VAL D 159 -14.58 47.68 36.36
N LEU D 160 -15.83 47.48 36.69
CA LEU D 160 -16.32 47.88 37.97
C LEU D 160 -15.73 47.05 39.10
N LYS D 161 -15.50 45.78 38.88
CA LYS D 161 -14.98 44.94 39.92
C LYS D 161 -13.48 45.08 40.17
N LYS D 162 -12.70 45.23 39.10
CA LYS D 162 -11.29 45.18 39.26
C LYS D 162 -10.67 46.57 39.48
N SER D 163 -11.46 47.64 39.37
CA SER D 163 -10.98 49.01 39.47
C SER D 163 -11.35 49.62 40.86
N PRO D 164 -10.42 50.34 41.50
CA PRO D 164 -10.85 51.15 42.70
C PRO D 164 -11.97 52.11 42.35
N PRO D 165 -13.03 52.12 43.15
CA PRO D 165 -14.24 52.78 42.70
C PRO D 165 -14.06 54.24 42.47
N HIS D 166 -13.22 54.88 43.26
CA HIS D 166 -13.03 56.31 43.07
C HIS D 166 -12.33 56.66 41.78
N LEU D 167 -11.74 55.67 41.10
CA LEU D 167 -11.01 55.91 39.84
C LEU D 167 -11.87 55.71 38.63
N ILE D 168 -13.09 55.26 38.84
CA ILE D 168 -14.04 55.13 37.76
C ILE D 168 -15.09 56.21 37.89
N LYS D 169 -15.00 57.23 37.05
CA LYS D 169 -15.97 58.26 37.06
C LYS D 169 -17.28 57.74 36.50
N GLU D 170 -17.19 57.04 35.38
CA GLU D 170 -18.33 56.61 34.62
C GLU D 170 -17.90 55.65 33.51
N ILE D 171 -18.85 54.87 33.02
CA ILE D 171 -18.62 53.96 31.93
C ILE D 171 -19.64 54.41 30.90
N ILE D 172 -19.16 54.82 29.72
CA ILE D 172 -20.03 55.27 28.67
C ILE D 172 -20.09 54.22 27.59
N LEU D 173 -21.27 53.68 27.42
CA LEU D 173 -21.54 52.69 26.41
C LEU D 173 -22.12 53.42 25.19
N VAL D 174 -21.44 53.33 24.05
CA VAL D 174 -21.99 53.87 22.79
C VAL D 174 -22.53 52.75 21.91
N ASP D 175 -23.86 52.63 21.93
CA ASP D 175 -24.57 51.63 21.14
C ASP D 175 -24.61 52.15 19.70
N ASP D 176 -23.76 51.60 18.87
CA ASP D 176 -23.65 52.05 17.49
C ASP D 176 -24.69 51.33 16.60
N TYR D 177 -25.95 51.70 16.82
CA TYR D 177 -27.09 51.25 16.00
C TYR D 177 -27.24 49.73 15.99
N SER D 178 -27.18 49.14 17.18
CA SER D 178 -27.46 47.70 17.34
C SER D 178 -28.91 47.40 16.91
N ASN D 179 -29.16 46.22 16.39
CA ASN D 179 -30.54 45.81 16.04
C ASN D 179 -31.49 46.01 17.21
N ASP D 180 -31.12 45.52 18.39
CA ASP D 180 -31.94 45.63 19.59
C ASP D 180 -31.42 46.69 20.58
N PRO D 181 -32.14 47.82 20.70
CA PRO D 181 -31.68 48.89 21.58
C PRO D 181 -31.57 48.47 23.04
N GLU D 182 -32.25 47.40 23.43
CA GLU D 182 -32.23 46.93 24.84
C GLU D 182 -30.90 46.38 25.30
N ASP D 183 -30.08 45.85 24.38
CA ASP D 183 -28.75 45.38 24.73
C ASP D 183 -28.06 46.46 25.56
N GLY D 184 -28.11 47.69 25.08
CA GLY D 184 -27.52 48.78 25.81
C GLY D 184 -28.38 49.31 26.92
N ALA D 185 -29.65 49.52 26.62
CA ALA D 185 -30.50 50.27 27.56
C ALA D 185 -30.62 49.56 28.91
N LEU D 186 -30.72 48.26 28.89
CA LEU D 186 -30.84 47.50 30.15
C LEU D 186 -29.60 47.63 31.05
N LEU D 187 -28.43 47.85 30.45
CA LEU D 187 -27.22 48.05 31.27
C LEU D 187 -27.20 49.40 31.92
N GLY D 188 -28.03 50.31 31.42
CA GLY D 188 -28.14 51.64 31.99
C GLY D 188 -28.58 51.67 33.46
N LYS D 189 -29.21 50.60 33.93
CA LYS D 189 -29.57 50.47 35.36
C LYS D 189 -28.37 50.36 36.28
N ILE D 190 -27.24 49.91 35.75
CA ILE D 190 -26.09 49.69 36.59
C ILE D 190 -25.43 51.00 36.96
N GLU D 191 -25.05 51.09 38.22
CA GLU D 191 -24.24 52.20 38.79
C GLU D 191 -23.15 52.60 37.83
N LYS D 192 -23.04 53.90 37.60
CA LYS D 192 -21.97 54.51 36.79
C LYS D 192 -22.08 54.31 35.29
N VAL D 193 -23.04 53.53 34.81
CA VAL D 193 -23.20 53.30 33.41
C VAL D 193 -24.13 54.31 32.73
N ARG D 194 -23.63 54.93 31.67
CA ARG D 194 -24.41 55.83 30.80
C ARG D 194 -24.47 55.22 29.41
N VAL D 195 -25.63 55.27 28.77
CA VAL D 195 -25.74 54.79 27.46
C VAL D 195 -26.21 55.82 26.43
N LEU D 196 -25.47 55.84 25.33
CA LEU D 196 -25.67 56.77 24.25
C LEU D 196 -25.97 55.89 23.04
N ARG D 197 -27.09 56.10 22.37
CA ARG D 197 -27.44 55.33 21.19
C ARG D 197 -27.32 56.17 19.91
N ASN D 198 -26.55 55.68 18.94
CA ASN D 198 -26.52 56.30 17.61
C ASN D 198 -27.80 55.90 16.89
N ASP D 199 -28.45 56.88 16.28
CA ASP D 199 -29.71 56.62 15.58
C ASP D 199 -29.48 56.20 14.14
N ARG D 200 -28.22 56.20 13.71
CA ARG D 200 -27.82 55.41 12.56
C ARG D 200 -26.42 54.81 12.80
N ARG D 201 -26.00 53.89 11.94
CA ARG D 201 -24.65 53.35 12.01
C ARG D 201 -23.61 54.42 11.77
N GLU D 202 -22.67 54.57 12.69
CA GLU D 202 -21.57 55.55 12.59
C GLU D 202 -20.18 54.95 12.51
N GLY D 203 -20.00 53.70 12.94
CA GLY D 203 -18.69 53.08 12.98
C GLY D 203 -17.93 53.41 14.28
N LEU D 204 -16.84 52.74 14.48
CA LEU D 204 -16.14 52.85 15.74
C LEU D 204 -15.43 54.19 15.98
N MET D 205 -14.94 54.82 14.92
CA MET D 205 -14.19 56.06 15.08
C MET D 205 -15.10 57.18 15.52
N ARG D 206 -16.22 57.37 14.83
CA ARG D 206 -17.19 58.37 15.24
C ARG D 206 -17.87 58.03 16.56
N SER D 207 -18.07 56.74 16.85
CA SER D 207 -18.68 56.37 18.12
C SER D 207 -17.73 56.71 19.28
N ARG D 208 -16.45 56.40 19.14
CA ARG D 208 -15.50 56.69 20.18
C ARG D 208 -15.42 58.19 20.40
N VAL D 209 -15.51 58.99 19.30
CA VAL D 209 -15.46 60.42 19.48
C VAL D 209 -16.68 60.92 20.24
N ARG D 210 -17.83 60.39 19.89
CA ARG D 210 -19.03 60.77 20.60
C ARG D 210 -18.88 60.44 22.13
N GLY D 211 -18.34 59.30 22.46
CA GLY D 211 -18.18 58.92 23.88
C GLY D 211 -17.19 59.82 24.59
N ALA D 212 -16.09 60.08 23.90
CA ALA D 212 -15.08 61.01 24.42
C ALA D 212 -15.67 62.40 24.66
N ASP D 213 -16.49 62.90 23.72
CA ASP D 213 -17.10 64.21 23.85
C ASP D 213 -18.01 64.30 25.06
N ALA D 214 -18.65 63.18 25.40
CA ALA D 214 -19.58 63.14 26.52
C ALA D 214 -18.88 62.94 27.89
N ALA D 215 -17.60 62.59 27.87
CA ALA D 215 -16.89 62.20 29.08
C ALA D 215 -16.66 63.38 30.04
N GLN D 216 -16.80 63.12 31.32
CA GLN D 216 -16.64 64.14 32.36
C GLN D 216 -15.30 64.06 33.07
N ALA D 217 -14.58 62.94 32.98
CA ALA D 217 -13.31 62.82 33.69
C ALA D 217 -12.18 63.43 32.89
N LYS D 218 -11.02 63.51 33.52
CA LYS D 218 -9.85 64.07 32.90
C LYS D 218 -9.11 63.09 32.01
N VAL D 219 -9.36 61.80 32.19
CA VAL D 219 -8.63 60.75 31.49
C VAL D 219 -9.61 59.80 30.83
N LEU D 220 -9.33 59.46 29.57
CA LEU D 220 -10.18 58.55 28.79
C LEU D 220 -9.59 57.16 28.77
N THR D 221 -10.43 56.16 28.92
CA THR D 221 -10.02 54.78 28.72
C THR D 221 -10.92 54.18 27.64
N PHE D 222 -10.34 53.60 26.57
CA PHE D 222 -11.12 52.86 25.59
C PHE D 222 -10.94 51.33 25.75
N LEU D 223 -12.05 50.57 25.69
CA LEU D 223 -12.03 49.11 25.63
C LEU D 223 -13.01 48.61 24.56
N ASP D 224 -12.68 47.48 23.90
CA ASP D 224 -13.61 46.75 23.05
C ASP D 224 -14.69 46.16 23.91
N SER D 225 -15.82 45.79 23.30
CA SER D 225 -16.97 45.31 24.06
C SER D 225 -16.95 43.81 24.42
N HIS D 226 -15.79 43.15 24.36
CA HIS D 226 -15.61 41.76 24.75
C HIS D 226 -14.23 41.61 25.37
N CYS D 227 -14.01 42.34 26.47
CA CYS D 227 -12.76 42.32 27.22
C CYS D 227 -13.00 41.94 28.70
N GLU D 228 -11.95 41.50 29.39
CA GLU D 228 -12.04 41.16 30.80
C GLU D 228 -10.75 41.69 31.48
N CYS D 229 -10.91 42.71 32.29
CA CYS D 229 -9.81 43.37 32.99
C CYS D 229 -9.29 42.48 34.11
N ASN D 230 -8.00 42.39 34.27
CA ASN D 230 -7.42 41.55 35.34
C ASN D 230 -7.11 42.40 36.58
N GLU D 231 -6.48 41.77 37.57
CA GLU D 231 -6.16 42.42 38.83
C GLU D 231 -5.30 43.67 38.65
N HIS D 232 -5.70 44.76 39.29
CA HIS D 232 -4.92 46.04 39.29
C HIS D 232 -4.47 46.41 37.88
N TRP D 233 -5.41 46.30 36.94
CA TRP D 233 -5.16 46.67 35.54
C TRP D 233 -5.06 48.20 35.37
N LEU D 234 -5.80 48.97 36.17
CA LEU D 234 -5.95 50.37 35.87
C LEU D 234 -4.86 51.28 36.41
N GLU D 235 -4.41 51.02 37.63
CA GLU D 235 -3.51 51.94 38.32
C GLU D 235 -2.21 52.06 37.58
N PRO D 236 -1.68 50.96 37.07
CA PRO D 236 -0.41 51.13 36.32
C PRO D 236 -0.53 52.00 35.06
N LEU D 237 -1.72 52.10 34.48
CA LEU D 237 -1.89 52.90 33.28
C LEU D 237 -2.04 54.32 33.68
N LEU D 238 -2.91 54.56 34.63
CA LEU D 238 -3.18 55.94 35.09
C LEU D 238 -1.93 56.64 35.63
N GLU D 239 -1.12 55.89 36.33
CA GLU D 239 0.17 56.38 36.85
C GLU D 239 1.01 56.97 35.71
N ARG D 240 1.11 56.27 34.58
CA ARG D 240 1.92 56.78 33.47
C ARG D 240 1.40 58.09 32.96
N VAL D 241 0.08 58.22 32.78
CA VAL D 241 -0.41 59.44 32.22
C VAL D 241 -0.52 60.58 33.24
N ALA D 242 -0.65 60.27 34.54
CA ALA D 242 -0.63 61.33 35.56
C ALA D 242 0.75 61.98 35.66
N GLU D 243 1.81 61.18 35.52
CA GLU D 243 3.15 61.72 35.42
C GLU D 243 3.41 62.57 34.14
N ASP D 244 2.85 62.19 32.99
CA ASP D 244 3.12 62.89 31.73
C ASP D 244 1.97 62.67 30.78
N ARG D 245 1.19 63.73 30.58
CA ARG D 245 -0.06 63.60 29.86
C ARG D 245 0.09 63.35 28.32
N THR D 246 1.33 63.32 27.82
CA THR D 246 1.56 63.08 26.40
C THR D 246 1.81 61.59 26.14
N ARG D 247 1.80 60.77 27.17
CA ARG D 247 1.87 59.33 27.04
C ARG D 247 0.50 58.73 26.82
N VAL D 248 0.41 57.91 25.76
CA VAL D 248 -0.78 57.15 25.44
C VAL D 248 -0.39 55.71 25.70
N VAL D 249 -1.08 55.07 26.64
CA VAL D 249 -0.64 53.79 27.14
C VAL D 249 -1.67 52.68 27.00
N SER D 250 -1.14 51.46 26.88
CA SER D 250 -1.91 50.23 26.62
C SER D 250 -1.53 49.10 27.58
N PRO D 251 -2.48 48.29 27.99
CA PRO D 251 -2.13 47.08 28.67
C PRO D 251 -1.54 46.07 27.76
N ILE D 252 -0.98 45.04 28.36
CA ILE D 252 -0.81 43.77 27.63
C ILE D 252 -2.16 43.14 27.41
N ILE D 253 -2.41 42.71 26.19
CA ILE D 253 -3.68 42.16 25.86
C ILE D 253 -3.69 40.65 25.91
N ASP D 254 -4.26 40.07 26.96
CA ASP D 254 -4.34 38.61 27.08
C ASP D 254 -5.40 38.04 26.08
N VAL D 255 -5.37 36.74 25.85
CA VAL D 255 -6.19 36.09 24.86
C VAL D 255 -7.34 35.38 25.53
N ILE D 256 -8.55 35.72 25.16
CA ILE D 256 -9.73 34.94 25.51
C ILE D 256 -10.04 34.11 24.26
N ASN D 257 -9.92 32.80 24.37
CA ASN D 257 -10.15 31.92 23.23
C ASN D 257 -11.60 31.97 22.73
N MET D 258 -11.75 32.17 21.45
CA MET D 258 -13.08 32.28 20.82
C MET D 258 -13.94 31.05 20.77
N ASP D 259 -13.32 29.88 20.93
CA ASP D 259 -14.07 28.58 20.96
C ASP D 259 -14.47 28.12 22.33
N ASN D 260 -13.55 28.22 23.28
CA ASN D 260 -13.80 27.71 24.61
C ASN D 260 -13.74 28.78 25.74
N PHE D 261 -13.45 30.03 25.39
CA PHE D 261 -13.49 31.13 26.35
C PHE D 261 -12.55 31.00 27.55
N GLN D 262 -11.53 30.16 27.45
CA GLN D 262 -10.44 30.20 28.36
C GLN D 262 -9.59 31.45 28.24
N TYR D 263 -9.19 31.96 29.40
CA TYR D 263 -8.40 33.19 29.50
C TYR D 263 -6.95 32.76 29.49
N VAL D 264 -6.15 33.27 28.55
CA VAL D 264 -4.75 32.84 28.41
C VAL D 264 -3.77 34.00 28.44
N GLY D 265 -2.73 33.89 29.22
CA GLY D 265 -1.74 34.96 29.37
C GLY D 265 -0.90 35.14 28.11
N ALA D 266 -0.80 36.37 27.61
CA ALA D 266 0.01 36.67 26.42
C ALA D 266 1.49 36.93 26.83
N SER D 267 2.36 37.05 25.83
CA SER D 267 3.76 37.35 26.03
C SER D 267 3.88 38.82 26.32
N ALA D 268 4.78 39.16 27.23
CA ALA D 268 5.18 40.52 27.52
C ALA D 268 6.37 40.97 26.71
N ASP D 269 6.91 40.15 25.83
CA ASP D 269 8.09 40.52 25.05
C ASP D 269 7.78 41.07 23.69
N LEU D 270 6.55 41.54 23.52
CA LEU D 270 6.07 41.97 22.18
C LEU D 270 5.87 43.47 22.10
N LYS D 271 5.99 44.00 20.89
CA LYS D 271 5.73 45.42 20.55
C LYS D 271 4.75 45.39 19.38
N GLY D 272 4.04 46.49 19.13
CA GLY D 272 3.18 46.63 17.97
C GLY D 272 3.99 47.08 16.78
N GLY D 273 3.61 46.67 15.59
CA GLY D 273 4.31 47.03 14.37
C GLY D 273 3.45 46.84 13.16
N PHE D 274 4.09 46.88 12.00
CA PHE D 274 3.44 46.70 10.70
C PHE D 274 4.46 46.50 9.61
N ASP D 275 4.03 45.90 8.52
CA ASP D 275 4.77 45.84 7.27
C ASP D 275 4.21 46.91 6.33
N TRP D 276 4.77 47.00 5.12
CA TRP D 276 4.39 48.04 4.17
C TRP D 276 2.97 47.95 3.66
N ASN D 277 2.30 46.84 3.88
CA ASN D 277 0.86 46.80 3.70
C ASN D 277 0.01 47.52 4.77
N LEU D 278 0.65 48.07 5.77
CA LEU D 278 0.00 48.82 6.83
C LEU D 278 -1.02 48.02 7.64
N VAL D 279 -0.78 46.73 7.80
CA VAL D 279 -1.65 45.90 8.66
C VAL D 279 -0.90 45.67 9.95
N PHE D 280 -1.60 45.85 11.05
CA PHE D 280 -1.00 45.69 12.34
C PHE D 280 -0.46 44.30 12.55
N LYS D 281 0.71 44.19 13.17
CA LYS D 281 1.24 42.88 13.57
C LYS D 281 2.08 43.03 14.84
N TRP D 282 2.24 41.92 15.57
CA TRP D 282 3.10 41.87 16.76
C TRP D 282 4.54 41.53 16.37
N ASP D 283 5.53 42.25 16.93
CA ASP D 283 6.97 42.04 16.71
C ASP D 283 7.57 41.69 18.06
N TYR D 284 8.56 40.82 18.11
CA TYR D 284 9.29 40.55 19.36
C TYR D 284 10.25 41.71 19.50
N MET D 285 10.56 42.10 20.73
CA MET D 285 11.63 43.07 20.99
C MET D 285 12.91 42.52 20.47
N THR D 286 13.86 43.40 20.14
CA THR D 286 15.20 42.98 19.74
C THR D 286 15.94 42.38 20.94
N PRO D 287 16.95 41.53 20.66
CA PRO D 287 17.78 41.04 21.77
C PRO D 287 18.36 42.17 22.61
N GLU D 288 18.68 43.32 22.00
CA GLU D 288 19.27 44.45 22.73
C GLU D 288 18.24 45.14 23.65
N GLN D 289 17.02 45.38 23.16
CA GLN D 289 15.98 46.02 24.04
C GLN D 289 15.66 45.08 25.19
N ARG D 290 15.56 43.77 24.96
CA ARG D 290 15.38 42.78 26.05
C ARG D 290 16.48 42.82 27.10
N ARG D 291 17.71 42.86 26.65
CA ARG D 291 18.81 42.92 27.58
C ARG D 291 18.61 44.15 28.47
N SER D 292 18.50 45.30 27.86
CA SER D 292 18.51 46.57 28.61
C SER D 292 17.38 46.66 29.65
N ARG D 293 16.44 45.73 29.59
CA ARG D 293 15.33 45.67 30.53
C ARG D 293 15.54 44.64 31.67
N GLN D 294 16.56 43.79 31.54
CA GLN D 294 16.83 42.73 32.51
C GLN D 294 16.79 43.27 33.96
N GLY D 295 17.24 44.50 34.13
CA GLY D 295 17.16 45.19 35.43
C GLY D 295 15.75 45.46 35.95
N ASN D 296 14.83 45.77 35.03
CA ASN D 296 13.41 45.96 35.39
C ASN D 296 12.50 45.38 34.33
N PRO D 297 12.14 44.10 34.48
CA PRO D 297 11.43 43.43 33.39
C PRO D 297 9.95 43.82 33.23
N VAL D 298 9.37 44.58 34.16
CA VAL D 298 8.04 45.13 33.97
C VAL D 298 8.01 46.62 33.67
N ALA D 299 9.12 47.13 33.17
CA ALA D 299 9.15 48.54 32.79
C ALA D 299 8.29 48.76 31.52
N PRO D 300 7.82 50.00 31.32
CA PRO D 300 7.07 50.34 30.13
C PRO D 300 7.80 49.97 28.87
N ILE D 301 7.06 49.55 27.87
CA ILE D 301 7.67 49.36 26.58
C ILE D 301 7.19 50.36 25.51
N LYS D 302 8.13 51.01 24.88
CA LYS D 302 7.82 51.93 23.79
C LYS D 302 7.36 51.14 22.60
N THR D 303 6.26 51.51 21.98
CA THR D 303 5.78 50.77 20.85
C THR D 303 5.51 51.74 19.69
N PRO D 304 5.88 51.35 18.45
CA PRO D 304 5.63 52.16 17.26
C PRO D 304 4.17 52.31 16.94
N MET D 305 3.38 51.34 17.35
CA MET D 305 1.97 51.31 17.09
C MET D 305 1.21 50.58 18.22
N ILE D 306 -0.01 51.02 18.51
CA ILE D 306 -0.86 50.31 19.47
C ILE D 306 -1.81 49.43 18.71
N ALA D 307 -2.29 48.37 19.35
CA ALA D 307 -3.27 47.50 18.69
C ALA D 307 -4.55 48.28 18.34
N GLY D 308 -4.97 49.18 19.24
CA GLY D 308 -5.99 50.18 18.91
C GLY D 308 -7.21 50.25 19.77
N GLY D 309 -7.62 49.12 20.31
CA GLY D 309 -8.89 49.07 21.02
C GLY D 309 -8.79 49.28 22.53
N LEU D 310 -7.59 49.10 23.09
CA LEU D 310 -7.43 49.20 24.53
C LEU D 310 -6.32 50.20 24.82
N PHE D 311 -6.69 51.41 25.21
CA PHE D 311 -5.70 52.36 25.62
C PHE D 311 -6.27 53.45 26.51
N VAL D 312 -5.35 54.18 27.14
CA VAL D 312 -5.68 55.23 28.10
C VAL D 312 -4.94 56.47 27.64
N MET D 313 -5.65 57.58 27.65
CA MET D 313 -5.15 58.83 27.10
C MET D 313 -5.75 60.01 27.89
N ASP D 314 -4.93 61.02 28.19
CA ASP D 314 -5.41 62.27 28.79
C ASP D 314 -6.47 62.87 27.91
N LYS D 315 -7.62 63.24 28.47
CA LYS D 315 -8.70 63.69 27.63
C LYS D 315 -8.43 64.99 26.86
N PHE D 316 -7.79 65.96 27.52
CA PHE D 316 -7.45 67.20 26.86
C PHE D 316 -6.45 66.94 25.72
N TYR D 317 -5.48 66.09 25.97
CA TYR D 317 -4.49 65.73 24.98
C TYR D 317 -5.18 65.07 23.79
N PHE D 318 -6.11 64.17 24.04
CA PHE D 318 -6.91 63.55 22.93
C PHE D 318 -7.58 64.63 22.11
N GLU D 319 -8.13 65.65 22.76
CA GLU D 319 -8.82 66.74 22.02
C GLU D 319 -7.85 67.64 21.26
N GLU D 320 -6.79 68.05 21.92
CA GLU D 320 -5.81 68.88 21.28
C GLU D 320 -5.16 68.24 20.07
N LEU D 321 -4.87 66.94 20.13
CA LEU D 321 -4.30 66.27 18.96
C LEU D 321 -5.29 65.97 17.85
N GLY D 322 -6.56 66.28 18.01
CA GLY D 322 -7.55 66.10 16.93
C GLY D 322 -8.35 64.81 16.95
N LYS D 323 -8.53 64.26 18.14
CA LYS D 323 -9.49 63.18 18.34
C LYS D 323 -9.20 61.97 17.46
N TYR D 324 -10.15 61.62 16.61
CA TYR D 324 -9.90 60.74 15.48
C TYR D 324 -10.39 61.46 14.20
N ASP D 325 -9.96 60.92 13.04
CA ASP D 325 -10.42 61.34 11.73
C ASP D 325 -11.86 60.93 11.58
N MET D 326 -12.75 61.90 11.67
CA MET D 326 -14.18 61.67 11.65
C MET D 326 -14.71 61.12 10.32
N MET D 327 -13.90 61.12 9.27
CA MET D 327 -14.37 60.54 8.01
C MET D 327 -13.94 59.08 7.81
N MET D 328 -13.25 58.50 8.79
CA MET D 328 -13.03 57.07 8.76
C MET D 328 -14.32 56.32 9.09
N ASP D 329 -14.57 55.21 8.37
CA ASP D 329 -15.81 54.45 8.53
C ASP D 329 -15.59 53.03 9.08
N VAL D 330 -16.56 52.60 9.86
CA VAL D 330 -16.70 51.26 10.41
C VAL D 330 -15.54 50.76 11.30
N TRP D 331 -14.42 50.38 10.69
CA TRP D 331 -13.37 49.61 11.36
C TRP D 331 -12.14 49.72 10.47
N GLY D 332 -10.95 49.74 11.08
CA GLY D 332 -9.69 49.61 10.39
C GLY D 332 -9.05 50.97 10.12
N GLY D 333 -7.73 51.05 10.29
CA GLY D 333 -6.97 52.25 9.94
C GLY D 333 -6.77 53.33 11.02
N GLU D 334 -7.68 53.41 11.97
CA GLU D 334 -7.63 54.50 12.96
C GLU D 334 -6.48 54.27 13.97
N ASN D 335 -6.19 53.01 14.28
CA ASN D 335 -5.04 52.66 15.10
C ASN D 335 -3.71 53.11 14.52
N LEU D 336 -3.59 52.98 13.22
CA LEU D 336 -2.43 53.40 12.47
C LEU D 336 -2.33 54.93 12.50
N GLU D 337 -3.45 55.59 12.23
CA GLU D 337 -3.48 57.03 12.16
C GLU D 337 -3.11 57.68 13.51
N ILE D 338 -3.71 57.18 14.59
CA ILE D 338 -3.45 57.80 15.88
C ILE D 338 -2.03 57.49 16.33
N SER D 339 -1.50 56.34 15.96
CA SER D 339 -0.12 56.01 16.35
C SER D 339 0.88 56.94 15.66
N PHE D 340 0.68 57.17 14.37
CA PHE D 340 1.55 58.07 13.63
C PHE D 340 1.39 59.50 14.16
N ARG D 341 0.15 59.92 14.36
CA ARG D 341 -0.08 61.26 14.84
C ARG D 341 0.53 61.53 16.23
N VAL D 342 0.34 60.63 17.18
CA VAL D 342 0.93 60.82 18.49
C VAL D 342 2.46 60.93 18.45
N TRP D 343 3.10 60.00 17.75
CA TRP D 343 4.56 60.00 17.73
C TRP D 343 5.09 61.24 16.97
N GLN D 344 4.53 61.50 15.80
CA GLN D 344 5.03 62.57 14.98
C GLN D 344 4.78 63.93 15.61
N CYS D 345 3.72 64.05 16.40
CA CYS D 345 3.38 65.35 17.00
C CYS D 345 3.79 65.49 18.47
N GLY D 346 4.74 64.67 18.94
CA GLY D 346 5.42 64.99 20.23
C GLY D 346 5.08 64.12 21.44
N GLY D 347 4.12 63.22 21.32
CA GLY D 347 3.79 62.30 22.42
C GLY D 347 4.51 60.96 22.28
N SER D 348 4.08 59.97 23.05
CA SER D 348 4.60 58.63 22.91
C SER D 348 3.50 57.57 23.16
N LEU D 349 3.83 56.34 22.80
CA LEU D 349 2.96 55.18 22.90
C LEU D 349 3.67 54.15 23.74
N GLU D 350 3.00 53.60 24.74
CA GLU D 350 3.61 52.57 25.56
C GLU D 350 2.69 51.37 25.80
N ILE D 351 3.32 50.23 26.06
CA ILE D 351 2.67 49.03 26.55
C ILE D 351 3.19 48.81 27.98
N ILE D 352 2.27 48.58 28.92
CA ILE D 352 2.55 48.53 30.37
C ILE D 352 2.31 47.10 30.89
N PRO D 353 3.39 46.34 31.01
CA PRO D 353 3.27 44.95 31.41
C PRO D 353 2.45 44.63 32.65
N CYS D 354 2.43 45.50 33.65
CA CYS D 354 1.69 45.18 34.86
C CYS D 354 0.19 45.34 34.66
N SER D 355 -0.22 45.94 33.54
CA SER D 355 -1.64 46.04 33.20
C SER D 355 -2.00 44.89 32.23
N ARG D 356 -2.97 44.10 32.62
CA ARG D 356 -3.41 42.96 31.82
C ARG D 356 -4.90 43.00 31.58
N VAL D 357 -5.31 42.87 30.29
CA VAL D 357 -6.70 42.86 29.96
C VAL D 357 -6.92 41.82 28.87
N GLY D 358 -7.82 40.91 29.10
CA GLY D 358 -8.14 39.88 28.12
C GLY D 358 -9.06 40.44 27.03
N HIS D 359 -8.97 39.83 25.86
CA HIS D 359 -9.75 40.21 24.69
C HIS D 359 -10.10 38.95 23.85
N VAL D 360 -11.36 38.85 23.45
CA VAL D 360 -11.82 37.78 22.54
C VAL D 360 -11.32 38.04 21.10
N PHE D 361 -10.19 37.46 20.72
CA PHE D 361 -9.69 37.57 19.34
C PHE D 361 -10.48 36.66 18.43
N ARG D 362 -10.99 37.20 17.33
CA ARG D 362 -11.73 36.37 16.38
C ARG D 362 -11.14 36.47 15.01
N LYS D 363 -11.58 35.59 14.13
CA LYS D 363 -10.99 35.47 12.78
C LYS D 363 -11.81 36.21 11.71
N GLN D 364 -13.10 36.45 11.99
CA GLN D 364 -13.99 37.19 11.08
C GLN D 364 -14.78 38.27 11.81
N HIS D 365 -15.17 39.30 11.07
CA HIS D 365 -16.04 40.34 11.59
C HIS D 365 -17.45 39.83 11.52
N PRO D 366 -18.24 40.00 12.58
CA PRO D 366 -19.61 39.54 12.54
C PRO D 366 -20.60 40.56 11.96
N TYR D 367 -20.13 41.77 11.65
CA TYR D 367 -21.00 42.87 11.20
C TYR D 367 -20.65 43.31 9.76
N THR D 368 -21.58 44.07 9.21
CA THR D 368 -21.49 44.58 7.82
C THR D 368 -20.57 45.76 7.68
N PHE D 369 -19.99 45.86 6.51
CA PHE D 369 -19.25 47.02 6.07
C PHE D 369 -19.95 47.66 4.85
N PRO D 370 -20.75 48.71 5.06
CA PRO D 370 -21.34 49.41 3.87
C PRO D 370 -20.30 49.82 2.81
N GLY D 371 -20.42 49.25 1.61
CA GLY D 371 -19.47 49.52 0.57
C GLY D 371 -18.45 48.42 0.43
N GLY D 372 -18.48 47.43 1.32
CA GLY D 372 -17.54 46.30 1.27
C GLY D 372 -16.36 46.51 2.18
N SER D 373 -15.97 45.47 2.89
CA SER D 373 -14.93 45.58 3.89
C SER D 373 -13.58 45.92 3.27
N GLY D 374 -13.29 45.35 2.10
CA GLY D 374 -11.99 45.59 1.41
C GLY D 374 -11.86 47.05 1.03
N THR D 375 -12.93 47.65 0.56
CA THR D 375 -12.85 49.04 0.14
C THR D 375 -12.83 50.00 1.36
N VAL D 376 -13.62 49.72 2.39
CA VAL D 376 -13.59 50.53 3.59
C VAL D 376 -12.18 50.53 4.23
N PHE D 377 -11.59 49.37 4.36
CA PHE D 377 -10.31 49.26 5.04
C PHE D 377 -9.27 50.04 4.27
N ALA D 378 -9.34 49.89 2.94
CA ALA D 378 -8.39 50.58 2.10
C ALA D 378 -8.63 52.08 2.18
N ARG D 379 -9.87 52.49 2.14
CA ARG D 379 -10.17 53.92 2.19
C ARG D 379 -9.59 54.55 3.48
N ASN D 380 -9.89 53.93 4.62
CA ASN D 380 -9.39 54.43 5.90
C ASN D 380 -7.90 54.46 5.91
N THR D 381 -7.26 53.43 5.41
CA THR D 381 -5.80 53.36 5.44
C THR D 381 -5.19 54.45 4.55
N ARG D 382 -5.81 54.72 3.41
CA ARG D 382 -5.31 55.77 2.53
C ARG D 382 -5.39 57.10 3.21
N ARG D 383 -6.49 57.34 3.93
CA ARG D 383 -6.65 58.61 4.60
C ARG D 383 -5.51 58.82 5.59
N ALA D 384 -5.06 57.76 6.25
CA ALA D 384 -3.92 57.85 7.13
C ALA D 384 -2.65 58.05 6.35
N ALA D 385 -2.43 57.23 5.33
CA ALA D 385 -1.16 57.29 4.60
C ALA D 385 -0.96 58.62 3.91
N GLU D 386 -2.02 59.15 3.30
CA GLU D 386 -1.94 60.44 2.58
C GLU D 386 -1.71 61.65 3.48
N VAL D 387 -2.01 61.54 4.77
CA VAL D 387 -1.83 62.68 5.65
C VAL D 387 -0.46 62.62 6.27
N TRP D 388 -0.01 61.43 6.67
CA TRP D 388 1.11 61.30 7.65
C TRP D 388 2.40 60.78 7.08
N MET D 389 2.32 60.02 5.99
CA MET D 389 3.46 59.20 5.57
C MET D 389 4.37 59.88 4.55
N ASP D 390 4.00 61.07 4.11
CA ASP D 390 4.80 61.80 3.11
C ASP D 390 5.04 60.87 1.90
N GLU D 391 6.27 60.80 1.37
CA GLU D 391 6.54 60.04 0.11
C GLU D 391 6.56 58.55 0.38
N TYR D 392 6.66 58.17 1.66
CA TYR D 392 6.68 56.73 2.01
C TYR D 392 5.37 56.03 1.76
N LYS D 393 4.32 56.80 1.51
CA LYS D 393 3.05 56.22 1.12
C LYS D 393 3.21 55.35 -0.14
N ASN D 394 4.22 55.65 -0.98
CA ASN D 394 4.39 54.90 -2.22
C ASN D 394 4.86 53.47 -1.98
N PHE D 395 5.49 53.21 -0.85
CA PHE D 395 5.80 51.83 -0.45
C PHE D 395 4.54 51.03 -0.07
N TYR D 396 3.54 51.68 0.49
CA TYR D 396 2.24 51.04 0.74
C TYR D 396 1.53 50.74 -0.58
N TYR D 397 1.46 51.71 -1.47
CA TYR D 397 0.86 51.48 -2.78
C TYR D 397 1.60 50.36 -3.57
N ALA D 398 2.91 50.28 -3.40
CA ALA D 398 3.65 49.20 -4.02
C ALA D 398 3.22 47.84 -3.44
N ALA D 399 2.99 47.78 -2.12
CA ALA D 399 2.57 46.52 -1.49
C ALA D 399 1.11 46.18 -1.76
N VAL D 400 0.28 47.21 -1.93
CA VAL D 400 -1.15 47.02 -2.17
C VAL D 400 -1.56 47.90 -3.34
N PRO D 401 -1.17 47.50 -4.56
CA PRO D 401 -1.46 48.39 -5.68
C PRO D 401 -2.95 48.63 -5.91
N SER D 402 -3.80 47.68 -5.57
CA SER D 402 -5.25 47.93 -5.71
C SER D 402 -5.80 49.11 -4.87
N ALA D 403 -5.07 49.55 -3.84
CA ALA D 403 -5.51 50.69 -3.05
C ALA D 403 -5.47 52.01 -3.80
N ARG D 404 -4.63 52.12 -4.83
CA ARG D 404 -4.56 53.38 -5.61
C ARG D 404 -5.88 53.71 -6.27
N ASN D 405 -6.74 52.72 -6.44
CA ASN D 405 -8.02 52.97 -7.13
C ASN D 405 -9.16 53.32 -6.21
N VAL D 406 -8.91 53.34 -4.89
CA VAL D 406 -9.99 53.58 -3.96
C VAL D 406 -10.11 55.03 -3.60
N PRO D 407 -11.25 55.65 -3.88
CA PRO D 407 -11.37 57.04 -3.51
C PRO D 407 -11.47 57.18 -1.99
N TYR D 408 -10.84 58.24 -1.46
CA TYR D 408 -10.71 58.39 -0.02
C TYR D 408 -11.28 59.68 0.53
N GLY D 409 -11.87 60.53 -0.33
CA GLY D 409 -12.56 61.75 0.15
C GLY D 409 -11.61 62.89 0.48
N ASN D 410 -12.11 63.84 1.26
CA ASN D 410 -11.42 65.10 1.52
C ASN D 410 -10.59 64.98 2.81
N ILE D 411 -9.29 65.31 2.76
CA ILE D 411 -8.39 65.22 3.94
C ILE D 411 -7.85 66.59 4.37
N GLN D 412 -8.44 67.66 3.86
CA GLN D 412 -7.92 69.00 4.13
C GLN D 412 -7.83 69.30 5.64
N SER D 413 -8.88 69.01 6.40
CA SER D 413 -8.84 69.39 7.79
C SER D 413 -7.74 68.59 8.54
N ARG D 414 -7.47 67.37 8.07
CA ARG D 414 -6.43 66.55 8.72
C ARG D 414 -5.06 67.12 8.35
N LEU D 415 -4.90 67.54 7.09
CA LEU D 415 -3.67 68.22 6.70
C LEU D 415 -3.46 69.51 7.49
N GLU D 416 -4.49 70.29 7.65
CA GLU D 416 -4.39 71.52 8.46
C GLU D 416 -4.04 71.23 9.92
N LEU D 417 -4.60 70.15 10.46
CA LEU D 417 -4.28 69.76 11.84
C LEU D 417 -2.78 69.49 11.95
N ARG D 418 -2.23 68.76 11.00
CA ARG D 418 -0.83 68.41 11.03
C ARG D 418 0.05 69.66 10.98
N LYS D 419 -0.34 70.59 10.13
CA LYS D 419 0.34 71.87 9.99
C LYS D 419 0.33 72.61 11.31
N LYS D 420 -0.87 72.81 11.85
CA LYS D 420 -1.08 73.52 13.11
C LYS D 420 -0.26 72.97 14.29
N LEU D 421 -0.10 71.65 14.37
CA LEU D 421 0.66 71.01 15.45
C LEU D 421 2.17 71.03 15.24
N SER D 422 2.64 71.41 14.07
CA SER D 422 4.10 71.30 13.78
C SER D 422 4.62 69.88 14.08
N CYS D 423 4.17 68.93 13.30
CA CYS D 423 4.52 67.55 13.52
C CYS D 423 5.75 67.25 12.72
N LYS D 424 6.55 66.30 13.19
CA LYS D 424 7.74 65.85 12.48
C LYS D 424 7.37 65.03 11.23
N PRO D 425 8.28 64.99 10.23
CA PRO D 425 8.02 64.19 9.05
C PRO D 425 8.10 62.68 9.32
N PHE D 426 7.50 61.92 8.43
CA PHE D 426 7.51 60.47 8.60
C PHE D 426 8.91 59.87 8.65
N LYS D 427 9.84 60.46 7.90
CA LYS D 427 11.21 60.03 7.93
C LYS D 427 11.75 60.03 9.34
N TRP D 428 11.41 61.06 10.10
CA TRP D 428 11.79 61.11 11.52
C TRP D 428 11.17 59.93 12.29
N TYR D 429 9.92 59.59 12.00
CA TYR D 429 9.28 58.44 12.63
C TYR D 429 10.03 57.15 12.34
N LEU D 430 10.34 56.94 11.07
CA LEU D 430 11.05 55.74 10.69
C LEU D 430 12.42 55.65 11.39
N GLU D 431 13.14 56.76 11.48
CA GLU D 431 14.48 56.76 12.05
C GLU D 431 14.51 56.68 13.58
N ASN D 432 13.57 57.34 14.24
CA ASN D 432 13.57 57.43 15.70
C ASN D 432 12.56 56.56 16.46
N VAL D 433 11.46 56.19 15.83
CA VAL D 433 10.43 55.36 16.49
C VAL D 433 10.40 53.92 15.97
N TYR D 434 10.46 53.71 14.66
CA TYR D 434 10.38 52.34 14.10
C TYR D 434 11.52 52.02 13.17
N PRO D 435 12.74 52.10 13.66
CA PRO D 435 13.91 51.89 12.84
C PRO D 435 14.06 50.47 12.32
N GLU D 436 13.45 49.51 13.00
CA GLU D 436 13.58 48.13 12.58
C GLU D 436 12.72 47.80 11.35
N LEU D 437 11.82 48.69 10.94
CA LEU D 437 11.07 48.49 9.71
C LEU D 437 12.01 48.73 8.55
N ARG D 438 12.14 47.74 7.69
CA ARG D 438 13.14 47.82 6.66
C ARG D 438 12.61 48.66 5.50
N VAL D 439 13.35 49.72 5.14
CA VAL D 439 12.85 50.60 4.10
C VAL D 439 13.69 50.56 2.84
N PRO D 440 13.03 50.41 1.69
CA PRO D 440 13.75 50.38 0.43
C PRO D 440 14.48 51.64 0.17
N ASP D 441 15.61 51.57 -0.52
CA ASP D 441 16.22 52.80 -1.02
C ASP D 441 15.22 53.44 -1.99
N HIS D 442 15.21 54.77 -2.07
CA HIS D 442 14.23 55.47 -2.92
C HIS D 442 14.41 55.18 -4.43
N GLN D 443 15.59 54.66 -4.82
CA GLN D 443 15.81 54.25 -6.20
C GLN D 443 15.83 52.73 -6.47
N ASP D 444 15.51 51.91 -5.46
CA ASP D 444 15.36 50.49 -5.69
C ASP D 444 14.28 50.23 -6.71
N ILE D 445 14.50 49.22 -7.55
CA ILE D 445 13.56 48.79 -8.55
C ILE D 445 12.55 47.84 -7.92
N ALA D 446 13.01 47.02 -6.98
CA ALA D 446 12.15 46.02 -6.36
C ALA D 446 12.76 45.67 -5.03
N PHE D 447 11.97 45.03 -4.15
CA PHE D 447 12.38 44.83 -2.77
C PHE D 447 11.56 43.72 -2.12
N GLY D 448 12.15 43.09 -1.11
CA GLY D 448 11.43 42.21 -0.19
C GLY D 448 11.95 40.80 -0.28
N ALA D 449 11.05 39.85 -0.43
CA ALA D 449 11.42 38.50 -0.66
C ALA D 449 11.36 38.24 -2.14
N LEU D 450 12.09 37.23 -2.59
CA LEU D 450 12.05 36.80 -3.95
C LEU D 450 11.51 35.39 -3.94
N GLN D 451 10.26 35.24 -4.39
CA GLN D 451 9.50 34.01 -4.20
C GLN D 451 9.43 33.16 -5.42
N GLN D 452 9.49 31.86 -5.18
CA GLN D 452 9.19 30.85 -6.18
C GLN D 452 8.24 29.83 -5.51
N GLY D 453 6.95 29.89 -5.84
CA GLY D 453 5.95 29.03 -5.20
C GLY D 453 5.90 29.37 -3.74
N THR D 454 6.07 28.40 -2.87
CA THR D 454 6.13 28.71 -1.43
C THR D 454 7.58 28.81 -0.93
N ASN D 455 8.56 28.76 -1.84
CA ASN D 455 9.97 28.96 -1.49
C ASN D 455 10.45 30.36 -1.77
N CYS D 456 11.49 30.75 -1.05
CA CYS D 456 12.09 32.05 -1.15
C CYS D 456 13.60 31.92 -1.30
N LEU D 457 14.20 32.83 -2.09
CA LEU D 457 15.66 33.01 -2.18
C LEU D 457 16.22 33.27 -0.83
N ASP D 458 17.25 32.52 -0.46
CA ASP D 458 17.74 32.53 0.96
C ASP D 458 19.26 32.37 0.99
N THR D 459 19.96 33.21 1.74
CA THR D 459 21.42 33.10 1.83
C THR D 459 21.90 31.84 2.53
N LEU D 460 21.01 31.22 3.29
CA LEU D 460 21.37 30.05 4.08
C LEU D 460 22.40 30.37 5.11
N GLY D 461 22.54 31.64 5.46
CA GLY D 461 23.56 32.05 6.43
C GLY D 461 24.94 32.13 5.86
N HIS D 462 25.06 32.05 4.52
CA HIS D 462 26.36 32.18 3.87
C HIS D 462 26.77 33.62 3.69
N PHE D 463 28.06 33.81 3.56
CA PHE D 463 28.66 35.12 3.33
C PHE D 463 29.40 35.10 2.02
N ALA D 464 30.35 36.01 1.83
CA ALA D 464 30.99 36.12 0.55
C ALA D 464 31.65 34.81 0.15
N ASP D 465 31.59 34.53 -1.15
CA ASP D 465 32.13 33.28 -1.75
C ASP D 465 31.25 32.05 -1.48
N GLY D 466 30.10 32.25 -0.86
CA GLY D 466 29.18 31.14 -0.58
C GLY D 466 28.08 31.05 -1.62
N VAL D 467 27.50 29.86 -1.71
CA VAL D 467 26.35 29.63 -2.60
C VAL D 467 25.09 30.14 -1.96
N VAL D 468 24.06 30.19 -2.76
CA VAL D 468 22.78 30.70 -2.31
C VAL D 468 21.74 29.60 -2.61
N GLY D 469 20.60 29.62 -1.90
CA GLY D 469 19.60 28.59 -2.07
C GLY D 469 18.18 29.09 -1.92
N VAL D 470 17.28 28.14 -1.72
CA VAL D 470 15.88 28.41 -1.39
C VAL D 470 15.49 27.69 -0.11
N TYR D 471 14.46 28.20 0.53
CA TYR D 471 13.99 27.75 1.81
C TYR D 471 12.56 28.22 1.84
N GLU D 472 11.71 27.52 2.60
CA GLU D 472 10.28 27.88 2.72
C GLU D 472 10.15 29.32 3.15
N CYS D 473 9.26 30.07 2.51
CA CYS D 473 9.10 31.50 2.81
C CYS D 473 8.57 31.62 4.20
N HIS D 474 9.16 32.50 4.99
CA HIS D 474 8.74 32.69 6.35
C HIS D 474 8.26 34.07 6.69
N ASN D 475 8.42 35.03 5.81
CA ASN D 475 7.98 36.43 6.03
C ASN D 475 8.55 37.11 7.27
N ALA D 476 9.73 36.66 7.70
CA ALA D 476 10.42 37.22 8.84
C ALA D 476 11.68 37.96 8.46
N GLY D 477 11.86 38.22 7.17
CA GLY D 477 13.05 38.97 6.72
C GLY D 477 14.35 38.16 6.84
N GLY D 478 15.32 38.75 7.53
CA GLY D 478 16.70 38.22 7.64
C GLY D 478 17.25 37.64 6.32
N ASN D 479 17.59 36.35 6.30
CA ASN D 479 18.29 35.79 5.16
C ASN D 479 17.42 35.67 3.89
N GLN D 480 16.15 36.06 3.97
CA GLN D 480 15.26 36.10 2.84
C GLN D 480 14.94 37.52 2.36
N GLU D 481 15.65 38.50 2.90
CA GLU D 481 15.47 39.87 2.43
C GLU D 481 16.45 40.31 1.31
N TRP D 482 15.90 40.83 0.24
CA TRP D 482 16.64 41.21 -0.97
C TRP D 482 16.16 42.51 -1.56
N ALA D 483 16.99 43.12 -2.39
CA ALA D 483 16.56 44.24 -3.23
C ALA D 483 17.12 44.09 -4.64
N LEU D 484 16.40 44.62 -5.61
CA LEU D 484 16.91 44.84 -6.97
C LEU D 484 17.21 46.34 -7.05
N THR D 485 18.49 46.70 -7.10
CA THR D 485 18.91 48.06 -6.97
C THR D 485 18.86 48.83 -8.29
N LYS D 486 19.02 50.16 -8.21
CA LYS D 486 19.18 51.01 -9.41
C LYS D 486 20.40 50.60 -10.25
N GLU D 487 21.43 50.03 -9.63
CA GLU D 487 22.58 49.49 -10.37
C GLU D 487 22.30 48.09 -11.02
N LYS D 488 21.09 47.58 -10.86
CA LYS D 488 20.68 46.26 -11.40
C LYS D 488 21.27 45.05 -10.66
N SER D 489 21.62 45.22 -9.40
CA SER D 489 22.14 44.12 -8.64
C SER D 489 21.06 43.56 -7.74
N VAL D 490 21.13 42.27 -7.49
CA VAL D 490 20.27 41.63 -6.52
C VAL D 490 21.07 41.43 -5.24
N LYS D 491 20.74 42.21 -4.21
CA LYS D 491 21.55 42.27 -3.03
C LYS D 491 20.84 42.06 -1.69
N HIS D 492 21.64 41.53 -0.79
CA HIS D 492 21.29 41.30 0.55
C HIS D 492 22.41 41.90 1.36
N MET D 493 22.10 42.87 2.23
CA MET D 493 23.12 43.62 2.94
C MET D 493 24.03 44.23 1.90
N ASP D 494 25.34 43.98 1.96
CA ASP D 494 26.27 44.48 0.91
C ASP D 494 26.83 43.34 0.04
N LEU D 495 26.09 42.23 -0.04
CA LEU D 495 26.46 41.08 -0.89
C LEU D 495 25.51 40.99 -2.08
N CYS D 496 26.03 40.59 -3.24
CA CYS D 496 25.28 40.61 -4.47
C CYS D 496 25.39 39.24 -5.16
N LEU D 497 24.33 38.84 -5.86
CA LEU D 497 24.36 37.61 -6.64
C LEU D 497 25.30 37.80 -7.81
N THR D 498 26.29 36.91 -7.94
CA THR D 498 27.38 37.07 -8.88
C THR D 498 27.52 35.88 -9.81
N VAL D 499 27.49 36.17 -11.10
CA VAL D 499 27.65 35.12 -12.11
C VAL D 499 29.13 34.95 -12.33
N VAL D 500 29.68 33.99 -11.61
CA VAL D 500 31.13 33.82 -11.58
C VAL D 500 31.55 33.01 -12.79
N ASP D 501 30.59 32.30 -13.42
CA ASP D 501 30.92 31.45 -14.58
C ASP D 501 29.68 31.34 -15.44
N ARG D 502 29.81 31.66 -16.72
CA ARG D 502 28.65 31.74 -17.62
C ARG D 502 28.29 30.42 -18.27
N ALA D 503 29.06 29.37 -18.08
CA ALA D 503 28.67 28.07 -18.62
C ALA D 503 27.34 27.67 -17.97
N PRO D 504 26.35 27.26 -18.79
CA PRO D 504 25.07 26.84 -18.23
C PRO D 504 25.23 25.76 -17.20
N GLY D 505 24.46 25.87 -16.10
CA GLY D 505 24.56 24.90 -15.00
C GLY D 505 25.48 25.36 -13.88
N SER D 506 26.24 26.44 -14.10
CA SER D 506 27.21 26.92 -13.08
C SER D 506 26.50 27.51 -11.84
N LEU D 507 27.03 27.24 -10.67
CA LEU D 507 26.54 27.87 -9.44
C LEU D 507 26.88 29.37 -9.45
N ILE D 508 25.96 30.18 -8.92
CA ILE D 508 26.29 31.57 -8.64
C ILE D 508 26.84 31.71 -7.22
N LYS D 509 27.45 32.87 -6.94
CA LYS D 509 28.04 33.12 -5.67
C LYS D 509 27.69 34.48 -5.16
N LEU D 510 27.65 34.56 -3.84
CA LEU D 510 27.61 35.85 -3.18
C LEU D 510 28.97 36.53 -3.19
N GLN D 511 29.05 37.79 -3.62
CA GLN D 511 30.27 38.57 -3.48
C GLN D 511 29.93 40.01 -3.07
N GLY D 512 30.89 40.72 -2.48
CA GLY D 512 30.73 42.15 -2.17
C GLY D 512 30.21 42.88 -3.40
N CYS D 513 29.20 43.71 -3.21
CA CYS D 513 28.66 44.50 -4.31
C CYS D 513 29.67 45.52 -4.83
N ARG D 514 29.89 45.53 -6.13
CA ARG D 514 30.65 46.58 -6.84
C ARG D 514 29.86 47.03 -8.05
N GLU D 515 29.51 48.31 -8.11
CA GLU D 515 28.68 48.88 -9.18
C GLU D 515 29.27 48.65 -10.57
N ASP D 516 30.54 48.36 -10.60
CA ASP D 516 31.29 48.17 -11.83
C ASP D 516 31.26 46.75 -12.40
N ASP D 517 30.95 45.77 -11.57
CA ASP D 517 31.04 44.37 -11.93
C ASP D 517 29.87 44.00 -12.80
N SER D 518 30.09 43.75 -14.08
CA SER D 518 29.02 43.29 -14.98
C SER D 518 28.51 41.88 -14.65
N ARG D 519 29.28 41.11 -13.92
CA ARG D 519 28.83 39.80 -13.45
C ARG D 519 27.66 39.86 -12.42
N GLN D 520 27.37 41.04 -11.89
CA GLN D 520 26.35 41.21 -10.88
C GLN D 520 25.05 41.87 -11.37
N LYS D 521 24.90 42.00 -12.70
CA LYS D 521 23.75 42.70 -13.28
C LYS D 521 22.63 41.75 -13.69
N TRP D 522 21.44 42.02 -13.20
CA TRP D 522 20.27 41.22 -13.43
C TRP D 522 19.11 42.15 -13.84
N GLU D 523 18.15 41.58 -14.57
CA GLU D 523 16.94 42.29 -14.99
C GLU D 523 15.71 41.40 -14.95
N GLN D 524 14.59 42.00 -14.54
CA GLN D 524 13.31 41.31 -14.57
C GLN D 524 12.79 41.18 -15.99
N ILE D 525 12.27 40.01 -16.34
CA ILE D 525 11.62 39.77 -17.66
C ILE D 525 10.28 39.01 -17.52
N GLU D 526 9.55 38.94 -18.65
CA GLU D 526 8.28 38.24 -18.78
C GLU D 526 7.28 38.66 -17.74
N GLY D 527 6.98 39.94 -17.70
CA GLY D 527 6.01 40.43 -16.71
C GLY D 527 6.52 40.35 -15.28
N ASN D 528 7.81 40.65 -15.08
CA ASN D 528 8.39 40.58 -13.73
C ASN D 528 8.22 39.19 -13.09
N SER D 529 8.40 38.15 -13.90
CA SER D 529 8.23 36.76 -13.43
C SER D 529 9.53 35.92 -13.51
N LYS D 530 10.61 36.47 -14.08
CA LYS D 530 11.91 35.83 -14.12
C LYS D 530 13.04 36.84 -13.95
N LEU D 531 14.26 36.33 -13.75
CA LEU D 531 15.48 37.15 -13.64
C LEU D 531 16.54 36.66 -14.56
N ARG D 532 16.91 37.52 -15.47
CA ARG D 532 17.90 37.21 -16.46
C ARG D 532 19.17 37.98 -16.18
N HIS D 533 20.31 37.34 -16.38
CA HIS D 533 21.58 38.00 -16.25
C HIS D 533 21.81 38.90 -17.48
N VAL D 534 21.99 40.19 -17.22
CA VAL D 534 22.09 41.22 -18.29
C VAL D 534 23.21 40.88 -19.25
N GLY D 535 22.92 40.96 -20.55
CA GLY D 535 23.93 40.69 -21.60
C GLY D 535 24.10 39.22 -21.91
N SER D 536 23.14 38.39 -21.49
CA SER D 536 23.25 36.95 -21.71
C SER D 536 21.88 36.38 -22.01
N ASN D 537 21.84 35.12 -22.34
CA ASN D 537 20.56 34.43 -22.33
C ASN D 537 20.48 33.42 -21.15
N LEU D 538 20.98 33.87 -19.99
CA LEU D 538 21.01 33.04 -18.79
C LEU D 538 19.99 33.58 -17.81
N CYS D 539 19.27 32.68 -17.16
CA CYS D 539 18.30 33.03 -16.14
C CYS D 539 18.63 32.36 -14.78
N LEU D 540 18.22 33.00 -13.70
CA LEU D 540 18.38 32.42 -12.41
C LEU D 540 17.50 31.17 -12.27
N ASP D 541 18.09 30.07 -11.81
CA ASP D 541 17.45 28.75 -11.82
C ASP D 541 17.68 28.00 -10.50
N SER D 542 16.60 27.41 -9.96
CA SER D 542 16.64 26.70 -8.70
C SER D 542 16.76 25.20 -8.84
N ARG D 543 16.88 24.66 -10.04
CA ARG D 543 16.83 23.18 -10.18
C ARG D 543 17.99 22.47 -9.52
N THR D 544 19.04 23.21 -9.24
CA THR D 544 20.23 22.68 -8.63
C THR D 544 20.27 22.98 -7.14
N ALA D 545 19.21 23.55 -6.60
CA ALA D 545 19.23 24.08 -5.25
C ALA D 545 19.61 23.06 -4.17
N LYS D 546 19.26 21.79 -4.37
CA LYS D 546 19.55 20.74 -3.38
C LYS D 546 20.79 19.96 -3.74
N SER D 547 21.45 20.30 -4.82
CA SER D 547 22.66 19.62 -5.19
C SER D 547 23.77 20.64 -5.40
N GLY D 548 23.79 21.69 -4.58
CA GLY D 548 24.85 22.72 -4.73
C GLY D 548 24.48 24.18 -4.51
N GLY D 549 23.33 24.59 -5.02
CA GLY D 549 22.83 25.96 -4.87
C GLY D 549 22.19 26.49 -6.14
N LEU D 550 21.74 27.74 -6.10
CA LEU D 550 21.16 28.34 -7.30
C LEU D 550 22.21 28.43 -8.43
N SER D 551 21.73 28.34 -9.64
CA SER D 551 22.58 28.33 -10.82
C SER D 551 22.05 29.26 -11.86
N VAL D 552 22.87 29.41 -12.89
CA VAL D 552 22.51 30.18 -14.05
C VAL D 552 22.26 29.08 -15.12
N GLU D 553 21.16 29.19 -15.85
CA GLU D 553 20.82 28.21 -16.89
C GLU D 553 20.26 28.96 -18.10
N VAL D 554 20.31 28.36 -19.29
CA VAL D 554 19.74 29.05 -20.45
C VAL D 554 18.24 29.31 -20.24
N CYS D 555 17.79 30.54 -20.53
CA CYS D 555 16.40 30.92 -20.30
C CYS D 555 15.47 30.04 -21.13
N GLY D 556 14.43 29.53 -20.49
CA GLY D 556 13.50 28.62 -21.11
C GLY D 556 12.28 28.45 -20.23
N PRO D 557 11.32 27.64 -20.68
CA PRO D 557 10.02 27.53 -20.03
C PRO D 557 10.03 26.55 -18.86
N ALA D 558 10.92 26.78 -17.90
CA ALA D 558 11.06 25.90 -16.75
C ALA D 558 10.49 26.61 -15.54
N LEU D 559 9.78 25.89 -14.70
CA LEU D 559 9.21 26.45 -13.47
C LEU D 559 10.27 26.85 -12.45
N SER D 560 11.44 26.23 -12.56
CA SER D 560 12.56 26.55 -11.69
C SER D 560 13.23 27.89 -12.01
N GLN D 561 12.77 28.58 -13.07
CA GLN D 561 13.21 29.92 -13.41
C GLN D 561 12.18 31.02 -13.09
N GLN D 562 11.15 30.69 -12.32
CA GLN D 562 10.12 31.68 -11.93
C GLN D 562 10.47 32.32 -10.59
N TRP D 563 10.42 33.66 -10.55
CA TRP D 563 10.77 34.43 -9.41
C TRP D 563 10.02 35.76 -9.41
N LYS D 564 9.53 36.16 -8.24
CA LYS D 564 8.74 37.39 -8.06
C LYS D 564 9.08 38.11 -6.79
N PHE D 565 9.49 39.37 -6.86
CA PHE D 565 9.70 40.16 -5.69
C PHE D 565 8.36 40.52 -5.02
N THR D 566 8.32 40.65 -3.71
CA THR D 566 7.09 41.03 -3.04
C THR D 566 6.70 42.52 -3.20
N LEU D 567 7.64 43.46 -3.25
CA LEU D 567 7.33 44.85 -3.65
C LEU D 567 8.01 45.15 -4.99
N ASN D 568 7.20 45.58 -5.95
CA ASN D 568 7.66 46.16 -7.20
C ASN D 568 7.46 47.66 -7.11
N LEU D 569 8.51 48.45 -7.38
CA LEU D 569 8.50 49.91 -7.17
C LEU D 569 8.49 50.85 -8.39
N LYS E 75 22.01 -27.44 42.23
CA LYS E 75 21.57 -27.10 40.85
C LYS E 75 20.05 -26.96 40.80
N VAL E 76 19.55 -26.03 39.97
CA VAL E 76 18.17 -25.64 40.02
C VAL E 76 17.59 -25.68 38.60
N ARG E 77 16.37 -26.16 38.44
CA ARG E 77 15.72 -26.15 37.16
C ARG E 77 15.46 -24.69 36.76
N TRP E 78 15.46 -24.38 35.46
CA TRP E 78 15.45 -22.97 35.05
C TRP E 78 14.22 -22.22 35.51
N PRO E 79 13.03 -22.85 35.52
CA PRO E 79 11.90 -22.08 36.06
C PRO E 79 12.02 -21.69 37.53
N ASP E 80 12.85 -22.41 38.28
CA ASP E 80 13.06 -22.05 39.70
C ASP E 80 14.11 -20.98 39.89
N PHE E 81 14.80 -20.54 38.82
CA PHE E 81 15.88 -19.52 38.99
C PHE E 81 15.24 -18.19 39.28
N ASN E 82 15.81 -17.44 40.19
CA ASN E 82 15.19 -16.21 40.65
C ASN E 82 15.69 -15.02 39.87
N GLN E 83 14.93 -14.72 38.83
CA GLN E 83 15.29 -13.64 37.93
C GLN E 83 15.39 -12.28 38.58
N GLU E 84 14.44 -11.96 39.42
CA GLU E 84 14.38 -10.64 40.04
C GLU E 84 15.60 -10.45 40.93
N ALA E 85 16.02 -11.49 41.65
CA ALA E 85 17.24 -11.35 42.51
C ALA E 85 18.53 -11.21 41.71
N TYR E 86 18.65 -12.01 40.63
CA TYR E 86 19.79 -11.92 39.71
C TYR E 86 19.88 -10.53 39.01
N VAL E 87 18.83 -10.12 38.34
CA VAL E 87 18.82 -8.87 37.54
C VAL E 87 18.81 -7.63 38.46
N GLY E 88 18.13 -7.73 39.61
CA GLY E 88 18.00 -6.60 40.53
C GLY E 88 19.39 -6.22 41.02
N GLY E 89 19.61 -4.93 41.19
CA GLY E 89 20.97 -4.54 41.57
C GLY E 89 22.01 -4.50 40.47
N THR E 90 21.64 -4.79 39.22
CA THR E 90 22.36 -4.24 38.08
C THR E 90 21.41 -3.40 37.26
N MET E 91 20.24 -3.07 37.79
CA MET E 91 19.26 -2.27 37.05
C MET E 91 19.73 -0.84 36.82
N VAL E 92 19.22 -0.22 35.76
CA VAL E 92 19.55 1.16 35.44
C VAL E 92 19.03 2.06 36.58
N ARG E 93 19.90 2.88 37.17
CA ARG E 93 19.48 3.76 38.28
C ARG E 93 18.67 4.94 37.76
N SER E 94 17.91 5.53 38.67
CA SER E 94 17.03 6.63 38.32
C SER E 94 17.83 7.79 37.74
N GLY E 95 17.35 8.31 36.61
CA GLY E 95 18.03 9.37 35.90
C GLY E 95 19.28 9.00 35.10
N GLN E 96 19.62 7.71 35.00
CA GLN E 96 20.78 7.31 34.19
C GLN E 96 20.35 6.93 32.78
N ASP E 97 21.31 6.89 31.88
CA ASP E 97 21.11 6.65 30.47
C ASP E 97 20.92 5.14 30.26
N PRO E 98 19.78 4.71 29.79
CA PRO E 98 19.53 3.27 29.68
C PRO E 98 20.28 2.55 28.54
N TYR E 99 20.97 3.31 27.70
CA TYR E 99 21.79 2.80 26.59
C TYR E 99 23.31 2.74 26.84
N ALA E 100 23.80 3.35 27.92
CA ALA E 100 25.27 3.59 28.03
C ALA E 100 26.09 2.33 28.20
N ARG E 101 25.67 1.45 29.06
CA ARG E 101 26.43 0.22 29.30
C ARG E 101 26.44 -0.76 28.11
N ASN E 102 25.31 -0.94 27.43
CA ASN E 102 25.16 -2.04 26.50
C ASN E 102 24.92 -1.61 25.06
N LYS E 103 24.65 -0.32 24.83
CA LYS E 103 24.29 0.17 23.51
C LYS E 103 22.99 -0.45 22.97
N PHE E 104 22.18 -0.93 23.90
CA PHE E 104 20.80 -1.17 23.72
C PHE E 104 20.03 -0.76 24.99
N ASN E 105 18.69 -0.74 24.92
CA ASN E 105 17.90 -0.22 25.97
C ASN E 105 17.76 -1.21 27.07
N GLN E 106 18.56 -1.04 28.14
CA GLN E 106 18.53 -1.99 29.23
C GLN E 106 17.26 -1.98 30.02
N VAL E 107 16.59 -0.83 30.10
CA VAL E 107 15.33 -0.75 30.85
C VAL E 107 14.31 -1.66 30.18
N GLU E 108 14.23 -1.62 28.84
CA GLU E 108 13.31 -2.50 28.17
C GLU E 108 13.69 -3.97 28.25
N SER E 109 14.98 -4.28 28.20
CA SER E 109 15.43 -5.65 28.41
C SER E 109 15.06 -6.17 29.81
N ASP E 110 15.26 -5.34 30.82
CA ASP E 110 15.04 -5.75 32.23
C ASP E 110 13.56 -5.93 32.58
N LYS E 111 12.65 -5.28 31.87
CA LYS E 111 11.21 -5.47 32.06
C LYS E 111 10.68 -6.85 31.60
N LEU E 112 11.42 -7.52 30.75
CA LEU E 112 10.96 -8.77 30.14
C LEU E 112 11.15 -9.96 31.03
N ARG E 113 10.19 -10.86 31.02
CA ARG E 113 10.37 -12.17 31.68
C ARG E 113 11.46 -12.98 31.00
N MET E 114 12.18 -13.77 31.78
CA MET E 114 13.30 -14.56 31.26
C MET E 114 12.84 -15.53 30.19
N ASP E 115 11.55 -15.87 30.21
CA ASP E 115 10.96 -16.78 29.25
C ASP E 115 9.76 -16.14 28.56
N ARG E 116 9.86 -14.86 28.25
CA ARG E 116 8.78 -14.17 27.59
C ARG E 116 8.37 -14.82 26.30
N ALA E 117 7.09 -14.71 25.99
CA ALA E 117 6.54 -15.28 24.78
C ALA E 117 6.97 -14.43 23.62
N ILE E 118 7.25 -15.09 22.50
CA ILE E 118 7.62 -14.41 21.26
C ILE E 118 6.81 -15.02 20.11
N PRO E 119 6.61 -14.24 19.05
CA PRO E 119 5.84 -14.78 17.95
C PRO E 119 6.60 -15.89 17.23
N ASP E 120 5.84 -16.85 16.71
CA ASP E 120 6.36 -17.90 15.90
C ASP E 120 6.50 -17.34 14.48
N THR E 121 7.73 -17.09 14.05
CA THR E 121 8.02 -16.45 12.79
C THR E 121 8.36 -17.43 11.66
N ARG E 122 8.28 -18.72 11.94
CA ARG E 122 8.57 -19.75 10.93
C ARG E 122 7.50 -19.81 9.84
N HIS E 123 7.93 -20.15 8.63
CA HIS E 123 7.01 -20.50 7.55
C HIS E 123 6.02 -21.58 8.00
N ASP E 124 4.81 -21.51 7.45
CA ASP E 124 3.75 -22.49 7.77
C ASP E 124 4.14 -23.95 7.62
N GLN E 125 4.91 -24.22 6.60
CA GLN E 125 5.39 -25.55 6.30
C GLN E 125 6.27 -26.11 7.41
N CYS E 126 7.07 -25.27 8.09
CA CYS E 126 7.87 -25.71 9.20
C CYS E 126 6.97 -26.07 10.37
N GLN E 127 5.91 -25.30 10.55
CA GLN E 127 5.02 -25.43 11.71
C GLN E 127 4.28 -26.76 11.67
N ARG E 128 4.11 -27.34 10.50
CA ARG E 128 3.41 -28.62 10.32
C ARG E 128 4.34 -29.83 10.42
N LYS E 129 5.62 -29.65 10.06
CA LYS E 129 6.57 -30.76 10.14
C LYS E 129 6.70 -31.28 11.57
N GLN E 130 6.94 -32.57 11.70
CA GLN E 130 7.23 -33.18 13.00
C GLN E 130 8.68 -33.56 12.95
N TRP E 131 9.47 -32.92 13.80
CA TRP E 131 10.92 -32.97 13.67
C TRP E 131 11.48 -34.22 14.33
N ARG E 132 12.40 -34.90 13.66
CA ARG E 132 13.17 -35.94 14.28
C ARG E 132 13.77 -35.43 15.59
N VAL E 133 14.07 -36.37 16.44
CA VAL E 133 14.61 -36.09 17.75
C VAL E 133 15.71 -37.12 18.09
N ASP E 134 15.91 -38.11 17.21
CA ASP E 134 16.98 -39.15 17.33
C ASP E 134 18.22 -38.61 16.63
N LEU E 135 18.79 -37.60 17.28
CA LEU E 135 19.82 -36.76 16.73
C LEU E 135 20.92 -36.61 17.76
N PRO E 136 22.14 -36.33 17.32
CA PRO E 136 23.16 -36.08 18.35
C PRO E 136 22.90 -34.84 19.23
N ALA E 137 23.21 -34.93 20.54
CA ALA E 137 23.09 -33.82 21.41
C ALA E 137 24.18 -32.79 21.08
N THR E 138 23.98 -31.54 21.55
CA THR E 138 24.95 -30.48 21.31
C THR E 138 25.41 -29.87 22.62
N SER E 139 26.62 -29.34 22.59
CA SER E 139 27.12 -28.42 23.58
C SER E 139 27.01 -27.01 23.06
N VAL E 140 26.30 -26.15 23.79
CA VAL E 140 26.04 -24.80 23.38
C VAL E 140 27.11 -23.92 24.01
N VAL E 141 27.84 -23.17 23.20
CA VAL E 141 28.89 -22.30 23.67
C VAL E 141 28.47 -20.83 23.52
N ILE E 142 28.41 -20.10 24.61
CA ILE E 142 28.02 -18.72 24.59
C ILE E 142 29.09 -17.92 25.28
N THR E 143 29.81 -17.08 24.56
CA THR E 143 30.79 -16.23 25.18
C THR E 143 30.21 -14.87 25.49
N PHE E 144 30.75 -14.15 26.44
CA PHE E 144 30.25 -12.84 26.81
C PHE E 144 31.26 -11.98 27.57
N HIS E 145 31.20 -10.69 27.34
CA HIS E 145 32.03 -9.72 28.03
C HIS E 145 31.10 -8.58 28.44
N ASN E 146 30.80 -8.49 29.73
CA ASN E 146 29.92 -7.43 30.25
C ASN E 146 28.55 -7.35 29.59
N GLU E 147 27.86 -8.49 29.51
CA GLU E 147 26.53 -8.54 28.92
C GLU E 147 25.52 -8.08 30.01
N ALA E 148 24.37 -7.53 29.60
CA ALA E 148 23.29 -7.25 30.53
C ALA E 148 22.75 -8.57 31.12
N ARG E 149 22.61 -8.62 32.43
CA ARG E 149 22.15 -9.82 33.10
C ARG E 149 20.81 -10.30 32.55
N SER E 150 19.87 -9.38 32.26
CA SER E 150 18.58 -9.78 31.72
C SER E 150 18.76 -10.55 30.38
N ALA E 151 19.62 -10.04 29.50
CA ALA E 151 19.73 -10.60 28.15
C ALA E 151 20.47 -11.92 28.17
N LEU E 152 21.49 -12.01 29.03
CA LEU E 152 22.26 -13.24 29.17
C LEU E 152 21.36 -14.37 29.68
N LEU E 153 20.64 -14.08 30.77
CA LEU E 153 19.71 -15.05 31.31
C LEU E 153 18.64 -15.49 30.32
N ARG E 154 18.09 -14.54 29.58
CA ARG E 154 17.09 -14.85 28.58
C ARG E 154 17.62 -15.74 27.49
N THR E 155 18.86 -15.52 27.13
CA THR E 155 19.47 -16.36 26.12
C THR E 155 19.52 -17.82 26.62
N VAL E 156 20.07 -17.99 27.81
CA VAL E 156 20.20 -19.30 28.39
C VAL E 156 18.83 -19.98 28.59
N VAL E 157 17.83 -19.25 29.11
CA VAL E 157 16.56 -19.88 29.23
C VAL E 157 15.86 -20.23 27.90
N SER E 158 16.04 -19.42 26.86
CA SER E 158 15.40 -19.79 25.62
C SER E 158 15.96 -21.10 25.11
N VAL E 159 17.25 -21.32 25.31
CA VAL E 159 17.87 -22.57 24.90
C VAL E 159 17.24 -23.73 25.66
N LEU E 160 17.13 -23.59 26.97
CA LEU E 160 16.59 -24.70 27.81
C LEU E 160 15.10 -24.92 27.62
N LYS E 161 14.36 -23.86 27.36
CA LYS E 161 12.95 -23.99 27.19
C LYS E 161 12.56 -24.51 25.80
N LYS E 162 13.27 -24.12 24.75
CA LYS E 162 12.80 -24.41 23.39
C LYS E 162 13.42 -25.63 22.78
N SER E 163 14.40 -26.21 23.46
CA SER E 163 15.13 -27.35 22.94
C SER E 163 14.66 -28.68 23.60
N PRO E 164 14.54 -29.80 22.85
CA PRO E 164 14.32 -31.09 23.56
C PRO E 164 15.46 -31.38 24.53
N PRO E 165 15.13 -31.67 25.80
CA PRO E 165 16.17 -31.72 26.81
C PRO E 165 17.28 -32.70 26.51
N HIS E 166 16.94 -33.84 25.92
CA HIS E 166 17.99 -34.82 25.61
C HIS E 166 18.97 -34.37 24.53
N LEU E 167 18.65 -33.29 23.80
CA LEU E 167 19.55 -32.76 22.78
C LEU E 167 20.49 -31.67 23.29
N ILE E 168 20.28 -31.23 24.53
CA ILE E 168 21.18 -30.28 25.14
C ILE E 168 22.04 -31.00 26.15
N LYS E 169 23.28 -31.23 25.77
CA LYS E 169 24.22 -31.87 26.65
C LYS E 169 24.59 -30.90 27.78
N GLU E 170 24.89 -29.66 27.42
CA GLU E 170 25.33 -28.68 28.33
C GLU E 170 25.32 -27.31 27.66
N ILE E 171 25.34 -26.25 28.47
CA ILE E 171 25.51 -24.91 28.00
C ILE E 171 26.76 -24.40 28.67
N ILE E 172 27.76 -24.05 27.88
CA ILE E 172 29.01 -23.54 28.37
C ILE E 172 29.07 -22.04 28.15
N LEU E 173 29.10 -21.31 29.24
CA LEU E 173 29.22 -19.89 29.26
C LEU E 173 30.65 -19.53 29.43
N VAL E 174 31.25 -18.83 28.48
CA VAL E 174 32.61 -18.34 28.63
C VAL E 174 32.58 -16.88 28.98
N ASP E 175 32.87 -16.60 30.24
CA ASP E 175 32.96 -15.23 30.75
C ASP E 175 34.30 -14.64 30.35
N ASP E 176 34.31 -13.78 29.34
CA ASP E 176 35.53 -13.27 28.83
C ASP E 176 35.95 -12.00 29.59
N TYR E 177 36.34 -12.22 30.84
CA TYR E 177 36.87 -11.16 31.72
C TYR E 177 35.90 -10.03 31.97
N SER E 178 34.65 -10.39 32.27
CA SER E 178 33.65 -9.38 32.65
C SER E 178 34.08 -8.65 33.95
N ASN E 179 33.72 -7.39 34.11
CA ASN E 179 34.05 -6.64 35.33
C ASN E 179 33.60 -7.38 36.57
N ASP E 180 32.38 -7.89 36.56
CA ASP E 180 31.82 -8.63 37.67
C ASP E 180 31.73 -10.12 37.39
N PRO E 181 32.57 -10.91 38.06
CA PRO E 181 32.51 -12.39 37.87
C PRO E 181 31.19 -13.06 38.25
N GLU E 182 30.38 -12.39 39.06
CA GLU E 182 29.05 -12.95 39.41
C GLU E 182 28.02 -13.02 38.28
N ASP E 183 28.15 -12.17 37.25
CA ASP E 183 27.23 -12.26 36.10
C ASP E 183 27.18 -13.70 35.61
N GLY E 184 28.34 -14.29 35.44
CA GLY E 184 28.43 -15.68 35.03
C GLY E 184 28.20 -16.68 36.14
N ALA E 185 28.87 -16.46 37.28
CA ALA E 185 28.90 -17.50 38.31
C ALA E 185 27.52 -17.81 38.84
N LEU E 186 26.68 -16.80 39.02
CA LEU E 186 25.32 -17.03 39.51
C LEU E 186 24.50 -17.92 38.58
N LEU E 187 24.77 -17.88 37.27
CA LEU E 187 24.02 -18.72 36.34
C LEU E 187 24.46 -20.18 36.40
N GLY E 188 25.61 -20.41 37.03
CA GLY E 188 26.14 -21.75 37.24
C GLY E 188 25.23 -22.65 38.07
N LYS E 189 24.33 -22.06 38.84
CA LYS E 189 23.33 -22.82 39.59
C LYS E 189 22.37 -23.54 38.68
N ILE E 190 22.18 -23.04 37.44
CA ILE E 190 21.11 -23.57 36.61
C ILE E 190 21.56 -24.90 36.03
N GLU E 191 20.61 -25.85 36.02
CA GLU E 191 20.75 -27.16 35.36
C GLU E 191 21.45 -27.01 34.02
N LYS E 192 22.46 -27.83 33.79
CA LYS E 192 23.19 -27.94 32.53
C LYS E 192 24.13 -26.79 32.23
N VAL E 193 24.14 -25.74 33.05
CA VAL E 193 25.05 -24.65 32.82
C VAL E 193 26.41 -24.85 33.47
N ARG E 194 27.47 -24.68 32.69
CA ARG E 194 28.86 -24.64 33.17
C ARG E 194 29.43 -23.29 32.88
N VAL E 195 30.19 -22.72 33.80
CA VAL E 195 30.87 -21.49 33.54
C VAL E 195 32.37 -21.48 33.67
N LEU E 196 32.99 -20.94 32.64
CA LEU E 196 34.40 -20.90 32.48
C LEU E 196 34.74 -19.41 32.46
N ARG E 197 35.64 -18.95 33.33
CA ARG E 197 36.03 -17.58 33.32
C ARG E 197 37.44 -17.40 32.80
N ASN E 198 37.63 -16.52 31.82
CA ASN E 198 38.96 -16.11 31.41
C ASN E 198 39.52 -15.12 32.47
N ASP E 199 40.76 -15.32 32.87
CA ASP E 199 41.37 -14.47 33.89
C ASP E 199 42.02 -13.25 33.28
N ARG E 200 42.04 -13.18 31.95
CA ARG E 200 42.25 -11.89 31.25
C ARG E 200 41.35 -11.82 30.00
N ARG E 201 41.23 -10.65 29.40
CA ARG E 201 40.50 -10.47 28.18
C ARG E 201 41.12 -11.27 27.04
N GLU E 202 40.33 -12.11 26.37
CA GLU E 202 40.80 -12.95 25.27
C GLU E 202 40.11 -12.69 23.95
N GLY E 203 38.92 -12.09 23.99
CA GLY E 203 38.22 -11.83 22.76
C GLY E 203 37.34 -13.01 22.39
N LEU E 204 36.50 -12.79 21.41
CA LEU E 204 35.54 -13.82 21.05
C LEU E 204 36.08 -15.07 20.35
N MET E 205 37.15 -14.92 19.57
CA MET E 205 37.70 -16.07 18.88
C MET E 205 38.32 -17.06 19.88
N ARG E 206 39.22 -16.57 20.73
CA ARG E 206 39.88 -17.44 21.72
C ARG E 206 38.90 -17.93 22.78
N SER E 207 37.89 -17.13 23.11
CA SER E 207 36.86 -17.60 24.05
C SER E 207 36.01 -18.72 23.46
N ARG E 208 35.66 -18.61 22.19
CA ARG E 208 34.93 -19.70 21.55
C ARG E 208 35.73 -20.96 21.48
N VAL E 209 37.02 -20.84 21.18
CA VAL E 209 37.84 -22.02 21.09
C VAL E 209 37.97 -22.69 22.49
N ARG E 210 38.09 -21.89 23.53
CA ARG E 210 38.11 -22.46 24.88
C ARG E 210 36.80 -23.22 25.19
N GLY E 211 35.65 -22.67 24.81
CA GLY E 211 34.39 -23.35 25.06
C GLY E 211 34.28 -24.61 24.25
N ALA E 212 34.69 -24.53 22.99
CA ALA E 212 34.72 -25.75 22.14
C ALA E 212 35.62 -26.83 22.69
N ASP E 213 36.79 -26.45 23.19
CA ASP E 213 37.76 -27.42 23.78
C ASP E 213 37.18 -28.15 25.01
N ALA E 214 36.32 -27.46 25.76
CA ALA E 214 35.69 -28.01 26.94
C ALA E 214 34.46 -28.86 26.64
N ALA E 215 33.95 -28.77 25.41
CA ALA E 215 32.69 -29.42 25.07
C ALA E 215 32.73 -30.92 25.03
N GLN E 216 31.70 -31.56 25.58
CA GLN E 216 31.62 -33.02 25.64
C GLN E 216 30.78 -33.64 24.52
N ALA E 217 29.93 -32.86 23.84
CA ALA E 217 29.03 -33.43 22.86
C ALA E 217 29.72 -33.51 21.50
N LYS E 218 29.08 -34.20 20.57
CA LYS E 218 29.63 -34.36 19.26
C LYS E 218 29.43 -33.13 18.38
N VAL E 219 28.48 -32.29 18.71
CA VAL E 219 28.12 -31.16 17.89
C VAL E 219 28.19 -29.87 18.71
N LEU E 220 28.78 -28.84 18.12
CA LEU E 220 28.90 -27.52 18.77
C LEU E 220 27.79 -26.60 18.25
N THR E 221 27.19 -25.82 19.14
CA THR E 221 26.33 -24.75 18.75
C THR E 221 26.88 -23.45 19.37
N PHE E 222 27.15 -22.44 18.56
CA PHE E 222 27.52 -21.11 19.07
C PHE E 222 26.34 -20.14 19.02
N LEU E 223 26.16 -19.35 20.07
CA LEU E 223 25.20 -18.23 20.12
C LEU E 223 25.83 -17.01 20.79
N ASP E 224 25.48 -15.81 20.35
CA ASP E 224 25.83 -14.58 21.06
C ASP E 224 25.05 -14.56 22.35
N SER E 225 25.46 -13.71 23.28
CA SER E 225 24.84 -13.62 24.61
C SER E 225 23.60 -12.71 24.76
N HIS E 226 22.91 -12.42 23.66
CA HIS E 226 21.70 -11.64 23.68
C HIS E 226 20.79 -12.15 22.51
N CYS E 227 20.42 -13.44 22.59
CA CYS E 227 19.64 -14.12 21.57
C CYS E 227 18.42 -14.73 22.24
N GLU E 228 17.43 -15.08 21.44
CA GLU E 228 16.24 -15.75 21.94
C GLU E 228 15.85 -16.80 20.89
N CYS E 229 16.03 -18.07 21.21
CA CYS E 229 15.63 -19.19 20.32
C CYS E 229 14.11 -19.34 20.15
N ASN E 230 13.66 -19.65 18.97
CA ASN E 230 12.23 -19.80 18.74
C ASN E 230 11.84 -21.30 18.73
N GLU E 231 10.57 -21.56 18.44
CA GLU E 231 10.04 -22.93 18.41
C GLU E 231 10.81 -23.87 17.46
N HIS E 232 11.19 -25.02 17.97
CA HIS E 232 11.86 -26.04 17.18
C HIS E 232 13.02 -25.49 16.36
N TRP E 233 13.83 -24.66 17.01
CA TRP E 233 14.98 -24.05 16.36
C TRP E 233 16.09 -25.05 16.16
N LEU E 234 16.23 -26.01 17.08
CA LEU E 234 17.44 -26.83 17.06
C LEU E 234 17.42 -28.05 16.13
N GLU E 235 16.29 -28.75 16.07
CA GLU E 235 16.23 -30.00 15.33
C GLU E 235 16.55 -29.80 13.88
N PRO E 236 16.05 -28.73 13.28
CA PRO E 236 16.38 -28.57 11.84
C PRO E 236 17.84 -28.39 11.56
N LEU E 237 18.57 -27.85 12.54
CA LEU E 237 20.01 -27.61 12.31
C LEU E 237 20.77 -28.92 12.50
N LEU E 238 20.45 -29.60 13.60
CA LEU E 238 21.14 -30.85 13.89
C LEU E 238 20.95 -31.88 12.82
N GLU E 239 19.78 -31.91 12.23
CA GLU E 239 19.45 -32.88 11.18
C GLU E 239 20.47 -32.71 10.05
N ARG E 240 20.75 -31.46 9.69
CA ARG E 240 21.61 -31.24 8.54
C ARG E 240 22.97 -31.75 8.83
N VAL E 241 23.48 -31.50 10.05
CA VAL E 241 24.84 -31.94 10.29
C VAL E 241 24.93 -33.42 10.64
N ALA E 242 23.86 -34.03 11.18
CA ALA E 242 23.88 -35.49 11.40
C ALA E 242 23.94 -36.25 10.06
N GLU E 243 23.28 -35.73 9.02
CA GLU E 243 23.36 -36.32 7.72
C GLU E 243 24.73 -36.15 7.06
N ASP E 244 25.39 -35.01 7.26
CA ASP E 244 26.68 -34.74 6.57
C ASP E 244 27.49 -33.74 7.40
N ARG E 245 28.53 -34.24 8.04
CA ARG E 245 29.24 -33.49 9.06
C ARG E 245 30.11 -32.36 8.49
N THR E 246 30.15 -32.22 7.17
CA THR E 246 30.89 -31.13 6.52
C THR E 246 30.00 -29.92 6.25
N ARG E 247 28.74 -29.99 6.63
CA ARG E 247 27.83 -28.83 6.63
C ARG E 247 27.93 -28.02 7.92
N VAL E 248 28.14 -26.72 7.77
CA VAL E 248 28.08 -25.76 8.85
C VAL E 248 26.83 -24.89 8.62
N VAL E 249 25.90 -24.92 9.57
CA VAL E 249 24.58 -24.40 9.32
C VAL E 249 24.15 -23.36 10.34
N SER E 250 23.29 -22.47 9.89
CA SER E 250 22.84 -21.30 10.63
C SER E 250 21.35 -21.19 10.59
N PRO E 251 20.75 -20.66 11.64
CA PRO E 251 19.34 -20.27 11.54
C PRO E 251 19.15 -19.00 10.75
N ILE E 252 17.91 -18.72 10.37
CA ILE E 252 17.51 -17.36 10.07
C ILE E 252 17.56 -16.53 11.36
N ILE E 253 18.25 -15.39 11.30
CA ILE E 253 18.46 -14.58 12.51
C ILE E 253 17.42 -13.50 12.63
N ASP E 254 16.43 -13.68 13.50
CA ASP E 254 15.38 -12.71 13.63
C ASP E 254 15.94 -11.48 14.38
N VAL E 255 15.22 -10.34 14.33
CA VAL E 255 15.71 -9.10 14.85
C VAL E 255 15.01 -8.78 16.21
N ILE E 256 15.80 -8.63 17.27
CA ILE E 256 15.27 -8.11 18.51
C ILE E 256 15.64 -6.62 18.56
N ASN E 257 14.65 -5.75 18.50
CA ASN E 257 14.89 -4.33 18.32
C ASN E 257 15.67 -3.76 19.55
N MET E 258 16.70 -3.01 19.30
CA MET E 258 17.57 -2.48 20.35
C MET E 258 16.95 -1.42 21.26
N ASP E 259 15.90 -0.78 20.80
CA ASP E 259 15.21 0.27 21.50
C ASP E 259 14.02 -0.24 22.29
N ASN E 260 13.21 -1.10 21.71
CA ASN E 260 11.98 -1.52 22.37
C ASN E 260 11.91 -3.04 22.63
N PHE E 261 12.94 -3.77 22.23
CA PHE E 261 13.02 -5.21 22.46
C PHE E 261 11.89 -6.05 21.87
N GLN E 262 11.13 -5.51 20.93
CA GLN E 262 10.23 -6.34 20.16
C GLN E 262 10.99 -7.34 19.28
N TYR E 263 10.44 -8.54 19.20
CA TYR E 263 10.99 -9.63 18.43
C TYR E 263 10.35 -9.55 17.05
N VAL E 264 11.15 -9.41 16.02
CA VAL E 264 10.67 -9.20 14.69
C VAL E 264 11.17 -10.32 13.77
N GLY E 265 10.25 -10.92 12.99
CA GLY E 265 10.63 -11.90 12.03
C GLY E 265 11.42 -11.31 10.86
N ALA E 266 12.58 -11.91 10.57
CA ALA E 266 13.38 -11.47 9.43
C ALA E 266 12.88 -12.04 8.11
N SER E 267 13.44 -11.55 7.02
CA SER E 267 13.21 -12.14 5.69
C SER E 267 13.96 -13.44 5.56
N ALA E 268 13.34 -14.44 4.93
CA ALA E 268 13.95 -15.72 4.56
C ALA E 268 14.57 -15.67 3.18
N ASP E 269 14.46 -14.54 2.50
CA ASP E 269 14.96 -14.47 1.10
C ASP E 269 16.39 -13.95 1.01
N LEU E 270 17.14 -14.02 2.11
CA LEU E 270 18.47 -13.44 2.18
C LEU E 270 19.56 -14.46 2.22
N LYS E 271 20.72 -14.07 1.75
CA LYS E 271 21.96 -14.85 1.84
C LYS E 271 23.01 -13.90 2.43
N GLY E 272 24.08 -14.45 2.96
CA GLY E 272 25.20 -13.67 3.49
C GLY E 272 26.13 -13.34 2.36
N GLY E 273 26.83 -12.24 2.44
CA GLY E 273 27.75 -11.79 1.37
C GLY E 273 28.68 -10.69 1.88
N PHE E 274 29.39 -10.09 0.95
CA PHE E 274 30.35 -9.03 1.21
C PHE E 274 30.72 -8.31 -0.10
N ASP E 275 31.14 -7.06 0.02
CA ASP E 275 31.83 -6.32 -1.02
C ASP E 275 33.34 -6.41 -0.83
N TRP E 276 34.08 -5.77 -1.74
CA TRP E 276 35.53 -5.89 -1.69
C TRP E 276 36.17 -5.30 -0.44
N ASN E 277 35.42 -4.53 0.33
CA ASN E 277 35.92 -4.11 1.66
C ASN E 277 35.87 -5.21 2.75
N LEU E 278 35.37 -6.38 2.39
CA LEU E 278 35.28 -7.53 3.24
C LEU E 278 34.43 -7.31 4.51
N VAL E 279 33.43 -6.45 4.41
CA VAL E 279 32.49 -6.25 5.48
C VAL E 279 31.22 -7.05 5.16
N PHE E 280 30.75 -7.83 6.13
CA PHE E 280 29.59 -8.70 5.94
C PHE E 280 28.38 -7.86 5.61
N LYS E 281 27.58 -8.34 4.68
CA LYS E 281 26.30 -7.73 4.38
C LYS E 281 25.29 -8.82 3.96
N TRP E 282 23.99 -8.51 4.08
CA TRP E 282 22.92 -9.37 3.58
C TRP E 282 22.54 -9.03 2.12
N ASP E 283 22.40 -10.04 1.28
CA ASP E 283 22.04 -9.94 -0.17
C ASP E 283 20.67 -10.67 -0.29
N TYR E 284 19.77 -10.17 -1.13
CA TYR E 284 18.61 -10.88 -1.54
C TYR E 284 19.10 -11.97 -2.51
N MET E 285 18.47 -13.14 -2.47
CA MET E 285 18.64 -14.13 -3.52
C MET E 285 18.24 -13.46 -4.84
N THR E 286 18.80 -13.94 -5.94
CA THR E 286 18.37 -13.47 -7.26
C THR E 286 16.97 -13.93 -7.60
N PRO E 287 16.31 -13.25 -8.54
CA PRO E 287 14.98 -13.74 -8.97
C PRO E 287 15.03 -15.22 -9.42
N GLU E 288 16.13 -15.64 -10.04
CA GLU E 288 16.23 -16.98 -10.57
C GLU E 288 16.37 -18.00 -9.41
N GLN E 289 17.22 -17.67 -8.42
CA GLN E 289 17.35 -18.54 -7.26
C GLN E 289 16.00 -18.73 -6.57
N ARG E 290 15.27 -17.64 -6.39
CA ARG E 290 13.93 -17.69 -5.78
C ARG E 290 12.96 -18.57 -6.55
N ARG E 291 12.93 -18.39 -7.87
CA ARG E 291 12.05 -19.18 -8.71
C ARG E 291 12.38 -20.66 -8.60
N SER E 292 13.66 -21.02 -8.58
CA SER E 292 14.01 -22.45 -8.49
C SER E 292 13.64 -23.13 -7.13
N ARG E 293 13.27 -22.33 -6.13
CA ARG E 293 12.91 -22.83 -4.80
C ARG E 293 11.42 -22.92 -4.60
N GLN E 294 10.66 -22.35 -5.54
CA GLN E 294 9.18 -22.31 -5.45
C GLN E 294 8.60 -23.68 -5.12
N GLY E 295 9.23 -24.74 -5.60
CA GLY E 295 8.85 -26.10 -5.21
C GLY E 295 9.01 -26.46 -3.72
N ASN E 296 10.08 -25.96 -3.09
CA ASN E 296 10.29 -26.18 -1.64
C ASN E 296 10.86 -24.93 -1.00
N PRO E 297 9.99 -24.05 -0.51
CA PRO E 297 10.47 -22.75 -0.09
C PRO E 297 11.21 -22.75 1.24
N VAL E 298 11.19 -23.84 2.01
CA VAL E 298 11.99 -23.91 3.24
C VAL E 298 13.19 -24.80 3.11
N ALA E 299 13.62 -25.03 1.88
CA ALA E 299 14.80 -25.81 1.68
C ALA E 299 16.00 -25.01 2.21
N PRO E 300 17.07 -25.72 2.52
CA PRO E 300 18.32 -25.07 2.90
C PRO E 300 18.79 -24.06 1.88
N ILE E 301 19.43 -22.99 2.33
CA ILE E 301 20.01 -22.01 1.46
C ILE E 301 21.52 -22.03 1.53
N LYS E 302 22.19 -22.24 0.41
CA LYS E 302 23.62 -22.15 0.35
C LYS E 302 24.05 -20.69 0.46
N THR E 303 25.01 -20.39 1.31
CA THR E 303 25.40 -19.01 1.55
C THR E 303 26.90 -18.90 1.45
N PRO E 304 27.41 -17.86 0.77
CA PRO E 304 28.83 -17.63 0.64
C PRO E 304 29.54 -17.32 1.94
N MET E 305 28.78 -16.77 2.88
CA MET E 305 29.29 -16.34 4.15
C MET E 305 28.22 -16.41 5.20
N ILE E 306 28.61 -16.80 6.40
CA ILE E 306 27.66 -16.81 7.55
C ILE E 306 27.83 -15.54 8.32
N ALA E 307 26.79 -15.12 9.01
CA ALA E 307 26.89 -13.86 9.82
C ALA E 307 27.95 -13.99 10.91
N GLY E 308 28.01 -15.15 11.53
CA GLY E 308 29.17 -15.48 12.33
C GLY E 308 28.91 -15.93 13.75
N GLY E 309 27.88 -15.40 14.35
CA GLY E 309 27.65 -15.66 15.79
C GLY E 309 26.70 -16.79 16.11
N LEU E 310 25.88 -17.20 15.14
CA LEU E 310 24.93 -18.25 15.38
C LEU E 310 25.14 -19.35 14.35
N PHE E 311 25.77 -20.44 14.75
CA PHE E 311 25.91 -21.60 13.87
C PHE E 311 26.11 -22.88 14.62
N VAL E 312 25.92 -23.97 13.89
CA VAL E 312 26.05 -25.31 14.39
C VAL E 312 27.04 -26.02 13.51
N MET E 313 27.97 -26.72 14.15
CA MET E 313 29.07 -27.39 13.44
C MET E 313 29.43 -28.67 14.17
N ASP E 314 29.75 -29.71 13.43
CA ASP E 314 30.29 -30.94 13.98
C ASP E 314 31.57 -30.66 14.72
N LYS E 315 31.68 -31.13 15.95
CA LYS E 315 32.83 -30.78 16.74
C LYS E 315 34.18 -31.29 16.20
N PHE E 316 34.20 -32.50 15.68
CA PHE E 316 35.43 -33.04 15.13
C PHE E 316 35.83 -32.26 13.88
N TYR E 317 34.84 -31.92 13.08
CA TYR E 317 35.09 -31.13 11.86
C TYR E 317 35.65 -29.77 12.22
N PHE E 318 35.10 -29.14 13.23
CA PHE E 318 35.61 -27.86 13.71
C PHE E 318 37.07 -27.99 14.08
N GLU E 319 37.41 -29.10 14.74
CA GLU E 319 38.82 -29.31 15.14
C GLU E 319 39.72 -29.60 13.95
N GLU E 320 39.30 -30.51 13.08
CA GLU E 320 40.09 -30.93 11.96
C GLU E 320 40.31 -29.77 10.89
N LEU E 321 39.34 -28.87 10.70
CA LEU E 321 39.59 -27.67 9.89
C LEU E 321 40.37 -26.55 10.56
N GLY E 322 40.76 -26.69 11.82
CA GLY E 322 41.64 -25.71 12.48
C GLY E 322 40.94 -24.66 13.35
N LYS E 323 39.80 -25.02 13.91
CA LYS E 323 39.14 -24.21 14.92
C LYS E 323 38.90 -22.77 14.44
N TYR E 324 39.46 -21.78 15.14
CA TYR E 324 39.59 -20.40 14.62
C TYR E 324 41.05 -20.01 14.71
N ASP E 325 41.42 -18.96 13.97
CA ASP E 325 42.75 -18.34 14.01
C ASP E 325 42.94 -17.68 15.37
N MET E 326 43.74 -18.33 16.20
CA MET E 326 43.90 -17.92 17.59
C MET E 326 44.60 -16.58 17.76
N MET E 327 45.18 -16.03 16.71
CA MET E 327 45.75 -14.69 16.81
C MET E 327 44.80 -13.55 16.45
N MET E 328 43.56 -13.86 16.09
CA MET E 328 42.58 -12.80 15.92
C MET E 328 42.11 -12.29 17.29
N ASP E 329 41.87 -10.99 17.38
CA ASP E 329 41.57 -10.36 18.66
C ASP E 329 40.18 -9.71 18.67
N VAL E 330 39.57 -9.73 19.86
CA VAL E 330 38.35 -9.08 20.21
C VAL E 330 37.11 -9.46 19.36
N TRP E 331 37.03 -8.98 18.12
CA TRP E 331 35.80 -9.01 17.31
C TRP E 331 36.21 -8.70 15.88
N GLY E 332 35.54 -9.34 14.92
CA GLY E 332 35.64 -8.97 13.49
C GLY E 332 36.58 -9.90 12.75
N GLY E 333 36.20 -10.31 11.56
CA GLY E 333 37.05 -11.06 10.67
C GLY E 333 36.98 -12.57 10.71
N GLU E 334 36.58 -13.12 11.83
CA GLU E 334 36.62 -14.56 11.98
C GLU E 334 35.52 -15.21 11.19
N ASN E 335 34.40 -14.54 11.08
CA ASN E 335 33.28 -15.01 10.23
C ASN E 335 33.67 -15.17 8.78
N LEU E 336 34.48 -14.22 8.31
CA LEU E 336 35.01 -14.22 6.95
C LEU E 336 35.95 -15.40 6.80
N GLU E 337 36.86 -15.52 7.76
CA GLU E 337 37.89 -16.54 7.69
C GLU E 337 37.31 -17.95 7.70
N ILE E 338 36.39 -18.22 8.63
CA ILE E 338 35.83 -19.55 8.70
C ILE E 338 34.94 -19.84 7.47
N SER E 339 34.30 -18.83 6.89
CA SER E 339 33.50 -19.05 5.71
C SER E 339 34.37 -19.46 4.53
N PHE E 340 35.46 -18.75 4.33
CA PHE E 340 36.36 -19.06 3.22
C PHE E 340 36.95 -20.44 3.44
N ARG E 341 37.41 -20.71 4.65
CA ARG E 341 38.06 -21.97 4.95
C ARG E 341 37.14 -23.13 4.73
N VAL E 342 35.89 -23.03 5.21
CA VAL E 342 34.97 -24.17 5.03
C VAL E 342 34.73 -24.45 3.54
N TRP E 343 34.42 -23.40 2.78
CA TRP E 343 34.07 -23.62 1.37
C TRP E 343 35.28 -24.11 0.58
N GLN E 344 36.41 -23.45 0.78
CA GLN E 344 37.59 -23.80 0.03
C GLN E 344 38.12 -25.18 0.36
N CYS E 345 37.91 -25.62 1.61
CA CYS E 345 38.47 -26.90 2.02
C CYS E 345 37.47 -28.04 2.00
N GLY E 346 36.36 -27.89 1.27
CA GLY E 346 35.50 -29.04 1.00
C GLY E 346 34.18 -29.15 1.72
N GLY E 347 33.88 -28.25 2.65
CA GLY E 347 32.58 -28.26 3.32
C GLY E 347 31.58 -27.30 2.67
N SER E 348 30.49 -27.00 3.38
CA SER E 348 29.55 -26.02 2.89
C SER E 348 28.91 -25.24 4.04
N LEU E 349 28.23 -24.15 3.67
CA LEU E 349 27.61 -23.24 4.61
C LEU E 349 26.17 -23.10 4.22
N GLU E 350 25.25 -23.21 5.17
CA GLU E 350 23.84 -23.11 4.85
C GLU E 350 23.11 -22.25 5.86
N ILE E 351 22.02 -21.65 5.39
CA ILE E 351 21.02 -21.03 6.25
C ILE E 351 19.77 -21.90 6.16
N ILE E 352 19.16 -22.21 7.30
CA ILE E 352 18.09 -23.14 7.41
C ILE E 352 16.81 -22.44 7.84
N PRO E 353 15.89 -22.19 6.88
CA PRO E 353 14.74 -21.39 7.16
C PRO E 353 13.85 -21.83 8.27
N CYS E 354 13.75 -23.11 8.54
CA CYS E 354 12.89 -23.56 9.61
C CYS E 354 13.48 -23.29 11.05
N SER E 355 14.75 -22.94 11.13
CA SER E 355 15.38 -22.57 12.41
C SER E 355 15.40 -21.03 12.53
N ARG E 356 14.80 -20.52 13.60
CA ARG E 356 14.69 -19.13 13.83
C ARG E 356 15.25 -18.80 15.20
N VAL E 357 16.17 -17.84 15.26
CA VAL E 357 16.69 -17.37 16.51
C VAL E 357 16.84 -15.83 16.46
N GLY E 358 16.28 -15.15 17.44
CA GLY E 358 16.38 -13.70 17.49
C GLY E 358 17.76 -13.26 18.05
N HIS E 359 18.17 -12.06 17.63
CA HIS E 359 19.39 -11.44 18.04
C HIS E 359 19.23 -9.92 18.18
N VAL E 360 19.71 -9.36 19.29
CA VAL E 360 19.75 -7.93 19.48
C VAL E 360 20.84 -7.31 18.62
N PHE E 361 20.46 -6.87 17.44
CA PHE E 361 21.40 -6.10 16.59
C PHE E 361 21.62 -4.68 17.18
N ARG E 362 22.87 -4.23 17.23
CA ARG E 362 23.10 -2.86 17.65
C ARG E 362 23.97 -2.11 16.68
N LYS E 363 24.11 -0.81 16.90
CA LYS E 363 24.86 0.06 16.00
C LYS E 363 26.25 0.35 16.47
N GLN E 364 26.53 0.16 17.77
CA GLN E 364 27.85 0.39 18.36
C GLN E 364 28.24 -0.72 19.31
N HIS E 365 29.53 -0.95 19.40
CA HIS E 365 30.07 -1.88 20.36
C HIS E 365 30.10 -1.21 21.72
N PRO E 366 29.73 -1.91 22.78
CA PRO E 366 29.70 -1.31 24.08
C PRO E 366 31.03 -1.51 24.82
N TYR E 367 31.95 -2.29 24.26
CA TYR E 367 33.17 -2.64 24.94
C TYR E 367 34.35 -2.04 24.19
N THR E 368 35.46 -2.14 24.88
CA THR E 368 36.76 -1.69 24.44
C THR E 368 37.45 -2.60 23.44
N PHE E 369 38.20 -1.98 22.53
CA PHE E 369 39.11 -2.69 21.62
C PHE E 369 40.55 -2.23 21.85
N PRO E 370 41.35 -3.01 22.59
CA PRO E 370 42.76 -2.66 22.79
C PRO E 370 43.51 -2.43 21.46
N GLY E 371 43.94 -1.19 21.25
CA GLY E 371 44.60 -0.79 20.01
C GLY E 371 43.69 0.01 19.08
N GLY E 372 42.40 0.11 19.42
CA GLY E 372 41.43 0.78 18.55
C GLY E 372 40.70 -0.21 17.64
N SER E 373 39.40 0.00 17.51
CA SER E 373 38.55 -0.93 16.81
C SER E 373 38.84 -1.00 15.33
N GLY E 374 39.16 0.15 14.73
CA GLY E 374 39.50 0.20 13.30
C GLY E 374 40.73 -0.63 13.03
N THR E 375 41.73 -0.53 13.90
CA THR E 375 42.97 -1.24 13.62
C THR E 375 42.81 -2.76 13.90
N VAL E 376 42.07 -3.11 14.95
CA VAL E 376 41.83 -4.55 15.25
C VAL E 376 41.04 -5.25 14.14
N PHE E 377 40.01 -4.58 13.66
CA PHE E 377 39.18 -5.12 12.55
C PHE E 377 40.03 -5.35 11.29
N ALA E 378 40.86 -4.36 10.98
CA ALA E 378 41.75 -4.45 9.81
C ALA E 378 42.78 -5.54 9.99
N ARG E 379 43.35 -5.64 11.17
CA ARG E 379 44.34 -6.67 11.40
C ARG E 379 43.73 -8.07 11.20
N ASN E 380 42.62 -8.33 11.88
CA ASN E 380 41.94 -9.59 11.74
C ASN E 380 41.58 -9.89 10.29
N THR E 381 41.07 -8.89 9.57
CA THR E 381 40.67 -9.07 8.17
C THR E 381 41.88 -9.40 7.30
N ARG E 382 43.01 -8.72 7.57
CA ARG E 382 44.22 -8.97 6.77
C ARG E 382 44.65 -10.41 6.98
N ARG E 383 44.57 -10.88 8.22
CA ARG E 383 45.00 -12.24 8.50
C ARG E 383 44.17 -13.23 7.68
N ALA E 384 42.89 -12.98 7.53
CA ALA E 384 42.06 -13.83 6.65
C ALA E 384 42.43 -13.65 5.16
N ALA E 385 42.54 -12.40 4.72
CA ALA E 385 42.80 -12.13 3.28
C ALA E 385 44.14 -12.69 2.82
N GLU E 386 45.18 -12.49 3.63
CA GLU E 386 46.51 -13.01 3.31
C GLU E 386 46.61 -14.53 3.29
N VAL E 387 45.75 -15.23 4.01
CA VAL E 387 45.83 -16.68 4.00
C VAL E 387 44.99 -17.29 2.89
N TRP E 388 43.81 -16.74 2.62
CA TRP E 388 42.79 -17.44 1.80
C TRP E 388 42.55 -16.88 0.42
N MET E 389 42.84 -15.60 0.21
CA MET E 389 42.31 -14.91 -0.96
C MET E 389 43.26 -14.87 -2.18
N ASP E 390 44.46 -15.41 -2.02
CA ASP E 390 45.45 -15.42 -3.10
C ASP E 390 45.62 -13.97 -3.61
N GLU E 391 45.66 -13.77 -4.93
CA GLU E 391 45.94 -12.44 -5.50
C GLU E 391 44.74 -11.50 -5.34
N TYR E 392 43.56 -12.08 -5.09
CA TYR E 392 42.36 -11.25 -4.96
C TYR E 392 42.38 -10.35 -3.74
N LYS E 393 43.30 -10.61 -2.83
CA LYS E 393 43.50 -9.73 -1.70
C LYS E 393 43.77 -8.29 -2.16
N ASN E 394 44.30 -8.14 -3.36
CA ASN E 394 44.60 -6.78 -3.86
C ASN E 394 43.38 -5.95 -4.16
N PHE E 395 42.26 -6.61 -4.43
CA PHE E 395 41.00 -5.87 -4.57
C PHE E 395 40.51 -5.34 -3.22
N TYR E 396 40.78 -6.04 -2.12
CA TYR E 396 40.50 -5.52 -0.80
C TYR E 396 41.39 -4.31 -0.48
N TYR E 397 42.69 -4.44 -0.74
CA TYR E 397 43.60 -3.28 -0.53
C TYR E 397 43.23 -2.10 -1.43
N ALA E 398 42.71 -2.36 -2.62
CA ALA E 398 42.20 -1.27 -3.47
C ALA E 398 40.98 -0.60 -2.86
N ALA E 399 40.09 -1.36 -2.22
CA ALA E 399 38.91 -0.78 -1.56
C ALA E 399 39.23 -0.10 -0.24
N VAL E 400 40.25 -0.60 0.47
CA VAL E 400 40.63 -0.08 1.79
C VAL E 400 42.15 0.07 1.79
N PRO E 401 42.66 1.06 1.04
CA PRO E 401 44.13 1.23 1.00
C PRO E 401 44.82 1.46 2.37
N SER E 402 44.14 2.05 3.33
CA SER E 402 44.72 2.18 4.67
C SER E 402 45.04 0.85 5.39
N ALA E 403 44.44 -0.26 4.97
CA ALA E 403 44.72 -1.55 5.58
C ALA E 403 46.11 -2.05 5.27
N ARG E 404 46.71 -1.59 4.17
CA ARG E 404 48.10 -2.02 3.86
C ARG E 404 49.12 -1.62 4.92
N ASN E 405 48.80 -0.62 5.72
CA ASN E 405 49.74 -0.16 6.73
C ASN E 405 49.55 -0.83 8.09
N VAL E 406 48.59 -1.73 8.22
CA VAL E 406 48.31 -2.36 9.53
C VAL E 406 49.07 -3.67 9.70
N PRO E 407 49.95 -3.75 10.70
CA PRO E 407 50.69 -5.00 10.84
C PRO E 407 49.75 -6.10 11.34
N TYR E 408 49.96 -7.30 10.83
CA TYR E 408 49.05 -8.39 11.11
C TYR E 408 49.66 -9.60 11.75
N GLY E 409 50.97 -9.58 12.01
CA GLY E 409 51.61 -10.69 12.73
C GLY E 409 51.98 -11.88 11.84
N ASN E 410 52.21 -13.00 12.47
CA ASN E 410 52.68 -14.20 11.81
C ASN E 410 51.51 -15.11 11.41
N ILE E 411 51.46 -15.55 10.16
CA ILE E 411 50.36 -16.38 9.65
C ILE E 411 50.81 -17.76 9.18
N GLN E 412 52.04 -18.11 9.54
CA GLN E 412 52.63 -19.35 9.05
C GLN E 412 51.81 -20.59 9.40
N SER E 413 51.33 -20.71 10.62
CA SER E 413 50.55 -21.90 10.98
C SER E 413 49.22 -21.99 10.21
N ARG E 414 48.66 -20.84 9.85
CA ARG E 414 47.43 -20.81 9.05
C ARG E 414 47.74 -21.22 7.60
N LEU E 415 48.84 -20.72 7.06
CA LEU E 415 49.29 -21.15 5.74
C LEU E 415 49.56 -22.66 5.69
N GLU E 416 50.24 -23.18 6.71
CA GLU E 416 50.47 -24.64 6.79
C GLU E 416 49.19 -25.44 6.87
N LEU E 417 48.22 -24.92 7.62
CA LEU E 417 46.88 -25.56 7.71
C LEU E 417 46.23 -25.66 6.35
N ARG E 418 46.27 -24.56 5.60
CA ARG E 418 45.71 -24.57 4.25
C ARG E 418 46.39 -25.61 3.35
N LYS E 419 47.70 -25.68 3.43
CA LYS E 419 48.51 -26.66 2.67
C LYS E 419 48.07 -28.05 3.01
N LYS E 420 48.07 -28.34 4.30
CA LYS E 420 47.76 -29.66 4.82
C LYS E 420 46.36 -30.16 4.39
N LEU E 421 45.38 -29.25 4.34
CA LEU E 421 44.01 -29.62 3.94
C LEU E 421 43.79 -29.75 2.43
N SER E 422 44.76 -29.38 1.62
CA SER E 422 44.52 -29.32 0.18
C SER E 422 43.22 -28.55 -0.14
N CYS E 423 43.25 -27.26 0.09
CA CYS E 423 42.10 -26.42 -0.17
C CYS E 423 42.15 -25.90 -1.62
N LYS E 424 40.99 -25.63 -2.20
CA LYS E 424 40.86 -25.00 -3.50
C LYS E 424 41.23 -23.52 -3.46
N PRO E 425 41.64 -22.94 -4.62
CA PRO E 425 42.03 -21.54 -4.65
C PRO E 425 40.85 -20.60 -4.59
N PHE E 426 41.12 -19.35 -4.23
CA PHE E 426 40.05 -18.40 -4.07
C PHE E 426 39.26 -18.20 -5.35
N LYS E 427 39.93 -18.34 -6.48
CA LYS E 427 39.25 -18.21 -7.79
C LYS E 427 38.13 -19.21 -7.91
N TRP E 428 38.37 -20.41 -7.43
CA TRP E 428 37.31 -21.41 -7.40
C TRP E 428 36.13 -20.96 -6.52
N TYR E 429 36.42 -20.36 -5.35
CA TYR E 429 35.37 -19.83 -4.47
C TYR E 429 34.54 -18.77 -5.21
N LEU E 430 35.21 -17.85 -5.87
CA LEU E 430 34.49 -16.82 -6.60
C LEU E 430 33.60 -17.39 -7.70
N GLU E 431 34.11 -18.36 -8.45
CA GLU E 431 33.37 -18.92 -9.58
C GLU E 431 32.25 -19.84 -9.17
N ASN E 432 32.44 -20.61 -8.11
CA ASN E 432 31.48 -21.64 -7.73
C ASN E 432 30.62 -21.37 -6.51
N VAL E 433 31.11 -20.54 -5.58
CA VAL E 433 30.36 -20.21 -4.38
C VAL E 433 29.76 -18.84 -4.44
N TYR E 434 30.50 -17.83 -4.89
CA TYR E 434 30.00 -16.45 -4.87
C TYR E 434 30.18 -15.75 -6.23
N PRO E 435 29.57 -16.31 -7.29
CA PRO E 435 29.71 -15.75 -8.61
C PRO E 435 29.08 -14.38 -8.79
N GLU E 436 28.12 -14.03 -7.92
CA GLU E 436 27.48 -12.72 -8.06
C GLU E 436 28.33 -11.54 -7.55
N LEU E 437 29.44 -11.79 -6.85
CA LEU E 437 30.34 -10.74 -6.46
C LEU E 437 31.09 -10.30 -7.75
N ARG E 438 30.97 -9.03 -8.09
CA ARG E 438 31.47 -8.57 -9.40
C ARG E 438 32.97 -8.38 -9.26
N VAL E 439 33.74 -9.07 -10.07
CA VAL E 439 35.18 -8.99 -9.97
C VAL E 439 35.78 -8.24 -11.14
N PRO E 440 36.68 -7.29 -10.86
CA PRO E 440 37.34 -6.52 -11.92
C PRO E 440 38.13 -7.42 -12.82
N ASP E 441 38.21 -7.04 -14.09
CA ASP E 441 39.14 -7.71 -14.99
C ASP E 441 40.53 -7.47 -14.43
N HIS E 442 41.42 -8.44 -14.60
CA HIS E 442 42.78 -8.33 -14.04
C HIS E 442 43.59 -7.15 -14.63
N GLN E 443 43.18 -6.64 -15.78
CA GLN E 443 43.82 -5.47 -16.38
C GLN E 443 43.05 -4.14 -16.27
N ASP E 444 41.90 -4.15 -15.57
CA ASP E 444 41.21 -2.90 -15.29
C ASP E 444 42.12 -1.95 -14.50
N ILE E 445 42.02 -0.67 -14.82
CA ILE E 445 42.77 0.38 -14.17
C ILE E 445 42.03 0.86 -12.93
N ALA E 446 40.70 0.85 -12.98
CA ALA E 446 39.88 1.23 -11.85
C ALA E 446 38.52 0.62 -12.03
N PHE E 447 37.73 0.62 -10.96
CA PHE E 447 36.48 -0.15 -10.97
C PHE E 447 35.57 0.32 -9.87
N GLY E 448 34.26 0.13 -10.09
CA GLY E 448 33.27 0.27 -9.03
C GLY E 448 32.33 1.37 -9.36
N ALA E 449 32.12 2.26 -8.41
CA ALA E 449 31.27 3.40 -8.62
C ALA E 449 32.19 4.57 -8.85
N LEU E 450 31.68 5.57 -9.55
CA LEU E 450 32.44 6.76 -9.80
C LEU E 450 31.77 7.93 -9.09
N GLN E 451 32.37 8.35 -7.98
CA GLN E 451 31.66 9.19 -7.02
C GLN E 451 32.03 10.65 -7.12
N GLN E 452 31.04 11.51 -6.95
CA GLN E 452 31.23 12.92 -6.75
C GLN E 452 30.39 13.34 -5.54
N GLY E 453 31.06 13.60 -4.43
CA GLY E 453 30.34 13.88 -3.16
C GLY E 453 29.50 12.67 -2.76
N THR E 454 28.21 12.85 -2.58
CA THR E 454 27.33 11.65 -2.33
C THR E 454 26.60 11.18 -3.61
N ASN E 455 26.96 11.74 -4.75
CA ASN E 455 26.41 11.32 -6.04
C ASN E 455 27.35 10.41 -6.80
N CYS E 456 26.74 9.60 -7.69
CA CYS E 456 27.45 8.60 -8.47
C CYS E 456 27.05 8.73 -9.93
N LEU E 457 28.02 8.52 -10.81
CA LEU E 457 27.78 8.38 -12.26
C LEU E 457 26.75 7.24 -12.46
N ASP E 458 25.74 7.52 -13.25
CA ASP E 458 24.62 6.62 -13.39
C ASP E 458 24.09 6.61 -14.83
N THR E 459 23.82 5.42 -15.41
CA THR E 459 23.24 5.39 -16.76
C THR E 459 21.83 5.92 -16.83
N LEU E 460 21.15 5.95 -15.68
CA LEU E 460 19.74 6.32 -15.65
C LEU E 460 18.85 5.34 -16.42
N GLY E 461 19.36 4.14 -16.66
CA GLY E 461 18.58 3.13 -17.47
C GLY E 461 18.67 3.36 -18.98
N HIS E 462 19.48 4.32 -19.41
CA HIS E 462 19.69 4.58 -20.83
C HIS E 462 20.60 3.52 -21.50
N PHE E 463 20.46 3.42 -22.81
CA PHE E 463 21.26 2.51 -23.62
C PHE E 463 21.97 3.34 -24.66
N ALA E 464 22.40 2.73 -25.77
CA ALA E 464 23.23 3.44 -26.74
C ALA E 464 22.52 4.66 -27.31
N ASP E 465 23.31 5.68 -27.54
CA ASP E 465 22.83 7.01 -27.95
C ASP E 465 22.13 7.81 -26.84
N GLY E 466 22.10 7.30 -25.61
CA GLY E 466 21.48 8.01 -24.54
C GLY E 466 22.53 8.83 -23.72
N VAL E 467 22.02 9.82 -23.01
CA VAL E 467 22.86 10.62 -22.09
C VAL E 467 23.10 9.88 -20.80
N VAL E 468 23.98 10.41 -20.02
CA VAL E 468 24.37 9.81 -18.73
C VAL E 468 24.21 10.92 -17.65
N GLY E 469 24.03 10.51 -16.40
CA GLY E 469 23.82 11.49 -15.35
C GLY E 469 24.49 11.16 -14.03
N VAL E 470 23.96 11.80 -12.98
CA VAL E 470 24.27 11.43 -11.62
C VAL E 470 23.00 11.20 -10.81
N TYR E 471 23.16 10.37 -9.79
CA TYR E 471 22.08 9.99 -8.92
C TYR E 471 22.77 9.69 -7.59
N GLU E 472 22.02 9.80 -6.50
CA GLU E 472 22.57 9.49 -5.16
C GLU E 472 23.19 8.13 -5.16
N CYS E 473 24.40 8.00 -4.62
CA CYS E 473 25.09 6.73 -4.52
C CYS E 473 24.28 5.77 -3.68
N HIS E 474 24.07 4.55 -4.15
CA HIS E 474 23.27 3.58 -3.45
C HIS E 474 24.00 2.33 -3.05
N ASN E 475 25.16 2.11 -3.63
CA ASN E 475 26.01 0.98 -3.33
C ASN E 475 25.43 -0.36 -3.68
N ALA E 476 24.50 -0.38 -4.58
CA ALA E 476 23.82 -1.59 -5.05
C ALA E 476 24.21 -1.99 -6.48
N GLY E 477 25.26 -1.39 -7.03
CA GLY E 477 25.73 -1.77 -8.40
C GLY E 477 24.79 -1.30 -9.51
N GLY E 478 24.36 -2.24 -10.34
CA GLY E 478 23.55 -2.01 -11.53
C GLY E 478 24.00 -0.78 -12.36
N ASN E 479 23.11 0.19 -12.54
CA ASN E 479 23.38 1.35 -13.33
C ASN E 479 24.48 2.30 -12.78
N GLN E 480 25.01 2.02 -11.59
CA GLN E 480 26.14 2.77 -11.05
C GLN E 480 27.43 1.99 -11.06
N GLU E 481 27.44 0.81 -11.71
CA GLU E 481 28.69 0.06 -11.87
C GLU E 481 29.50 0.37 -13.19
N TRP E 482 30.78 0.68 -13.01
CA TRP E 482 31.65 1.11 -14.08
C TRP E 482 33.01 0.48 -13.95
N ALA E 483 33.74 0.49 -15.05
CA ALA E 483 35.18 0.22 -14.99
C ALA E 483 35.94 1.22 -15.86
N LEU E 484 37.20 1.46 -15.51
CA LEU E 484 38.14 2.15 -16.38
C LEU E 484 39.01 1.03 -16.89
N THR E 485 38.90 0.73 -18.18
CA THR E 485 39.59 -0.45 -18.73
C THR E 485 41.05 -0.20 -19.12
N LYS E 486 41.78 -1.27 -19.42
CA LYS E 486 43.12 -1.20 -20.02
C LYS E 486 43.14 -0.41 -21.34
N GLU E 487 42.02 -0.42 -22.09
CA GLU E 487 41.89 0.40 -23.31
C GLU E 487 41.55 1.88 -23.01
N LYS E 488 41.44 2.25 -21.72
CA LYS E 488 41.15 3.65 -21.29
C LYS E 488 39.71 4.07 -21.54
N SER E 489 38.79 3.10 -21.58
CA SER E 489 37.41 3.46 -21.73
C SER E 489 36.69 3.33 -20.38
N VAL E 490 35.68 4.20 -20.19
CA VAL E 490 34.86 4.16 -19.01
C VAL E 490 33.58 3.44 -19.44
N LYS E 491 33.43 2.21 -18.99
CA LYS E 491 32.38 1.35 -19.44
C LYS E 491 31.46 0.71 -18.42
N HIS E 492 30.24 0.51 -18.88
CA HIS E 492 29.21 -0.15 -18.18
C HIS E 492 28.65 -1.20 -19.16
N MET E 493 28.68 -2.48 -18.79
CA MET E 493 28.33 -3.57 -19.71
C MET E 493 29.23 -3.41 -20.94
N ASP E 494 28.67 -3.32 -22.12
CA ASP E 494 29.46 -3.06 -23.33
C ASP E 494 29.22 -1.67 -23.93
N LEU E 495 28.77 -0.74 -23.10
CA LEU E 495 28.60 0.67 -23.47
C LEU E 495 29.66 1.57 -22.82
N CYS E 496 30.09 2.60 -23.53
CA CYS E 496 31.27 3.40 -23.16
C CYS E 496 30.94 4.86 -23.24
N LEU E 497 31.47 5.67 -22.31
CA LEU E 497 31.27 7.11 -22.38
C LEU E 497 31.96 7.62 -23.63
N THR E 498 31.24 8.38 -24.44
CA THR E 498 31.76 8.79 -25.77
C THR E 498 31.66 10.26 -25.97
N VAL E 499 32.81 10.87 -26.30
CA VAL E 499 32.84 12.31 -26.51
C VAL E 499 32.45 12.50 -27.97
N VAL E 500 31.19 12.80 -28.17
CA VAL E 500 30.58 12.84 -29.49
C VAL E 500 30.84 14.20 -30.09
N ASP E 501 31.16 15.17 -29.25
CA ASP E 501 31.39 16.55 -29.72
C ASP E 501 32.32 17.24 -28.75
N ARG E 502 33.43 17.76 -29.24
CA ARG E 502 34.47 18.38 -28.39
C ARG E 502 34.22 19.83 -27.98
N ALA E 503 33.17 20.47 -28.46
CA ALA E 503 32.89 21.83 -28.05
C ALA E 503 32.56 21.82 -26.59
N PRO E 504 33.19 22.71 -25.79
CA PRO E 504 32.92 22.77 -24.38
C PRO E 504 31.44 22.96 -24.08
N GLY E 505 30.93 22.20 -23.11
CA GLY E 505 29.51 22.23 -22.81
C GLY E 505 28.72 21.12 -23.51
N SER E 506 29.32 20.39 -24.43
CA SER E 506 28.61 19.29 -25.13
C SER E 506 28.28 18.08 -24.22
N LEU E 507 27.10 17.50 -24.40
CA LEU E 507 26.73 16.27 -23.74
C LEU E 507 27.52 15.08 -24.28
N ILE E 508 27.88 14.16 -23.38
CA ILE E 508 28.51 12.96 -23.80
C ILE E 508 27.39 11.89 -23.97
N LYS E 509 27.73 10.79 -24.61
CA LYS E 509 26.75 9.78 -24.94
C LYS E 509 27.34 8.45 -24.70
N LEU E 510 26.45 7.54 -24.37
CA LEU E 510 26.79 6.14 -24.34
C LEU E 510 26.83 5.59 -25.79
N GLN E 511 27.87 4.83 -26.14
CA GLN E 511 27.89 4.09 -27.39
C GLN E 511 28.58 2.75 -27.16
N GLY E 512 28.31 1.79 -28.05
CA GLY E 512 28.99 0.50 -27.98
C GLY E 512 30.49 0.71 -27.92
N CYS E 513 31.16 -0.01 -27.05
CA CYS E 513 32.64 0.12 -26.90
C CYS E 513 33.39 -0.41 -28.13
N ARG E 514 34.30 0.40 -28.66
CA ARG E 514 35.23 0.00 -29.75
C ARG E 514 36.63 0.48 -29.36
N GLU E 515 37.58 -0.42 -29.24
CA GLU E 515 38.86 -0.08 -28.72
C GLU E 515 39.66 0.91 -29.52
N ASP E 516 39.30 1.12 -30.77
CA ASP E 516 40.04 2.01 -31.63
C ASP E 516 39.44 3.38 -31.69
N ASP E 517 38.34 3.56 -31.00
CA ASP E 517 37.59 4.87 -31.08
C ASP E 517 38.17 5.85 -30.07
N SER E 518 38.91 6.84 -30.56
CA SER E 518 39.57 7.76 -29.71
C SER E 518 38.60 8.65 -28.92
N ARG E 519 37.35 8.73 -29.35
CA ARG E 519 36.35 9.50 -28.65
C ARG E 519 35.94 8.87 -27.29
N GLN E 520 36.38 7.64 -27.05
CA GLN E 520 36.02 6.92 -25.85
C GLN E 520 37.18 6.80 -24.83
N LYS E 521 38.27 7.53 -25.03
CA LYS E 521 39.45 7.41 -24.20
C LYS E 521 39.51 8.50 -23.07
N TRP E 522 39.68 8.04 -21.84
CA TRP E 522 39.72 8.87 -20.66
C TRP E 522 40.90 8.48 -19.80
N GLU E 523 41.35 9.41 -19.00
CA GLU E 523 42.45 9.22 -18.07
C GLU E 523 42.23 9.93 -16.74
N GLN E 524 42.60 9.27 -15.68
CA GLN E 524 42.57 9.87 -14.37
C GLN E 524 43.68 10.90 -14.23
N ILE E 525 43.36 12.07 -13.67
CA ILE E 525 44.40 13.07 -13.35
C ILE E 525 44.24 13.60 -11.89
N GLU E 526 45.25 14.37 -11.47
CA GLU E 526 45.27 15.07 -10.22
C GLU E 526 45.02 14.13 -9.08
N GLY E 527 45.87 13.11 -8.97
CA GLY E 527 45.74 12.21 -7.82
C GLY E 527 44.51 11.34 -7.91
N ASN E 528 44.14 10.95 -9.13
CA ASN E 528 42.93 10.15 -9.33
C ASN E 528 41.65 10.82 -8.84
N SER E 529 41.54 12.12 -9.11
CA SER E 529 40.44 12.91 -8.59
C SER E 529 39.62 13.54 -9.68
N LYS E 530 40.05 13.40 -10.95
CA LYS E 530 39.31 13.89 -12.09
C LYS E 530 39.45 12.96 -13.30
N LEU E 531 38.64 13.20 -14.33
CA LEU E 531 38.71 12.42 -15.56
C LEU E 531 38.78 13.34 -16.74
N ARG E 532 39.86 13.20 -17.45
CA ARG E 532 40.12 14.03 -18.64
C ARG E 532 40.04 13.16 -19.90
N HIS E 533 39.41 13.70 -20.92
CA HIS E 533 39.39 13.06 -22.21
C HIS E 533 40.78 13.14 -22.85
N VAL E 534 41.36 11.98 -23.11
CA VAL E 534 42.72 11.84 -23.63
C VAL E 534 42.90 12.65 -24.93
N GLY E 535 43.97 13.43 -25.01
CA GLY E 535 44.28 14.25 -26.20
C GLY E 535 43.55 15.57 -26.19
N SER E 536 43.02 16.00 -25.05
CA SER E 536 42.25 17.23 -25.00
C SER E 536 42.48 17.92 -23.70
N ASN E 537 41.91 19.12 -23.57
CA ASN E 537 41.85 19.78 -22.27
C ASN E 537 40.43 19.78 -21.75
N LEU E 538 39.70 18.68 -21.99
CA LEU E 538 38.32 18.58 -21.60
C LEU E 538 38.22 17.58 -20.44
N CYS E 539 37.38 17.92 -19.47
CA CYS E 539 37.14 17.05 -18.31
C CYS E 539 35.69 16.73 -18.13
N LEU E 540 35.40 15.56 -17.58
CA LEU E 540 34.05 15.18 -17.35
C LEU E 540 33.45 16.11 -16.30
N ASP E 541 32.25 16.63 -16.59
CA ASP E 541 31.64 17.70 -15.77
C ASP E 541 30.14 17.43 -15.53
N SER E 542 29.71 17.53 -14.27
CA SER E 542 28.33 17.30 -13.87
C SER E 542 27.46 18.53 -13.79
N ARG E 543 27.97 19.70 -14.13
CA ARG E 543 27.15 20.90 -13.93
C ARG E 543 25.88 20.93 -14.80
N THR E 544 25.90 20.16 -15.88
CA THR E 544 24.81 20.12 -16.85
C THR E 544 23.87 18.95 -16.53
N ALA E 545 24.08 18.28 -15.41
CA ALA E 545 23.39 17.04 -15.16
C ALA E 545 21.89 17.19 -15.16
N LYS E 546 21.39 18.33 -14.70
CA LYS E 546 19.96 18.56 -14.53
C LYS E 546 19.39 19.36 -15.68
N SER E 547 20.20 19.64 -16.68
CA SER E 547 19.72 20.31 -17.85
C SER E 547 20.16 19.54 -19.10
N GLY E 548 20.14 18.21 -19.06
CA GLY E 548 20.55 17.43 -20.21
C GLY E 548 21.39 16.16 -19.98
N GLY E 549 22.36 16.21 -19.07
CA GLY E 549 23.26 15.08 -18.76
C GLY E 549 24.71 15.54 -18.54
N LEU E 550 25.61 14.60 -18.28
CA LEU E 550 26.99 14.92 -18.10
C LEU E 550 27.55 15.50 -19.39
N SER E 551 28.51 16.41 -19.22
CA SER E 551 29.13 17.08 -20.37
C SER E 551 30.61 17.00 -20.28
N VAL E 552 31.20 17.43 -21.36
CA VAL E 552 32.62 17.65 -21.40
C VAL E 552 32.80 19.20 -21.24
N GLU E 553 33.73 19.65 -20.40
CA GLU E 553 34.01 21.10 -20.22
C GLU E 553 35.49 21.33 -20.11
N VAL E 554 35.95 22.53 -20.38
CA VAL E 554 37.43 22.79 -20.24
C VAL E 554 37.89 22.53 -18.81
N CYS E 555 39.00 21.81 -18.66
CA CYS E 555 39.47 21.45 -17.31
C CYS E 555 39.78 22.71 -16.52
N GLY E 556 39.37 22.71 -15.27
CA GLY E 556 39.60 23.81 -14.40
C GLY E 556 39.24 23.42 -12.99
N PRO E 557 39.42 24.35 -12.04
CA PRO E 557 39.22 24.10 -10.63
C PRO E 557 37.77 24.20 -10.23
N ALA E 558 36.90 23.43 -10.88
CA ALA E 558 35.49 23.38 -10.55
C ALA E 558 35.21 22.08 -9.78
N LEU E 559 34.38 22.16 -8.80
CA LEU E 559 33.97 20.96 -8.03
C LEU E 559 33.14 19.93 -8.81
N SER E 560 32.49 20.41 -9.88
CA SER E 560 31.66 19.56 -10.72
C SER E 560 32.53 18.66 -11.61
N GLN E 561 33.86 18.82 -11.54
CA GLN E 561 34.80 18.00 -12.29
C GLN E 561 35.58 17.05 -11.38
N GLN E 562 35.13 16.89 -10.15
CA GLN E 562 35.73 15.90 -9.22
C GLN E 562 35.03 14.55 -9.32
N TRP E 563 35.82 13.50 -9.47
CA TRP E 563 35.33 12.14 -9.65
C TRP E 563 36.38 11.16 -9.13
N LYS E 564 35.92 10.20 -8.34
CA LYS E 564 36.79 9.14 -7.74
C LYS E 564 36.17 7.75 -7.90
N PHE E 565 36.90 6.84 -8.51
CA PHE E 565 36.47 5.43 -8.50
C PHE E 565 36.61 4.84 -7.07
N THR E 566 35.74 3.91 -6.70
CA THR E 566 35.89 3.25 -5.42
C THR E 566 37.11 2.32 -5.35
N LEU E 567 37.46 1.62 -6.43
CA LEU E 567 38.69 0.85 -6.40
C LEU E 567 39.63 1.37 -7.43
N ASN E 568 40.83 1.71 -7.00
CA ASN E 568 41.91 2.11 -7.86
C ASN E 568 43.00 1.06 -7.86
N LEU E 569 43.30 0.46 -9.01
CA LEU E 569 44.06 -0.81 -9.10
C LEU E 569 45.54 -0.74 -9.47
N LYS F 75 -71.49 -53.14 -44.41
CA LYS F 75 -70.83 -52.60 -43.17
C LYS F 75 -71.76 -52.90 -41.96
N VAL F 76 -71.17 -53.19 -40.81
CA VAL F 76 -71.91 -53.75 -39.69
C VAL F 76 -71.64 -52.91 -38.45
N ARG F 77 -72.65 -52.65 -37.65
CA ARG F 77 -72.46 -51.97 -36.40
C ARG F 77 -71.56 -52.86 -35.50
N TRP F 78 -70.72 -52.26 -34.65
CA TRP F 78 -69.79 -53.05 -33.89
C TRP F 78 -70.45 -54.15 -33.02
N PRO F 79 -71.62 -53.90 -32.41
CA PRO F 79 -72.16 -55.02 -31.59
C PRO F 79 -72.58 -56.23 -32.44
N ASP F 80 -72.78 -56.03 -33.75
CA ASP F 80 -73.12 -57.14 -34.64
C ASP F 80 -71.89 -57.86 -35.20
N PHE F 81 -70.68 -57.39 -34.88
CA PHE F 81 -69.47 -58.05 -35.36
C PHE F 81 -69.32 -59.40 -34.65
N ASN F 82 -68.90 -60.41 -35.41
CA ASN F 82 -68.76 -61.75 -34.87
C ASN F 82 -67.39 -61.97 -34.27
N GLN F 83 -67.27 -61.60 -33.00
CA GLN F 83 -66.01 -61.71 -32.30
C GLN F 83 -65.48 -63.13 -32.23
N GLU F 84 -66.38 -64.08 -31.99
CA GLU F 84 -65.98 -65.46 -31.77
C GLU F 84 -65.38 -66.03 -33.05
N ALA F 85 -65.98 -65.70 -34.20
CA ALA F 85 -65.41 -66.15 -35.48
C ALA F 85 -64.04 -65.49 -35.75
N TYR F 86 -63.95 -64.19 -35.53
CA TYR F 86 -62.73 -63.43 -35.78
C TYR F 86 -61.55 -63.93 -34.90
N VAL F 87 -61.75 -63.98 -33.58
CA VAL F 87 -60.70 -64.39 -32.64
C VAL F 87 -60.44 -65.91 -32.71
N GLY F 88 -61.50 -66.68 -32.93
CA GLY F 88 -61.38 -68.12 -33.06
C GLY F 88 -60.43 -68.42 -34.21
N GLY F 89 -59.65 -69.48 -34.09
CA GLY F 89 -58.74 -69.78 -35.19
C GLY F 89 -57.50 -68.88 -35.31
N THR F 90 -57.28 -67.97 -34.35
CA THR F 90 -55.92 -67.57 -34.02
C THR F 90 -55.66 -67.88 -32.56
N MET F 91 -56.52 -68.69 -31.93
CA MET F 91 -56.37 -68.97 -30.50
C MET F 91 -55.18 -69.84 -30.19
N VAL F 92 -54.69 -69.72 -28.98
CA VAL F 92 -53.52 -70.48 -28.55
C VAL F 92 -53.92 -71.95 -28.48
N ARG F 93 -53.20 -72.81 -29.19
CA ARG F 93 -53.51 -74.23 -29.17
C ARG F 93 -53.08 -74.90 -27.87
N SER F 94 -53.70 -76.04 -27.59
CA SER F 94 -53.44 -76.79 -26.37
C SER F 94 -51.95 -77.15 -26.25
N GLY F 95 -51.39 -76.87 -25.08
CA GLY F 95 -49.97 -77.08 -24.81
C GLY F 95 -48.98 -76.07 -25.38
N GLN F 96 -49.46 -75.02 -26.04
CA GLN F 96 -48.55 -74.00 -26.58
C GLN F 96 -48.34 -72.87 -25.59
N ASP F 97 -47.28 -72.12 -25.80
CA ASP F 97 -46.86 -71.04 -24.91
C ASP F 97 -47.73 -69.79 -25.16
N PRO F 98 -48.46 -69.32 -24.13
CA PRO F 98 -49.44 -68.26 -24.42
C PRO F 98 -48.82 -66.87 -24.56
N TYR F 99 -47.51 -66.77 -24.29
CA TYR F 99 -46.74 -65.54 -24.38
C TYR F 99 -45.91 -65.36 -25.65
N ALA F 100 -45.73 -66.43 -26.45
CA ALA F 100 -44.69 -66.42 -27.49
C ALA F 100 -44.95 -65.43 -28.62
N ARG F 101 -46.18 -65.41 -29.13
CA ARG F 101 -46.50 -64.55 -30.26
C ARG F 101 -46.52 -63.07 -29.90
N ASN F 102 -47.01 -62.70 -28.73
CA ASN F 102 -47.24 -61.29 -28.41
C ASN F 102 -46.44 -60.72 -27.26
N LYS F 103 -45.78 -61.57 -26.50
CA LYS F 103 -45.12 -61.16 -25.26
C LYS F 103 -46.10 -60.58 -24.25
N PHE F 104 -47.37 -60.96 -24.42
CA PHE F 104 -48.33 -60.88 -23.34
C PHE F 104 -49.18 -62.16 -23.37
N ASN F 105 -50.01 -62.34 -22.35
CA ASN F 105 -50.77 -63.58 -22.24
C ASN F 105 -51.98 -63.57 -23.16
N GLN F 106 -51.86 -64.26 -24.29
CA GLN F 106 -52.94 -64.26 -25.26
C GLN F 106 -54.15 -65.03 -24.81
N VAL F 107 -53.98 -66.01 -23.94
CA VAL F 107 -55.12 -66.79 -23.45
C VAL F 107 -56.02 -65.88 -22.65
N GLU F 108 -55.43 -65.07 -21.78
CA GLU F 108 -56.24 -64.15 -21.01
C GLU F 108 -56.88 -63.07 -21.91
N SER F 109 -56.16 -62.60 -22.92
CA SER F 109 -56.72 -61.58 -23.80
C SER F 109 -57.91 -62.14 -24.58
N ASP F 110 -57.76 -63.37 -25.07
CA ASP F 110 -58.81 -64.02 -25.87
C ASP F 110 -60.06 -64.35 -25.05
N LYS F 111 -59.95 -64.54 -23.73
CA LYS F 111 -61.15 -64.80 -22.90
C LYS F 111 -62.08 -63.60 -22.74
N LEU F 112 -61.56 -62.39 -22.95
CA LEU F 112 -62.31 -61.17 -22.69
C LEU F 112 -63.30 -60.84 -23.78
N ARG F 113 -64.46 -60.32 -23.39
CA ARG F 113 -65.40 -59.74 -24.34
C ARG F 113 -64.79 -58.51 -25.03
N MET F 114 -65.16 -58.31 -26.27
CA MET F 114 -64.63 -57.19 -27.07
C MET F 114 -64.95 -55.81 -26.43
N ASP F 115 -66.02 -55.76 -25.62
CA ASP F 115 -66.44 -54.53 -24.93
C ASP F 115 -66.54 -54.77 -23.44
N ARG F 116 -65.61 -55.55 -22.90
CA ARG F 116 -65.60 -55.83 -21.47
C ARG F 116 -65.63 -54.58 -20.64
N ALA F 117 -66.28 -54.67 -19.49
CA ALA F 117 -66.41 -53.55 -18.57
C ALA F 117 -65.08 -53.37 -17.87
N ILE F 118 -64.73 -52.11 -17.67
CA ILE F 118 -63.51 -51.75 -16.96
C ILE F 118 -63.86 -50.71 -15.89
N PRO F 119 -63.08 -50.66 -14.82
CA PRO F 119 -63.37 -49.66 -13.79
C PRO F 119 -63.12 -48.24 -14.30
N ASP F 120 -63.94 -47.33 -13.78
CA ASP F 120 -63.80 -45.92 -14.08
C ASP F 120 -62.73 -45.37 -13.15
N THR F 121 -61.56 -45.09 -13.70
CA THR F 121 -60.39 -44.70 -12.91
C THR F 121 -60.20 -43.18 -12.83
N ARG F 122 -61.12 -42.41 -13.40
CA ARG F 122 -61.03 -40.95 -13.38
C ARG F 122 -61.28 -40.37 -11.99
N HIS F 123 -60.63 -39.25 -11.72
CA HIS F 123 -60.92 -38.46 -10.54
C HIS F 123 -62.41 -38.15 -10.48
N ASP F 124 -62.93 -38.07 -9.27
CA ASP F 124 -64.34 -37.75 -9.03
C ASP F 124 -64.84 -36.49 -9.74
N GLN F 125 -63.99 -35.48 -9.77
CA GLN F 125 -64.28 -34.20 -10.41
C GLN F 125 -64.51 -34.33 -11.92
N CYS F 126 -63.82 -35.25 -12.58
CA CYS F 126 -64.08 -35.54 -13.99
C CYS F 126 -65.46 -36.19 -14.17
N GLN F 127 -65.78 -37.10 -13.25
CA GLN F 127 -66.99 -37.93 -13.38
C GLN F 127 -68.22 -37.09 -13.53
N ARG F 128 -68.06 -35.81 -13.23
CA ARG F 128 -69.10 -34.85 -13.53
C ARG F 128 -68.64 -33.54 -14.20
N LYS F 129 -69.16 -33.24 -15.42
CA LYS F 129 -68.97 -31.97 -16.08
C LYS F 129 -70.12 -31.59 -17.03
N ASP F 134 -70.11 -29.44 -29.03
CA ASP F 134 -69.62 -28.78 -30.25
C ASP F 134 -68.10 -28.81 -30.46
N LEU F 135 -67.54 -29.98 -30.82
CA LEU F 135 -66.11 -30.15 -30.91
C LEU F 135 -65.79 -30.76 -32.25
N PRO F 136 -64.55 -30.63 -32.71
CA PRO F 136 -64.28 -31.22 -34.03
C PRO F 136 -64.17 -32.71 -33.96
N ALA F 137 -64.62 -33.41 -34.98
CA ALA F 137 -64.45 -34.83 -35.08
C ALA F 137 -62.97 -35.20 -35.34
N THR F 138 -62.60 -36.44 -35.02
CA THR F 138 -61.24 -36.90 -35.21
C THR F 138 -61.19 -38.13 -36.10
N SER F 139 -60.04 -38.30 -36.75
CA SER F 139 -59.66 -39.52 -37.43
C SER F 139 -58.67 -40.26 -36.56
N VAL F 140 -59.02 -41.46 -36.16
CA VAL F 140 -58.20 -42.22 -35.25
C VAL F 140 -57.29 -43.09 -36.11
N VAL F 141 -55.99 -42.98 -35.86
CA VAL F 141 -55.04 -43.79 -36.56
C VAL F 141 -54.40 -44.85 -35.66
N ILE F 142 -54.49 -46.11 -36.06
CA ILE F 142 -53.95 -47.21 -35.29
C ILE F 142 -53.10 -48.08 -36.21
N THR F 143 -51.82 -48.16 -35.95
CA THR F 143 -50.97 -49.03 -36.74
C THR F 143 -50.71 -50.28 -36.00
N PHE F 144 -50.44 -51.32 -36.73
CA PHE F 144 -50.17 -52.59 -36.07
C PHE F 144 -49.37 -53.53 -36.97
N HIS F 145 -48.54 -54.34 -36.34
CA HIS F 145 -47.79 -55.38 -37.00
C HIS F 145 -47.94 -56.65 -36.14
N ASN F 146 -48.68 -57.62 -36.65
CA ASN F 146 -48.90 -58.90 -35.96
C ASN F 146 -49.45 -58.73 -34.56
N GLU F 147 -50.56 -58.01 -34.45
CA GLU F 147 -51.19 -57.79 -33.16
C GLU F 147 -52.10 -59.00 -32.89
N ALA F 148 -52.32 -59.33 -31.64
CA ALA F 148 -53.34 -60.32 -31.32
C ALA F 148 -54.71 -59.81 -31.73
N ARG F 149 -55.45 -60.62 -32.44
CA ARG F 149 -56.79 -60.26 -32.82
C ARG F 149 -57.67 -59.75 -31.68
N SER F 150 -57.63 -60.42 -30.53
CA SER F 150 -58.53 -60.02 -29.43
C SER F 150 -58.21 -58.61 -29.00
N ALA F 151 -56.92 -58.28 -28.92
CA ALA F 151 -56.52 -56.95 -28.45
C ALA F 151 -56.83 -55.85 -29.46
N LEU F 152 -56.57 -56.15 -30.72
CA LEU F 152 -56.82 -55.16 -31.80
C LEU F 152 -58.32 -54.84 -31.82
N LEU F 153 -59.15 -55.90 -31.82
CA LEU F 153 -60.61 -55.71 -31.85
C LEU F 153 -61.07 -54.87 -30.68
N ARG F 154 -60.50 -55.15 -29.52
CA ARG F 154 -60.94 -54.51 -28.30
C ARG F 154 -60.57 -53.04 -28.34
N THR F 155 -59.41 -52.75 -28.95
CA THR F 155 -59.02 -51.35 -29.11
C THR F 155 -60.04 -50.61 -29.95
N VAL F 156 -60.36 -51.18 -31.10
CA VAL F 156 -61.31 -50.58 -32.01
C VAL F 156 -62.66 -50.43 -31.34
N VAL F 157 -63.14 -51.47 -30.66
CA VAL F 157 -64.47 -51.30 -30.07
C VAL F 157 -64.49 -50.31 -28.90
N SER F 158 -63.44 -50.23 -28.10
CA SER F 158 -63.47 -49.27 -27.02
C SER F 158 -63.56 -47.85 -27.61
N VAL F 159 -62.94 -47.61 -28.76
CA VAL F 159 -63.07 -46.31 -29.42
C VAL F 159 -64.51 -46.03 -29.85
N LEU F 160 -65.13 -47.00 -30.50
CA LEU F 160 -66.49 -46.83 -30.94
C LEU F 160 -67.51 -46.79 -29.80
N LYS F 161 -67.28 -47.57 -28.75
CA LYS F 161 -68.23 -47.61 -27.69
C LYS F 161 -68.14 -46.41 -26.77
N LYS F 162 -66.94 -45.93 -26.49
CA LYS F 162 -66.77 -44.91 -25.45
C LYS F 162 -66.75 -43.48 -26.00
N SER F 163 -66.75 -43.31 -27.32
CA SER F 163 -66.71 -42.00 -27.96
C SER F 163 -68.09 -41.56 -28.48
N PRO F 164 -68.46 -40.28 -28.30
CA PRO F 164 -69.70 -39.85 -29.00
C PRO F 164 -69.58 -40.09 -30.49
N PRO F 165 -70.60 -40.71 -31.11
CA PRO F 165 -70.42 -41.13 -32.47
C PRO F 165 -70.09 -39.99 -33.43
N HIS F 166 -70.66 -38.81 -33.23
CA HIS F 166 -70.42 -37.69 -34.13
C HIS F 166 -68.99 -37.16 -34.04
N LEU F 167 -68.23 -37.57 -33.03
CA LEU F 167 -66.84 -37.13 -32.93
C LEU F 167 -65.84 -38.10 -33.53
N ILE F 168 -66.33 -39.24 -34.01
CA ILE F 168 -65.48 -40.21 -34.67
C ILE F 168 -65.78 -40.19 -36.13
N LYS F 169 -64.91 -39.54 -36.89
CA LYS F 169 -65.06 -39.48 -38.34
C LYS F 169 -64.77 -40.87 -38.94
N GLU F 170 -63.70 -41.51 -38.47
CA GLU F 170 -63.25 -42.76 -39.03
C GLU F 170 -62.13 -43.32 -38.16
N ILE F 171 -61.88 -44.61 -38.30
CA ILE F 171 -60.79 -45.26 -37.64
C ILE F 171 -59.98 -45.89 -38.73
N ILE F 172 -58.75 -45.44 -38.87
CA ILE F 172 -57.86 -45.92 -39.87
C ILE F 172 -56.86 -46.88 -39.26
N LEU F 173 -56.94 -48.12 -39.70
CA LEU F 173 -56.04 -49.16 -39.30
C LEU F 173 -54.96 -49.30 -40.36
N VAL F 174 -53.70 -49.10 -39.98
CA VAL F 174 -52.62 -49.32 -40.87
C VAL F 174 -51.95 -50.64 -40.52
N ASP F 175 -52.19 -51.63 -41.35
CA ASP F 175 -51.58 -52.94 -41.21
C ASP F 175 -50.17 -52.90 -41.76
N ASP F 176 -49.18 -52.86 -40.87
CA ASP F 176 -47.81 -52.71 -41.28
C ASP F 176 -47.18 -54.06 -41.58
N TYR F 177 -47.64 -54.66 -42.66
CA TYR F 177 -47.11 -55.92 -43.18
C TYR F 177 -47.20 -57.08 -42.19
N SER F 178 -48.36 -57.26 -41.59
CA SER F 178 -48.65 -58.42 -40.74
C SER F 178 -48.57 -59.72 -41.56
N ASN F 179 -48.16 -60.82 -40.95
CA ASN F 179 -48.14 -62.12 -41.62
C ASN F 179 -49.48 -62.44 -42.28
N ASP F 180 -50.58 -62.25 -41.55
CA ASP F 180 -51.91 -62.53 -42.07
C ASP F 180 -52.73 -61.26 -42.39
N PRO F 181 -52.93 -60.96 -43.67
CA PRO F 181 -53.66 -59.73 -44.03
C PRO F 181 -55.07 -59.66 -43.49
N GLU F 182 -55.64 -60.81 -43.13
CA GLU F 182 -57.02 -60.88 -42.65
C GLU F 182 -57.23 -60.26 -41.28
N ASP F 183 -56.17 -60.20 -40.45
CA ASP F 183 -56.27 -59.53 -39.14
C ASP F 183 -56.89 -58.15 -39.35
N GLY F 184 -56.38 -57.41 -40.32
CA GLY F 184 -56.92 -56.12 -40.63
C GLY F 184 -58.18 -56.16 -41.45
N ALA F 185 -58.16 -56.97 -42.52
CA ALA F 185 -59.19 -56.85 -43.52
C ALA F 185 -60.55 -57.18 -42.94
N LEU F 186 -60.61 -58.18 -42.08
CA LEU F 186 -61.88 -58.56 -41.49
C LEU F 186 -62.50 -57.43 -40.68
N LEU F 187 -61.66 -56.57 -40.07
CA LEU F 187 -62.22 -55.48 -39.25
C LEU F 187 -62.78 -54.40 -40.13
N GLY F 188 -62.45 -54.44 -41.41
CA GLY F 188 -63.00 -53.49 -42.39
C GLY F 188 -64.50 -53.53 -42.55
N LYS F 189 -65.12 -54.62 -42.16
CA LYS F 189 -66.60 -54.74 -42.14
C LYS F 189 -67.26 -53.81 -41.15
N ILE F 190 -66.51 -53.37 -40.16
CA ILE F 190 -67.12 -52.62 -39.06
C ILE F 190 -67.29 -51.18 -39.51
N GLU F 191 -68.45 -50.62 -39.15
CA GLU F 191 -68.79 -49.20 -39.34
C GLU F 191 -67.59 -48.35 -39.00
N LYS F 192 -67.28 -47.40 -39.90
CA LYS F 192 -66.27 -46.37 -39.72
C LYS F 192 -64.84 -46.83 -39.86
N VAL F 193 -64.62 -48.15 -40.01
CA VAL F 193 -63.26 -48.67 -40.09
C VAL F 193 -62.75 -48.72 -41.53
N ARG F 194 -61.57 -48.15 -41.76
CA ARG F 194 -60.86 -48.22 -43.04
C ARG F 194 -59.57 -48.92 -42.81
N VAL F 195 -59.20 -49.82 -43.69
CA VAL F 195 -57.92 -50.46 -43.57
C VAL F 195 -56.97 -50.24 -44.75
N LEU F 196 -55.73 -49.92 -44.39
CA LEU F 196 -54.67 -49.62 -45.33
C LEU F 196 -53.58 -50.64 -45.03
N ARG F 197 -53.14 -51.41 -46.03
CA ARG F 197 -52.08 -52.39 -45.84
C ARG F 197 -50.75 -51.97 -46.50
N ASN F 198 -49.68 -51.93 -45.74
CA ASN F 198 -48.36 -51.73 -46.29
C ASN F 198 -47.92 -53.03 -46.94
N ASP F 199 -47.41 -52.93 -48.17
CA ASP F 199 -47.01 -54.14 -48.91
C ASP F 199 -45.56 -54.55 -48.59
N ARG F 200 -44.87 -53.75 -47.79
CA ARG F 200 -43.67 -54.20 -47.09
C ARG F 200 -43.64 -53.57 -45.69
N ARG F 201 -42.78 -54.08 -44.82
CA ARG F 201 -42.60 -53.52 -43.48
C ARG F 201 -42.06 -52.08 -43.57
N GLU F 202 -42.77 -51.14 -42.95
CA GLU F 202 -42.44 -49.71 -42.97
C GLU F 202 -42.12 -49.15 -41.60
N GLY F 203 -42.58 -49.83 -40.54
CA GLY F 203 -42.34 -49.34 -39.20
C GLY F 203 -43.38 -48.31 -38.79
N LEU F 204 -43.37 -47.97 -37.52
CA LEU F 204 -44.49 -47.22 -36.96
C LEU F 204 -44.52 -45.75 -37.37
N MET F 205 -43.36 -45.15 -37.62
CA MET F 205 -43.31 -43.76 -38.02
C MET F 205 -43.94 -43.57 -39.39
N ARG F 206 -43.47 -44.34 -40.39
CA ARG F 206 -44.00 -44.23 -41.77
C ARG F 206 -45.41 -44.71 -41.85
N SER F 207 -45.78 -45.69 -41.01
CA SER F 207 -47.19 -46.12 -40.99
C SER F 207 -48.11 -45.03 -40.44
N ARG F 208 -47.71 -44.38 -39.35
CA ARG F 208 -48.53 -43.31 -38.83
C ARG F 208 -48.70 -42.20 -39.85
N VAL F 209 -47.64 -41.88 -40.58
CA VAL F 209 -47.71 -40.80 -41.53
C VAL F 209 -48.68 -41.18 -42.62
N ARG F 210 -48.60 -42.43 -43.06
CA ARG F 210 -49.53 -42.87 -44.10
C ARG F 210 -50.98 -42.74 -43.61
N GLY F 211 -51.24 -43.10 -42.36
CA GLY F 211 -52.61 -42.97 -41.83
C GLY F 211 -53.04 -41.51 -41.74
N ALA F 212 -52.12 -40.68 -41.27
CA ALA F 212 -52.38 -39.24 -41.17
C ALA F 212 -52.67 -38.63 -42.52
N ASP F 213 -51.92 -39.05 -43.54
CA ASP F 213 -52.11 -38.55 -44.92
C ASP F 213 -53.50 -38.92 -45.46
N ALA F 214 -54.02 -40.07 -45.06
CA ALA F 214 -55.34 -40.55 -45.52
C ALA F 214 -56.50 -39.93 -44.74
N ALA F 215 -56.21 -39.31 -43.61
CA ALA F 215 -57.27 -38.85 -42.70
C ALA F 215 -58.10 -37.72 -43.26
N GLN F 216 -59.41 -37.79 -43.05
CA GLN F 216 -60.36 -36.77 -43.53
C GLN F 216 -60.78 -35.73 -42.48
N ALA F 217 -60.57 -35.99 -41.18
CA ALA F 217 -61.01 -35.06 -40.15
C ALA F 217 -59.94 -34.00 -39.90
N LYS F 218 -60.30 -32.99 -39.11
CA LYS F 218 -59.41 -31.89 -38.78
C LYS F 218 -58.44 -32.24 -37.68
N VAL F 219 -58.77 -33.26 -36.88
CA VAL F 219 -57.94 -33.64 -35.72
C VAL F 219 -57.53 -35.11 -35.81
N LEU F 220 -56.25 -35.38 -35.55
CA LEU F 220 -55.73 -36.73 -35.53
C LEU F 220 -55.69 -37.27 -34.11
N THR F 221 -56.04 -38.54 -33.95
CA THR F 221 -55.81 -39.25 -32.71
C THR F 221 -54.98 -40.52 -33.01
N PHE F 222 -53.87 -40.71 -32.29
CA PHE F 222 -53.10 -41.93 -32.40
C PHE F 222 -53.27 -42.82 -31.17
N LEU F 223 -53.45 -44.13 -31.39
CA LEU F 223 -53.46 -45.17 -30.33
C LEU F 223 -52.64 -46.39 -30.75
N ASP F 224 -51.91 -47.02 -29.80
CA ASP F 224 -51.33 -48.33 -30.01
C ASP F 224 -52.47 -49.35 -30.22
N SER F 225 -52.15 -50.50 -30.81
CA SER F 225 -53.14 -51.51 -31.14
C SER F 225 -53.53 -52.47 -30.00
N HIS F 226 -53.29 -52.08 -28.74
CA HIS F 226 -53.65 -52.89 -27.58
C HIS F 226 -53.98 -51.93 -26.43
N CYS F 227 -55.00 -51.12 -26.67
CA CYS F 227 -55.49 -50.13 -25.71
C CYS F 227 -56.94 -50.33 -25.42
N GLU F 228 -57.41 -49.74 -24.33
CA GLU F 228 -58.83 -49.74 -24.01
C GLU F 228 -59.21 -48.37 -23.46
N CYS F 229 -59.97 -47.59 -24.26
CA CYS F 229 -60.44 -46.26 -23.87
C CYS F 229 -61.44 -46.32 -22.72
N ASN F 230 -61.36 -45.37 -21.79
CA ASN F 230 -62.30 -45.33 -20.68
C ASN F 230 -63.39 -44.28 -20.91
N GLU F 231 -64.27 -44.13 -19.92
CA GLU F 231 -65.42 -43.22 -20.00
C GLU F 231 -65.04 -41.79 -20.32
N HIS F 232 -65.71 -41.20 -21.31
CA HIS F 232 -65.46 -39.82 -21.70
C HIS F 232 -63.95 -39.48 -21.83
N TRP F 233 -63.23 -40.36 -22.49
CA TRP F 233 -61.80 -40.19 -22.74
C TRP F 233 -61.52 -39.12 -23.78
N LEU F 234 -62.41 -39.01 -24.77
CA LEU F 234 -62.09 -38.18 -25.95
C LEU F 234 -62.38 -36.68 -25.80
N GLU F 235 -63.50 -36.32 -25.17
CA GLU F 235 -63.91 -34.91 -25.12
C GLU F 235 -62.91 -34.03 -24.44
N PRO F 236 -62.39 -34.46 -23.30
CA PRO F 236 -61.37 -33.62 -22.68
C PRO F 236 -60.14 -33.33 -23.56
N LEU F 237 -59.78 -34.24 -24.46
CA LEU F 237 -58.58 -34.05 -25.28
C LEU F 237 -58.93 -33.09 -26.41
N LEU F 238 -60.05 -33.35 -27.06
CA LEU F 238 -60.47 -32.50 -28.16
C LEU F 238 -60.70 -31.04 -27.72
N GLU F 239 -61.24 -30.85 -26.51
CA GLU F 239 -61.47 -29.53 -25.95
C GLU F 239 -60.17 -28.70 -25.92
N ARG F 240 -59.09 -29.33 -25.48
CA ARG F 240 -57.84 -28.63 -25.41
C ARG F 240 -57.38 -28.18 -26.79
N VAL F 241 -57.50 -29.04 -27.80
CA VAL F 241 -56.96 -28.63 -29.07
C VAL F 241 -57.93 -27.74 -29.82
N ALA F 242 -59.24 -27.82 -29.55
CA ALA F 242 -60.18 -26.91 -30.21
C ALA F 242 -59.95 -25.48 -29.71
N GLU F 243 -59.61 -25.31 -28.44
CA GLU F 243 -59.22 -24.01 -27.92
C GLU F 243 -57.88 -23.47 -28.48
N ASP F 244 -56.89 -24.34 -28.67
CA ASP F 244 -55.58 -23.89 -29.16
C ASP F 244 -54.88 -25.03 -29.91
N ARG F 245 -54.81 -24.90 -31.22
CA ARG F 245 -54.38 -25.98 -32.08
C ARG F 245 -52.89 -26.31 -31.98
N THR F 246 -52.13 -25.57 -31.15
CA THR F 246 -50.73 -25.82 -30.98
C THR F 246 -50.48 -26.70 -29.76
N ARG F 247 -51.54 -27.08 -29.07
CA ARG F 247 -51.43 -28.07 -27.98
C ARG F 247 -51.53 -29.49 -28.55
N VAL F 248 -50.58 -30.31 -28.17
CA VAL F 248 -50.56 -31.73 -28.45
C VAL F 248 -50.77 -32.46 -27.11
N VAL F 249 -51.84 -33.25 -27.03
CA VAL F 249 -52.32 -33.70 -25.72
C VAL F 249 -52.49 -35.21 -25.64
N SER F 250 -52.34 -35.71 -24.42
CA SER F 250 -52.31 -37.12 -24.10
C SER F 250 -53.20 -37.44 -22.93
N PRO F 251 -53.79 -38.64 -22.92
CA PRO F 251 -54.47 -39.10 -21.72
C PRO F 251 -53.48 -39.56 -20.68
N ILE F 252 -53.94 -39.71 -19.45
CA ILE F 252 -53.28 -40.60 -18.51
C ILE F 252 -53.41 -42.05 -19.02
N ILE F 253 -52.28 -42.73 -19.08
CA ILE F 253 -52.26 -44.06 -19.63
C ILE F 253 -52.36 -45.10 -18.53
N ASP F 254 -53.53 -45.72 -18.40
CA ASP F 254 -53.72 -46.77 -17.36
C ASP F 254 -53.00 -48.04 -17.79
N VAL F 255 -52.81 -48.96 -16.85
CA VAL F 255 -52.05 -50.18 -17.08
C VAL F 255 -52.95 -51.38 -17.25
N ILE F 256 -52.80 -52.07 -18.37
CA ILE F 256 -53.48 -53.34 -18.58
C ILE F 256 -52.42 -54.41 -18.36
N ASN F 257 -52.58 -55.23 -17.33
CA ASN F 257 -51.55 -56.14 -16.91
C ASN F 257 -51.30 -57.22 -17.96
N MET F 258 -50.04 -57.43 -18.34
CA MET F 258 -49.69 -58.33 -19.45
C MET F 258 -49.90 -59.81 -19.16
N ASP F 259 -50.03 -60.15 -17.88
CA ASP F 259 -50.23 -61.52 -17.47
C ASP F 259 -51.70 -61.87 -17.27
N ASN F 260 -52.46 -61.01 -16.59
CA ASN F 260 -53.84 -61.33 -16.25
C ASN F 260 -54.86 -60.40 -16.89
N PHE F 261 -54.39 -59.38 -17.58
CA PHE F 261 -55.28 -58.45 -18.30
C PHE F 261 -56.24 -57.65 -17.43
N GLN F 262 -55.97 -57.56 -16.13
CA GLN F 262 -56.65 -56.59 -15.31
C GLN F 262 -56.27 -55.13 -15.64
N TYR F 263 -57.28 -54.29 -15.62
CA TYR F 263 -57.18 -52.88 -15.98
C TYR F 263 -56.90 -52.15 -14.67
N VAL F 264 -55.76 -51.46 -14.59
CA VAL F 264 -55.31 -50.82 -13.33
C VAL F 264 -55.08 -49.32 -13.47
N GLY F 265 -55.72 -48.54 -12.62
CA GLY F 265 -55.62 -47.08 -12.71
C GLY F 265 -54.21 -46.61 -12.39
N ALA F 266 -53.63 -45.78 -13.27
CA ALA F 266 -52.30 -45.23 -13.06
C ALA F 266 -52.35 -44.01 -12.15
N SER F 267 -51.17 -43.58 -11.69
CA SER F 267 -51.04 -42.32 -10.94
C SER F 267 -51.24 -41.13 -11.86
N ALA F 268 -51.93 -40.10 -11.35
CA ALA F 268 -52.09 -38.83 -12.05
C ALA F 268 -51.01 -37.83 -11.67
N ASP F 269 -50.05 -38.24 -10.85
CA ASP F 269 -49.02 -37.30 -10.38
C ASP F 269 -47.73 -37.36 -11.18
N LEU F 270 -47.80 -37.90 -12.40
CA LEU F 270 -46.64 -38.15 -13.21
C LEU F 270 -46.54 -37.24 -14.41
N LYS F 271 -45.32 -37.02 -14.87
CA LYS F 271 -45.00 -36.30 -16.09
C LYS F 271 -44.09 -37.21 -16.90
N GLY F 272 -43.97 -36.96 -18.21
CA GLY F 272 -42.99 -37.68 -19.04
C GLY F 272 -41.63 -37.02 -18.97
N GLY F 273 -40.58 -37.81 -19.10
CA GLY F 273 -39.23 -37.29 -18.97
C GLY F 273 -38.22 -38.26 -19.55
N PHE F 274 -36.94 -37.98 -19.30
CA PHE F 274 -35.84 -38.79 -19.79
C PHE F 274 -34.55 -38.38 -19.06
N ASP F 275 -33.61 -39.33 -19.00
CA ASP F 275 -32.24 -39.08 -18.60
C ASP F 275 -31.40 -38.90 -19.86
N TRP F 276 -30.10 -38.67 -19.68
CA TRP F 276 -29.23 -38.35 -20.79
C TRP F 276 -29.02 -39.50 -21.75
N ASN F 277 -29.39 -40.70 -21.36
CA ASN F 277 -29.50 -41.80 -22.35
C ASN F 277 -30.69 -41.71 -23.33
N LEU F 278 -31.54 -40.68 -23.16
CA LEU F 278 -32.68 -40.41 -24.05
C LEU F 278 -33.68 -41.57 -24.11
N VAL F 279 -33.82 -42.28 -23.00
CA VAL F 279 -34.85 -43.29 -22.87
C VAL F 279 -36.00 -42.70 -22.07
N PHE F 280 -37.23 -42.84 -22.57
CA PHE F 280 -38.38 -42.28 -21.90
C PHE F 280 -38.53 -42.84 -20.50
N LYS F 281 -38.91 -41.99 -19.55
CA LYS F 281 -39.25 -42.46 -18.22
C LYS F 281 -40.33 -41.56 -17.62
N TRP F 282 -41.03 -42.08 -16.63
CA TRP F 282 -41.98 -41.27 -15.85
C TRP F 282 -41.30 -40.58 -14.67
N ASP F 283 -41.61 -39.31 -14.45
CA ASP F 283 -41.11 -38.50 -13.31
C ASP F 283 -42.33 -38.15 -12.48
N TYR F 284 -42.20 -38.12 -11.14
CA TYR F 284 -43.24 -37.55 -10.29
C TYR F 284 -43.13 -36.03 -10.41
N MET F 285 -44.24 -35.32 -10.32
CA MET F 285 -44.22 -33.87 -10.21
C MET F 285 -43.47 -33.53 -8.95
N THR F 286 -42.88 -32.33 -8.89
CA THR F 286 -42.23 -31.86 -7.65
C THR F 286 -43.28 -31.56 -6.56
N PRO F 287 -42.87 -31.60 -5.28
CA PRO F 287 -43.80 -31.16 -4.23
C PRO F 287 -44.41 -29.78 -4.50
N GLU F 288 -43.64 -28.86 -5.11
CA GLU F 288 -44.15 -27.52 -5.38
C GLU F 288 -45.21 -27.54 -6.51
N GLN F 289 -44.95 -28.28 -7.57
CA GLN F 289 -45.92 -28.40 -8.68
C GLN F 289 -47.24 -28.96 -8.16
N ARG F 290 -47.17 -30.00 -7.33
CA ARG F 290 -48.34 -30.61 -6.72
C ARG F 290 -49.12 -29.63 -5.88
N ARG F 291 -48.42 -28.90 -5.04
CA ARG F 291 -49.08 -27.93 -4.18
C ARG F 291 -49.81 -26.85 -4.99
N SER F 292 -49.20 -26.36 -6.08
CA SER F 292 -49.83 -25.31 -6.88
C SER F 292 -51.09 -25.78 -7.64
N ARG F 293 -51.32 -27.10 -7.68
CA ARG F 293 -52.48 -27.68 -8.36
C ARG F 293 -53.60 -28.04 -7.40
N GLN F 294 -53.34 -27.98 -6.09
CA GLN F 294 -54.32 -28.32 -5.04
C GLN F 294 -55.69 -27.64 -5.32
N GLY F 295 -55.66 -26.42 -5.87
CA GLY F 295 -56.87 -25.72 -6.30
C GLY F 295 -57.66 -26.38 -7.42
N ASN F 296 -56.98 -26.98 -8.38
CA ASN F 296 -57.63 -27.75 -9.47
C ASN F 296 -56.80 -28.98 -9.79
N PRO F 297 -57.07 -30.09 -9.10
CA PRO F 297 -56.25 -31.26 -9.29
C PRO F 297 -56.39 -32.00 -10.64
N VAL F 298 -57.38 -31.69 -11.46
CA VAL F 298 -57.48 -32.30 -12.80
C VAL F 298 -57.14 -31.34 -13.90
N ALA F 299 -56.40 -30.30 -13.58
CA ALA F 299 -55.98 -29.36 -14.60
C ALA F 299 -54.97 -30.06 -15.48
N PRO F 300 -54.86 -29.60 -16.72
CA PRO F 300 -53.80 -30.11 -17.61
C PRO F 300 -52.41 -30.08 -17.01
N ILE F 301 -51.58 -31.05 -17.37
CA ILE F 301 -50.23 -31.11 -16.89
C ILE F 301 -49.28 -30.90 -18.06
N LYS F 302 -48.43 -29.88 -17.96
CA LYS F 302 -47.41 -29.67 -18.97
C LYS F 302 -46.38 -30.78 -18.81
N THR F 303 -45.98 -31.40 -19.91
CA THR F 303 -45.01 -32.47 -19.84
C THR F 303 -43.91 -32.20 -20.88
N PRO F 304 -42.65 -32.41 -20.48
CA PRO F 304 -41.51 -32.24 -21.39
C PRO F 304 -41.51 -33.20 -22.56
N MET F 305 -42.13 -34.34 -22.35
CA MET F 305 -42.14 -35.42 -23.32
C MET F 305 -43.39 -36.24 -23.17
N ILE F 306 -43.93 -36.70 -24.29
CA ILE F 306 -45.07 -37.62 -24.25
C ILE F 306 -44.56 -39.04 -24.35
N ALA F 307 -45.35 -39.99 -23.88
CA ALA F 307 -44.97 -41.39 -23.99
C ALA F 307 -44.87 -41.80 -25.46
N GLY F 308 -45.77 -41.29 -26.29
CA GLY F 308 -45.59 -41.39 -27.74
C GLY F 308 -46.70 -42.04 -28.53
N GLY F 309 -47.37 -43.01 -27.94
CA GLY F 309 -48.34 -43.80 -28.69
C GLY F 309 -49.79 -43.35 -28.57
N LEU F 310 -50.10 -42.53 -27.55
CA LEU F 310 -51.45 -42.09 -27.34
C LEU F 310 -51.48 -40.60 -27.29
N PHE F 311 -51.92 -39.93 -28.35
CA PHE F 311 -52.05 -38.49 -28.35
C PHE F 311 -53.00 -37.96 -29.41
N VAL F 312 -53.42 -36.71 -29.20
CA VAL F 312 -54.29 -36.01 -30.08
C VAL F 312 -53.62 -34.75 -30.54
N MET F 313 -53.74 -34.47 -31.84
CA MET F 313 -53.05 -33.34 -32.46
C MET F 313 -53.85 -32.82 -33.64
N ASP F 314 -53.92 -31.51 -33.75
CA ASP F 314 -54.52 -30.85 -34.89
C ASP F 314 -53.85 -31.32 -36.17
N LYS F 315 -54.63 -31.76 -37.13
CA LYS F 315 -54.02 -32.36 -38.33
C LYS F 315 -53.17 -31.38 -39.16
N PHE F 316 -53.63 -30.15 -39.31
CA PHE F 316 -52.85 -29.15 -40.05
C PHE F 316 -51.56 -28.84 -39.30
N TYR F 317 -51.63 -28.76 -37.97
CA TYR F 317 -50.45 -28.53 -37.15
C TYR F 317 -49.43 -29.66 -37.31
N PHE F 318 -49.90 -30.88 -37.32
CA PHE F 318 -49.03 -32.05 -37.53
C PHE F 318 -48.33 -31.94 -38.88
N GLU F 319 -49.05 -31.49 -39.91
CA GLU F 319 -48.45 -31.33 -41.25
C GLU F 319 -47.47 -30.18 -41.31
N GLU F 320 -47.86 -29.02 -40.77
CA GLU F 320 -46.98 -27.87 -40.77
C GLU F 320 -45.67 -28.10 -40.01
N LEU F 321 -45.70 -28.78 -38.86
CA LEU F 321 -44.50 -29.06 -38.15
C LEU F 321 -43.64 -30.17 -38.73
N GLY F 322 -44.05 -30.79 -39.81
CA GLY F 322 -43.22 -31.82 -40.49
C GLY F 322 -43.50 -33.27 -40.12
N LYS F 323 -44.74 -33.55 -39.73
CA LYS F 323 -45.20 -34.91 -39.58
C LYS F 323 -44.26 -35.70 -38.61
N TYR F 324 -43.64 -36.76 -39.10
CA TYR F 324 -42.54 -37.45 -38.41
C TYR F 324 -41.40 -37.54 -39.38
N ASP F 325 -40.22 -37.79 -38.84
CA ASP F 325 -39.01 -38.06 -39.59
C ASP F 325 -39.16 -39.39 -40.31
N MET F 326 -39.38 -39.32 -41.61
CA MET F 326 -39.68 -40.51 -42.44
C MET F 326 -38.53 -41.52 -42.57
N MET F 327 -37.32 -41.14 -42.15
CA MET F 327 -36.23 -42.09 -42.17
C MET F 327 -36.04 -42.85 -40.85
N MET F 328 -36.86 -42.59 -39.84
CA MET F 328 -36.82 -43.44 -38.64
C MET F 328 -37.44 -44.81 -38.96
N ASP F 329 -36.87 -45.88 -38.41
CA ASP F 329 -37.31 -47.25 -38.70
C ASP F 329 -37.84 -47.98 -37.47
N VAL F 330 -38.85 -48.80 -37.74
CA VAL F 330 -39.49 -49.71 -36.80
C VAL F 330 -40.13 -49.09 -35.55
N TRP F 331 -39.30 -48.70 -34.58
CA TRP F 331 -39.77 -48.35 -33.23
C TRP F 331 -38.65 -47.57 -32.56
N GLY F 332 -39.01 -46.59 -31.75
CA GLY F 332 -38.06 -45.92 -30.84
C GLY F 332 -37.64 -44.59 -31.42
N GLY F 333 -37.52 -43.57 -30.55
CA GLY F 333 -36.96 -42.25 -30.93
C GLY F 333 -37.94 -41.20 -31.44
N GLU F 334 -39.06 -41.60 -32.01
CA GLU F 334 -39.94 -40.62 -32.65
C GLU F 334 -40.71 -39.81 -31.63
N ASN F 335 -41.04 -40.45 -30.50
CA ASN F 335 -41.61 -39.73 -29.33
C ASN F 335 -40.72 -38.58 -28.82
N LEU F 336 -39.43 -38.85 -28.77
CA LEU F 336 -38.43 -37.89 -28.36
C LEU F 336 -38.39 -36.75 -29.39
N GLU F 337 -38.30 -37.11 -30.66
CA GLU F 337 -38.16 -36.15 -31.72
C GLU F 337 -39.37 -35.19 -31.79
N ILE F 338 -40.59 -35.74 -31.72
CA ILE F 338 -41.78 -34.89 -31.84
C ILE F 338 -41.93 -34.04 -30.58
N SER F 339 -41.55 -34.57 -29.42
CA SER F 339 -41.62 -33.77 -28.21
C SER F 339 -40.69 -32.50 -28.29
N PHE F 340 -39.45 -32.70 -28.71
CA PHE F 340 -38.50 -31.60 -28.86
C PHE F 340 -39.01 -30.62 -29.92
N ARG F 341 -39.41 -31.15 -31.06
CA ARG F 341 -39.88 -30.31 -32.15
C ARG F 341 -41.09 -29.44 -31.77
N VAL F 342 -42.10 -30.04 -31.13
CA VAL F 342 -43.24 -29.25 -30.72
C VAL F 342 -42.84 -28.11 -29.75
N TRP F 343 -42.11 -28.45 -28.73
CA TRP F 343 -41.80 -27.43 -27.74
C TRP F 343 -40.90 -26.35 -28.35
N GLN F 344 -39.85 -26.78 -29.05
CA GLN F 344 -38.87 -25.83 -29.58
C GLN F 344 -39.47 -24.95 -30.65
N CYS F 345 -40.50 -25.44 -31.34
CA CYS F 345 -41.05 -24.66 -32.42
C CYS F 345 -42.34 -23.95 -32.08
N GLY F 346 -42.65 -23.76 -30.80
CA GLY F 346 -43.81 -22.90 -30.43
C GLY F 346 -45.09 -23.54 -29.91
N GLY F 347 -45.22 -24.87 -29.95
CA GLY F 347 -46.42 -25.53 -29.36
C GLY F 347 -46.20 -25.97 -27.93
N SER F 348 -47.09 -26.81 -27.42
CA SER F 348 -46.91 -27.40 -26.11
C SER F 348 -47.44 -28.84 -26.05
N LEU F 349 -47.05 -29.53 -24.99
CA LEU F 349 -47.38 -30.94 -24.76
C LEU F 349 -48.10 -31.00 -23.44
N GLU F 350 -49.25 -31.66 -23.39
CA GLU F 350 -49.99 -31.81 -22.12
C GLU F 350 -50.45 -33.26 -21.85
N ILE F 351 -50.63 -33.57 -20.57
CA ILE F 351 -51.30 -34.77 -20.11
C ILE F 351 -52.59 -34.28 -19.46
N ILE F 352 -53.71 -34.92 -19.81
CA ILE F 352 -55.04 -34.50 -19.41
C ILE F 352 -55.66 -35.54 -18.47
N PRO F 353 -55.68 -35.24 -17.16
CA PRO F 353 -56.09 -36.24 -16.19
C PRO F 353 -57.48 -36.81 -16.35
N CYS F 354 -58.40 -36.03 -16.90
CA CYS F 354 -59.74 -36.55 -17.11
C CYS F 354 -59.87 -37.55 -18.25
N SER F 355 -58.83 -37.66 -19.08
CA SER F 355 -58.81 -38.66 -20.16
C SER F 355 -57.97 -39.85 -19.75
N ARG F 356 -58.58 -41.04 -19.81
CA ARG F 356 -57.95 -42.26 -19.33
C ARG F 356 -58.04 -43.32 -20.38
N VAL F 357 -56.90 -43.91 -20.72
CA VAL F 357 -56.86 -44.98 -21.69
C VAL F 357 -55.88 -46.04 -21.25
N GLY F 358 -56.35 -47.28 -21.20
CA GLY F 358 -55.49 -48.35 -20.75
C GLY F 358 -54.59 -48.81 -21.88
N HIS F 359 -53.43 -49.33 -21.50
CA HIS F 359 -52.47 -49.84 -22.44
C HIS F 359 -51.79 -51.10 -21.89
N VAL F 360 -51.63 -52.12 -22.75
CA VAL F 360 -50.88 -53.31 -22.38
C VAL F 360 -49.36 -53.04 -22.42
N PHE F 361 -48.80 -52.73 -21.28
CA PHE F 361 -47.35 -52.56 -21.18
C PHE F 361 -46.69 -53.93 -21.18
N ARG F 362 -45.66 -54.10 -21.99
CA ARG F 362 -44.93 -55.36 -21.96
C ARG F 362 -43.43 -55.12 -21.78
N LYS F 363 -42.72 -56.19 -21.54
CA LYS F 363 -41.29 -56.09 -21.22
C LYS F 363 -40.41 -56.35 -22.44
N GLN F 364 -40.92 -57.05 -23.44
CA GLN F 364 -40.17 -57.36 -24.65
C GLN F 364 -41.01 -57.07 -25.91
N HIS F 365 -40.31 -56.76 -26.99
CA HIS F 365 -40.93 -56.59 -28.28
C HIS F 365 -41.20 -57.96 -28.83
N PRO F 366 -42.38 -58.20 -29.40
CA PRO F 366 -42.65 -59.48 -30.01
C PRO F 366 -42.25 -59.59 -31.49
N TYR F 367 -41.83 -58.48 -32.10
CA TYR F 367 -41.53 -58.43 -33.51
C TYR F 367 -40.03 -58.17 -33.74
N THR F 368 -39.66 -58.38 -34.99
CA THR F 368 -38.35 -58.23 -35.53
C THR F 368 -37.93 -56.76 -35.73
N PHE F 369 -36.65 -56.50 -35.51
CA PHE F 369 -36.02 -55.23 -35.90
C PHE F 369 -34.92 -55.51 -36.93
N PRO F 370 -35.22 -55.32 -38.23
CA PRO F 370 -34.16 -55.45 -39.24
C PRO F 370 -32.89 -54.63 -38.91
N GLY F 371 -31.79 -55.33 -38.67
CA GLY F 371 -30.52 -54.69 -38.29
C GLY F 371 -30.22 -54.81 -36.81
N GLY F 372 -31.20 -55.31 -36.04
CA GLY F 372 -31.06 -55.41 -34.60
C GLY F 372 -31.68 -54.23 -33.88
N SER F 373 -32.36 -54.53 -32.77
CA SER F 373 -33.10 -53.52 -32.05
C SER F 373 -32.23 -52.44 -31.40
N GLY F 374 -31.07 -52.83 -30.87
CA GLY F 374 -30.14 -51.90 -30.28
C GLY F 374 -29.67 -50.89 -31.31
N THR F 375 -29.37 -51.36 -32.52
CA THR F 375 -28.81 -50.44 -33.50
C THR F 375 -29.92 -49.53 -34.09
N VAL F 376 -31.11 -50.07 -34.33
CA VAL F 376 -32.22 -49.26 -34.82
C VAL F 376 -32.58 -48.15 -33.83
N PHE F 377 -32.64 -48.49 -32.55
CA PHE F 377 -33.03 -47.54 -31.55
C PHE F 377 -32.02 -46.41 -31.50
N ALA F 378 -30.76 -46.79 -31.56
CA ALA F 378 -29.67 -45.84 -31.54
C ALA F 378 -29.73 -44.97 -32.79
N ARG F 379 -29.96 -45.58 -33.94
CA ARG F 379 -30.00 -44.80 -35.18
C ARG F 379 -31.12 -43.74 -35.12
N ASN F 380 -32.34 -44.16 -34.77
CA ASN F 380 -33.44 -43.23 -34.60
C ASN F 380 -33.13 -42.13 -33.61
N THR F 381 -32.53 -42.49 -32.48
CA THR F 381 -32.26 -41.53 -31.42
C THR F 381 -31.19 -40.50 -31.87
N ARG F 382 -30.20 -40.98 -32.62
CA ARG F 382 -29.17 -40.08 -33.15
C ARG F 382 -29.81 -39.09 -34.08
N ARG F 383 -30.74 -39.56 -34.91
CA ARG F 383 -31.38 -38.65 -35.86
C ARG F 383 -32.08 -37.52 -35.12
N ALA F 384 -32.71 -37.82 -33.99
CA ALA F 384 -33.34 -36.78 -33.19
C ALA F 384 -32.29 -35.88 -32.54
N ALA F 385 -31.28 -36.49 -31.93
CA ALA F 385 -30.28 -35.71 -31.18
C ALA F 385 -29.50 -34.77 -32.08
N GLU F 386 -29.08 -35.26 -33.25
CA GLU F 386 -28.32 -34.45 -34.19
C GLU F 386 -29.12 -33.30 -34.79
N VAL F 387 -30.43 -33.38 -34.80
CA VAL F 387 -31.22 -32.30 -35.37
C VAL F 387 -31.58 -31.24 -34.32
N TRP F 388 -31.90 -31.67 -33.11
CA TRP F 388 -32.61 -30.80 -32.16
C TRP F 388 -31.82 -30.37 -30.94
N MET F 389 -30.82 -31.16 -30.55
CA MET F 389 -30.18 -31.01 -29.26
C MET F 389 -28.95 -30.09 -29.26
N ASP F 390 -28.53 -29.58 -30.43
CA ASP F 390 -27.35 -28.69 -30.52
C ASP F 390 -26.16 -29.39 -29.83
N GLU F 391 -25.39 -28.67 -29.01
CA GLU F 391 -24.18 -29.24 -28.37
C GLU F 391 -24.51 -30.23 -27.24
N TYR F 392 -25.75 -30.18 -26.74
CA TYR F 392 -26.16 -31.08 -25.65
C TYR F 392 -26.22 -32.54 -26.09
N LYS F 393 -26.18 -32.78 -27.39
CA LYS F 393 -26.09 -34.13 -27.88
C LYS F 393 -24.88 -34.86 -27.29
N ASN F 394 -23.84 -34.10 -26.94
CA ASN F 394 -22.63 -34.74 -26.38
C ASN F 394 -22.85 -35.37 -25.02
N PHE F 395 -23.84 -34.90 -24.26
CA PHE F 395 -24.22 -35.58 -23.03
C PHE F 395 -24.85 -36.94 -23.29
N TYR F 396 -25.55 -37.08 -24.41
CA TYR F 396 -26.09 -38.39 -24.81
C TYR F 396 -24.97 -39.33 -25.22
N TYR F 397 -24.09 -38.86 -26.06
CA TYR F 397 -22.95 -39.69 -26.45
C TYR F 397 -22.08 -40.05 -25.24
N ALA F 398 -22.00 -39.16 -24.26
CA ALA F 398 -21.29 -39.50 -23.03
C ALA F 398 -21.98 -40.64 -22.29
N ALA F 399 -23.32 -40.64 -22.28
CA ALA F 399 -24.07 -41.68 -21.57
C ALA F 399 -24.08 -42.99 -22.34
N VAL F 400 -24.05 -42.89 -23.68
CA VAL F 400 -24.13 -44.06 -24.55
C VAL F 400 -23.03 -43.94 -25.60
N PRO F 401 -21.76 -44.14 -25.20
CA PRO F 401 -20.67 -43.95 -26.17
C PRO F 401 -20.75 -44.88 -27.38
N SER F 402 -21.31 -46.08 -27.23
CA SER F 402 -21.47 -46.96 -28.41
C SER F 402 -22.36 -46.38 -29.53
N ALA F 403 -23.19 -45.39 -29.22
CA ALA F 403 -24.02 -44.76 -30.25
C ALA F 403 -23.22 -43.95 -31.27
N ARG F 404 -22.02 -43.47 -30.91
CA ARG F 404 -21.22 -42.69 -31.85
C ARG F 404 -20.84 -43.49 -33.09
N ASN F 405 -20.86 -44.82 -33.01
CA ASN F 405 -20.46 -45.67 -34.13
C ASN F 405 -21.60 -46.07 -35.03
N VAL F 406 -22.82 -45.64 -34.72
CA VAL F 406 -23.99 -46.09 -35.47
C VAL F 406 -24.34 -45.10 -36.58
N PRO F 407 -24.29 -45.55 -37.82
CA PRO F 407 -24.59 -44.59 -38.88
C PRO F 407 -26.06 -44.26 -38.86
N TYR F 408 -26.39 -43.00 -39.15
CA TYR F 408 -27.75 -42.53 -39.04
C TYR F 408 -28.36 -41.94 -40.29
N GLY F 409 -27.63 -41.95 -41.40
CA GLY F 409 -28.19 -41.47 -42.69
C GLY F 409 -28.21 -39.95 -42.83
N ASN F 410 -29.02 -39.47 -43.75
CA ASN F 410 -29.06 -38.06 -44.14
C ASN F 410 -30.16 -37.33 -43.37
N ILE F 411 -29.82 -36.21 -42.72
CA ILE F 411 -30.77 -35.41 -41.91
C ILE F 411 -30.99 -33.99 -42.45
N GLN F 412 -30.55 -33.75 -43.68
CA GLN F 412 -30.64 -32.43 -44.24
C GLN F 412 -32.05 -31.88 -44.25
N SER F 413 -33.04 -32.67 -44.69
CA SER F 413 -34.40 -32.13 -44.78
C SER F 413 -34.97 -31.80 -43.37
N ARG F 414 -34.53 -32.53 -42.36
CA ARG F 414 -34.95 -32.23 -40.99
C ARG F 414 -34.27 -30.94 -40.51
N LEU F 415 -33.00 -30.79 -40.82
CA LEU F 415 -32.31 -29.51 -40.51
C LEU F 415 -32.99 -28.33 -41.21
N GLU F 416 -33.32 -28.49 -42.48
CA GLU F 416 -34.03 -27.43 -43.22
C GLU F 416 -35.41 -27.13 -42.62
N LEU F 417 -36.11 -28.16 -42.16
CA LEU F 417 -37.38 -27.95 -41.48
C LEU F 417 -37.20 -27.06 -40.24
N ARG F 418 -36.18 -27.37 -39.45
CA ARG F 418 -35.93 -26.61 -38.22
C ARG F 418 -35.61 -25.13 -38.51
N LYS F 419 -34.82 -24.92 -39.56
CA LYS F 419 -34.51 -23.57 -40.06
C LYS F 419 -35.77 -22.82 -40.43
N LYS F 420 -36.56 -23.44 -41.31
CA LYS F 420 -37.78 -22.86 -41.83
C LYS F 420 -38.78 -22.44 -40.72
N LEU F 421 -38.89 -23.23 -39.68
CA LEU F 421 -39.81 -22.95 -38.57
C LEU F 421 -39.28 -21.90 -37.58
N SER F 422 -38.04 -21.48 -37.68
CA SER F 422 -37.46 -20.60 -36.64
C SER F 422 -37.70 -21.18 -35.23
N CYS F 423 -37.05 -22.28 -34.93
CA CYS F 423 -37.27 -22.96 -33.65
C CYS F 423 -36.25 -22.45 -32.67
N LYS F 424 -36.60 -22.47 -31.40
CA LYS F 424 -35.70 -22.07 -30.34
C LYS F 424 -34.61 -23.13 -30.14
N PRO F 425 -33.47 -22.72 -29.54
CA PRO F 425 -32.39 -23.68 -29.29
C PRO F 425 -32.68 -24.61 -28.13
N PHE F 426 -31.96 -25.73 -28.10
CA PHE F 426 -32.21 -26.73 -27.09
C PHE F 426 -32.02 -26.16 -25.67
N LYS F 427 -31.10 -25.22 -25.53
CA LYS F 427 -30.86 -24.56 -24.25
C LYS F 427 -32.15 -23.91 -23.74
N TRP F 428 -32.92 -23.30 -24.63
CA TRP F 428 -34.21 -22.74 -24.25
C TRP F 428 -35.17 -23.84 -23.75
N TYR F 429 -35.16 -25.00 -24.41
CA TYR F 429 -35.97 -26.16 -23.95
C TYR F 429 -35.58 -26.60 -22.54
N LEU F 430 -34.29 -26.74 -22.32
CA LEU F 430 -33.80 -27.14 -20.98
C LEU F 430 -34.19 -26.13 -19.90
N GLU F 431 -34.08 -24.84 -20.20
CA GLU F 431 -34.37 -23.79 -19.21
C GLU F 431 -35.86 -23.57 -18.97
N ASN F 432 -36.66 -23.65 -20.01
CA ASN F 432 -38.07 -23.32 -19.92
C ASN F 432 -39.04 -24.49 -19.86
N VAL F 433 -38.66 -25.64 -20.42
CA VAL F 433 -39.55 -26.79 -20.50
C VAL F 433 -39.15 -27.89 -19.53
N TYR F 434 -37.87 -28.24 -19.49
CA TYR F 434 -37.44 -29.35 -18.63
C TYR F 434 -36.29 -28.92 -17.71
N PRO F 435 -36.53 -27.92 -16.85
CA PRO F 435 -35.47 -27.40 -15.99
C PRO F 435 -35.01 -28.40 -14.94
N GLU F 436 -35.85 -29.37 -14.63
CA GLU F 436 -35.48 -30.34 -13.59
C GLU F 436 -34.51 -31.40 -14.08
N LEU F 437 -34.26 -31.46 -15.39
CA LEU F 437 -33.23 -32.36 -15.91
C LEU F 437 -31.91 -31.74 -15.55
N ARG F 438 -31.11 -32.51 -14.84
CA ARG F 438 -29.91 -31.90 -14.34
C ARG F 438 -28.82 -31.92 -15.39
N VAL F 439 -28.27 -30.75 -15.70
CA VAL F 439 -27.30 -30.68 -16.79
C VAL F 439 -25.89 -30.39 -16.29
N PRO F 440 -24.91 -31.18 -16.75
CA PRO F 440 -23.54 -30.96 -16.38
C PRO F 440 -23.00 -29.59 -16.82
N ASP F 441 -22.07 -29.02 -16.07
CA ASP F 441 -21.28 -27.89 -16.57
C ASP F 441 -20.51 -28.38 -17.81
N HIS F 442 -20.31 -27.50 -18.78
CA HIS F 442 -19.66 -27.88 -20.05
C HIS F 442 -18.23 -28.42 -19.82
N GLN F 443 -17.60 -28.07 -18.70
CA GLN F 443 -16.25 -28.55 -18.36
C GLN F 443 -16.15 -29.64 -17.28
N ASP F 444 -17.30 -30.14 -16.81
CA ASP F 444 -17.26 -31.26 -15.89
C ASP F 444 -16.57 -32.46 -16.55
N ILE F 445 -15.83 -33.19 -15.74
CA ILE F 445 -15.16 -34.40 -16.16
C ILE F 445 -16.11 -35.61 -16.08
N ALA F 446 -16.99 -35.60 -15.09
CA ALA F 446 -17.93 -36.70 -14.88
C ALA F 446 -19.10 -36.15 -14.08
N PHE F 447 -20.19 -36.90 -14.05
CA PHE F 447 -21.45 -36.38 -13.51
C PHE F 447 -22.43 -37.49 -13.21
N GLY F 448 -23.32 -37.23 -12.25
CA GLY F 448 -24.47 -38.10 -11.99
C GLY F 448 -24.40 -38.72 -10.62
N ALA F 449 -24.62 -40.03 -10.56
CA ALA F 449 -24.51 -40.76 -9.32
C ALA F 449 -23.15 -41.42 -9.32
N LEU F 450 -22.65 -41.70 -8.13
CA LEU F 450 -21.38 -42.37 -7.99
C LEU F 450 -21.69 -43.70 -7.34
N GLN F 451 -21.64 -44.76 -8.15
CA GLN F 451 -22.16 -46.06 -7.76
C GLN F 451 -21.10 -47.05 -7.33
N GLN F 452 -21.46 -47.83 -6.31
CA GLN F 452 -20.68 -48.96 -5.87
C GLN F 452 -21.68 -50.11 -5.70
N GLY F 453 -21.68 -51.03 -6.67
CA GLY F 453 -22.66 -52.12 -6.67
C GLY F 453 -24.05 -51.53 -6.80
N THR F 454 -24.96 -51.86 -5.90
CA THR F 454 -26.28 -51.21 -5.91
C THR F 454 -26.36 -50.03 -4.92
N ASN F 455 -25.23 -49.63 -4.33
CA ASN F 455 -25.16 -48.45 -3.47
C ASN F 455 -24.61 -47.22 -4.20
N CYS F 456 -24.98 -46.05 -3.68
CA CYS F 456 -24.59 -44.76 -4.23
C CYS F 456 -24.07 -43.83 -3.13
N LEU F 457 -23.04 -43.05 -3.46
CA LEU F 457 -22.54 -41.96 -2.60
C LEU F 457 -23.70 -41.03 -2.27
N ASP F 458 -23.87 -40.74 -0.99
CA ASP F 458 -25.06 -40.03 -0.51
C ASP F 458 -24.68 -39.07 0.63
N THR F 459 -25.14 -37.82 0.56
CA THR F 459 -24.86 -36.86 1.65
C THR F 459 -25.55 -37.20 2.97
N LEU F 460 -26.60 -38.02 2.91
CA LEU F 460 -27.40 -38.38 4.09
C LEU F 460 -28.09 -37.15 4.67
N GLY F 461 -28.25 -36.11 3.88
CA GLY F 461 -28.85 -34.88 4.35
C GLY F 461 -27.91 -34.03 5.19
N HIS F 462 -26.62 -34.38 5.23
CA HIS F 462 -25.63 -33.57 5.96
C HIS F 462 -25.19 -32.34 5.14
N PHE F 463 -24.70 -31.34 5.86
CA PHE F 463 -24.21 -30.10 5.27
C PHE F 463 -22.75 -29.95 5.69
N ALA F 464 -22.22 -28.74 5.63
CA ALA F 464 -20.78 -28.56 5.84
C ALA F 464 -20.33 -29.07 7.22
N ASP F 465 -19.13 -29.66 7.25
CA ASP F 465 -18.56 -30.32 8.42
C ASP F 465 -19.19 -31.67 8.76
N GLY F 466 -20.10 -32.16 7.91
CA GLY F 466 -20.73 -33.45 8.14
C GLY F 466 -20.02 -34.55 7.36
N VAL F 467 -20.21 -35.78 7.82
CA VAL F 467 -19.70 -36.96 7.12
C VAL F 467 -20.60 -37.31 5.93
N VAL F 468 -20.10 -38.22 5.12
CA VAL F 468 -20.80 -38.63 3.92
C VAL F 468 -20.93 -40.17 3.97
N GLY F 469 -21.90 -40.75 3.26
CA GLY F 469 -22.11 -42.20 3.32
C GLY F 469 -22.53 -42.82 2.00
N VAL F 470 -23.10 -44.02 2.11
CA VAL F 470 -23.75 -44.69 0.98
C VAL F 470 -25.16 -45.12 1.38
N TYR F 471 -25.98 -45.30 0.36
CA TYR F 471 -27.38 -45.61 0.51
C TYR F 471 -27.73 -46.28 -0.79
N GLU F 472 -28.73 -47.15 -0.77
CA GLU F 472 -29.19 -47.84 -1.97
C GLU F 472 -29.50 -46.83 -3.08
N CYS F 473 -29.02 -47.09 -4.30
CA CYS F 473 -29.22 -46.18 -5.43
C CYS F 473 -30.69 -46.08 -5.73
N HIS F 474 -31.19 -44.87 -5.89
CA HIS F 474 -32.62 -44.64 -6.13
C HIS F 474 -32.91 -43.96 -7.46
N ASN F 475 -31.90 -43.43 -8.15
CA ASN F 475 -32.07 -42.75 -9.46
C ASN F 475 -32.99 -41.53 -9.46
N ALA F 476 -33.14 -40.92 -8.29
CA ALA F 476 -33.98 -39.74 -8.11
C ALA F 476 -33.18 -38.47 -7.83
N GLY F 477 -31.86 -38.52 -8.00
CA GLY F 477 -31.02 -37.34 -7.81
C GLY F 477 -30.88 -36.94 -6.34
N GLY F 478 -31.23 -35.68 -6.04
CA GLY F 478 -31.07 -35.09 -4.70
C GLY F 478 -29.76 -35.42 -4.03
N ASN F 479 -29.81 -36.05 -2.85
CA ASN F 479 -28.59 -36.30 -2.09
C ASN F 479 -27.62 -37.30 -2.72
N GLN F 480 -28.00 -37.88 -3.86
CA GLN F 480 -27.13 -38.79 -4.62
C GLN F 480 -26.58 -38.18 -5.92
N GLU F 481 -26.78 -36.87 -6.10
CA GLU F 481 -26.23 -36.19 -7.27
C GLU F 481 -24.86 -35.52 -7.04
N TRP F 482 -23.91 -35.84 -7.92
CA TRP F 482 -22.52 -35.40 -7.80
C TRP F 482 -21.93 -35.01 -9.15
N ALA F 483 -20.84 -34.26 -9.10
CA ALA F 483 -20.03 -34.01 -10.28
C ALA F 483 -18.54 -34.11 -9.93
N LEU F 484 -17.74 -34.52 -10.90
CA LEU F 484 -16.28 -34.37 -10.84
C LEU F 484 -15.97 -33.18 -11.72
N THR F 485 -15.56 -32.07 -11.12
CA THR F 485 -15.41 -30.81 -11.85
C THR F 485 -14.07 -30.68 -12.59
N LYS F 486 -13.95 -29.66 -13.44
CA LYS F 486 -12.67 -29.28 -14.06
C LYS F 486 -11.59 -28.97 -13.01
N GLU F 487 -11.98 -28.47 -11.82
CA GLU F 487 -11.04 -28.25 -10.73
C GLU F 487 -10.68 -29.53 -9.97
N LYS F 488 -11.19 -30.69 -10.41
CA LYS F 488 -10.91 -32.00 -9.78
C LYS F 488 -11.60 -32.20 -8.41
N SER F 489 -12.70 -31.50 -8.17
CA SER F 489 -13.42 -31.69 -6.93
C SER F 489 -14.65 -32.57 -7.17
N VAL F 490 -15.03 -33.32 -6.15
CA VAL F 490 -16.24 -34.12 -6.18
C VAL F 490 -17.29 -33.38 -5.38
N LYS F 491 -18.25 -32.78 -6.10
CA LYS F 491 -19.17 -31.84 -5.48
C LYS F 491 -20.65 -32.11 -5.64
N HIS F 492 -21.37 -31.67 -4.61
CA HIS F 492 -22.81 -31.73 -4.53
C HIS F 492 -23.24 -30.33 -4.11
N MET F 493 -24.05 -29.66 -4.92
CA MET F 493 -24.36 -28.24 -4.72
C MET F 493 -23.04 -27.45 -4.68
N ASP F 494 -22.78 -26.72 -3.60
CA ASP F 494 -21.49 -26.04 -3.43
C ASP F 494 -20.65 -26.66 -2.31
N LEU F 495 -20.89 -27.93 -1.99
CA LEU F 495 -20.10 -28.69 -1.00
C LEU F 495 -19.23 -29.75 -1.69
N CYS F 496 -18.03 -29.98 -1.17
CA CYS F 496 -17.02 -30.81 -1.83
C CYS F 496 -16.48 -31.85 -0.85
N LEU F 497 -16.15 -33.05 -1.35
CA LEU F 497 -15.52 -34.06 -0.50
C LEU F 497 -14.13 -33.59 -0.13
N THR F 498 -13.85 -33.55 1.18
CA THR F 498 -12.63 -32.92 1.68
C THR F 498 -11.84 -33.91 2.56
N VAL F 499 -10.57 -34.09 2.20
CA VAL F 499 -9.69 -34.95 2.96
C VAL F 499 -9.13 -34.09 4.07
N VAL F 500 -9.78 -34.16 5.21
CA VAL F 500 -9.49 -33.33 6.34
C VAL F 500 -8.28 -33.89 7.12
N ASP F 501 -7.98 -35.17 6.92
CA ASP F 501 -6.91 -35.85 7.64
C ASP F 501 -6.41 -37.01 6.78
N ARG F 502 -5.11 -37.03 6.49
CA ARG F 502 -4.52 -38.02 5.56
C ARG F 502 -4.14 -39.36 6.22
N ALA F 503 -4.27 -39.50 7.54
CA ALA F 503 -4.01 -40.79 8.18
C ALA F 503 -5.01 -41.81 7.63
N PRO F 504 -4.52 -42.99 7.18
CA PRO F 504 -5.44 -44.01 6.65
C PRO F 504 -6.53 -44.37 7.66
N GLY F 505 -7.76 -44.49 7.19
CA GLY F 505 -8.90 -44.75 8.07
C GLY F 505 -9.65 -43.51 8.49
N SER F 506 -9.12 -42.32 8.21
CA SER F 506 -9.78 -41.04 8.57
C SER F 506 -11.06 -40.78 7.76
N LEU F 507 -12.10 -40.30 8.44
CA LEU F 507 -13.33 -39.89 7.78
C LEU F 507 -13.10 -38.65 6.92
N ILE F 508 -13.78 -38.58 5.78
CA ILE F 508 -13.77 -37.36 4.99
C ILE F 508 -14.96 -36.51 5.38
N LYS F 509 -14.93 -35.25 4.99
CA LYS F 509 -15.96 -34.32 5.36
C LYS F 509 -16.41 -33.54 4.14
N LEU F 510 -17.67 -33.14 4.17
CA LEU F 510 -18.19 -32.09 3.30
C LEU F 510 -17.72 -30.68 3.76
N GLN F 511 -17.16 -29.89 2.86
CA GLN F 511 -16.85 -28.48 3.12
C GLN F 511 -17.16 -27.64 1.88
N GLY F 512 -17.38 -26.33 2.08
CA GLY F 512 -17.59 -25.42 0.96
C GLY F 512 -16.47 -25.58 -0.03
N CYS F 513 -16.82 -25.65 -1.32
CA CYS F 513 -15.81 -25.81 -2.38
C CYS F 513 -14.93 -24.56 -2.53
N ARG F 514 -13.60 -24.76 -2.52
CA ARG F 514 -12.62 -23.71 -2.82
C ARG F 514 -11.59 -24.28 -3.79
N GLU F 515 -11.50 -23.66 -4.96
CA GLU F 515 -10.69 -24.14 -6.09
C GLU F 515 -9.20 -24.15 -5.76
N ASP F 516 -8.93 -23.67 -4.56
CA ASP F 516 -7.61 -23.52 -4.03
C ASP F 516 -7.15 -24.74 -3.27
N ASP F 517 -8.10 -25.42 -2.67
CA ASP F 517 -7.89 -26.32 -1.57
C ASP F 517 -7.45 -27.69 -1.99
N SER F 518 -6.16 -27.98 -1.84
CA SER F 518 -5.65 -29.26 -2.33
C SER F 518 -6.28 -30.47 -1.63
N ARG F 519 -6.90 -30.27 -0.47
CA ARG F 519 -7.59 -31.34 0.24
C ARG F 519 -8.88 -31.81 -0.47
N GLN F 520 -9.33 -31.07 -1.47
CA GLN F 520 -10.57 -31.38 -2.19
C GLN F 520 -10.33 -31.97 -3.59
N LYS F 521 -9.09 -32.34 -3.92
CA LYS F 521 -8.75 -32.80 -5.27
C LYS F 521 -8.74 -34.32 -5.37
N TRP F 522 -9.49 -34.84 -6.35
CA TRP F 522 -9.66 -36.26 -6.60
C TRP F 522 -9.48 -36.54 -8.09
N GLU F 523 -9.08 -37.78 -8.40
CA GLU F 523 -8.88 -38.22 -9.77
C GLU F 523 -9.35 -39.67 -9.98
N GLN F 524 -9.97 -39.91 -11.13
CA GLN F 524 -10.45 -41.22 -11.54
C GLN F 524 -9.21 -42.07 -11.95
N ILE F 525 -9.11 -43.31 -11.44
CA ILE F 525 -8.03 -44.25 -11.84
C ILE F 525 -8.57 -45.63 -12.22
N GLU F 526 -7.67 -46.48 -12.74
CA GLU F 526 -7.95 -47.89 -13.11
C GLU F 526 -9.17 -48.01 -14.01
N GLY F 527 -9.09 -47.31 -15.15
CA GLY F 527 -10.20 -47.09 -16.01
C GLY F 527 -10.67 -45.83 -15.33
N ASN F 528 -11.95 -45.86 -15.05
CA ASN F 528 -12.65 -44.89 -14.28
C ASN F 528 -13.41 -45.74 -13.27
N SER F 529 -12.68 -46.54 -12.48
CA SER F 529 -13.31 -47.48 -11.54
C SER F 529 -13.02 -47.19 -10.06
N LYS F 530 -12.14 -46.21 -9.79
CA LYS F 530 -11.84 -45.80 -8.41
C LYS F 530 -11.58 -44.29 -8.34
N LEU F 531 -11.51 -43.76 -7.12
CA LEU F 531 -11.19 -42.35 -6.89
C LEU F 531 -10.08 -42.16 -5.89
N ARG F 532 -9.00 -41.56 -6.37
CA ARG F 532 -7.81 -41.39 -5.56
C ARG F 532 -7.65 -39.91 -5.23
N HIS F 533 -7.26 -39.63 -4.00
CA HIS F 533 -6.95 -38.27 -3.60
C HIS F 533 -5.62 -37.84 -4.23
N VAL F 534 -5.67 -36.78 -5.03
CA VAL F 534 -4.50 -36.29 -5.81
C VAL F 534 -3.31 -35.99 -4.90
N GLY F 535 -2.13 -36.48 -5.28
CA GLY F 535 -0.91 -36.27 -4.51
C GLY F 535 -0.75 -37.24 -3.35
N SER F 536 -1.50 -38.34 -3.37
CA SER F 536 -1.45 -39.32 -2.28
C SER F 536 -1.60 -40.73 -2.82
N ASN F 537 -1.44 -41.72 -1.94
CA ASN F 537 -1.83 -43.09 -2.25
C ASN F 537 -3.10 -43.45 -1.47
N LEU F 538 -4.01 -42.49 -1.35
CA LEU F 538 -5.26 -42.70 -0.62
C LEU F 538 -6.45 -42.75 -1.59
N CYS F 539 -7.35 -43.70 -1.36
CA CYS F 539 -8.52 -43.90 -2.20
C CYS F 539 -9.79 -43.79 -1.38
N LEU F 540 -10.87 -43.35 -2.04
CA LEU F 540 -12.15 -43.27 -1.37
C LEU F 540 -12.65 -44.68 -1.05
N ASP F 541 -13.08 -44.88 0.20
CA ASP F 541 -13.37 -46.20 0.72
C ASP F 541 -14.66 -46.19 1.55
N SER F 542 -15.53 -47.15 1.28
CA SER F 542 -16.81 -47.29 1.96
C SER F 542 -16.82 -48.27 3.14
N ARG F 543 -15.71 -48.90 3.50
CA ARG F 543 -15.75 -49.96 4.52
C ARG F 543 -16.16 -49.43 5.90
N THR F 544 -16.03 -48.13 6.09
CA THR F 544 -16.35 -47.47 7.35
C THR F 544 -17.74 -46.85 7.32
N ALA F 545 -18.49 -47.08 6.25
CA ALA F 545 -19.74 -46.34 6.02
C ALA F 545 -20.77 -46.49 7.12
N LYS F 546 -20.80 -47.66 7.77
CA LYS F 546 -21.77 -47.91 8.85
C LYS F 546 -21.19 -47.69 10.24
N SER F 547 -19.93 -47.25 10.31
CA SER F 547 -19.34 -46.97 11.60
C SER F 547 -18.73 -45.58 11.59
N GLY F 548 -19.40 -44.63 10.94
CA GLY F 548 -18.88 -43.27 10.91
C GLY F 548 -19.05 -42.49 9.61
N GLY F 549 -18.84 -43.15 8.47
CA GLY F 549 -18.93 -42.50 7.15
C GLY F 549 -17.83 -42.94 6.20
N LEU F 550 -17.81 -42.40 4.99
CA LEU F 550 -16.75 -42.72 4.04
C LEU F 550 -15.41 -42.25 4.59
N SER F 551 -14.37 -43.00 4.22
CA SER F 551 -13.03 -42.71 4.66
C SER F 551 -12.06 -42.69 3.50
N VAL F 552 -10.86 -42.30 3.84
CA VAL F 552 -9.76 -42.34 2.93
C VAL F 552 -8.91 -43.56 3.46
N GLU F 553 -8.50 -44.47 2.56
CA GLU F 553 -7.68 -45.65 2.95
C GLU F 553 -6.60 -45.85 1.91
N VAL F 554 -5.52 -46.54 2.26
CA VAL F 554 -4.46 -46.75 1.25
C VAL F 554 -5.03 -47.54 0.07
N CYS F 555 -4.70 -47.10 -1.15
CA CYS F 555 -5.26 -47.73 -2.36
C CYS F 555 -4.81 -49.19 -2.42
N GLY F 556 -5.75 -50.06 -2.72
CA GLY F 556 -5.50 -51.48 -2.80
C GLY F 556 -6.67 -52.18 -3.45
N PRO F 557 -6.59 -53.50 -3.59
CA PRO F 557 -7.58 -54.28 -4.32
C PRO F 557 -8.81 -54.64 -3.46
N ALA F 558 -9.44 -53.63 -2.88
CA ALA F 558 -10.61 -53.83 -2.03
C ALA F 558 -11.85 -53.41 -2.80
N LEU F 559 -12.93 -54.16 -2.66
CA LEU F 559 -14.19 -53.86 -3.36
C LEU F 559 -14.85 -52.59 -2.83
N SER F 560 -14.53 -52.24 -1.59
CA SER F 560 -15.04 -51.04 -0.99
C SER F 560 -14.41 -49.74 -1.57
N GLN F 561 -13.44 -49.87 -2.49
CA GLN F 561 -12.83 -48.73 -3.19
C GLN F 561 -13.24 -48.62 -4.65
N GLN F 562 -14.27 -49.38 -5.04
CA GLN F 562 -14.81 -49.31 -6.41
C GLN F 562 -15.93 -48.30 -6.53
N TRP F 563 -15.83 -47.42 -7.53
CA TRP F 563 -16.76 -46.32 -7.72
C TRP F 563 -16.81 -45.96 -9.19
N LYS F 564 -18.02 -45.75 -9.71
CA LYS F 564 -18.26 -45.39 -11.11
C LYS F 564 -19.31 -44.29 -11.24
N PHE F 565 -18.97 -43.18 -11.89
CA PHE F 565 -19.95 -42.15 -12.21
C PHE F 565 -20.86 -42.66 -13.31
N THR F 566 -22.12 -42.23 -13.32
CA THR F 566 -23.05 -42.63 -14.39
C THR F 566 -22.79 -41.92 -15.74
N LEU F 567 -22.32 -40.67 -15.76
CA LEU F 567 -21.76 -40.13 -17.02
C LEU F 567 -20.29 -39.82 -16.88
N ASN F 568 -19.52 -40.34 -17.82
CA ASN F 568 -18.14 -39.99 -17.97
C ASN F 568 -17.98 -39.19 -19.27
N LEU F 569 -17.48 -37.95 -19.17
CA LEU F 569 -17.44 -36.99 -20.31
C LEU F 569 -16.20 -37.15 -21.18
N SER G 1 7.26 5.88 -31.54
CA SER G 1 7.03 5.38 -30.14
C SER G 1 7.77 4.09 -29.79
N THR G 2 8.47 3.48 -30.76
CA THR G 2 9.47 2.43 -30.45
C THR G 2 10.76 3.01 -29.88
N CYS G 3 11.29 2.33 -28.87
CA CYS G 3 12.42 2.84 -28.07
C CYS G 3 13.74 2.20 -28.54
N PRO G 4 14.87 2.96 -28.44
CA PRO G 4 16.17 2.57 -29.04
C PRO G 4 17.01 1.63 -28.21
N ALA G 5 17.79 0.74 -28.87
CA ALA G 5 18.84 -0.12 -28.23
C ALA G 5 20.16 0.65 -27.74
N ALA G 6 20.06 1.99 -27.79
N SER H 1 27.98 -4.74 15.79
CA SER H 1 28.15 -4.11 14.44
C SER H 1 28.01 -4.99 13.09
N THR H 2 27.69 -6.30 13.13
CA THR H 2 27.05 -6.96 11.92
C THR H 2 25.62 -6.38 11.78
N CYS H 3 25.22 -6.20 10.50
CA CYS H 3 23.97 -5.52 10.16
C CYS H 3 22.78 -6.51 10.19
N PRO H 4 21.53 -5.99 10.37
CA PRO H 4 20.37 -6.85 10.64
C PRO H 4 19.60 -7.29 9.40
N ALA H 5 19.07 -8.52 9.47
CA ALA H 5 18.20 -9.22 8.48
C ALA H 5 16.74 -8.58 8.32
N ALA H 6 16.60 -7.44 9.04
#